data_9CI1
#
_entry.id   9CI1
#
_cell.length_a   1.00
_cell.length_b   1.00
_cell.length_c   1.00
_cell.angle_alpha   90.00
_cell.angle_beta   90.00
_cell.angle_gamma   90.00
#
_symmetry.space_group_name_H-M   'P 1'
#
loop_
_entity.id
_entity.type
_entity.pdbx_description
1 polymer 'Bundle Sheath Defective 2'
2 polymer 'Rubisco large subunit'
#
loop_
_entity_poly.entity_id
_entity_poly.type
_entity_poly.pdbx_seq_one_letter_code
_entity_poly.pdbx_strand_id
1 'polypeptide(L)'
;MANSLCFFSSPPTFCFQSPSKNPKPSHFFSTNDNTSSLVQKRELLQTSRSQSFEVKAANNNPQGTKPNSLVCANCEGEGC
VACSQCKGGGVNLIDHFNGQFKAGALCWLCRGKKEVLCGDCNGAGFIGGFLSTFDE
;
1,2,3,4,5,6,7,8
2 'polypeptide(L)'
;MSPQTETKAGVGFKAGVKDYRLTYYTPDYETKDTDILAAFRMTPQPGVPPEEAGAAVAAESSTGTWTTVWTDGLTSLDRY
KGRCYDIEPVAGEENQYIAYVAYPLDLFEEGSVTNMFTSIVGNVFGFKALRALRLEDLRIPPAYSKTFQGPPHGIQVERD
KLNKYGRPLLGCTIKPKLGLSAKNYGRAVYECLRGGLDFT(KCX)DDENVNSQPFMRWRDRFLFVAEAIFKSQAETGEIK
GHYLNATAGTCEEMMKRAQFARELGMPIVMHDYLTGGFTANTTLAHYCRDNGLLLHIHRAMHAVIDRQRNHGIHFRVLAK
ALRMSGGDHIHSGTVVGKLEGEREVTLGFVDLLRDDYIEKDRSRGIYFTQDWVSMPGVLPVASGGIHVWHMPALTEIFGD
DSVLQFGGGTLGHPWGNAPGAVANRVALEACVQARNEGRDLAREGNDIIREASKWSPELAAACEVWKEIKFVFETIDTL
;
A,B,C,D,E,F,G,H
#
# COMPACT_ATOMS: atom_id res chain seq x y z
N GLY A 64 39.30 16.80 50.55
CA GLY A 64 39.83 17.04 49.20
C GLY A 64 39.74 18.52 48.83
N THR A 65 38.69 19.20 49.27
CA THR A 65 38.54 20.65 48.99
C THR A 65 39.58 21.42 49.80
N LYS A 66 39.70 22.73 49.57
CA LYS A 66 40.66 23.57 50.34
C LYS A 66 39.87 24.61 51.13
N PRO A 67 40.47 25.28 52.14
CA PRO A 67 39.79 26.32 52.92
C PRO A 67 38.68 27.06 52.15
N ASN A 68 37.42 26.79 52.48
CA ASN A 68 36.28 27.48 51.83
C ASN A 68 36.51 27.55 50.32
N SER A 69 36.67 26.39 49.66
CA SER A 69 36.92 26.36 48.20
C SER A 69 36.76 24.92 47.69
N LEU A 70 35.99 24.74 46.63
CA LEU A 70 35.74 23.37 46.08
C LEU A 70 36.97 22.91 45.30
N VAL A 71 38.09 23.62 45.43
CA VAL A 71 39.31 23.28 44.63
C VAL A 71 39.96 22.02 45.22
N CYS A 72 40.39 21.09 44.34
CA CYS A 72 41.09 19.87 44.80
C CYS A 72 42.48 20.26 45.31
N ALA A 73 42.82 19.85 46.53
CA ALA A 73 44.15 20.19 47.10
C ALA A 73 45.24 19.35 46.43
N ASN A 74 45.09 18.02 46.43
CA ASN A 74 46.13 17.11 45.88
C ASN A 74 46.81 17.73 44.64
N CYS A 75 46.03 18.23 43.68
CA CYS A 75 46.64 18.76 42.42
C CYS A 75 46.63 20.28 42.43
N GLU A 76 45.79 20.90 43.26
CA GLU A 76 45.66 22.38 43.29
C GLU A 76 45.08 22.86 41.95
N GLY A 77 44.01 22.23 41.48
CA GLY A 77 43.35 22.67 40.24
C GLY A 77 44.20 22.46 39.00
N GLU A 78 44.71 21.25 38.77
CA GLU A 78 45.50 20.94 37.56
C GLU A 78 44.97 19.67 36.88
N GLY A 79 44.64 18.65 37.67
CA GLY A 79 44.15 17.38 37.12
C GLY A 79 45.29 16.46 36.69
N CYS A 80 46.50 16.71 37.21
CA CYS A 80 47.69 15.89 36.84
C CYS A 80 48.72 15.93 37.97
N VAL A 81 49.53 14.87 38.10
CA VAL A 81 50.57 14.80 39.17
C VAL A 81 51.86 14.26 38.55
N ALA A 82 53.01 14.44 39.22
CA ALA A 82 54.31 14.01 38.65
C ALA A 82 54.56 12.51 38.87
N CYS A 83 55.26 11.87 37.95
CA CYS A 83 55.57 10.41 38.08
C CYS A 83 56.53 10.20 39.24
N SER A 84 56.08 9.53 40.31
CA SER A 84 56.92 9.37 41.53
C SER A 84 57.89 8.20 41.37
N GLN A 85 58.02 7.65 40.17
CA GLN A 85 59.01 6.56 39.94
C GLN A 85 60.28 7.18 39.33
N CYS A 86 60.19 7.66 38.10
CA CYS A 86 61.35 8.32 37.43
C CYS A 86 61.63 9.65 38.12
N LYS A 87 60.78 10.05 39.06
CA LYS A 87 60.95 11.36 39.75
C LYS A 87 61.12 12.45 38.70
N GLY A 88 60.11 12.66 37.86
CA GLY A 88 60.18 13.71 36.82
C GLY A 88 61.33 13.49 35.86
N GLY A 89 62.07 12.39 36.02
CA GLY A 89 63.17 12.07 35.09
C GLY A 89 62.68 11.56 33.75
N GLY A 90 62.40 10.26 33.66
CA GLY A 90 61.88 9.67 32.41
C GLY A 90 62.46 8.29 32.15
N VAL A 91 63.36 7.82 33.02
CA VAL A 91 64.04 6.50 32.79
C VAL A 91 64.09 5.73 34.10
N ASN A 92 64.08 4.40 34.01
CA ASN A 92 64.09 3.53 35.22
C ASN A 92 65.40 3.75 35.98
N LEU A 93 65.37 3.65 37.31
CA LEU A 93 66.59 3.84 38.14
C LEU A 93 66.79 2.58 38.99
N ILE A 94 65.90 1.60 38.85
CA ILE A 94 66.00 0.34 39.65
C ILE A 94 65.32 -0.77 38.83
N ASP A 95 65.74 -2.02 39.02
CA ASP A 95 65.18 -3.13 38.20
C ASP A 95 63.84 -3.57 38.79
N HIS A 96 62.75 -2.93 38.39
CA HIS A 96 61.40 -3.31 38.88
C HIS A 96 60.93 -4.57 38.14
N PHE A 97 59.84 -5.18 38.61
CA PHE A 97 59.34 -6.44 38.00
C PHE A 97 60.51 -7.40 37.81
N ASN A 98 61.36 -7.53 38.83
CA ASN A 98 62.56 -8.41 38.74
C ASN A 98 63.08 -8.43 37.30
N GLY A 99 62.81 -9.51 36.57
CA GLY A 99 63.27 -9.63 35.18
C GLY A 99 62.24 -9.11 34.20
N GLN A 100 61.97 -7.81 34.20
CA GLN A 100 61.02 -7.21 33.23
C GLN A 100 61.38 -5.74 33.01
N PHE A 101 61.51 -4.98 34.10
CA PHE A 101 61.88 -3.55 33.99
C PHE A 101 63.35 -3.38 34.37
N LYS A 102 64.15 -2.79 33.49
CA LYS A 102 65.61 -2.63 33.76
C LYS A 102 65.82 -1.51 34.78
N ALA A 103 67.09 -1.13 35.01
CA ALA A 103 67.39 -0.04 35.96
C ALA A 103 67.92 1.19 35.21
N GLY A 104 67.69 1.24 33.89
CA GLY A 104 68.17 2.37 33.08
C GLY A 104 67.34 2.56 31.82
N ALA A 105 66.29 1.75 31.64
CA ALA A 105 65.43 1.84 30.44
C ALA A 105 64.39 2.95 30.63
N LEU A 106 63.46 3.09 29.68
CA LEU A 106 62.40 4.15 29.77
C LEU A 106 61.54 3.92 31.01
N CYS A 107 60.98 4.98 31.58
CA CYS A 107 60.08 4.84 32.76
C CYS A 107 59.01 3.80 32.41
N TRP A 108 58.64 2.96 33.38
CA TRP A 108 57.67 1.86 33.11
C TRP A 108 56.23 2.34 33.34
N LEU A 109 56.04 3.46 34.03
CA LEU A 109 54.67 3.93 34.37
C LEU A 109 54.26 5.03 33.39
N CYS A 110 54.92 6.18 33.43
CA CYS A 110 54.56 7.33 32.57
C CYS A 110 55.16 7.15 31.16
N ARG A 111 55.90 6.06 30.96
CA ARG A 111 56.53 5.79 29.63
C ARG A 111 57.16 7.07 29.08
N GLY A 112 57.88 7.82 29.92
CA GLY A 112 58.59 9.02 29.43
C GLY A 112 57.68 10.23 29.26
N LYS A 113 56.96 10.62 30.32
CA LYS A 113 56.11 11.84 30.27
C LYS A 113 56.25 12.56 31.59
N LYS A 114 56.59 11.83 32.66
CA LYS A 114 56.81 12.45 33.99
C LYS A 114 55.55 13.21 34.43
N GLU A 115 54.38 12.63 34.21
CA GLU A 115 53.11 13.26 34.63
C GLU A 115 51.96 12.27 34.48
N VAL A 116 51.14 12.11 35.53
CA VAL A 116 49.98 11.15 35.47
C VAL A 116 48.70 11.90 35.85
N LEU A 117 47.54 11.24 35.77
CA LEU A 117 46.24 11.88 36.11
C LEU A 117 46.02 11.81 37.62
N CYS A 118 45.30 12.79 38.18
CA CYS A 118 44.99 12.79 39.63
C CYS A 118 43.85 11.79 39.89
N GLY A 119 43.90 11.08 41.03
CA GLY A 119 42.87 10.10 41.37
C GLY A 119 41.70 10.74 42.11
N ASP A 120 42.00 11.59 43.11
CA ASP A 120 40.93 12.26 43.89
C ASP A 120 39.91 12.86 42.92
N CYS A 121 40.38 13.63 41.94
CA CYS A 121 39.49 14.19 40.88
C CYS A 121 39.98 13.65 39.55
N ASN A 122 39.12 12.96 38.79
CA ASN A 122 39.59 12.35 37.52
C ASN A 122 39.76 13.44 36.46
N GLY A 123 40.56 14.48 36.74
CA GLY A 123 40.83 15.54 35.75
C GLY A 123 39.74 16.60 35.73
N ALA A 124 39.21 16.97 36.89
CA ALA A 124 38.11 17.97 36.96
C ALA A 124 38.62 19.29 37.57
N GLY A 125 39.53 19.21 38.55
CA GLY A 125 40.02 20.43 39.23
C GLY A 125 39.22 20.74 40.48
N PHE A 126 37.93 20.38 40.50
CA PHE A 126 37.06 20.61 41.69
C PHE A 126 36.60 19.26 42.24
N ILE A 127 35.68 19.27 43.21
CA ILE A 127 35.26 17.99 43.86
C ILE A 127 33.90 17.56 43.33
N GLY A 128 32.82 17.79 44.09
CA GLY A 128 31.47 17.33 43.68
C GLY A 128 31.23 17.39 42.18
N GLY A 129 30.82 16.27 41.58
CA GLY A 129 30.56 16.22 40.12
C GLY A 129 30.34 14.80 39.64
N PHE A 130 29.99 14.63 38.36
CA PHE A 130 29.70 13.27 37.82
C PHE A 130 31.00 12.59 37.38
N LEU A 131 32.15 13.06 37.88
CA LEU A 131 33.46 12.47 37.53
C LEU A 131 34.22 12.11 38.80
N SER A 132 33.62 12.37 39.97
CA SER A 132 34.33 12.14 41.26
C SER A 132 33.34 11.86 42.40
N THR A 133 32.25 11.14 42.13
CA THR A 133 31.22 10.92 43.18
C THR A 133 30.47 9.62 42.92
N PHE A 134 29.72 9.14 43.93
CA PHE A 134 28.88 7.92 43.75
C PHE A 134 27.48 8.38 43.33
N ASP A 135 26.84 7.67 42.39
CA ASP A 135 25.53 8.11 41.86
C ASP A 135 24.47 8.16 42.97
N GLU A 136 23.78 9.30 43.10
CA GLU A 136 22.71 9.45 44.13
C GLU A 136 23.27 9.14 45.52
N GLY B 64 -15.30 32.35 55.27
CA GLY B 64 -16.66 31.77 55.35
C GLY B 64 -16.63 30.38 55.96
N THR B 65 -15.65 30.11 56.83
CA THR B 65 -15.53 28.79 57.49
C THR B 65 -15.88 28.92 58.98
N LYS B 66 -15.76 27.83 59.72
CA LYS B 66 -16.01 27.89 61.19
C LYS B 66 -14.67 27.81 61.91
N PRO B 67 -14.44 28.59 62.99
CA PRO B 67 -13.14 28.62 63.68
C PRO B 67 -12.43 27.25 63.71
N ASN B 68 -11.17 27.21 63.25
CA ASN B 68 -10.39 25.95 63.24
C ASN B 68 -11.21 24.86 62.55
N SER B 69 -11.67 25.11 61.32
CA SER B 69 -12.42 24.09 60.55
C SER B 69 -12.43 24.45 59.07
N LEU B 70 -12.87 23.53 58.21
CA LEU B 70 -12.94 23.78 56.75
C LEU B 70 -14.39 24.08 56.36
N VAL B 71 -15.32 23.87 57.31
CA VAL B 71 -16.76 23.71 56.97
C VAL B 71 -17.36 25.09 56.68
N CYS B 72 -18.06 25.26 55.56
CA CYS B 72 -18.72 26.55 55.22
C CYS B 72 -19.61 26.97 56.39
N ALA B 73 -19.78 28.28 56.59
CA ALA B 73 -20.57 28.78 57.75
C ALA B 73 -22.05 28.92 57.38
N ASN B 74 -22.33 29.42 56.17
CA ASN B 74 -23.74 29.63 55.72
C ASN B 74 -24.47 28.29 55.71
N CYS B 75 -24.23 27.45 54.69
CA CYS B 75 -24.93 26.15 54.57
C CYS B 75 -24.61 25.29 55.80
N GLU B 76 -23.39 25.39 56.33
CA GLU B 76 -22.96 24.56 57.50
C GLU B 76 -22.73 23.11 57.05
N GLY B 77 -22.29 22.89 55.82
CA GLY B 77 -21.95 21.53 55.35
C GLY B 77 -23.12 20.81 54.71
N GLU B 78 -24.04 21.55 54.07
CA GLU B 78 -25.17 20.90 53.35
C GLU B 78 -25.06 21.20 51.85
N GLY B 79 -24.71 22.44 51.50
CA GLY B 79 -24.59 22.82 50.08
C GLY B 79 -25.83 23.52 49.57
N CYS B 80 -26.80 23.76 50.45
CA CYS B 80 -28.09 24.38 50.01
C CYS B 80 -28.70 25.19 51.16
N VAL B 81 -29.44 26.25 50.82
CA VAL B 81 -30.10 27.11 51.85
C VAL B 81 -31.62 27.07 51.61
N ALA B 82 -32.37 28.07 52.09
CA ALA B 82 -33.84 28.05 51.95
C ALA B 82 -34.32 29.23 51.11
N CYS B 83 -35.38 29.04 50.31
CA CYS B 83 -35.92 30.12 49.46
C CYS B 83 -36.41 31.27 50.34
N SER B 84 -35.78 32.44 50.24
CA SER B 84 -36.17 33.61 51.07
C SER B 84 -37.52 34.15 50.59
N GLN B 85 -37.69 34.30 49.28
CA GLN B 85 -38.96 34.84 48.72
C GLN B 85 -40.17 34.18 49.40
N CYS B 86 -40.43 32.91 49.10
CA CYS B 86 -41.61 32.20 49.66
C CYS B 86 -41.38 31.90 51.14
N LYS B 87 -40.16 32.15 51.64
CA LYS B 87 -39.83 31.83 53.05
C LYS B 87 -39.85 30.32 53.25
N GLY B 88 -40.83 29.61 52.67
CA GLY B 88 -40.91 28.14 52.77
C GLY B 88 -42.24 27.61 52.29
N GLY B 89 -43.22 28.50 52.06
CA GLY B 89 -44.56 28.07 51.63
C GLY B 89 -44.62 27.78 50.14
N GLY B 90 -43.55 28.08 49.40
CA GLY B 90 -43.51 27.86 47.94
C GLY B 90 -44.68 28.53 47.24
N VAL B 91 -45.07 29.72 47.69
CA VAL B 91 -46.19 30.47 47.05
C VAL B 91 -45.84 31.97 47.02
N ASN B 92 -46.18 32.66 45.93
CA ASN B 92 -45.94 34.12 45.84
C ASN B 92 -46.79 34.82 46.91
N LEU B 93 -46.17 35.66 47.74
CA LEU B 93 -46.91 36.34 48.84
C LEU B 93 -47.22 37.78 48.43
N ILE B 94 -46.72 38.21 47.27
CA ILE B 94 -46.97 39.59 46.77
C ILE B 94 -46.76 39.60 45.25
N ASP B 95 -46.93 40.76 44.60
CA ASP B 95 -46.64 40.83 43.13
C ASP B 95 -45.16 41.15 42.96
N HIS B 96 -44.55 40.69 41.85
CA HIS B 96 -43.08 40.90 41.68
C HIS B 96 -42.78 41.49 40.31
N PHE B 97 -41.83 40.89 39.57
CA PHE B 97 -41.42 41.41 38.24
C PHE B 97 -42.60 42.05 37.51
N ASN B 98 -42.43 43.30 37.06
CA ASN B 98 -43.50 43.97 36.28
C ASN B 98 -44.85 43.74 36.95
N GLY B 99 -45.89 43.46 36.16
CA GLY B 99 -47.20 43.13 36.74
C GLY B 99 -47.35 41.63 36.84
N GLN B 100 -46.41 40.89 36.23
CA GLN B 100 -46.44 39.41 36.29
C GLN B 100 -46.12 38.95 37.71
N PHE B 101 -45.99 37.63 37.91
CA PHE B 101 -45.76 37.10 39.28
C PHE B 101 -46.95 37.53 40.15
N LYS B 102 -48.09 36.86 40.00
CA LYS B 102 -49.31 37.24 40.75
C LYS B 102 -49.32 36.56 42.12
N ALA B 103 -49.52 37.33 43.19
CA ALA B 103 -49.63 36.73 44.53
C ALA B 103 -50.70 35.64 44.50
N GLY B 104 -50.38 34.44 44.99
CA GLY B 104 -51.34 33.32 44.97
C GLY B 104 -50.92 32.23 43.99
N ALA B 105 -49.68 32.30 43.48
CA ALA B 105 -49.19 31.30 42.51
C ALA B 105 -47.92 30.62 43.05
N LEU B 106 -47.15 29.98 42.17
CA LEU B 106 -45.90 29.28 42.58
C LEU B 106 -44.78 30.30 42.76
N CYS B 107 -43.93 30.12 43.78
CA CYS B 107 -42.78 31.03 43.98
C CYS B 107 -42.03 31.15 42.65
N TRP B 108 -41.84 32.38 42.14
CA TRP B 108 -41.21 32.57 40.82
C TRP B 108 -39.78 32.01 40.82
N LEU B 109 -39.07 32.12 41.94
CA LEU B 109 -37.65 31.67 42.02
C LEU B 109 -37.58 30.14 42.14
N CYS B 110 -37.77 29.59 43.33
CA CYS B 110 -37.61 28.12 43.55
C CYS B 110 -38.63 27.31 42.74
N ARG B 111 -39.73 27.94 42.31
CA ARG B 111 -40.76 27.24 41.49
C ARG B 111 -41.27 26.02 42.23
N GLY B 112 -41.45 26.11 43.56
CA GLY B 112 -42.00 24.99 44.33
C GLY B 112 -40.94 23.95 44.68
N LYS B 113 -40.03 24.28 45.60
CA LYS B 113 -38.98 23.33 46.04
C LYS B 113 -38.41 23.83 47.37
N LYS B 114 -38.55 25.12 47.65
CA LYS B 114 -38.11 25.69 48.95
C LYS B 114 -36.65 25.29 49.23
N GLU B 115 -35.73 25.56 48.31
CA GLU B 115 -34.29 25.27 48.54
C GLU B 115 -33.47 25.89 47.40
N VAL B 116 -32.27 26.38 47.70
CA VAL B 116 -31.39 26.98 46.66
C VAL B 116 -29.94 26.60 46.97
N LEU B 117 -29.03 26.74 46.00
CA LEU B 117 -27.61 26.32 46.21
C LEU B 117 -26.86 27.42 46.98
N CYS B 118 -25.97 27.02 47.89
CA CYS B 118 -25.14 28.02 48.62
C CYS B 118 -24.17 28.68 47.63
N GLY B 119 -24.10 30.02 47.63
CA GLY B 119 -23.24 30.73 46.67
C GLY B 119 -21.77 30.69 47.06
N ASP B 120 -21.47 30.70 48.35
CA ASP B 120 -20.06 30.62 48.83
C ASP B 120 -19.44 29.33 48.31
N CYS B 121 -19.79 28.19 48.89
CA CYS B 121 -19.32 26.89 48.36
C CYS B 121 -20.42 26.34 47.45
N ASN B 122 -20.13 26.14 46.16
CA ASN B 122 -21.20 25.69 45.23
C ASN B 122 -21.50 24.21 45.47
N GLY B 123 -22.01 23.86 46.65
CA GLY B 123 -22.39 22.47 46.95
C GLY B 123 -21.22 21.62 47.38
N ALA B 124 -20.09 22.24 47.73
CA ALA B 124 -18.88 21.50 48.13
C ALA B 124 -18.93 21.19 49.62
N GLY B 125 -19.56 22.06 50.41
CA GLY B 125 -19.67 21.85 51.87
C GLY B 125 -18.48 22.42 52.62
N PHE B 126 -17.34 22.55 51.96
CA PHE B 126 -16.12 23.13 52.59
C PHE B 126 -15.53 24.19 51.66
N ILE B 127 -14.58 24.98 52.16
CA ILE B 127 -14.00 26.09 51.35
C ILE B 127 -12.52 25.84 51.10
N GLY B 128 -12.04 26.15 49.89
CA GLY B 128 -10.61 25.97 49.55
C GLY B 128 -10.43 25.01 48.38
N GLY B 129 -11.51 24.64 47.69
CA GLY B 129 -11.41 23.63 46.63
C GLY B 129 -11.44 24.22 45.23
N PHE B 130 -11.56 23.37 44.20
CA PHE B 130 -11.55 23.84 42.79
C PHE B 130 -12.96 24.25 42.35
N LEU B 131 -13.92 24.26 43.28
CA LEU B 131 -15.31 24.62 42.94
C LEU B 131 -15.70 25.90 43.69
N SER B 132 -14.80 26.41 44.52
CA SER B 132 -15.10 27.60 45.36
C SER B 132 -13.84 28.46 45.51
N THR B 133 -13.04 28.56 44.45
CA THR B 133 -11.78 29.35 44.52
C THR B 133 -11.40 29.85 43.12
N PHE B 134 -10.46 30.79 43.05
CA PHE B 134 -9.96 31.27 41.75
C PHE B 134 -8.72 30.45 41.37
N ASP B 135 -8.62 30.02 40.11
CA ASP B 135 -7.47 29.20 39.66
C ASP B 135 -6.20 30.05 39.70
N GLU B 136 -5.28 29.73 40.62
CA GLU B 136 -4.01 30.51 40.76
C GLU B 136 -4.18 31.88 40.11
N GLY C 64 -2.28 -55.93 35.24
CA GLY C 64 -1.33 -54.94 35.77
C GLY C 64 -1.91 -54.20 36.96
N THR C 65 -3.23 -54.03 36.99
CA THR C 65 -3.90 -53.33 38.12
C THR C 65 -3.89 -54.26 39.34
N LYS C 66 -4.31 -53.75 40.49
CA LYS C 66 -4.38 -54.58 41.72
C LYS C 66 -5.84 -54.73 42.15
N PRO C 67 -6.19 -55.72 43.00
CA PRO C 67 -7.55 -55.90 43.50
C PRO C 67 -8.36 -54.60 43.62
N ASN C 68 -9.41 -54.46 42.80
CA ASN C 68 -10.28 -53.25 42.87
C ASN C 68 -9.43 -51.98 42.98
N SER C 69 -8.49 -51.79 42.05
CA SER C 69 -7.59 -50.60 42.11
C SER C 69 -6.86 -50.46 40.77
N LEU C 70 -6.71 -49.23 40.28
CA LEU C 70 -6.01 -48.98 39.00
C LEU C 70 -4.51 -48.85 39.25
N VAL C 71 -4.04 -49.31 40.41
CA VAL C 71 -2.59 -49.14 40.77
C VAL C 71 -1.78 -50.21 40.06
N CYS C 72 -0.61 -49.84 39.53
CA CYS C 72 0.30 -50.81 38.89
C CYS C 72 0.91 -51.71 39.96
N ALA C 73 0.79 -53.03 39.80
CA ALA C 73 1.36 -53.98 40.78
C ALA C 73 2.88 -54.03 40.65
N ASN C 74 3.39 -54.31 39.46
CA ASN C 74 4.85 -54.45 39.23
C ASN C 74 5.64 -53.48 40.10
N CYS C 75 5.26 -52.20 40.16
CA CYS C 75 6.04 -51.20 40.93
C CYS C 75 5.29 -50.78 42.19
N GLU C 76 4.07 -51.29 42.39
CA GLU C 76 3.25 -50.89 43.56
C GLU C 76 3.11 -49.36 43.57
N GLY C 77 2.67 -48.78 42.45
CA GLY C 77 2.46 -47.33 42.36
C GLY C 77 3.69 -46.52 42.74
N GLU C 78 4.84 -46.84 42.15
CA GLU C 78 6.09 -46.08 42.43
C GLU C 78 6.75 -45.68 41.10
N GLY C 79 6.58 -46.46 40.04
CA GLY C 79 7.09 -46.06 38.70
C GLY C 79 8.58 -46.26 38.52
N CYS C 80 9.19 -47.20 39.24
CA CYS C 80 10.64 -47.49 39.10
C CYS C 80 10.96 -48.87 39.68
N VAL C 81 12.00 -49.53 39.17
CA VAL C 81 12.34 -50.91 39.65
C VAL C 81 13.87 -50.98 39.87
N ALA C 82 14.34 -51.94 40.66
CA ALA C 82 15.78 -52.04 40.99
C ALA C 82 16.56 -52.72 39.86
N CYS C 83 17.84 -52.36 39.68
CA CYS C 83 18.68 -52.96 38.61
C CYS C 83 18.96 -54.42 38.96
N SER C 84 18.38 -55.35 38.20
CA SER C 84 18.52 -56.80 38.51
C SER C 84 19.86 -57.34 38.00
N GLN C 85 20.76 -56.46 37.58
CA GLN C 85 22.10 -56.91 37.14
C GLN C 85 23.08 -56.76 38.32
N CYS C 86 23.35 -55.52 38.74
CA CYS C 86 24.25 -55.27 39.89
C CYS C 86 23.52 -55.61 41.19
N LYS C 87 22.23 -55.93 41.11
CA LYS C 87 21.43 -56.26 42.31
C LYS C 87 21.62 -55.14 43.35
N GLY C 88 21.26 -53.91 42.99
CA GLY C 88 21.38 -52.78 43.93
C GLY C 88 22.83 -52.47 44.29
N GLY C 89 23.78 -53.26 43.80
CA GLY C 89 25.20 -53.04 44.08
C GLY C 89 25.73 -51.79 43.40
N GLY C 90 25.87 -51.81 42.07
CA GLY C 90 26.39 -50.66 41.31
C GLY C 90 27.67 -50.99 40.58
N VAL C 91 28.03 -52.28 40.50
CA VAL C 91 29.31 -52.69 39.86
C VAL C 91 29.13 -54.08 39.22
N ASN C 92 29.74 -54.30 38.06
CA ASN C 92 29.62 -55.58 37.33
C ASN C 92 30.13 -56.72 38.22
N LEU C 93 29.49 -57.89 38.15
CA LEU C 93 29.92 -59.06 38.96
C LEU C 93 30.48 -60.14 38.02
N ILE C 94 29.99 -60.17 36.78
CA ILE C 94 30.50 -61.15 35.78
C ILE C 94 30.93 -60.37 34.53
N ASP C 95 31.57 -61.05 33.57
CA ASP C 95 32.09 -60.34 32.37
C ASP C 95 31.03 -60.40 31.25
N HIS C 96 30.14 -59.42 31.22
CA HIS C 96 29.08 -59.36 30.17
C HIS C 96 29.69 -58.87 28.85
N PHE C 97 28.96 -59.00 27.74
CA PHE C 97 29.48 -58.60 26.41
C PHE C 97 30.90 -59.14 26.26
N ASN C 98 31.13 -60.39 26.66
CA ASN C 98 32.48 -61.01 26.60
C ASN C 98 33.56 -59.93 26.79
N GLY C 99 34.22 -59.53 25.71
CA GLY C 99 35.29 -58.51 25.81
C GLY C 99 34.74 -57.10 25.69
N GLN C 100 33.87 -56.69 26.61
CA GLN C 100 33.36 -55.29 26.59
C GLN C 100 33.06 -54.85 28.03
N PHE C 101 32.32 -55.67 28.78
CA PHE C 101 31.96 -55.32 30.17
C PHE C 101 32.79 -56.20 31.12
N LYS C 102 33.56 -55.59 32.02
CA LYS C 102 34.42 -56.35 32.97
C LYS C 102 33.55 -57.02 34.03
N ALA C 103 34.18 -57.63 35.03
CA ALA C 103 33.43 -58.31 36.11
C ALA C 103 33.63 -57.56 37.45
N GLY C 104 34.02 -56.29 37.37
CA GLY C 104 34.24 -55.49 38.59
C GLY C 104 34.10 -53.99 38.32
N ALA C 105 33.74 -53.62 37.09
CA ALA C 105 33.61 -52.19 36.72
C ALA C 105 32.19 -51.70 37.03
N LEU C 106 31.89 -50.42 36.74
CA LEU C 106 30.55 -49.84 37.00
C LEU C 106 29.47 -50.69 36.34
N CYS C 107 28.28 -50.77 36.94
CA CYS C 107 27.17 -51.51 36.30
C CYS C 107 27.03 -51.03 34.87
N TRP C 108 26.73 -51.95 33.93
CA TRP C 108 26.67 -51.57 32.50
C TRP C 108 25.27 -51.05 32.14
N LEU C 109 24.27 -51.33 32.98
CA LEU C 109 22.87 -50.94 32.66
C LEU C 109 22.51 -49.63 33.38
N CYS C 110 22.42 -49.67 34.70
CA CYS C 110 22.02 -48.46 35.48
C CYS C 110 23.22 -47.51 35.63
N ARG C 111 24.39 -47.90 35.12
CA ARG C 111 25.61 -47.05 35.20
C ARG C 111 25.75 -46.45 36.61
N GLY C 112 25.42 -47.23 37.65
CA GLY C 112 25.60 -46.75 39.03
C GLY C 112 24.42 -45.95 39.55
N LYS C 113 23.23 -46.54 39.53
CA LYS C 113 22.02 -45.86 40.07
C LYS C 113 21.19 -46.92 40.78
N LYS C 114 21.29 -48.18 40.34
CA LYS C 114 20.56 -49.30 41.00
C LYS C 114 19.06 -49.03 40.97
N GLU C 115 18.54 -48.52 39.86
CA GLU C 115 17.09 -48.24 39.74
C GLU C 115 16.76 -47.89 38.28
N VAL C 116 15.75 -48.54 37.70
CA VAL C 116 15.36 -48.28 36.27
C VAL C 116 13.88 -47.92 36.21
N LEU C 117 13.39 -47.55 35.03
CA LEU C 117 11.96 -47.18 34.86
C LEU C 117 11.12 -48.44 34.68
N CYS C 118 9.85 -48.41 35.11
CA CYS C 118 8.94 -49.57 34.95
C CYS C 118 8.43 -49.61 33.50
N GLY C 119 8.25 -50.80 32.95
CA GLY C 119 7.77 -50.93 31.56
C GLY C 119 6.25 -50.96 31.49
N ASP C 120 5.61 -51.75 32.34
CA ASP C 120 4.13 -51.84 32.36
C ASP C 120 3.55 -50.42 32.32
N CYS C 121 4.00 -49.55 33.21
CA CYS C 121 3.56 -48.13 33.21
C CYS C 121 4.82 -47.28 33.02
N ASN C 122 4.87 -46.46 31.96
CA ASN C 122 6.10 -45.68 31.69
C ASN C 122 6.21 -44.53 32.68
N GLY C 123 6.17 -44.82 33.99
CA GLY C 123 6.32 -43.77 35.02
C GLY C 123 5.01 -43.08 35.36
N ALA C 124 3.88 -43.77 35.18
CA ALA C 124 2.55 -43.17 35.44
C ALA C 124 2.07 -43.51 36.85
N GLY C 125 2.36 -44.72 37.34
CA GLY C 125 1.87 -45.16 38.66
C GLY C 125 0.57 -45.92 38.56
N PHE C 126 -0.27 -45.56 37.57
CA PHE C 126 -1.56 -46.25 37.35
C PHE C 126 -1.54 -46.92 35.98
N ILE C 127 -2.71 -47.35 35.48
CA ILE C 127 -2.75 -48.09 34.18
C ILE C 127 -3.31 -47.21 33.07
N GLY C 128 -4.57 -47.41 32.68
CA GLY C 128 -5.17 -46.64 31.56
C GLY C 128 -4.69 -45.20 31.47
N GLY C 129 -4.17 -44.80 30.32
CA GLY C 129 -3.66 -43.43 30.13
C GLY C 129 -2.91 -43.28 28.81
N PHE C 130 -2.52 -42.05 28.45
CA PHE C 130 -1.84 -41.81 27.15
C PHE C 130 -0.35 -42.10 27.29
N LEU C 131 0.06 -42.84 28.33
CA LEU C 131 1.48 -43.19 28.54
C LEU C 131 1.63 -44.70 28.65
N SER C 132 0.52 -45.44 28.57
CA SER C 132 0.56 -46.91 28.76
C SER C 132 -0.56 -47.61 27.98
N THR C 133 -0.94 -47.09 26.81
CA THR C 133 -2.08 -47.69 26.07
C THR C 133 -1.92 -47.51 24.57
N PHE C 134 -2.74 -48.22 23.77
CA PHE C 134 -2.70 -48.05 22.29
C PHE C 134 -3.74 -47.00 21.90
N ASP C 135 -3.44 -46.16 20.90
CA ASP C 135 -4.35 -45.05 20.52
C ASP C 135 -5.70 -45.57 20.03
N GLU C 136 -6.79 -45.11 20.64
CA GLU C 136 -8.16 -45.52 20.23
C GLU C 136 -8.26 -47.05 20.27
N GLY D 64 -52.68 -34.54 19.14
CA GLY D 64 -53.45 -34.23 17.92
C GLY D 64 -53.06 -35.11 16.77
N THR D 65 -52.61 -36.34 17.06
CA THR D 65 -52.18 -37.29 15.99
C THR D 65 -53.23 -38.39 15.83
N LYS D 66 -52.82 -39.55 15.32
CA LYS D 66 -53.75 -40.71 15.18
C LYS D 66 -53.10 -41.94 15.80
N PRO D 67 -53.84 -42.80 16.52
CA PRO D 67 -53.25 -43.96 17.21
C PRO D 67 -52.06 -44.59 16.46
N ASN D 68 -50.89 -44.63 17.11
CA ASN D 68 -49.67 -45.21 16.49
C ASN D 68 -49.44 -44.56 15.14
N SER D 69 -49.30 -43.23 15.11
CA SER D 69 -49.01 -42.51 13.85
C SER D 69 -48.57 -41.07 14.15
N LEU D 70 -48.13 -40.34 13.13
CA LEU D 70 -47.72 -38.92 13.32
C LEU D 70 -48.72 -38.01 12.62
N VAL D 71 -49.55 -38.57 11.73
CA VAL D 71 -50.51 -37.75 10.94
C VAL D 71 -51.39 -36.92 11.88
N CYS D 72 -51.51 -35.61 11.62
CA CYS D 72 -52.40 -34.74 12.43
C CYS D 72 -53.83 -35.25 12.33
N ALA D 73 -54.71 -34.91 13.28
CA ALA D 73 -56.07 -35.47 13.29
C ALA D 73 -57.10 -34.47 12.73
N ASN D 74 -56.91 -33.17 12.95
CA ASN D 74 -57.94 -32.19 12.51
C ASN D 74 -57.70 -31.74 11.06
N CYS D 75 -56.89 -32.49 10.30
CA CYS D 75 -56.68 -32.15 8.87
C CYS D 75 -56.31 -33.42 8.10
N GLU D 76 -56.09 -34.53 8.80
CA GLU D 76 -55.81 -35.83 8.12
C GLU D 76 -54.60 -35.70 7.18
N GLY D 77 -53.65 -34.82 7.51
CA GLY D 77 -52.43 -34.69 6.70
C GLY D 77 -52.66 -33.91 5.42
N GLU D 78 -53.58 -32.95 5.44
CA GLU D 78 -53.82 -32.09 4.25
C GLU D 78 -53.17 -30.72 4.48
N GLY D 79 -53.29 -30.18 5.69
CA GLY D 79 -52.65 -28.89 6.01
C GLY D 79 -53.66 -27.75 6.04
N CYS D 80 -54.93 -28.02 5.73
CA CYS D 80 -55.94 -26.94 5.66
C CYS D 80 -57.32 -27.50 6.01
N VAL D 81 -58.25 -26.62 6.41
CA VAL D 81 -59.63 -27.04 6.78
C VAL D 81 -60.62 -26.28 5.90
N ALA D 82 -61.87 -26.10 6.36
CA ALA D 82 -62.90 -25.40 5.55
C ALA D 82 -63.44 -24.19 6.30
N CYS D 83 -63.73 -23.09 5.60
CA CYS D 83 -64.25 -21.86 6.24
C CYS D 83 -65.57 -22.18 6.95
N SER D 84 -65.61 -22.01 8.27
CA SER D 84 -66.84 -22.29 9.06
C SER D 84 -67.85 -21.17 8.83
N GLN D 85 -67.42 -19.92 8.86
CA GLN D 85 -68.33 -18.76 8.68
C GLN D 85 -69.28 -19.03 7.50
N CYS D 86 -68.75 -19.03 6.27
CA CYS D 86 -69.60 -19.22 5.07
C CYS D 86 -69.98 -20.69 4.94
N LYS D 87 -69.45 -21.56 5.80
CA LYS D 87 -69.74 -23.02 5.73
C LYS D 87 -69.07 -23.61 4.48
N GLY D 88 -69.21 -22.95 3.32
CA GLY D 88 -68.57 -23.42 2.09
C GLY D 88 -69.10 -22.68 0.86
N GLY D 89 -70.01 -21.73 1.06
CA GLY D 89 -70.61 -20.97 -0.05
C GLY D 89 -69.84 -19.71 -0.36
N GLY D 90 -68.81 -19.40 0.45
CA GLY D 90 -67.99 -18.20 0.23
C GLY D 90 -68.81 -16.93 0.20
N VAL D 91 -69.98 -16.94 0.86
CA VAL D 91 -70.87 -15.75 0.87
C VAL D 91 -71.30 -15.44 2.30
N ASN D 92 -71.38 -14.15 2.66
CA ASN D 92 -71.82 -13.75 4.02
C ASN D 92 -73.27 -14.19 4.20
N LEU D 93 -73.63 -14.71 5.38
CA LEU D 93 -75.01 -15.24 5.60
C LEU D 93 -75.78 -14.33 6.57
N ILE D 94 -75.11 -13.80 7.59
CA ILE D 94 -75.78 -12.90 8.57
C ILE D 94 -74.86 -11.70 8.85
N ASP D 95 -75.43 -10.52 9.09
CA ASP D 95 -74.61 -9.33 9.42
C ASP D 95 -73.59 -9.73 10.49
N HIS D 96 -72.33 -9.31 10.32
CA HIS D 96 -71.26 -9.71 11.28
C HIS D 96 -70.72 -8.46 11.99
N PHE D 97 -69.40 -8.27 11.97
CA PHE D 97 -68.77 -7.12 12.68
C PHE D 97 -69.74 -5.95 12.73
N ASN D 98 -70.22 -5.61 13.93
CA ASN D 98 -71.14 -4.44 14.10
C ASN D 98 -72.08 -4.36 12.90
N GLY D 99 -71.87 -3.38 12.01
CA GLY D 99 -72.70 -3.25 10.81
C GLY D 99 -71.85 -2.93 9.59
N GLN D 100 -70.76 -3.67 9.39
CA GLN D 100 -69.89 -3.46 8.20
C GLN D 100 -69.90 -4.73 7.35
N PHE D 101 -70.18 -5.88 7.98
CA PHE D 101 -70.29 -7.14 7.21
C PHE D 101 -71.76 -7.34 6.83
N LYS D 102 -72.12 -7.05 5.58
CA LYS D 102 -73.54 -7.14 5.14
C LYS D 102 -73.82 -8.51 4.53
N ALA D 103 -74.85 -9.20 5.04
CA ALA D 103 -75.23 -10.49 4.44
C ALA D 103 -75.50 -10.29 2.95
N GLY D 104 -74.88 -11.11 2.10
CA GLY D 104 -75.05 -10.96 0.64
C GLY D 104 -73.75 -10.56 -0.04
N ALA D 105 -72.64 -10.57 0.69
CA ALA D 105 -71.32 -10.22 0.10
C ALA D 105 -70.37 -11.41 0.19
N LEU D 106 -69.05 -11.15 0.19
CA LEU D 106 -68.04 -12.25 0.24
C LEU D 106 -67.66 -12.52 1.69
N CYS D 107 -67.57 -13.79 2.07
CA CYS D 107 -67.21 -14.16 3.47
C CYS D 107 -66.07 -13.25 3.92
N TRP D 108 -66.27 -12.51 5.01
CA TRP D 108 -65.25 -11.53 5.48
C TRP D 108 -63.93 -12.24 5.78
N LEU D 109 -63.98 -13.51 6.19
CA LEU D 109 -62.75 -14.25 6.57
C LEU D 109 -62.03 -14.77 5.31
N CYS D 110 -62.45 -15.91 4.77
CA CYS D 110 -61.75 -16.53 3.61
C CYS D 110 -61.76 -15.60 2.40
N ARG D 111 -62.70 -14.66 2.34
CA ARG D 111 -62.78 -13.68 1.22
C ARG D 111 -62.91 -14.43 -0.11
N GLY D 112 -63.68 -15.52 -0.14
CA GLY D 112 -63.89 -16.28 -1.39
C GLY D 112 -62.78 -17.27 -1.65
N LYS D 113 -62.68 -18.32 -0.84
CA LYS D 113 -61.63 -19.37 -1.03
C LYS D 113 -62.13 -20.66 -0.36
N LYS D 114 -62.92 -20.52 0.71
CA LYS D 114 -63.54 -21.71 1.38
C LYS D 114 -62.46 -22.64 1.95
N GLU D 115 -61.31 -22.11 2.36
CA GLU D 115 -60.26 -22.93 3.00
C GLU D 115 -59.48 -22.09 4.00
N VAL D 116 -58.91 -22.71 5.03
CA VAL D 116 -58.08 -21.98 6.04
C VAL D 116 -56.96 -22.91 6.51
N LEU D 117 -55.89 -22.37 7.09
CA LEU D 117 -54.73 -23.21 7.50
C LEU D 117 -55.04 -23.91 8.83
N CYS D 118 -54.61 -25.17 8.97
CA CYS D 118 -54.81 -25.90 10.25
C CYS D 118 -53.93 -25.26 11.32
N GLY D 119 -54.50 -24.93 12.49
CA GLY D 119 -53.75 -24.25 13.55
C GLY D 119 -52.82 -25.18 14.30
N ASP D 120 -53.21 -26.45 14.47
CA ASP D 120 -52.35 -27.45 15.15
C ASP D 120 -51.03 -27.57 14.40
N CYS D 121 -51.03 -28.27 13.26
CA CYS D 121 -49.81 -28.34 12.41
C CYS D 121 -49.94 -27.22 11.37
N ASN D 122 -49.04 -26.25 11.36
CA ASN D 122 -49.17 -25.10 10.43
C ASN D 122 -48.81 -25.54 9.01
N GLY D 123 -49.54 -26.50 8.44
CA GLY D 123 -49.30 -26.94 7.06
C GLY D 123 -48.28 -28.07 6.97
N ALA D 124 -47.85 -28.61 8.12
CA ALA D 124 -46.80 -29.66 8.14
C ALA D 124 -47.43 -31.02 7.82
N GLY D 125 -48.58 -31.33 8.43
CA GLY D 125 -49.28 -32.61 8.16
C GLY D 125 -48.96 -33.63 9.23
N PHE D 126 -47.92 -33.37 10.02
CA PHE D 126 -47.53 -34.29 11.13
C PHE D 126 -47.15 -33.43 12.33
N ILE D 127 -47.03 -34.04 13.51
CA ILE D 127 -46.73 -33.27 14.75
C ILE D 127 -45.37 -33.69 15.30
N GLY D 128 -44.55 -32.73 15.74
CA GLY D 128 -43.22 -33.02 16.29
C GLY D 128 -42.12 -32.28 15.55
N GLY D 129 -42.48 -31.33 14.68
CA GLY D 129 -41.47 -30.64 13.85
C GLY D 129 -41.26 -29.20 14.27
N PHE D 130 -40.32 -28.49 13.64
CA PHE D 130 -39.98 -27.09 14.04
C PHE D 130 -41.12 -26.13 13.67
N LEU D 131 -42.01 -26.53 12.75
CA LEU D 131 -43.10 -25.64 12.30
C LEU D 131 -44.27 -25.72 13.30
N SER D 132 -44.31 -26.77 14.12
CA SER D 132 -45.45 -26.94 15.06
C SER D 132 -44.94 -27.46 16.41
N THR D 133 -44.05 -26.71 17.06
CA THR D 133 -43.49 -27.14 18.37
C THR D 133 -42.78 -25.95 19.03
N PHE D 134 -42.47 -26.07 20.33
CA PHE D 134 -41.71 -25.01 21.03
C PHE D 134 -40.22 -25.30 20.87
N ASP D 135 -39.37 -24.25 20.89
CA ASP D 135 -37.91 -24.43 20.67
C ASP D 135 -37.41 -25.66 21.43
N GLU D 136 -37.17 -25.51 22.74
CA GLU D 136 -36.67 -26.63 23.58
C GLU D 136 -36.92 -26.31 25.05
N GLY E 64 8.19 -44.27 -48.44
CA GLY E 64 8.24 -44.89 -47.09
C GLY E 64 6.92 -45.55 -46.74
N THR E 65 5.81 -45.06 -47.30
CA THR E 65 4.48 -45.64 -47.02
C THR E 65 4.33 -46.93 -47.81
N LYS E 66 3.21 -47.64 -47.63
CA LYS E 66 2.96 -48.89 -48.37
C LYS E 66 1.74 -48.70 -49.28
N PRO E 67 1.54 -49.53 -50.33
CA PRO E 67 0.38 -49.44 -51.21
C PRO E 67 -0.90 -48.95 -50.53
N ASN E 68 -1.39 -47.76 -50.92
CA ASN E 68 -2.64 -47.21 -50.34
C ASN E 68 -2.63 -47.38 -48.82
N SER E 69 -1.61 -46.85 -48.15
CA SER E 69 -1.50 -46.98 -46.67
C SER E 69 -0.39 -46.07 -46.16
N LEU E 70 -0.63 -45.33 -45.07
CA LEU E 70 0.39 -44.41 -44.51
C LEU E 70 1.37 -45.22 -43.65
N VAL E 71 1.23 -46.55 -43.64
CA VAL E 71 2.09 -47.40 -42.76
C VAL E 71 3.54 -47.35 -43.25
N CYS E 72 4.50 -47.28 -42.32
CA CYS E 72 5.94 -47.28 -42.69
C CYS E 72 6.33 -48.69 -43.13
N ALA E 73 6.97 -48.82 -44.30
CA ALA E 73 7.37 -50.14 -44.81
C ALA E 73 8.61 -50.64 -44.05
N ASN E 74 9.67 -49.83 -43.98
CA ASN E 74 10.94 -50.25 -43.35
C ASN E 74 10.70 -51.09 -42.10
N CYS E 75 9.70 -50.74 -41.28
CA CYS E 75 9.48 -51.47 -40.00
C CYS E 75 8.13 -52.17 -40.01
N GLU E 76 7.33 -51.98 -41.06
CA GLU E 76 5.97 -52.57 -41.12
C GLU E 76 5.20 -52.16 -39.86
N GLY E 77 5.14 -50.85 -39.58
CA GLY E 77 4.40 -50.34 -38.41
C GLY E 77 4.84 -51.01 -37.12
N GLU E 78 6.06 -50.74 -36.66
CA GLU E 78 6.58 -51.33 -35.40
C GLU E 78 7.41 -50.29 -34.63
N GLY E 79 8.24 -49.51 -35.34
CA GLY E 79 9.02 -48.45 -34.69
C GLY E 79 10.37 -48.94 -34.19
N CYS E 80 10.81 -50.12 -34.64
CA CYS E 80 12.10 -50.71 -34.18
C CYS E 80 12.65 -51.64 -35.26
N VAL E 81 13.97 -51.84 -35.28
CA VAL E 81 14.63 -52.73 -36.28
C VAL E 81 15.71 -53.55 -35.58
N ALA E 82 16.08 -54.72 -36.12
CA ALA E 82 17.07 -55.61 -35.47
C ALA E 82 18.49 -55.05 -35.60
N CYS E 83 19.36 -55.35 -34.63
CA CYS E 83 20.76 -54.84 -34.66
C CYS E 83 21.58 -55.66 -35.66
N SER E 84 22.00 -55.04 -36.76
CA SER E 84 22.74 -55.77 -37.82
C SER E 84 24.07 -56.29 -37.28
N GLN E 85 24.85 -55.43 -36.61
CA GLN E 85 26.19 -55.84 -36.11
C GLN E 85 26.12 -57.24 -35.51
N CYS E 86 25.49 -57.40 -34.35
CA CYS E 86 25.42 -58.71 -33.65
C CYS E 86 24.49 -59.67 -34.40
N LYS E 87 23.81 -59.19 -35.44
CA LYS E 87 22.87 -60.04 -36.21
C LYS E 87 21.89 -60.71 -35.23
N GLY E 88 21.33 -59.95 -34.31
CA GLY E 88 20.35 -60.50 -33.35
C GLY E 88 21.01 -61.29 -32.23
N GLY E 89 22.33 -61.47 -32.30
CA GLY E 89 23.05 -62.22 -31.25
C GLY E 89 23.13 -61.44 -29.95
N GLY E 90 24.08 -60.51 -29.84
CA GLY E 90 24.24 -59.71 -28.61
C GLY E 90 25.70 -59.61 -28.20
N VAL E 91 26.62 -60.06 -29.06
CA VAL E 91 28.07 -60.08 -28.72
C VAL E 91 28.89 -59.79 -29.98
N ASN E 92 29.99 -59.05 -29.85
CA ASN E 92 30.84 -58.67 -31.01
C ASN E 92 31.36 -59.94 -31.68
N LEU E 93 31.32 -60.00 -33.01
CA LEU E 93 31.85 -61.18 -33.74
C LEU E 93 33.13 -60.78 -34.46
N ILE E 94 33.68 -59.60 -34.12
CA ILE E 94 34.91 -59.08 -34.80
C ILE E 94 35.41 -57.88 -34.00
N ASP E 95 36.72 -57.62 -34.03
CA ASP E 95 37.25 -56.40 -33.34
C ASP E 95 36.91 -55.20 -34.21
N HIS E 96 35.86 -54.46 -33.84
CA HIS E 96 35.43 -53.28 -34.64
C HIS E 96 36.46 -52.15 -34.51
N PHE E 97 36.13 -51.10 -33.76
CA PHE E 97 37.12 -50.02 -33.54
C PHE E 97 38.46 -50.67 -33.21
N ASN E 98 39.40 -50.64 -34.17
CA ASN E 98 40.71 -51.31 -33.96
C ASN E 98 41.13 -51.17 -32.49
N GLY E 99 41.37 -52.31 -31.83
CA GLY E 99 41.81 -52.26 -30.42
C GLY E 99 40.92 -51.36 -29.59
N GLN E 100 39.61 -51.64 -29.57
CA GLN E 100 38.65 -50.85 -28.74
C GLN E 100 37.40 -51.68 -28.53
N PHE E 101 36.82 -52.21 -29.62
CA PHE E 101 35.63 -53.10 -29.50
C PHE E 101 36.06 -54.53 -29.81
N LYS E 102 36.65 -55.22 -28.83
CA LYS E 102 37.17 -56.59 -29.06
C LYS E 102 36.04 -57.54 -29.44
N ALA E 103 36.37 -58.62 -30.16
CA ALA E 103 35.35 -59.64 -30.52
C ALA E 103 34.93 -60.40 -29.26
N GLY E 104 33.86 -61.20 -29.35
CA GLY E 104 33.40 -61.99 -28.19
C GLY E 104 32.85 -61.12 -27.09
N ALA E 105 33.18 -59.82 -27.11
CA ALA E 105 32.65 -58.87 -26.10
C ALA E 105 31.20 -58.54 -26.43
N LEU E 106 30.51 -57.79 -25.54
CA LEU E 106 29.08 -57.44 -25.76
C LEU E 106 28.94 -56.59 -27.02
N CYS E 107 27.78 -56.66 -27.68
CA CYS E 107 27.54 -55.82 -28.88
C CYS E 107 27.89 -54.37 -28.54
N TRP E 108 28.49 -53.65 -29.50
CA TRP E 108 28.95 -52.27 -29.20
C TRP E 108 27.85 -51.25 -29.54
N LEU E 109 26.83 -51.67 -30.31
CA LEU E 109 25.76 -50.73 -30.73
C LEU E 109 24.54 -50.89 -29.82
N CYS E 110 23.82 -52.01 -29.93
CA CYS E 110 22.59 -52.24 -29.12
C CYS E 110 22.98 -52.55 -27.67
N ARG E 111 24.24 -52.89 -27.43
CA ARG E 111 24.73 -53.19 -26.06
C ARG E 111 23.92 -54.36 -25.46
N GLY E 112 23.43 -55.28 -26.29
CA GLY E 112 22.74 -56.47 -25.77
C GLY E 112 21.23 -56.36 -25.78
N LYS E 113 20.65 -55.56 -26.69
CA LYS E 113 19.18 -55.48 -26.82
C LYS E 113 18.79 -56.16 -28.14
N LYS E 114 19.66 -56.07 -29.14
CA LYS E 114 19.40 -56.71 -30.46
C LYS E 114 18.21 -56.03 -31.13
N GLU E 115 18.06 -54.71 -30.95
CA GLU E 115 16.97 -53.96 -31.60
C GLU E 115 17.23 -52.45 -31.46
N VAL E 116 17.00 -51.69 -32.52
CA VAL E 116 17.25 -50.22 -32.48
C VAL E 116 16.01 -49.48 -33.00
N LEU E 117 15.98 -48.16 -32.90
CA LEU E 117 14.82 -47.36 -33.37
C LEU E 117 14.89 -47.21 -34.89
N CYS E 118 13.73 -47.09 -35.55
CA CYS E 118 13.69 -46.91 -37.01
C CYS E 118 14.00 -45.44 -37.34
N GLY E 119 14.70 -45.19 -38.45
CA GLY E 119 15.06 -43.81 -38.83
C GLY E 119 13.97 -43.16 -39.66
N ASP E 120 13.45 -43.86 -40.67
CA ASP E 120 12.37 -43.30 -41.53
C ASP E 120 11.31 -42.66 -40.64
N CYS E 121 10.79 -43.42 -39.67
CA CYS E 121 9.81 -42.88 -38.70
C CYS E 121 10.44 -42.99 -37.31
N ASN E 122 10.55 -41.88 -36.59
CA ASN E 122 11.25 -41.93 -35.28
C ASN E 122 10.34 -42.57 -34.23
N GLY E 123 9.82 -43.77 -34.50
CA GLY E 123 8.98 -44.49 -33.53
C GLY E 123 7.52 -44.11 -33.63
N ALA E 124 7.03 -43.80 -34.83
CA ALA E 124 5.62 -43.37 -35.02
C ALA E 124 4.79 -44.51 -35.62
N GLY E 125 5.38 -45.32 -36.50
CA GLY E 125 4.63 -46.40 -37.17
C GLY E 125 4.01 -45.94 -38.48
N PHE E 126 3.71 -44.65 -38.60
CA PHE E 126 3.17 -44.08 -39.86
C PHE E 126 4.14 -43.03 -40.40
N ILE E 127 3.72 -42.23 -41.39
CA ILE E 127 4.67 -41.26 -42.02
C ILE E 127 4.34 -39.83 -41.59
N GLY E 128 3.65 -39.05 -42.43
CA GLY E 128 3.36 -37.63 -42.12
C GLY E 128 3.09 -37.38 -40.65
N GLY E 129 3.82 -36.44 -40.04
CA GLY E 129 3.63 -36.10 -38.62
C GLY E 129 4.73 -35.17 -38.10
N PHE E 130 4.67 -34.80 -36.82
CA PHE E 130 5.67 -33.87 -36.24
C PHE E 130 6.87 -34.66 -35.70
N LEU E 131 7.06 -35.90 -36.18
CA LEU E 131 8.21 -36.72 -35.75
C LEU E 131 8.95 -37.22 -36.99
N SER E 132 8.49 -36.85 -38.18
CA SER E 132 9.11 -37.36 -39.44
C SER E 132 8.97 -36.35 -40.57
N THR E 133 8.79 -35.06 -40.25
CA THR E 133 8.57 -34.07 -41.34
C THR E 133 9.42 -32.81 -41.10
N PHE E 134 9.66 -32.02 -42.15
CA PHE E 134 10.40 -30.74 -41.99
C PHE E 134 9.40 -29.66 -41.53
N ASP E 135 9.67 -29.00 -40.40
CA ASP E 135 8.76 -27.98 -39.84
C ASP E 135 7.78 -27.44 -40.89
N GLU E 136 8.23 -26.48 -41.70
CA GLU E 136 7.34 -25.88 -42.73
C GLU E 136 6.02 -25.48 -42.08
N GLY F 64 -31.93 -4.87 -57.35
CA GLY F 64 -32.06 -3.39 -57.41
C GLY F 64 -30.84 -2.75 -58.04
N THR F 65 -30.03 -3.53 -58.76
CA THR F 65 -28.80 -3.00 -59.41
C THR F 65 -29.00 -2.95 -60.92
N LYS F 66 -28.15 -2.22 -61.63
CA LYS F 66 -28.21 -2.20 -63.12
C LYS F 66 -27.43 -3.40 -63.65
N PRO F 67 -27.83 -4.00 -64.79
CA PRO F 67 -27.17 -5.21 -65.31
C PRO F 67 -25.65 -5.23 -65.14
N ASN F 68 -25.08 -6.39 -64.77
CA ASN F 68 -23.62 -6.52 -64.57
C ASN F 68 -23.06 -5.22 -63.96
N SER F 69 -23.56 -4.83 -62.79
CA SER F 69 -23.06 -3.62 -62.10
C SER F 69 -23.49 -3.66 -60.64
N LEU F 70 -22.95 -2.74 -59.82
CA LEU F 70 -23.31 -2.70 -58.37
C LEU F 70 -24.15 -1.45 -58.12
N VAL F 71 -24.24 -0.56 -59.11
CA VAL F 71 -24.97 0.74 -58.90
C VAL F 71 -26.46 0.47 -58.69
N CYS F 72 -27.04 1.08 -57.66
CA CYS F 72 -28.50 0.92 -57.40
C CYS F 72 -29.29 1.45 -58.60
N ALA F 73 -30.54 0.99 -58.76
CA ALA F 73 -31.35 1.38 -59.94
C ALA F 73 -32.07 2.71 -59.69
N ASN F 74 -32.90 2.78 -58.64
CA ASN F 74 -33.68 4.01 -58.35
C ASN F 74 -32.74 5.22 -58.27
N CYS F 75 -32.06 5.41 -57.13
CA CYS F 75 -31.17 6.58 -56.95
C CYS F 75 -30.21 6.70 -58.14
N GLU F 76 -29.77 5.56 -58.68
CA GLU F 76 -28.79 5.56 -59.80
C GLU F 76 -27.43 6.06 -59.33
N GLY F 77 -27.10 5.87 -58.05
CA GLY F 77 -25.77 6.24 -57.54
C GLY F 77 -25.76 7.58 -56.83
N GLU F 78 -26.94 8.08 -56.44
CA GLU F 78 -27.03 9.41 -55.78
C GLU F 78 -27.27 9.23 -54.28
N GLY F 79 -28.22 8.37 -53.91
CA GLY F 79 -28.54 8.14 -52.49
C GLY F 79 -29.83 8.83 -52.08
N CYS F 80 -30.44 9.56 -53.00
CA CYS F 80 -31.67 10.34 -52.66
C CYS F 80 -32.60 10.43 -53.88
N VAL F 81 -33.89 10.65 -53.65
CA VAL F 81 -34.89 10.75 -54.75
C VAL F 81 -35.57 12.12 -54.68
N ALA F 82 -36.83 12.21 -55.11
CA ALA F 82 -37.56 13.52 -55.11
C ALA F 82 -38.90 13.38 -54.39
N CYS F 83 -39.30 14.40 -53.61
CA CYS F 83 -40.58 14.36 -52.87
C CYS F 83 -41.73 14.14 -53.86
N SER F 84 -42.52 13.09 -53.66
CA SER F 84 -43.64 12.77 -54.58
C SER F 84 -44.95 13.35 -54.05
N GLN F 85 -44.90 14.01 -52.89
CA GLN F 85 -46.13 14.64 -52.31
C GLN F 85 -46.28 16.04 -52.88
N CYS F 86 -45.18 16.75 -53.08
CA CYS F 86 -45.21 18.13 -53.64
C CYS F 86 -44.67 18.10 -55.07
N LYS F 87 -44.27 16.91 -55.54
CA LYS F 87 -43.69 16.78 -56.91
C LYS F 87 -42.34 17.51 -56.96
N GLY F 88 -42.27 18.74 -56.45
CA GLY F 88 -41.02 19.51 -56.43
C GLY F 88 -41.26 20.96 -56.05
N GLY F 89 -42.52 21.36 -55.91
CA GLY F 89 -42.85 22.75 -55.55
C GLY F 89 -42.66 23.03 -54.06
N GLY F 90 -42.54 21.98 -53.26
CA GLY F 90 -42.34 22.14 -51.80
C GLY F 90 -43.55 22.78 -51.14
N VAL F 91 -44.75 22.58 -51.71
CA VAL F 91 -46.00 23.19 -51.15
C VAL F 91 -47.12 22.17 -51.21
N ASN F 92 -47.96 22.12 -50.16
CA ASN F 92 -49.11 21.17 -50.14
C ASN F 92 -50.07 21.53 -51.28
N LEU F 93 -50.51 20.54 -52.06
CA LEU F 93 -51.39 20.82 -53.22
C LEU F 93 -52.85 20.56 -52.81
N ILE F 94 -53.08 19.56 -51.95
CA ILE F 94 -54.46 19.25 -51.46
C ILE F 94 -54.42 19.23 -49.93
N ASP F 95 -55.52 18.80 -49.31
CA ASP F 95 -55.53 18.64 -47.82
C ASP F 95 -55.18 17.18 -47.52
N HIS F 96 -54.50 16.93 -46.40
CA HIS F 96 -54.04 15.54 -46.12
C HIS F 96 -54.51 15.10 -44.72
N PHE F 97 -53.59 14.59 -43.90
CA PHE F 97 -53.94 14.10 -42.53
C PHE F 97 -55.13 14.89 -42.00
N ASN F 98 -56.23 14.19 -41.66
CA ASN F 98 -57.44 14.88 -41.13
C ASN F 98 -57.59 16.24 -41.83
N GLY F 99 -57.32 17.33 -41.11
CA GLY F 99 -57.34 18.66 -41.74
C GLY F 99 -56.03 19.37 -41.47
N GLN F 100 -55.29 18.95 -40.44
CA GLN F 100 -54.01 19.60 -40.06
C GLN F 100 -53.26 20.05 -41.31
N PHE F 101 -53.19 19.20 -42.35
CA PHE F 101 -52.41 19.55 -43.55
C PHE F 101 -53.28 20.45 -44.46
N LYS F 102 -53.06 21.76 -44.40
CA LYS F 102 -53.87 22.72 -45.20
C LYS F 102 -53.20 23.00 -46.54
N ALA F 103 -53.93 22.79 -47.65
CA ALA F 103 -53.37 23.12 -48.97
C ALA F 103 -52.97 24.60 -48.97
N GLY F 104 -51.73 24.90 -49.37
CA GLY F 104 -51.25 26.30 -49.37
C GLY F 104 -50.08 26.49 -48.43
N ALA F 105 -49.61 25.42 -47.79
CA ALA F 105 -48.51 25.53 -46.80
C ALA F 105 -47.28 24.76 -47.28
N LEU F 106 -46.36 24.45 -46.37
CA LEU F 106 -45.12 23.70 -46.73
C LEU F 106 -45.42 22.20 -46.82
N CYS F 107 -44.84 21.52 -47.80
CA CYS F 107 -45.04 20.05 -47.92
C CYS F 107 -44.86 19.43 -46.54
N TRP F 108 -45.85 18.65 -46.09
CA TRP F 108 -45.79 18.07 -44.72
C TRP F 108 -44.64 17.07 -44.59
N LEU F 109 -44.26 16.41 -45.70
CA LEU F 109 -43.22 15.36 -45.64
C LEU F 109 -41.82 15.99 -45.67
N CYS F 110 -41.39 16.51 -46.83
CA CYS F 110 -40.01 17.05 -46.97
C CYS F 110 -39.87 18.38 -46.23
N ARG F 111 -40.98 19.01 -45.84
CA ARG F 111 -40.94 20.28 -45.08
C ARG F 111 -40.07 21.30 -45.81
N GLY F 112 -40.21 21.40 -47.14
CA GLY F 112 -39.41 22.36 -47.93
C GLY F 112 -37.99 21.89 -48.11
N LYS F 113 -37.74 21.01 -49.08
CA LYS F 113 -36.37 20.47 -49.34
C LYS F 113 -36.42 19.73 -50.68
N LYS F 114 -37.56 19.15 -51.04
CA LYS F 114 -37.73 18.50 -52.36
C LYS F 114 -36.74 17.35 -52.57
N GLU F 115 -36.58 16.47 -51.58
CA GLU F 115 -35.72 15.26 -51.75
C GLU F 115 -35.84 14.37 -50.52
N VAL F 116 -35.69 13.06 -50.69
CA VAL F 116 -35.79 12.10 -49.55
C VAL F 116 -34.74 11.00 -49.76
N LEU F 117 -34.43 10.23 -48.71
CA LEU F 117 -33.38 9.18 -48.81
C LEU F 117 -33.91 7.99 -49.60
N CYS F 118 -33.07 7.34 -50.41
CA CYS F 118 -33.49 6.12 -51.15
C CYS F 118 -33.65 4.97 -50.14
N GLY F 119 -34.75 4.22 -50.23
CA GLY F 119 -35.02 3.12 -49.28
C GLY F 119 -34.21 1.88 -49.59
N ASP F 120 -34.01 1.56 -50.87
CA ASP F 120 -33.21 0.38 -51.29
C ASP F 120 -31.83 0.47 -50.62
N CYS F 121 -30.96 1.34 -51.15
CA CYS F 121 -29.64 1.56 -50.50
C CYS F 121 -29.77 2.83 -49.65
N ASN F 122 -29.51 2.75 -48.35
CA ASN F 122 -29.73 3.93 -47.47
C ASN F 122 -28.59 4.94 -47.67
N GLY F 123 -28.40 5.43 -48.90
CA GLY F 123 -27.37 6.45 -49.17
C GLY F 123 -26.04 5.84 -49.57
N ALA F 124 -25.98 4.51 -49.70
CA ALA F 124 -24.72 3.81 -50.03
C ALA F 124 -24.40 4.01 -51.52
N GLY F 125 -25.42 4.06 -52.37
CA GLY F 125 -25.21 4.23 -53.82
C GLY F 125 -25.02 2.90 -54.53
N PHE F 126 -24.74 1.84 -53.78
CA PHE F 126 -24.56 0.49 -54.38
C PHE F 126 -25.22 -0.56 -53.47
N ILE F 127 -25.44 -1.76 -53.99
CA ILE F 127 -26.14 -2.83 -53.21
C ILE F 127 -25.11 -3.89 -52.75
N GLY F 128 -25.35 -4.50 -51.59
CA GLY F 128 -24.39 -5.47 -51.03
C GLY F 128 -23.49 -4.79 -50.02
N GLY F 129 -24.03 -4.43 -48.85
CA GLY F 129 -23.23 -3.68 -47.86
C GLY F 129 -23.85 -3.71 -46.48
N PHE F 130 -23.08 -3.35 -45.44
CA PHE F 130 -23.58 -3.41 -44.05
C PHE F 130 -24.63 -2.33 -43.80
N LEU F 131 -24.95 -1.53 -44.83
CA LEU F 131 -25.91 -0.42 -44.66
C LEU F 131 -27.19 -0.72 -45.46
N SER F 132 -27.18 -1.76 -46.28
CA SER F 132 -28.34 -2.03 -47.17
C SER F 132 -28.70 -3.52 -47.19
N THR F 133 -27.90 -4.36 -46.53
CA THR F 133 -28.19 -5.82 -46.52
C THR F 133 -28.41 -6.33 -45.10
N PHE F 134 -28.87 -7.58 -44.95
CA PHE F 134 -29.05 -8.19 -43.61
C PHE F 134 -27.69 -8.74 -43.16
N ASP F 135 -27.52 -9.02 -41.86
CA ASP F 135 -26.20 -9.48 -41.34
C ASP F 135 -25.82 -10.81 -42.00
N GLU F 136 -26.26 -11.93 -41.43
CA GLU F 136 -25.96 -13.27 -42.00
C GLU F 136 -26.96 -14.29 -41.43
N GLY G 64 49.72 28.40 -33.10
CA GLY G 64 49.45 27.05 -33.63
C GLY G 64 48.60 27.11 -34.88
N THR G 65 47.81 28.17 -35.04
CA THR G 65 46.95 28.33 -36.24
C THR G 65 47.83 28.73 -37.42
N LYS G 66 47.22 28.85 -38.62
CA LYS G 66 47.99 29.25 -39.82
C LYS G 66 47.42 30.56 -40.38
N PRO G 67 48.13 31.29 -41.25
CA PRO G 67 47.64 32.53 -41.86
C PRO G 67 46.12 32.60 -42.00
N ASN G 68 45.47 33.48 -41.23
CA ASN G 68 43.99 33.64 -41.31
C ASN G 68 43.32 32.26 -41.44
N SER G 69 43.51 31.39 -40.46
CA SER G 69 42.93 30.02 -40.51
C SER G 69 43.12 29.34 -39.15
N LEU G 70 42.11 28.58 -38.70
CA LEU G 70 42.19 27.92 -37.38
C LEU G 70 42.93 26.59 -37.53
N VAL G 71 43.38 26.26 -38.73
CA VAL G 71 44.03 24.94 -38.98
C VAL G 71 45.31 24.83 -38.15
N CYS G 72 45.56 23.65 -37.58
CA CYS G 72 46.80 23.42 -36.81
C CYS G 72 47.97 23.27 -37.79
N ALA G 73 49.05 24.04 -37.58
CA ALA G 73 50.23 23.98 -38.48
C ALA G 73 51.00 22.68 -38.24
N ASN G 74 51.42 22.43 -37.00
CA ASN G 74 52.26 21.24 -36.67
C ASN G 74 51.87 20.03 -37.52
N CYS G 75 50.57 19.78 -37.73
CA CYS G 75 50.13 18.57 -38.46
C CYS G 75 49.46 18.94 -39.78
N GLU G 76 49.28 20.24 -40.04
CA GLU G 76 48.56 20.67 -41.27
C GLU G 76 47.20 19.98 -41.32
N GLY G 77 46.42 20.06 -40.24
CA GLY G 77 45.08 19.44 -40.20
C GLY G 77 45.11 17.95 -40.51
N GLU G 78 45.69 17.14 -39.62
CA GLU G 78 45.77 15.67 -39.84
C GLU G 78 45.56 14.94 -38.51
N GLY G 79 46.12 15.46 -37.41
CA GLY G 79 45.92 14.85 -36.08
C GLY G 79 46.90 13.73 -35.80
N CYS G 80 48.02 13.68 -36.55
CA CYS G 80 49.02 12.60 -36.38
C CYS G 80 50.40 13.09 -36.88
N VAL G 81 51.48 12.52 -36.34
CA VAL G 81 52.86 12.92 -36.74
C VAL G 81 53.72 11.66 -36.85
N ALA G 82 54.83 11.71 -37.61
CA ALA G 82 55.68 10.51 -37.83
C ALA G 82 56.54 10.22 -36.60
N CYS G 83 56.89 8.95 -36.38
CA CYS G 83 57.72 8.56 -35.20
C CYS G 83 59.18 8.91 -35.47
N SER G 84 59.73 9.86 -34.72
CA SER G 84 61.13 10.31 -34.94
C SER G 84 62.11 9.18 -34.68
N GLN G 85 62.00 8.51 -33.53
CA GLN G 85 62.93 7.41 -33.16
C GLN G 85 63.22 6.54 -34.39
N CYS G 86 62.23 5.76 -34.86
CA CYS G 86 62.44 4.84 -36.00
C CYS G 86 62.61 5.63 -37.30
N LYS G 87 62.43 6.96 -37.25
CA LYS G 87 62.53 7.80 -38.47
C LYS G 87 61.66 7.18 -39.57
N GLY G 88 60.41 6.82 -39.24
CA GLY G 88 59.50 6.24 -40.24
C GLY G 88 59.88 4.82 -40.62
N GLY G 89 60.88 4.24 -39.95
CA GLY G 89 61.29 2.86 -40.23
C GLY G 89 60.37 1.84 -39.56
N GLY G 90 60.57 1.58 -38.27
CA GLY G 90 59.74 0.62 -37.52
C GLY G 90 60.59 -0.30 -36.65
N VAL G 91 61.88 -0.01 -36.51
CA VAL G 91 62.79 -0.90 -35.73
C VAL G 91 63.87 -0.05 -35.05
N ASN G 92 64.27 -0.43 -33.84
CA ASN G 92 65.27 0.35 -33.07
C ASN G 92 66.57 0.44 -33.87
N LEU G 93 67.23 1.60 -33.84
CA LEU G 93 68.50 1.78 -34.59
C LEU G 93 69.66 1.86 -33.60
N ILE G 94 69.38 2.30 -32.36
CA ILE G 94 70.43 2.37 -31.30
C ILE G 94 69.89 1.66 -30.06
N ASP G 95 70.70 1.57 -29.00
CA ASP G 95 70.28 0.82 -27.79
C ASP G 95 69.73 1.80 -26.75
N HIS G 96 68.46 2.17 -26.89
CA HIS G 96 67.82 3.09 -25.91
C HIS G 96 67.60 2.36 -24.59
N PHE G 97 67.30 3.10 -23.51
CA PHE G 97 67.11 2.47 -22.18
C PHE G 97 68.28 1.51 -21.92
N ASN G 98 69.51 1.94 -22.25
CA ASN G 98 70.71 1.08 -22.06
C ASN G 98 70.31 -0.39 -22.22
N GLY G 99 70.23 -1.13 -21.11
CA GLY G 99 69.90 -2.57 -21.18
C GLY G 99 68.40 -2.82 -21.13
N GLN G 100 67.66 -2.30 -22.11
CA GLN G 100 66.20 -2.59 -22.17
C GLN G 100 65.75 -2.62 -23.63
N PHE G 101 66.14 -1.61 -24.41
CA PHE G 101 65.77 -1.57 -25.85
C PHE G 101 67.02 -1.88 -26.69
N LYS G 102 66.95 -2.92 -27.52
CA LYS G 102 68.10 -3.31 -28.37
C LYS G 102 68.24 -2.31 -29.52
N ALA G 103 69.10 -2.62 -30.50
CA ALA G 103 69.33 -1.69 -31.62
C ALA G 103 68.89 -2.33 -32.94
N GLY G 104 67.90 -3.24 -32.89
CA GLY G 104 67.39 -3.90 -34.10
C GLY G 104 66.01 -4.48 -33.89
N ALA G 105 65.43 -4.26 -32.71
CA ALA G 105 64.09 -4.82 -32.39
C ALA G 105 63.00 -3.82 -32.77
N LEU G 106 61.73 -4.19 -32.58
CA LEU G 106 60.59 -3.30 -32.93
C LEU G 106 60.82 -1.91 -32.32
N CYS G 107 60.36 -0.86 -33.00
CA CYS G 107 60.47 0.51 -32.43
C CYS G 107 59.90 0.45 -31.00
N TRP G 108 60.51 1.18 -30.07
CA TRP G 108 60.07 1.11 -28.65
C TRP G 108 58.92 2.08 -28.40
N LEU G 109 58.74 3.07 -29.28
CA LEU G 109 57.67 4.09 -29.07
C LEU G 109 56.42 3.65 -29.84
N CYS G 110 56.34 3.95 -31.14
CA CYS G 110 55.16 3.60 -31.95
C CYS G 110 54.92 2.09 -31.91
N ARG G 111 55.99 1.29 -31.85
CA ARG G 111 55.88 -0.19 -31.80
C ARG G 111 55.47 -0.71 -33.19
N GLY G 112 55.99 -0.10 -34.26
CA GLY G 112 55.72 -0.61 -35.63
C GLY G 112 54.53 0.05 -36.29
N LYS G 113 54.43 1.38 -36.22
CA LYS G 113 53.34 2.10 -36.93
C LYS G 113 53.92 3.37 -37.56
N LYS G 114 55.01 3.89 -36.98
CA LYS G 114 55.67 5.10 -37.52
C LYS G 114 54.65 6.24 -37.62
N GLU G 115 53.87 6.44 -36.56
CA GLU G 115 52.86 7.53 -36.54
C GLU G 115 52.32 7.70 -35.11
N VAL G 116 52.35 8.93 -34.58
CA VAL G 116 51.87 9.19 -33.20
C VAL G 116 50.82 10.31 -33.26
N LEU G 117 50.13 10.57 -32.15
CA LEU G 117 49.10 11.64 -32.10
C LEU G 117 49.79 13.00 -31.95
N CYS G 118 49.18 14.06 -32.47
CA CYS G 118 49.73 15.42 -32.33
C CYS G 118 49.43 15.95 -30.92
N GLY G 119 50.35 16.70 -30.33
CA GLY G 119 50.15 17.24 -28.98
C GLY G 119 49.41 18.56 -29.01
N ASP G 120 49.86 19.50 -29.86
CA ASP G 120 49.20 20.84 -29.96
C ASP G 120 47.69 20.65 -30.00
N CYS G 121 47.20 19.79 -30.91
CA CYS G 121 45.75 19.47 -30.97
C CYS G 121 45.61 17.97 -30.74
N ASN G 122 44.83 17.56 -29.74
CA ASN G 122 44.74 16.10 -29.42
C ASN G 122 43.86 15.40 -30.45
N GLY G 123 44.19 15.52 -31.74
CA GLY G 123 43.44 14.83 -32.81
C GLY G 123 42.22 15.60 -33.26
N ALA G 124 42.28 16.94 -33.24
CA ALA G 124 41.11 17.77 -33.63
C ALA G 124 41.31 18.33 -35.04
N GLY G 125 42.54 18.71 -35.40
CA GLY G 125 42.79 19.31 -36.73
C GLY G 125 42.75 20.83 -36.67
N PHE G 126 41.96 21.39 -35.75
CA PHE G 126 41.85 22.86 -35.59
C PHE G 126 42.28 23.24 -34.17
N ILE G 127 42.44 24.54 -33.90
CA ILE G 127 42.94 24.98 -32.56
C ILE G 127 41.76 25.21 -31.62
N GLY G 128 41.33 26.45 -31.38
CA GLY G 128 40.27 26.71 -30.39
C GLY G 128 39.23 25.59 -30.29
N GLY G 129 39.07 24.98 -29.11
CA GLY G 129 38.09 23.88 -28.93
C GLY G 129 38.13 23.29 -27.52
N PHE G 130 37.35 22.24 -27.26
CA PHE G 130 37.28 21.65 -25.90
C PHE G 130 38.20 20.43 -25.79
N LEU G 131 39.12 20.26 -26.73
CA LEU G 131 40.10 19.14 -26.69
C LEU G 131 41.51 19.73 -26.71
N SER G 132 41.63 21.07 -26.71
CA SER G 132 42.95 21.73 -26.82
C SER G 132 42.94 23.08 -26.09
N THR G 133 42.21 23.18 -24.97
CA THR G 133 42.10 24.50 -24.28
C THR G 133 41.95 24.28 -22.76
N PHE G 134 42.29 25.31 -21.97
CA PHE G 134 42.09 25.22 -20.50
C PHE G 134 40.64 25.63 -20.18
N ASP G 135 39.94 24.81 -19.41
CA ASP G 135 38.50 25.08 -19.12
C ASP G 135 38.36 26.46 -18.48
N GLU G 136 37.36 27.24 -18.91
CA GLU G 136 37.16 28.60 -18.37
C GLU G 136 35.65 28.90 -18.33
N GLY H 64 5.38 62.01 -21.36
CA GLY H 64 4.64 62.60 -20.22
C GLY H 64 5.54 62.78 -19.00
N THR H 65 6.84 62.96 -19.23
CA THR H 65 7.80 63.14 -18.11
C THR H 65 8.33 64.58 -18.12
N LYS H 66 9.08 64.96 -17.07
CA LYS H 66 9.70 66.31 -17.03
C LYS H 66 11.09 66.19 -17.65
N PRO H 67 11.60 67.23 -18.35
CA PRO H 67 12.90 67.16 -19.03
C PRO H 67 13.95 66.39 -18.24
N ASN H 68 14.71 65.50 -18.92
CA ASN H 68 15.76 64.69 -18.25
C ASN H 68 15.27 64.28 -16.86
N SER H 69 14.15 63.55 -16.79
CA SER H 69 13.63 63.06 -15.50
C SER H 69 12.64 61.92 -15.76
N LEU H 70 12.21 61.23 -14.70
CA LEU H 70 11.26 60.10 -14.85
C LEU H 70 9.91 60.51 -14.24
N VAL H 71 9.88 61.64 -13.54
CA VAL H 71 8.62 62.07 -12.85
C VAL H 71 7.54 62.36 -13.89
N CYS H 72 6.31 61.88 -13.65
CA CYS H 72 5.18 62.18 -14.57
C CYS H 72 4.88 63.68 -14.53
N ALA H 73 4.37 64.24 -15.63
CA ALA H 73 4.13 65.70 -15.71
C ALA H 73 2.84 66.09 -14.99
N ASN H 74 1.71 65.48 -15.36
CA ASN H 74 0.40 65.85 -14.76
C ASN H 74 0.47 65.74 -13.23
N CYS H 75 0.36 64.52 -12.69
CA CYS H 75 0.34 64.33 -11.21
C CYS H 75 1.53 65.04 -10.57
N GLU H 76 2.66 65.16 -11.28
CA GLU H 76 3.88 65.79 -10.72
C GLU H 76 4.51 64.88 -9.65
N GLY H 77 4.18 63.58 -9.68
CA GLY H 77 4.78 62.62 -8.74
C GLY H 77 3.88 62.33 -7.56
N GLU H 78 2.57 62.56 -7.71
CA GLU H 78 1.61 62.33 -6.60
C GLU H 78 0.81 61.06 -6.88
N GLY H 79 0.31 60.90 -8.10
CA GLY H 79 -0.49 59.71 -8.46
C GLY H 79 -1.96 60.03 -8.58
N CYS H 80 -2.35 61.27 -8.31
CA CYS H 80 -3.79 61.64 -8.33
C CYS H 80 -3.96 63.11 -8.73
N VAL H 81 -5.13 63.46 -9.28
CA VAL H 81 -5.41 64.86 -9.71
C VAL H 81 -6.62 65.39 -8.93
N ALA H 82 -7.36 66.35 -9.50
CA ALA H 82 -8.53 66.92 -8.78
C ALA H 82 -9.80 66.77 -9.62
N CYS H 83 -10.94 66.52 -8.96
CA CYS H 83 -12.22 66.33 -9.68
C CYS H 83 -12.57 67.61 -10.45
N SER H 84 -12.64 67.51 -11.78
CA SER H 84 -12.96 68.69 -12.62
C SER H 84 -14.45 69.03 -12.51
N GLN H 85 -15.32 68.02 -12.50
CA GLN H 85 -16.79 68.24 -12.43
C GLN H 85 -17.10 69.24 -11.31
N CYS H 86 -16.86 68.86 -10.05
CA CYS H 86 -17.19 69.73 -8.89
C CYS H 86 -16.12 70.81 -8.73
N LYS H 87 -15.06 70.75 -9.54
CA LYS H 87 -13.94 71.72 -9.43
C LYS H 87 -13.21 71.50 -8.09
N GLY H 88 -13.95 71.29 -7.00
CA GLY H 88 -13.33 71.05 -5.68
C GLY H 88 -14.34 71.17 -4.55
N GLY H 89 -15.58 71.56 -4.87
CA GLY H 89 -16.62 71.73 -3.84
C GLY H 89 -17.34 70.44 -3.54
N GLY H 90 -17.04 69.37 -4.28
CA GLY H 90 -17.70 68.07 -4.08
C GLY H 90 -19.21 68.19 -4.13
N VAL H 91 -19.74 69.08 -4.99
CA VAL H 91 -21.21 69.30 -5.09
C VAL H 91 -21.60 69.44 -6.57
N ASN H 92 -22.71 68.83 -6.97
CA ASN H 92 -23.20 68.96 -8.38
C ASN H 92 -23.54 70.43 -8.61
N LEU H 93 -23.04 71.02 -9.70
CA LEU H 93 -23.27 72.47 -9.96
C LEU H 93 -24.36 72.65 -11.02
N ILE H 94 -24.40 71.77 -12.03
CA ILE H 94 -25.42 71.86 -13.10
C ILE H 94 -25.98 70.46 -13.37
N ASP H 95 -27.31 70.34 -13.51
CA ASP H 95 -27.95 69.02 -13.78
C ASP H 95 -27.09 68.24 -14.79
N HIS H 96 -26.86 66.95 -14.53
CA HIS H 96 -25.94 66.16 -15.41
C HIS H 96 -26.73 65.08 -16.16
N PHE H 97 -26.19 63.85 -16.18
CA PHE H 97 -26.85 62.72 -16.92
C PHE H 97 -28.34 62.97 -17.03
N ASN H 98 -28.83 63.19 -18.26
CA ASN H 98 -30.29 63.39 -18.47
C ASN H 98 -30.86 64.25 -17.34
N GLY H 99 -31.50 63.65 -16.35
CA GLY H 99 -32.01 64.39 -15.19
C GLY H 99 -31.47 63.85 -13.88
N GLN H 100 -31.39 62.52 -13.75
CA GLN H 100 -30.94 61.87 -12.49
C GLN H 100 -30.04 62.79 -11.67
N PHE H 101 -28.95 63.30 -12.27
CA PHE H 101 -28.00 64.13 -11.50
C PHE H 101 -28.60 65.52 -11.27
N LYS H 102 -29.07 65.79 -10.06
CA LYS H 102 -29.73 67.08 -9.75
C LYS H 102 -28.71 68.05 -9.13
N ALA H 103 -28.58 69.24 -9.73
CA ALA H 103 -27.67 70.26 -9.12
C ALA H 103 -28.10 70.48 -7.67
N GLY H 104 -27.16 70.32 -6.73
CA GLY H 104 -27.46 70.51 -5.30
C GLY H 104 -27.20 69.24 -4.51
N ALA H 105 -26.54 68.25 -5.11
CA ALA H 105 -26.25 66.98 -4.43
C ALA H 105 -24.75 66.69 -4.46
N LEU H 106 -24.36 65.42 -4.27
CA LEU H 106 -22.92 65.04 -4.25
C LEU H 106 -22.43 64.88 -5.69
N CYS H 107 -21.21 65.34 -5.97
CA CYS H 107 -20.63 65.18 -7.34
C CYS H 107 -20.82 63.73 -7.77
N TRP H 108 -21.45 63.51 -8.92
CA TRP H 108 -21.75 62.13 -9.39
C TRP H 108 -20.45 61.33 -9.55
N LEU H 109 -19.37 61.96 -9.99
CA LEU H 109 -18.09 61.25 -10.24
C LEU H 109 -17.37 60.93 -8.93
N CYS H 110 -16.66 61.90 -8.35
CA CYS H 110 -15.85 61.64 -7.12
C CYS H 110 -16.73 61.23 -5.94
N ARG H 111 -18.02 61.59 -5.95
CA ARG H 111 -18.96 61.21 -4.86
C ARG H 111 -18.44 61.72 -3.52
N GLY H 112 -17.86 62.92 -3.48
CA GLY H 112 -17.38 63.51 -2.21
C GLY H 112 -15.99 63.03 -1.86
N LYS H 113 -14.97 63.55 -2.53
CA LYS H 113 -13.56 63.17 -2.26
C LYS H 113 -12.64 64.17 -2.96
N LYS H 114 -13.12 64.75 -4.07
CA LYS H 114 -12.34 65.79 -4.79
C LYS H 114 -10.94 65.26 -5.14
N GLU H 115 -10.86 64.11 -5.80
CA GLU H 115 -9.55 63.54 -6.22
C GLU H 115 -9.81 62.33 -7.13
N VAL H 116 -8.98 62.15 -8.15
CA VAL H 116 -9.14 60.99 -9.08
C VAL H 116 -7.73 60.47 -9.44
N LEU H 117 -7.62 59.23 -9.93
CA LEU H 117 -6.30 58.64 -10.23
C LEU H 117 -5.74 59.23 -11.53
N CYS H 118 -4.44 59.49 -11.60
CA CYS H 118 -3.82 59.99 -12.86
C CYS H 118 -3.89 58.87 -13.91
N GLY H 119 -4.36 59.19 -15.12
CA GLY H 119 -4.51 58.17 -16.18
C GLY H 119 -3.19 57.80 -16.82
N ASP H 120 -2.28 58.76 -16.98
CA ASP H 120 -0.93 58.49 -17.56
C ASP H 120 -0.25 57.41 -16.72
N CYS H 121 0.26 57.76 -15.55
CA CYS H 121 0.83 56.74 -14.62
C CYS H 121 -0.26 56.35 -13.63
N ASN H 122 -0.64 55.08 -13.57
CA ASN H 122 -1.77 54.68 -12.69
C ASN H 122 -1.30 54.66 -11.23
N GLY H 123 -0.83 55.80 -10.71
CA GLY H 123 -0.42 55.88 -9.29
C GLY H 123 1.04 55.52 -9.09
N ALA H 124 1.80 55.35 -10.18
CA ALA H 124 3.22 54.95 -10.08
C ALA H 124 4.09 56.17 -9.76
N GLY H 125 3.68 57.36 -10.21
CA GLY H 125 4.45 58.60 -9.98
C GLY H 125 5.52 58.81 -11.04
N PHE H 126 5.96 57.74 -11.70
CA PHE H 126 6.98 57.84 -12.78
C PHE H 126 6.50 57.05 -14.00
N ILE H 127 7.17 57.23 -15.14
CA ILE H 127 6.73 56.57 -16.40
C ILE H 127 7.81 55.59 -16.89
N GLY H 128 7.40 54.44 -17.42
CA GLY H 128 8.37 53.43 -17.90
C GLY H 128 8.26 52.14 -17.09
N GLY H 129 7.17 51.96 -16.35
CA GLY H 129 7.03 50.78 -15.47
C GLY H 129 5.91 49.85 -15.90
N PHE H 130 5.83 48.66 -15.30
CA PHE H 130 4.81 47.65 -15.70
C PHE H 130 3.39 48.16 -15.43
N LEU H 131 3.23 49.07 -14.47
CA LEU H 131 1.88 49.59 -14.11
C LEU H 131 1.41 50.60 -15.16
N SER H 132 2.33 51.13 -15.97
CA SER H 132 1.96 52.18 -16.95
C SER H 132 2.74 51.99 -18.25
N THR H 133 2.58 50.83 -18.90
CA THR H 133 3.32 50.55 -20.16
C THR H 133 2.75 49.30 -20.84
N PHE H 134 2.99 49.14 -22.14
CA PHE H 134 2.58 47.89 -22.83
C PHE H 134 3.63 46.82 -22.52
N ASP H 135 3.21 45.58 -22.27
CA ASP H 135 4.19 44.54 -21.84
C ASP H 135 5.40 44.53 -22.79
N GLU H 136 5.20 44.16 -24.06
CA GLU H 136 6.31 44.10 -25.04
C GLU H 136 5.73 43.74 -26.41
N LEU I 22 39.00 28.03 32.73
CA LEU I 22 39.57 29.37 33.08
C LEU I 22 38.55 30.46 32.72
N THR I 23 37.78 30.25 31.65
CA THR I 23 36.79 31.27 31.21
C THR I 23 35.42 30.97 31.83
N TYR I 24 35.31 29.86 32.56
CA TYR I 24 33.99 29.47 33.15
C TYR I 24 33.42 30.69 33.86
N TYR I 25 34.27 31.48 34.51
CA TYR I 25 33.77 32.76 35.09
C TYR I 25 34.44 33.92 34.35
N THR I 26 33.80 34.42 33.29
CA THR I 26 34.39 35.51 32.48
C THR I 26 33.61 36.80 32.72
N PRO I 27 33.89 37.55 33.80
CA PRO I 27 33.11 38.76 34.14
C PRO I 27 33.17 39.83 33.04
N ASP I 28 33.90 39.56 31.95
CA ASP I 28 34.07 40.59 30.90
C ASP I 28 33.53 40.07 29.57
N TYR I 29 33.31 38.76 29.45
CA TYR I 29 32.83 38.16 28.18
C TYR I 29 31.59 38.89 27.67
N GLU I 30 31.53 39.16 26.36
CA GLU I 30 30.32 39.78 25.76
C GLU I 30 29.60 38.71 24.95
N THR I 31 28.27 38.65 25.03
CA THR I 31 27.51 37.56 24.35
C THR I 31 27.37 37.86 22.84
N LYS I 32 27.07 36.83 22.04
CA LYS I 32 26.88 37.00 20.58
C LYS I 32 25.38 36.98 20.26
N ASP I 33 25.01 36.98 18.97
CA ASP I 33 23.58 37.06 18.59
C ASP I 33 23.02 35.67 18.30
N THR I 34 23.84 34.63 18.44
CA THR I 34 23.40 33.24 18.16
C THR I 34 23.66 32.40 19.41
N ASP I 35 23.52 33.00 20.59
CA ASP I 35 23.77 32.32 21.85
C ASP I 35 22.47 32.20 22.64
N ILE I 36 22.34 31.10 23.37
CA ILE I 36 21.19 30.88 24.24
C ILE I 36 21.61 31.17 25.68
N LEU I 37 20.85 32.03 26.35
CA LEU I 37 21.18 32.48 27.70
C LEU I 37 20.15 31.96 28.69
N ALA I 38 20.61 31.77 29.93
CA ALA I 38 19.76 31.26 31.00
C ALA I 38 20.10 31.99 32.29
N ALA I 39 19.22 31.86 33.29
CA ALA I 39 19.40 32.51 34.57
C ALA I 39 18.72 31.70 35.65
N PHE I 40 19.49 31.27 36.65
CA PHE I 40 18.95 30.52 37.79
C PHE I 40 19.35 31.21 39.08
N ARG I 41 18.55 30.98 40.13
CA ARG I 41 18.87 31.43 41.47
C ARG I 41 19.43 30.27 42.27
N MET I 42 20.38 30.58 43.15
CA MET I 42 21.16 29.56 43.85
C MET I 42 21.16 29.81 45.35
N THR I 43 21.29 28.72 46.10
CA THR I 43 21.36 28.76 47.56
C THR I 43 22.57 27.94 47.99
N PRO I 44 23.77 28.53 47.94
CA PRO I 44 24.98 27.78 48.28
C PRO I 44 25.01 27.38 49.75
N GLN I 45 25.71 26.28 50.02
CA GLN I 45 25.91 25.83 51.39
C GLN I 45 26.82 26.81 52.13
N PRO I 46 26.78 26.85 53.49
CA PRO I 46 27.59 27.78 54.27
C PRO I 46 29.10 27.52 54.12
N GLY I 47 29.81 28.44 53.44
CA GLY I 47 31.27 28.29 53.28
C GLY I 47 31.71 28.37 51.82
N VAL I 48 30.81 28.08 50.89
CA VAL I 48 31.18 28.05 49.44
C VAL I 48 31.09 29.48 48.87
N PRO I 49 32.19 30.08 48.38
CA PRO I 49 32.11 31.39 47.73
C PRO I 49 31.16 31.37 46.53
N PRO I 50 30.35 32.43 46.31
CA PRO I 50 29.34 32.43 45.23
C PRO I 50 29.95 32.49 43.82
N GLU I 51 31.10 33.16 43.67
CA GLU I 51 31.79 33.28 42.36
C GLU I 51 32.19 31.89 41.85
N GLU I 52 32.87 31.10 42.69
CA GLU I 52 33.28 29.74 42.29
C GLU I 52 32.02 28.87 42.12
N ALA I 53 30.96 29.19 42.86
CA ALA I 53 29.68 28.44 42.73
C ALA I 53 29.12 28.65 41.32
N GLY I 54 29.13 29.88 40.82
CA GLY I 54 28.65 30.15 39.44
C GLY I 54 29.35 29.27 38.42
N ALA I 55 30.68 29.20 38.47
CA ALA I 55 31.46 28.43 37.48
C ALA I 55 31.11 26.94 37.54
N ALA I 56 30.79 26.42 38.72
CA ALA I 56 30.50 24.97 38.87
C ALA I 56 29.18 24.62 38.17
N VAL I 57 28.22 25.54 38.19
CA VAL I 57 26.90 25.31 37.51
C VAL I 57 27.14 25.24 36.01
N ALA I 58 28.01 26.10 35.48
CA ALA I 58 28.26 26.14 34.01
C ALA I 58 28.97 24.87 33.55
N ALA I 59 29.64 24.16 34.47
CA ALA I 59 30.43 22.96 34.08
C ALA I 59 29.57 21.69 34.21
N GLU I 60 28.80 21.60 35.29
CA GLU I 60 27.92 20.42 35.50
C GLU I 60 26.80 20.42 34.45
N SER I 61 26.50 21.59 33.88
CA SER I 61 25.46 21.70 32.81
C SER I 61 26.11 21.50 31.43
N SER I 62 27.40 21.16 31.38
CA SER I 62 28.12 21.01 30.09
C SER I 62 29.20 19.92 30.18
N THR I 63 30.48 20.30 30.09
CA THR I 63 31.59 19.31 30.07
C THR I 63 31.69 18.57 31.41
N GLY I 64 31.95 19.29 32.50
CA GLY I 64 32.10 18.65 33.83
C GLY I 64 33.53 18.80 34.35
N THR I 65 34.35 19.60 33.67
CA THR I 65 35.77 19.79 34.06
C THR I 65 36.17 21.25 33.94
N TRP I 66 37.23 21.67 34.65
CA TRP I 66 37.73 23.05 34.57
C TRP I 66 39.15 23.02 33.98
N THR I 67 39.73 21.83 33.84
CA THR I 67 41.11 21.68 33.31
C THR I 67 41.06 21.43 31.79
N THR I 68 42.21 21.14 31.17
CA THR I 68 42.24 20.84 29.71
C THR I 68 42.99 19.52 29.49
N VAL I 69 42.78 18.54 30.37
CA VAL I 69 43.49 17.23 30.28
C VAL I 69 42.84 16.36 29.19
N TRP I 70 41.51 16.35 29.11
CA TRP I 70 40.80 15.46 28.15
C TRP I 70 40.62 16.16 26.79
N THR I 71 40.91 17.46 26.72
CA THR I 71 40.79 18.22 25.45
C THR I 71 41.80 17.67 24.43
N SER I 76 39.93 21.33 18.17
CA SER I 76 39.97 21.96 19.49
C SER I 76 38.58 22.00 20.12
N LEU I 77 38.46 21.47 21.33
CA LEU I 77 37.18 21.50 22.04
C LEU I 77 36.76 22.94 22.31
N ASP I 78 37.53 23.65 23.15
CA ASP I 78 37.39 25.07 23.46
C ASP I 78 35.98 25.62 23.36
N ARG I 79 35.47 25.79 22.13
CA ARG I 79 34.23 26.52 21.92
C ARG I 79 33.00 25.71 22.33
N TYR I 80 33.15 24.43 22.67
CA TYR I 80 31.95 23.60 22.96
C TYR I 80 31.58 23.64 24.46
N LYS I 81 31.85 24.75 25.16
CA LYS I 81 31.57 24.81 26.62
C LYS I 81 30.82 26.09 26.98
N GLY I 82 30.04 26.06 28.06
CA GLY I 82 29.29 27.26 28.51
C GLY I 82 30.08 28.06 29.52
N ARG I 83 29.72 29.32 29.72
CA ARG I 83 30.53 30.19 30.62
C ARG I 83 29.63 31.15 31.40
N CYS I 84 29.95 31.39 32.69
CA CYS I 84 29.21 32.38 33.50
C CYS I 84 29.85 33.75 33.28
N TYR I 85 29.05 34.80 33.11
CA TYR I 85 29.61 36.13 32.78
C TYR I 85 28.99 37.22 33.68
N ASP I 86 28.24 36.83 34.72
CA ASP I 86 27.66 37.83 35.65
C ASP I 86 26.99 37.14 36.85
N ILE I 87 27.19 37.69 38.06
CA ILE I 87 26.51 37.17 39.29
C ILE I 87 26.05 38.38 40.10
N GLU I 88 24.76 38.46 40.46
CA GLU I 88 24.23 39.65 41.17
C GLU I 88 23.52 39.23 42.47
N PRO I 89 23.58 40.01 43.57
CA PRO I 89 22.99 39.59 44.84
C PRO I 89 21.52 39.98 44.96
N VAL I 90 20.67 39.06 45.40
CA VAL I 90 19.25 39.34 45.53
C VAL I 90 19.02 40.14 46.80
N ALA I 91 18.31 41.26 46.67
CA ALA I 91 18.02 42.12 47.81
C ALA I 91 16.94 41.49 48.69
N GLY I 92 17.10 41.64 50.00
CA GLY I 92 16.16 41.14 50.97
C GLY I 92 16.54 39.82 51.60
N GLU I 93 17.43 39.06 50.97
CA GLU I 93 17.91 37.79 51.50
C GLU I 93 19.42 37.76 51.41
N GLU I 94 20.07 37.29 52.48
CA GLU I 94 21.53 37.27 52.51
C GLU I 94 22.10 36.15 51.64
N ASN I 95 21.42 35.00 51.61
CA ASN I 95 21.89 33.84 50.85
C ASN I 95 21.02 33.68 49.61
N GLN I 96 21.35 34.43 48.56
CA GLN I 96 20.63 34.37 47.30
C GLN I 96 21.44 35.11 46.24
N TYR I 97 21.57 34.51 45.06
CA TYR I 97 22.31 35.11 43.96
C TYR I 97 21.67 34.71 42.64
N ILE I 98 21.98 35.48 41.60
CA ILE I 98 21.50 35.22 40.24
C ILE I 98 22.72 35.03 39.35
N ALA I 99 22.74 33.93 38.60
CA ALA I 99 23.84 33.60 37.71
C ALA I 99 23.38 33.61 36.27
N TYR I 100 24.29 34.00 35.38
CA TYR I 100 24.01 34.11 33.95
C TYR I 100 24.98 33.20 33.20
N VAL I 101 24.42 32.36 32.32
CA VAL I 101 25.21 31.39 31.56
C VAL I 101 24.86 31.53 30.08
N ALA I 102 25.88 31.39 29.23
CA ALA I 102 25.71 31.48 27.78
C ALA I 102 26.14 30.16 27.14
N TYR I 103 25.38 29.72 26.13
CA TYR I 103 25.64 28.45 25.47
C TYR I 103 25.84 28.65 23.98
N PRO I 104 26.74 27.90 23.35
CA PRO I 104 26.92 27.98 21.90
C PRO I 104 25.73 27.41 21.16
N LEU I 105 25.60 27.82 19.89
CA LEU I 105 24.47 27.42 19.07
C LEU I 105 24.59 25.98 18.57
N ASP I 106 25.81 25.51 18.32
CA ASP I 106 26.02 24.20 17.70
C ASP I 106 25.81 23.03 18.67
N LEU I 107 25.28 23.28 19.86
CA LEU I 107 25.06 22.23 20.84
C LEU I 107 23.65 21.66 20.81
N PHE I 108 22.79 22.13 19.92
CA PHE I 108 21.38 21.75 19.91
C PHE I 108 20.96 21.25 18.54
N GLU I 109 19.99 20.35 18.53
CA GLU I 109 19.42 19.81 17.31
C GLU I 109 18.23 20.66 16.87
N GLU I 110 18.17 20.96 15.58
CA GLU I 110 17.13 21.84 15.05
C GLU I 110 15.77 21.17 15.14
N GLY I 111 14.77 21.94 15.58
CA GLY I 111 13.39 21.48 15.58
C GLY I 111 13.01 20.54 16.70
N SER I 112 13.88 20.35 17.70
CA SER I 112 13.62 19.43 18.80
C SER I 112 13.54 20.21 20.11
N VAL I 113 12.44 20.02 20.84
CA VAL I 113 12.31 20.62 22.16
C VAL I 113 12.80 19.70 23.27
N THR I 114 12.76 18.38 23.06
CA THR I 114 13.27 17.44 24.05
C THR I 114 14.77 17.61 24.25
N ASN I 115 15.50 17.83 23.16
CA ASN I 115 16.95 17.92 23.24
C ASN I 115 17.39 19.13 24.07
N MET I 116 16.70 20.26 23.92
CA MET I 116 17.06 21.45 24.69
C MET I 116 16.92 21.21 26.18
N PHE I 117 15.79 20.63 26.60
CA PHE I 117 15.60 20.34 28.02
C PHE I 117 16.56 19.28 28.53
N THR I 118 16.89 18.29 27.69
CA THR I 118 17.84 17.27 28.10
C THR I 118 19.23 17.86 28.30
N SER I 119 19.65 18.76 27.40
CA SER I 119 21.00 19.30 27.45
C SER I 119 21.14 20.34 28.56
N ILE I 120 20.20 21.28 28.66
CA ILE I 120 20.36 22.39 29.59
C ILE I 120 20.32 21.88 31.03
N VAL I 121 19.30 21.09 31.38
CA VAL I 121 19.15 20.54 32.73
C VAL I 121 18.92 19.04 32.61
N GLY I 122 19.99 18.26 32.67
CA GLY I 122 19.83 16.84 32.84
C GLY I 122 20.47 16.33 34.13
N ASN I 123 21.63 16.89 34.49
CA ASN I 123 22.25 16.68 35.80
C ASN I 123 22.70 18.05 36.32
N VAL I 124 21.77 18.82 36.88
CA VAL I 124 22.12 20.05 37.57
C VAL I 124 21.50 20.15 38.96
N PHE I 125 20.39 19.47 39.23
CA PHE I 125 19.72 19.56 40.51
C PHE I 125 20.18 18.50 41.49
N GLY I 126 21.02 17.58 41.03
CA GLY I 126 21.59 16.55 41.93
C GLY I 126 22.88 17.05 42.55
N PHE I 127 23.36 18.21 42.12
CA PHE I 127 24.59 18.80 42.71
C PHE I 127 24.39 18.92 44.22
N LYS I 128 25.41 18.57 45.00
CA LYS I 128 25.24 18.55 46.49
C LYS I 128 25.92 19.78 47.09
N ALA I 129 26.72 20.50 46.30
CA ALA I 129 27.34 21.71 46.81
C ALA I 129 26.36 22.86 47.00
N LEU I 130 25.10 22.67 46.62
CA LEU I 130 24.04 23.66 46.76
C LEU I 130 22.95 23.10 47.67
N ARG I 131 21.89 23.89 47.84
CA ARG I 131 20.77 23.48 48.67
C ARG I 131 19.46 23.57 47.90
N ALA I 132 19.37 24.53 46.98
CA ALA I 132 18.16 24.73 46.19
C ALA I 132 18.51 25.48 44.92
N LEU I 133 17.86 25.10 43.82
CA LEU I 133 18.08 25.72 42.53
C LEU I 133 16.74 25.89 41.82
N ARG I 134 16.66 26.93 40.98
CA ARG I 134 15.42 27.23 40.27
C ARG I 134 15.75 27.99 38.99
N LEU I 135 15.29 27.49 37.86
CA LEU I 135 15.44 28.17 36.58
C LEU I 135 14.32 29.19 36.42
N GLU I 136 14.67 30.37 35.89
CA GLU I 136 13.74 31.49 35.84
C GLU I 136 13.39 31.92 34.43
N ASP I 137 14.37 32.07 33.55
CA ASP I 137 14.11 32.63 32.23
C ASP I 137 15.09 32.10 31.21
N LEU I 138 14.73 32.25 29.94
CA LEU I 138 15.57 31.84 28.81
C LEU I 138 15.43 32.86 27.69
N ARG I 139 16.44 32.90 26.83
CA ARG I 139 16.42 33.74 25.64
C ARG I 139 16.74 32.89 24.42
N ILE I 140 15.90 32.98 23.40
CA ILE I 140 16.03 32.18 22.18
C ILE I 140 16.36 33.13 21.03
N PRO I 141 17.51 32.99 20.39
CA PRO I 141 17.86 33.89 19.29
C PRO I 141 17.01 33.62 18.06
N PRO I 142 16.83 34.62 17.20
CA PRO I 142 16.04 34.39 15.97
C PRO I 142 16.63 33.34 15.04
N ALA I 143 17.93 33.09 15.11
CA ALA I 143 18.55 32.06 14.28
C ALA I 143 18.13 30.65 14.69
N TYR I 144 17.55 30.48 15.88
CA TYR I 144 17.09 29.19 16.34
C TYR I 144 15.58 29.02 16.28
N SER I 145 14.81 30.11 16.31
CA SER I 145 13.37 30.05 16.26
C SER I 145 12.83 29.79 14.87
N LYS I 146 13.64 29.94 13.83
CA LYS I 146 13.17 29.79 12.46
C LYS I 146 13.08 28.34 12.01
N THR I 147 13.58 27.39 12.80
CA THR I 147 13.52 25.98 12.46
C THR I 147 12.29 25.29 13.04
N PHE I 148 11.42 26.02 13.74
CA PHE I 148 10.20 25.48 14.31
C PHE I 148 9.01 25.94 13.50
N GLN I 149 7.88 25.25 13.69
CA GLN I 149 6.66 25.61 12.97
C GLN I 149 5.82 26.60 13.76
N GLY I 150 5.59 26.34 15.04
CA GLY I 150 4.82 27.23 15.87
C GLY I 150 3.36 26.84 15.94
N PRO I 151 2.50 27.77 16.33
CA PRO I 151 1.08 27.48 16.40
C PRO I 151 0.54 27.14 15.02
N PRO I 152 -0.46 26.24 14.94
CA PRO I 152 -1.01 25.89 13.63
C PRO I 152 -1.65 27.07 12.90
N HIS I 153 -2.54 27.79 13.56
CA HIS I 153 -3.25 28.91 12.93
C HIS I 153 -2.95 30.25 13.57
N GLY I 154 -3.13 30.37 14.88
CA GLY I 154 -2.85 31.63 15.56
C GLY I 154 -4.10 32.31 16.10
N ILE I 155 -4.06 33.63 16.18
CA ILE I 155 -5.17 34.42 16.72
C ILE I 155 -6.04 35.02 15.63
N GLN I 156 -5.42 35.75 14.69
CA GLN I 156 -6.18 36.42 13.65
C GLN I 156 -6.88 35.44 12.73
N VAL I 157 -6.22 34.32 12.40
CA VAL I 157 -6.79 33.36 11.46
C VAL I 157 -8.01 32.68 12.08
N GLU I 158 -7.95 32.36 13.36
CA GLU I 158 -9.05 31.65 14.01
C GLU I 158 -10.30 32.52 14.07
N ARG I 159 -10.14 33.81 14.32
CA ARG I 159 -11.28 34.71 14.35
C ARG I 159 -11.98 34.81 12.99
N ASP I 160 -11.23 34.70 11.90
CA ASP I 160 -11.86 34.64 10.58
C ASP I 160 -12.62 33.33 10.38
N LYS I 161 -12.09 32.22 10.91
CA LYS I 161 -12.78 30.95 10.79
C LYS I 161 -14.09 30.94 11.59
N LEU I 162 -14.09 31.55 12.78
CA LEU I 162 -15.26 31.54 13.63
C LEU I 162 -16.21 32.70 13.39
N ASN I 163 -15.74 33.77 12.72
CA ASN I 163 -16.57 34.94 12.39
C ASN I 163 -17.15 35.58 13.66
N LYS I 164 -16.26 35.91 14.59
CA LYS I 164 -16.65 36.56 15.84
C LYS I 164 -15.66 37.68 16.11
N TYR I 165 -16.16 38.90 16.34
CA TYR I 165 -15.23 40.05 16.50
C TYR I 165 -15.77 41.09 17.49
N GLY I 166 -14.91 41.67 18.34
CA GLY I 166 -15.34 42.78 19.22
C GLY I 166 -15.55 42.40 20.67
N ARG I 167 -15.63 41.11 21.00
CA ARG I 167 -15.95 40.70 22.39
C ARG I 167 -15.26 39.39 22.72
N PRO I 168 -14.97 39.08 24.00
CA PRO I 168 -14.40 37.79 24.39
C PRO I 168 -15.39 36.66 24.17
N LEU I 169 -14.83 35.45 24.07
CA LEU I 169 -15.63 34.25 23.87
C LEU I 169 -16.09 33.68 25.22
N LEU I 170 -17.06 32.77 25.16
CA LEU I 170 -17.64 32.16 26.34
C LEU I 170 -17.60 30.65 26.19
N GLY I 171 -17.58 29.96 27.34
CA GLY I 171 -17.58 28.50 27.34
C GLY I 171 -18.04 27.97 28.68
N CYS I 172 -18.22 26.65 28.71
CA CYS I 172 -18.65 25.97 29.93
C CYS I 172 -18.09 24.55 29.92
N THR I 173 -18.01 23.96 31.10
CA THR I 173 -17.45 22.62 31.27
C THR I 173 -18.38 21.79 32.15
N ILE I 174 -18.53 20.50 31.80
CA ILE I 174 -19.37 19.57 32.62
C ILE I 174 -18.40 18.73 33.45
N LYS I 175 -18.31 18.97 34.76
CA LYS I 175 -17.24 18.27 35.55
C LYS I 175 -17.80 17.21 36.50
N PRO I 176 -18.49 17.54 37.62
CA PRO I 176 -18.89 16.52 38.60
C PRO I 176 -19.57 15.32 37.91
N LYS I 177 -20.85 15.45 37.56
CA LYS I 177 -21.60 14.42 36.86
C LYS I 177 -20.96 13.05 37.07
N LEU I 178 -20.33 12.52 36.02
CA LEU I 178 -19.59 11.26 36.03
C LEU I 178 -20.54 10.07 36.17
N GLY I 179 -20.33 9.04 35.34
CA GLY I 179 -21.20 7.88 35.33
C GLY I 179 -22.44 8.01 34.48
N LEU I 180 -22.67 9.18 33.87
CA LEU I 180 -23.82 9.37 33.03
C LEU I 180 -23.69 8.59 31.72
N SER I 181 -24.82 8.23 31.15
CA SER I 181 -24.83 7.56 29.86
C SER I 181 -24.53 8.55 28.74
N ALA I 182 -24.25 8.01 27.55
CA ALA I 182 -23.90 8.86 26.42
C ALA I 182 -25.05 9.77 26.01
N LYS I 183 -26.27 9.24 26.00
CA LYS I 183 -27.43 10.03 25.62
C LYS I 183 -27.65 11.19 26.59
N ASN I 184 -27.57 10.92 27.89
CA ASN I 184 -27.71 11.98 28.88
C ASN I 184 -26.56 12.98 28.79
N TYR I 185 -25.36 12.51 28.46
CA TYR I 185 -24.23 13.40 28.28
C TYR I 185 -24.46 14.34 27.11
N GLY I 186 -24.99 13.83 25.99
CA GLY I 186 -25.27 14.68 24.86
C GLY I 186 -26.43 15.63 25.08
N ARG I 187 -27.42 15.22 25.87
CA ARG I 187 -28.56 16.08 26.14
C ARG I 187 -28.14 17.37 26.85
N ALA I 188 -27.25 17.26 27.85
CA ALA I 188 -26.78 18.44 28.56
C ALA I 188 -25.99 19.36 27.64
N VAL I 189 -25.16 18.79 26.76
CA VAL I 189 -24.40 19.61 25.82
C VAL I 189 -25.34 20.37 24.89
N TYR I 190 -26.36 19.67 24.37
CA TYR I 190 -27.32 20.32 23.49
C TYR I 190 -28.07 21.43 24.22
N GLU I 191 -28.48 21.19 25.46
CA GLU I 191 -29.20 22.22 26.21
C GLU I 191 -28.31 23.43 26.48
N CYS I 192 -27.04 23.20 26.81
CA CYS I 192 -26.15 24.32 27.13
C CYS I 192 -25.80 25.12 25.88
N LEU I 193 -25.58 24.45 24.75
CA LEU I 193 -25.13 25.13 23.55
C LEU I 193 -26.20 26.06 22.95
N ARG I 194 -27.48 25.74 23.14
CA ARG I 194 -28.55 26.54 22.57
C ARG I 194 -28.85 27.80 23.38
N GLY I 195 -28.34 27.91 24.61
CA GLY I 195 -28.61 29.08 25.41
C GLY I 195 -27.88 30.34 24.97
N GLY I 196 -26.76 30.19 24.29
CA GLY I 196 -26.02 31.35 23.83
C GLY I 196 -24.52 31.23 23.97
N LEU I 197 -24.06 30.12 24.55
CA LEU I 197 -22.63 29.89 24.72
C LEU I 197 -21.99 29.52 23.39
N ASP I 198 -20.66 29.52 23.37
CA ASP I 198 -19.88 29.23 22.18
C ASP I 198 -19.22 27.86 22.20
N PHE I 199 -18.49 27.54 23.26
CA PHE I 199 -17.74 26.30 23.35
C PHE I 199 -18.29 25.43 24.48
N THR I 200 -17.73 24.23 24.61
CA THR I 200 -18.13 23.31 25.67
C THR I 200 -16.95 22.39 25.89
N ASP I 202 -14.69 19.07 28.05
CA ASP I 202 -14.85 17.75 28.62
C ASP I 202 -13.93 17.57 29.81
N ASP I 203 -14.26 16.64 30.70
CA ASP I 203 -13.47 16.43 31.90
C ASP I 203 -12.09 15.90 31.53
N GLU I 204 -11.08 16.30 32.29
CA GLU I 204 -9.71 15.92 31.95
C GLU I 204 -9.49 14.41 32.07
N ASN I 205 -10.04 13.80 33.11
CA ASN I 205 -9.85 12.37 33.35
C ASN I 205 -10.98 11.53 32.76
N VAL I 206 -11.29 11.75 31.49
CA VAL I 206 -12.29 10.94 30.79
C VAL I 206 -11.76 10.62 29.40
N ASN I 207 -11.23 9.41 29.22
CA ASN I 207 -10.75 8.95 27.93
C ASN I 207 -11.57 7.78 27.39
N SER I 208 -11.61 6.67 28.12
CA SER I 208 -12.40 5.50 27.73
C SER I 208 -12.54 4.61 28.95
N GLN I 209 -13.77 4.43 29.43
CA GLN I 209 -14.03 3.72 30.67
C GLN I 209 -15.21 2.78 30.45
N PRO I 210 -15.35 1.75 31.30
CA PRO I 210 -16.45 0.80 31.10
C PRO I 210 -17.84 1.43 31.10
N PHE I 211 -18.05 2.50 31.87
CA PHE I 211 -19.38 3.12 31.89
C PHE I 211 -19.67 3.95 30.65
N MET I 212 -18.65 4.35 29.90
CA MET I 212 -18.88 5.12 28.68
C MET I 212 -17.63 5.03 27.81
N ARG I 213 -17.78 4.49 26.60
CA ARG I 213 -16.70 4.46 25.64
C ARG I 213 -16.69 5.76 24.83
N TRP I 214 -15.77 5.85 23.86
CA TRP I 214 -15.56 7.12 23.17
C TRP I 214 -16.23 7.19 21.81
N ARG I 215 -16.34 6.06 21.10
CA ARG I 215 -16.83 6.11 19.72
C ARG I 215 -18.31 6.46 19.66
N ASP I 216 -19.05 6.24 20.73
CA ASP I 216 -20.46 6.63 20.78
C ASP I 216 -20.67 8.01 21.38
N ARG I 217 -19.81 8.40 22.33
CA ARG I 217 -19.85 9.77 22.84
C ARG I 217 -19.55 10.76 21.73
N PHE I 218 -18.57 10.45 20.87
CA PHE I 218 -18.29 11.29 19.72
C PHE I 218 -19.51 11.43 18.83
N LEU I 219 -20.19 10.31 18.55
CA LEU I 219 -21.36 10.33 17.68
C LEU I 219 -22.48 11.19 18.26
N PHE I 220 -22.75 11.03 19.56
CA PHE I 220 -23.82 11.80 20.18
C PHE I 220 -23.47 13.29 20.25
N VAL I 221 -22.22 13.63 20.54
CA VAL I 221 -21.83 15.04 20.55
C VAL I 221 -21.97 15.65 19.16
N ALA I 222 -21.54 14.92 18.13
CA ALA I 222 -21.70 15.41 16.75
C ALA I 222 -23.17 15.57 16.38
N GLU I 223 -24.02 14.64 16.81
CA GLU I 223 -25.45 14.76 16.54
C GLU I 223 -26.04 16.00 17.22
N ALA I 224 -25.66 16.26 18.46
CA ALA I 224 -26.16 17.43 19.17
C ALA I 224 -25.68 18.75 18.58
N ILE I 225 -24.43 18.79 18.11
CA ILE I 225 -23.85 20.05 17.62
C ILE I 225 -24.63 20.56 16.41
N PHE I 226 -24.96 19.66 15.46
CA PHE I 226 -25.67 20.09 14.26
C PHE I 226 -27.06 20.60 14.59
N LYS I 227 -27.77 19.92 15.49
CA LYS I 227 -29.11 20.37 15.87
C LYS I 227 -29.04 21.73 16.57
N SER I 228 -28.05 21.94 17.43
CA SER I 228 -27.90 23.23 18.07
C SER I 228 -27.58 24.32 17.05
N GLN I 229 -26.73 24.01 16.06
CA GLN I 229 -26.33 24.99 15.08
C GLN I 229 -27.46 25.37 14.13
N ALA I 230 -28.32 24.42 13.78
CA ALA I 230 -29.34 24.65 12.75
C ALA I 230 -30.40 25.66 13.15
N GLU I 231 -30.50 26.03 14.44
CA GLU I 231 -31.54 26.93 14.91
C GLU I 231 -31.08 28.37 15.04
N THR I 232 -30.02 28.62 15.80
CA THR I 232 -29.57 29.98 16.07
C THR I 232 -28.74 30.58 14.95
N GLY I 233 -28.29 29.77 13.99
CA GLY I 233 -27.50 30.27 12.89
C GLY I 233 -26.14 30.81 13.28
N GLU I 234 -25.44 30.14 14.20
CA GLU I 234 -24.10 30.53 14.61
C GLU I 234 -23.24 29.27 14.72
N ILE I 235 -21.93 29.46 14.55
CA ILE I 235 -21.00 28.34 14.57
C ILE I 235 -20.68 27.98 16.02
N LYS I 236 -20.79 26.70 16.35
CA LYS I 236 -20.53 26.19 17.69
C LYS I 236 -19.44 25.12 17.62
N GLY I 237 -18.98 24.71 18.79
CA GLY I 237 -17.92 23.71 18.86
C GLY I 237 -17.91 23.02 20.20
N HIS I 238 -16.98 22.07 20.34
CA HIS I 238 -16.87 21.27 21.56
C HIS I 238 -15.50 20.60 21.55
N TYR I 239 -14.77 20.73 22.66
CA TYR I 239 -13.44 20.14 22.78
C TYR I 239 -13.56 18.64 23.00
N LEU I 240 -12.93 17.87 22.13
CA LEU I 240 -12.93 16.41 22.23
C LEU I 240 -11.56 15.94 22.69
N ASN I 241 -11.54 15.15 23.77
CA ASN I 241 -10.29 14.66 24.33
C ASN I 241 -9.66 13.61 23.42
N ALA I 242 -8.36 13.74 23.17
CA ALA I 242 -7.64 12.84 22.27
C ALA I 242 -6.45 12.17 22.95
N THR I 243 -6.30 12.32 24.26
CA THR I 243 -5.20 11.67 24.96
C THR I 243 -5.41 10.16 25.00
N ALA I 244 -4.34 9.41 24.75
CA ALA I 244 -4.41 7.95 24.71
C ALA I 244 -3.12 7.39 25.30
N GLY I 245 -3.08 6.06 25.41
CA GLY I 245 -1.93 5.39 25.99
C GLY I 245 -0.81 5.10 25.01
N THR I 246 -1.15 5.09 23.72
CA THR I 246 -0.16 4.84 22.66
C THR I 246 -0.40 5.80 21.52
N CYS I 247 0.65 6.03 20.72
CA CYS I 247 0.54 6.94 19.59
C CYS I 247 -0.32 6.38 18.48
N GLU I 248 -0.39 5.06 18.32
CA GLU I 248 -1.29 4.47 17.34
C GLU I 248 -2.74 4.75 17.69
N GLU I 249 -3.09 4.65 18.97
CA GLU I 249 -4.46 4.92 19.39
C GLU I 249 -4.78 6.41 19.38
N MET I 250 -3.79 7.26 19.67
CA MET I 250 -4.03 8.70 19.68
C MET I 250 -4.40 9.21 18.30
N MET I 251 -3.72 8.73 17.25
CA MET I 251 -4.01 9.17 15.90
C MET I 251 -5.32 8.63 15.35
N LYS I 252 -5.83 7.53 15.93
CA LYS I 252 -7.10 6.99 15.46
C LYS I 252 -8.27 7.87 15.88
N ARG I 253 -8.19 8.49 17.05
CA ARG I 253 -9.27 9.33 17.53
C ARG I 253 -9.27 10.72 16.90
N ALA I 254 -8.19 11.10 16.22
CA ALA I 254 -8.14 12.39 15.54
C ALA I 254 -8.74 12.35 14.15
N GLN I 255 -8.60 11.23 13.44
CA GLN I 255 -9.18 11.13 12.09
C GLN I 255 -10.70 10.99 12.14
N PHE I 256 -11.22 10.32 13.18
CA PHE I 256 -12.67 10.20 13.31
C PHE I 256 -13.33 11.55 13.52
N ALA I 257 -12.70 12.43 14.31
CA ALA I 257 -13.21 13.78 14.48
C ALA I 257 -13.16 14.57 13.19
N ARG I 258 -12.19 14.29 12.32
CA ARG I 258 -12.13 14.95 11.01
C ARG I 258 -13.20 14.42 10.06
N GLU I 259 -13.54 13.13 10.17
CA GLU I 259 -14.59 12.57 9.31
C GLU I 259 -15.94 13.20 9.60
N LEU I 260 -16.25 13.46 10.87
CA LEU I 260 -17.51 14.08 11.25
C LEU I 260 -17.51 15.59 11.05
N GLY I 261 -16.39 16.18 10.68
CA GLY I 261 -16.31 17.62 10.49
C GLY I 261 -16.32 18.43 11.77
N MET I 262 -15.65 17.94 12.83
CA MET I 262 -15.54 18.73 14.05
C MET I 262 -14.37 19.72 13.93
N PRO I 263 -14.47 20.89 14.57
CA PRO I 263 -13.46 21.93 14.36
C PRO I 263 -12.33 21.99 15.37
N ILE I 264 -12.37 21.23 16.47
CA ILE I 264 -11.40 21.42 17.55
C ILE I 264 -11.21 20.12 18.30
N VAL I 265 -10.01 19.93 18.86
CA VAL I 265 -9.66 18.80 19.70
C VAL I 265 -8.91 19.31 20.92
N MET I 266 -8.48 18.39 21.79
CA MET I 266 -7.86 18.76 23.05
C MET I 266 -6.82 17.71 23.43
N HIS I 267 -5.74 18.17 24.06
CA HIS I 267 -4.64 17.29 24.46
C HIS I 267 -3.98 17.83 25.73
N ASP I 268 -3.39 16.92 26.50
CA ASP I 268 -2.57 17.27 27.65
C ASP I 268 -1.11 17.07 27.30
N TYR I 269 -0.30 18.12 27.49
CA TYR I 269 1.07 18.12 27.00
C TYR I 269 2.11 17.89 28.09
N LEU I 270 1.69 17.69 29.35
CA LEU I 270 2.65 17.44 30.42
C LEU I 270 2.72 15.99 30.86
N THR I 271 1.59 15.27 30.87
CA THR I 271 1.61 13.84 31.17
C THR I 271 1.76 12.99 29.91
N GLY I 272 1.65 13.59 28.73
CA GLY I 272 1.79 12.86 27.49
C GLY I 272 3.18 12.97 26.90
N GLY I 273 3.80 14.14 27.03
CA GLY I 273 5.13 14.37 26.54
C GLY I 273 5.15 15.30 25.33
N PHE I 274 6.33 15.84 25.06
CA PHE I 274 6.50 16.75 23.93
C PHE I 274 6.53 16.02 22.59
N THR I 275 7.07 14.80 22.58
CA THR I 275 7.17 14.03 21.34
C THR I 275 5.80 13.74 20.76
N ALA I 276 4.85 13.34 21.60
CA ALA I 276 3.48 13.09 21.13
C ALA I 276 2.75 14.38 20.79
N ASN I 277 3.09 15.49 21.43
CA ASN I 277 2.43 16.76 21.14
C ASN I 277 2.87 17.35 19.81
N THR I 278 4.15 17.23 19.47
CA THR I 278 4.63 17.77 18.20
C THR I 278 3.98 17.07 17.00
N THR I 279 3.82 15.75 17.07
CA THR I 279 3.17 15.02 15.98
C THR I 279 1.71 15.45 15.83
N LEU I 280 1.01 15.63 16.96
CA LEU I 280 -0.37 16.09 16.90
C LEU I 280 -0.48 17.48 16.29
N ALA I 281 0.45 18.38 16.66
CA ALA I 281 0.44 19.72 16.07
C ALA I 281 0.69 19.65 14.57
N HIS I 282 1.65 18.82 14.15
CA HIS I 282 1.94 18.67 12.73
C HIS I 282 0.73 18.16 11.97
N TYR I 283 0.03 17.17 12.54
CA TYR I 283 -1.18 16.65 11.90
C TYR I 283 -2.27 17.71 11.84
N CYS I 284 -2.44 18.49 12.91
CA CYS I 284 -3.48 19.50 12.93
C CYS I 284 -3.23 20.61 11.93
N ARG I 285 -1.95 20.95 11.68
CA ARG I 285 -1.65 21.97 10.69
C ARG I 285 -2.10 21.55 9.29
N ASP I 286 -1.93 20.27 8.96
CA ASP I 286 -2.15 19.79 7.60
C ASP I 286 -3.62 19.51 7.29
N ASN I 287 -4.52 19.60 8.27
CA ASN I 287 -5.92 19.28 8.04
C ASN I 287 -6.90 20.35 8.51
N GLY I 288 -6.42 21.47 9.03
CA GLY I 288 -7.29 22.57 9.39
C GLY I 288 -8.10 22.35 10.65
N LEU I 289 -7.45 21.92 11.73
CA LEU I 289 -8.09 21.74 13.02
C LEU I 289 -7.50 22.73 14.03
N LEU I 290 -8.20 22.90 15.14
CA LEU I 290 -7.78 23.77 16.22
C LEU I 290 -7.40 22.93 17.43
N LEU I 291 -6.34 23.33 18.11
CA LEU I 291 -5.78 22.57 19.23
C LEU I 291 -5.99 23.33 20.53
N HIS I 292 -6.51 22.65 21.54
CA HIS I 292 -6.71 23.19 22.87
C HIS I 292 -5.79 22.45 23.84
N ILE I 293 -5.03 23.20 24.64
CA ILE I 293 -4.02 22.64 25.52
C ILE I 293 -4.48 22.81 26.97
N HIS I 294 -4.41 21.72 27.74
CA HIS I 294 -4.77 21.75 29.18
C HIS I 294 -3.54 21.36 30.01
N ARG I 295 -3.24 22.10 31.07
CA ARG I 295 -2.02 21.84 31.87
C ARG I 295 -2.37 21.08 33.15
N ALA I 296 -1.65 19.99 33.44
CA ALA I 296 -1.90 19.19 34.66
C ALA I 296 -0.56 18.68 35.21
N MET I 297 -0.53 18.34 36.51
CA MET I 297 0.72 17.86 37.16
C MET I 297 1.77 18.98 37.11
N HIS I 298 1.32 20.23 36.98
CA HIS I 298 2.27 21.36 36.87
C HIS I 298 2.60 21.88 38.27
N ALA I 299 1.69 21.68 39.22
CA ALA I 299 1.92 22.16 40.60
C ALA I 299 3.02 21.34 41.25
N VAL I 300 3.38 20.18 40.69
CA VAL I 300 4.51 19.48 41.30
C VAL I 300 5.83 20.15 40.97
N ILE I 301 5.88 21.06 40.01
CA ILE I 301 7.11 21.64 39.53
C ILE I 301 7.25 23.11 39.94
N ASP I 302 6.22 23.92 39.73
CA ASP I 302 6.32 25.37 39.87
C ASP I 302 5.51 25.91 41.05
N ARG I 303 5.49 25.18 42.16
CA ARG I 303 4.78 25.70 43.34
C ARG I 303 5.72 26.37 44.34
N GLN I 304 6.83 25.75 44.67
CA GLN I 304 7.73 26.30 45.67
C GLN I 304 8.54 27.45 45.09
N ARG I 305 9.10 28.25 46.00
CA ARG I 305 9.83 29.46 45.63
C ARG I 305 11.33 29.25 45.49
N ASN I 306 11.84 28.04 45.71
CA ASN I 306 13.27 27.80 45.67
C ASN I 306 13.67 26.54 44.93
N HIS I 307 12.71 25.75 44.43
CA HIS I 307 13.05 24.52 43.72
C HIS I 307 12.01 24.26 42.65
N GLY I 308 12.47 23.99 41.43
CA GLY I 308 11.62 23.67 40.31
C GLY I 308 11.92 24.56 39.12
N ILE I 309 10.94 24.68 38.23
CA ILE I 309 11.05 25.49 37.02
C ILE I 309 9.84 26.41 36.96
N HIS I 310 10.08 27.70 36.70
CA HIS I 310 8.99 28.66 36.63
C HIS I 310 8.09 28.36 35.44
N PHE I 311 6.81 28.74 35.56
CA PHE I 311 5.84 28.42 34.53
C PHE I 311 6.07 29.20 33.24
N ARG I 312 6.73 30.36 33.33
CA ARG I 312 6.94 31.18 32.14
C ARG I 312 7.89 30.52 31.15
N VAL I 313 8.69 29.55 31.58
CA VAL I 313 9.54 28.81 30.65
C VAL I 313 8.74 27.74 29.93
N LEU I 314 7.89 27.01 30.66
CA LEU I 314 6.99 26.05 30.03
C LEU I 314 5.99 26.74 29.10
N ALA I 315 5.68 28.01 29.35
CA ALA I 315 4.81 28.75 28.44
C ALA I 315 5.53 29.05 27.13
N LYS I 316 6.80 29.45 27.20
CA LYS I 316 7.57 29.68 25.98
C LYS I 316 7.80 28.39 25.21
N ALA I 317 7.96 27.27 25.91
CA ALA I 317 8.18 26.00 25.25
C ALA I 317 6.98 25.61 24.38
N LEU I 318 5.76 25.84 24.89
CA LEU I 318 4.58 25.44 24.14
C LEU I 318 4.41 26.23 22.86
N ARG I 319 4.76 27.52 22.88
CA ARG I 319 4.63 28.34 21.68
C ARG I 319 5.50 27.81 20.56
N MET I 320 6.71 27.34 20.88
CA MET I 320 7.56 26.72 19.88
C MET I 320 7.03 25.34 19.49
N SER I 321 6.53 24.57 20.45
CA SER I 321 6.03 23.24 20.15
C SER I 321 4.75 23.32 19.30
N GLY I 322 3.79 24.15 19.71
CA GLY I 322 2.57 24.31 18.96
C GLY I 322 1.32 24.28 19.81
N GLY I 323 0.40 25.21 19.56
CA GLY I 323 -0.86 25.27 20.28
C GLY I 323 -1.65 26.52 19.99
N ASP I 324 -2.93 26.52 20.33
CA ASP I 324 -3.80 27.68 20.11
C ASP I 324 -4.36 28.25 21.40
N HIS I 325 -4.84 27.40 22.32
CA HIS I 325 -5.35 27.84 23.60
C HIS I 325 -4.48 27.26 24.72
N ILE I 326 -4.49 27.94 25.86
CA ILE I 326 -3.71 27.50 27.02
C ILE I 326 -4.35 28.08 28.27
N HIS I 327 -4.24 27.33 29.37
CA HIS I 327 -4.79 27.79 30.67
C HIS I 327 -3.73 28.66 31.36
N SER I 328 -4.13 29.76 32.00
CA SER I 328 -3.14 30.69 32.59
C SER I 328 -3.45 30.93 34.07
N GLY I 329 -4.69 31.25 34.41
CA GLY I 329 -5.08 31.53 35.80
C GLY I 329 -5.67 32.92 35.94
N THR I 330 -6.80 33.05 36.65
CA THR I 330 -7.44 34.38 36.87
C THR I 330 -6.50 35.27 37.67
N VAL I 331 -6.74 36.59 37.70
CA VAL I 331 -5.80 37.52 38.37
C VAL I 331 -6.57 38.45 39.34
N VAL I 332 -7.90 38.51 39.24
CA VAL I 332 -8.67 39.42 40.08
C VAL I 332 -8.53 39.08 41.56
N GLY I 333 -8.02 37.88 41.87
CA GLY I 333 -7.76 37.52 43.28
C GLY I 333 -6.31 37.81 43.65
N LYS I 334 -5.56 38.44 42.75
CA LYS I 334 -4.13 38.77 43.03
C LYS I 334 -4.01 40.22 43.52
N LEU I 335 -3.11 40.47 44.48
CA LEU I 335 -2.97 41.83 45.07
C LEU I 335 -1.66 42.47 44.60
N GLU I 336 -1.27 43.59 45.21
CA GLU I 336 -0.06 44.27 44.76
C GLU I 336 1.17 43.43 45.06
N GLY I 337 2.15 43.53 44.18
CA GLY I 337 3.29 42.61 44.19
C GLY I 337 3.05 41.45 43.26
N GLU I 338 1.87 40.85 43.35
CA GLU I 338 1.41 39.88 42.37
C GLU I 338 0.68 40.61 41.24
N ARG I 339 0.08 39.85 40.33
CA ARG I 339 -0.69 40.36 39.21
C ARG I 339 0.23 41.01 38.17
N GLU I 340 1.51 41.15 38.53
CA GLU I 340 2.50 41.69 37.61
C GLU I 340 3.17 40.61 36.78
N VAL I 341 3.57 39.51 37.40
CA VAL I 341 4.19 38.42 36.66
C VAL I 341 3.19 37.78 35.70
N THR I 342 1.91 37.72 36.10
CA THR I 342 0.89 37.19 35.20
C THR I 342 0.70 38.09 33.99
N LEU I 343 0.61 39.40 34.22
CA LEU I 343 0.50 40.34 33.10
C LEU I 343 1.77 40.33 32.26
N GLY I 344 2.90 39.91 32.83
CA GLY I 344 4.12 39.83 32.07
C GLY I 344 4.14 38.62 31.14
N PHE I 345 3.83 37.44 31.67
CA PHE I 345 3.86 36.27 30.79
C PHE I 345 2.66 36.21 29.86
N VAL I 346 1.56 36.92 30.17
CA VAL I 346 0.49 37.07 29.18
C VAL I 346 0.99 37.86 27.98
N ASP I 347 1.74 38.94 28.23
CA ASP I 347 2.35 39.69 27.14
C ASP I 347 3.35 38.84 26.39
N LEU I 348 4.13 38.04 27.11
CA LEU I 348 5.06 37.11 26.44
C LEU I 348 4.32 36.15 25.53
N LEU I 349 3.15 35.68 25.96
CA LEU I 349 2.37 34.75 25.15
C LEU I 349 1.76 35.44 23.92
N ARG I 350 1.28 36.67 24.07
CA ARG I 350 0.49 37.31 23.02
C ARG I 350 1.26 38.27 22.14
N ASP I 351 2.19 39.04 22.69
CA ASP I 351 2.81 40.13 21.95
C ASP I 351 3.86 39.61 20.96
N ASP I 352 4.50 40.54 20.25
CA ASP I 352 5.53 40.21 19.27
C ASP I 352 6.91 40.72 19.65
N TYR I 353 6.99 41.78 20.46
CA TYR I 353 8.27 42.34 20.90
C TYR I 353 8.11 42.81 22.33
N ILE I 354 8.91 42.25 23.23
CA ILE I 354 8.83 42.54 24.66
C ILE I 354 10.17 43.06 25.14
N GLU I 355 10.14 44.15 25.89
CA GLU I 355 11.35 44.78 26.41
C GLU I 355 11.67 44.25 27.81
N LYS I 356 12.89 44.52 28.25
CA LYS I 356 13.32 44.08 29.57
C LYS I 356 12.65 44.90 30.67
N ASP I 357 12.17 44.20 31.71
CA ASP I 357 11.52 44.87 32.84
C ASP I 357 11.68 43.96 34.06
N ARG I 358 12.58 44.36 34.96
CA ARG I 358 12.84 43.53 36.15
C ARG I 358 11.68 43.54 37.13
N SER I 359 10.81 44.55 37.08
CA SER I 359 9.68 44.61 38.00
C SER I 359 8.56 43.65 37.64
N ARG I 360 8.58 43.07 36.44
CA ARG I 360 7.56 42.13 36.00
C ARG I 360 8.11 40.73 35.78
N GLY I 361 9.31 40.44 36.29
CA GLY I 361 9.88 39.12 36.13
C GLY I 361 10.45 38.82 34.76
N ILE I 362 10.89 39.83 34.03
CA ILE I 362 11.47 39.66 32.70
C ILE I 362 12.94 40.05 32.78
N TYR I 363 13.82 39.13 32.38
CA TYR I 363 15.26 39.35 32.47
C TYR I 363 15.93 39.54 31.11
N PHE I 364 15.23 39.28 30.00
CA PHE I 364 15.85 39.34 28.68
C PHE I 364 14.88 40.00 27.70
N THR I 365 15.45 40.54 26.63
CA THR I 365 14.67 41.10 25.53
C THR I 365 14.39 39.99 24.52
N GLN I 366 13.12 39.85 24.13
CA GLN I 366 12.68 38.75 23.28
C GLN I 366 12.08 39.29 21.99
N ASP I 367 12.45 38.66 20.88
CA ASP I 367 11.90 38.99 19.56
C ASP I 367 11.43 37.69 18.90
N TRP I 368 10.20 37.71 18.38
CA TRP I 368 9.57 36.51 17.85
C TRP I 368 9.53 36.45 16.33
N VAL I 369 10.09 37.46 15.65
CA VAL I 369 10.12 37.59 14.19
C VAL I 369 8.88 37.02 13.52
N SER I 370 7.72 37.62 13.80
CA SER I 370 6.47 37.30 13.12
C SER I 370 5.98 35.89 13.43
N MET I 371 5.96 35.51 14.71
CA MET I 371 5.31 34.25 15.02
C MET I 371 3.91 34.50 15.58
N PRO I 372 2.94 33.65 15.27
CA PRO I 372 1.58 33.86 15.77
C PRO I 372 1.49 33.74 17.29
N GLY I 373 0.41 34.31 17.83
CA GLY I 373 0.20 34.34 19.26
C GLY I 373 -0.68 33.21 19.74
N VAL I 374 -0.92 33.20 21.06
CA VAL I 374 -1.70 32.17 21.73
C VAL I 374 -2.75 32.85 22.61
N LEU I 375 -3.98 32.33 22.57
CA LEU I 375 -5.10 32.86 23.35
C LEU I 375 -5.06 32.32 24.78
N PRO I 376 -5.10 33.18 25.78
CA PRO I 376 -5.15 32.71 27.17
C PRO I 376 -6.58 32.44 27.64
N VAL I 377 -6.68 31.48 28.57
CA VAL I 377 -7.96 31.02 29.08
C VAL I 377 -7.97 31.20 30.60
N ALA I 378 -9.07 31.78 31.11
CA ALA I 378 -9.22 31.99 32.57
C ALA I 378 -10.30 31.04 33.09
N SER I 379 -10.19 30.59 34.34
CA SER I 379 -11.14 29.60 34.89
C SER I 379 -11.24 29.71 36.40
N GLY I 380 -11.79 28.69 37.07
CA GLY I 380 -11.96 28.72 38.53
C GLY I 380 -13.42 28.82 38.91
N GLY I 381 -13.71 29.37 40.10
CA GLY I 381 -15.11 29.58 40.50
C GLY I 381 -15.53 31.01 40.26
N ILE I 382 -16.22 31.28 39.14
CA ILE I 382 -16.54 32.71 38.80
C ILE I 382 -18.03 32.82 38.50
N HIS I 383 -18.61 34.02 38.67
CA HIS I 383 -20.06 34.23 38.42
C HIS I 383 -20.30 35.57 37.69
N VAL I 384 -21.56 36.04 37.67
CA VAL I 384 -21.92 37.26 36.89
C VAL I 384 -21.31 38.53 37.51
N TRP I 385 -21.13 38.57 38.83
CA TRP I 385 -20.63 39.82 39.48
C TRP I 385 -19.14 40.03 39.21
N HIS I 386 -18.50 39.09 38.49
CA HIS I 386 -17.03 39.18 38.22
C HIS I 386 -16.78 39.59 36.77
N MET I 387 -17.84 39.76 35.96
CA MET I 387 -17.64 40.03 34.54
C MET I 387 -16.93 41.36 34.25
N PRO I 388 -17.33 42.50 34.84
CA PRO I 388 -16.63 43.76 34.50
C PRO I 388 -15.14 43.72 34.81
N ALA I 389 -14.75 43.12 35.94
CA ALA I 389 -13.33 43.05 36.29
C ALA I 389 -12.56 42.21 35.28
N LEU I 390 -13.13 41.08 34.87
CA LEU I 390 -12.47 40.23 33.88
C LEU I 390 -12.36 40.93 32.54
N THR I 391 -13.41 41.64 32.13
CA THR I 391 -13.38 42.35 30.86
C THR I 391 -12.35 43.48 30.86
N GLU I 392 -12.25 44.20 31.98
CA GLU I 392 -11.33 45.33 32.06
C GLU I 392 -9.88 44.88 31.95
N ILE I 393 -9.54 43.76 32.58
CA ILE I 393 -8.13 43.38 32.72
C ILE I 393 -7.63 42.68 31.45
N PHE I 394 -8.31 41.59 31.05
CA PHE I 394 -7.80 40.77 29.96
C PHE I 394 -8.01 41.44 28.60
N GLY I 395 -9.12 42.15 28.45
CA GLY I 395 -9.40 42.83 27.17
C GLY I 395 -10.42 42.07 26.33
N ASP I 396 -10.20 41.96 25.03
CA ASP I 396 -11.19 41.30 24.13
C ASP I 396 -10.58 40.06 23.50
N ASP I 397 -9.38 39.66 23.95
CA ASP I 397 -8.69 38.49 23.34
C ASP I 397 -8.47 37.39 24.38
N SER I 398 -9.55 36.90 25.01
CA SER I 398 -9.42 35.78 25.93
C SER I 398 -10.73 34.98 25.90
N VAL I 399 -10.70 33.84 26.57
CA VAL I 399 -11.84 32.95 26.70
C VAL I 399 -12.16 32.79 28.18
N LEU I 400 -13.43 32.98 28.53
CA LEU I 400 -13.90 32.85 29.91
C LEU I 400 -14.67 31.55 30.06
N GLN I 401 -14.26 30.73 31.03
CA GLN I 401 -14.87 29.43 31.27
C GLN I 401 -15.59 29.45 32.61
N PHE I 402 -16.85 29.03 32.60
CA PHE I 402 -17.67 28.96 33.80
C PHE I 402 -17.88 27.52 34.22
N GLY I 403 -17.79 27.26 35.52
CA GLY I 403 -17.99 25.92 36.05
C GLY I 403 -19.37 25.75 36.67
N GLY I 404 -19.44 25.85 38.00
CA GLY I 404 -20.72 25.74 38.68
C GLY I 404 -21.62 26.94 38.55
N GLY I 405 -21.17 27.99 37.86
CA GLY I 405 -21.95 29.19 37.67
C GLY I 405 -22.94 29.15 36.54
N THR I 406 -23.07 28.02 35.86
CA THR I 406 -24.01 27.87 34.75
C THR I 406 -25.03 26.76 34.99
N LEU I 407 -24.60 25.65 35.56
CA LEU I 407 -25.49 24.52 35.83
C LEU I 407 -26.15 24.61 37.20
N GLY I 408 -25.89 25.68 37.95
CA GLY I 408 -26.48 25.83 39.26
C GLY I 408 -27.69 26.73 39.29
N HIS I 409 -28.12 27.20 38.12
CA HIS I 409 -29.26 28.15 38.04
C HIS I 409 -30.53 27.47 38.54
N PRO I 410 -31.41 28.15 39.30
CA PRO I 410 -32.61 27.53 39.87
C PRO I 410 -33.65 27.09 38.84
N TRP I 411 -33.43 27.37 37.55
CA TRP I 411 -34.46 27.07 36.51
C TRP I 411 -33.91 26.05 35.50
N GLY I 412 -32.59 25.97 35.32
CA GLY I 412 -32.00 24.98 34.40
C GLY I 412 -30.73 25.48 33.74
N ASN I 413 -30.36 24.89 32.59
CA ASN I 413 -29.12 25.23 31.89
C ASN I 413 -29.35 26.30 30.83
N ALA I 414 -30.36 26.11 29.98
CA ALA I 414 -30.65 27.09 28.95
C ALA I 414 -30.98 28.46 29.53
N PRO I 415 -31.85 28.61 30.54
CA PRO I 415 -31.97 29.92 31.19
C PRO I 415 -30.69 30.36 31.89
N GLY I 416 -29.85 29.42 32.30
CA GLY I 416 -28.60 29.78 32.96
C GLY I 416 -27.63 30.48 32.03
N ALA I 417 -27.57 30.06 30.77
CA ALA I 417 -26.63 30.66 29.83
C ALA I 417 -27.04 32.07 29.44
N VAL I 418 -28.35 32.35 29.43
CA VAL I 418 -28.85 33.65 28.99
C VAL I 418 -28.37 34.75 29.93
N ALA I 419 -28.30 34.46 31.23
CA ALA I 419 -27.85 35.46 32.19
C ALA I 419 -26.42 35.88 31.90
N ASN I 420 -25.53 34.90 31.67
CA ASN I 420 -24.14 35.21 31.37
C ASN I 420 -24.03 35.98 30.05
N ARG I 421 -24.78 35.55 29.04
CA ARG I 421 -24.74 36.23 27.72
C ARG I 421 -25.21 37.69 27.89
N VAL I 422 -26.38 37.88 28.48
CA VAL I 422 -26.96 39.24 28.67
C VAL I 422 -25.95 40.11 29.44
N ALA I 423 -25.33 39.56 30.48
CA ALA I 423 -24.37 40.33 31.32
C ALA I 423 -23.16 40.76 30.47
N LEU I 424 -22.53 39.82 29.74
CA LEU I 424 -21.30 40.17 28.98
C LEU I 424 -21.58 41.37 28.06
N GLU I 425 -22.64 41.30 27.25
CA GLU I 425 -22.95 42.39 26.29
C GLU I 425 -23.04 43.73 27.01
N ALA I 426 -23.71 43.76 28.17
CA ALA I 426 -23.87 45.01 28.94
C ALA I 426 -22.49 45.62 29.23
N CYS I 427 -21.58 44.83 29.79
CA CYS I 427 -20.24 45.35 30.18
C CYS I 427 -19.52 45.94 28.97
N VAL I 428 -19.75 45.40 27.77
CA VAL I 428 -19.03 45.88 26.56
C VAL I 428 -19.64 47.20 26.09
N GLN I 429 -20.98 47.25 25.98
CA GLN I 429 -21.66 48.48 25.47
C GLN I 429 -21.25 49.69 26.31
N ALA I 430 -21.35 49.57 27.64
CA ALA I 430 -20.93 50.67 28.53
C ALA I 430 -19.51 51.12 28.16
N ARG I 431 -18.56 50.18 28.15
CA ARG I 431 -17.14 50.52 27.85
C ARG I 431 -17.06 51.36 26.58
N ASN I 432 -17.83 51.01 25.55
CA ASN I 432 -17.75 51.73 24.25
C ASN I 432 -18.35 53.14 24.38
N GLU I 433 -18.79 53.52 25.58
CA GLU I 433 -19.46 54.84 25.75
C GLU I 433 -18.64 55.74 26.67
N GLY I 434 -17.59 55.21 27.29
CA GLY I 434 -16.70 56.02 28.15
C GLY I 434 -17.09 55.94 29.62
N ARG I 435 -17.40 54.74 30.11
CA ARG I 435 -17.74 54.56 31.56
C ARG I 435 -16.61 53.77 32.22
N ASP I 436 -16.37 54.00 33.51
CA ASP I 436 -15.26 53.31 34.22
C ASP I 436 -15.73 51.91 34.67
N LEU I 437 -15.37 50.87 33.91
CA LEU I 437 -15.85 49.49 34.23
C LEU I 437 -15.32 49.07 35.61
N ALA I 438 -14.22 49.67 36.07
CA ALA I 438 -13.67 49.32 37.39
C ALA I 438 -14.63 49.78 38.50
N ARG I 439 -14.72 51.08 38.75
CA ARG I 439 -15.65 51.62 39.78
C ARG I 439 -17.09 51.27 39.39
N GLU I 440 -17.70 52.08 38.53
CA GLU I 440 -19.10 51.84 38.10
C GLU I 440 -19.20 50.47 37.43
N GLY I 441 -19.50 49.42 38.19
CA GLY I 441 -19.62 48.06 37.62
C GLY I 441 -20.82 47.33 38.20
N ASN I 442 -21.06 47.47 39.51
CA ASN I 442 -22.24 46.84 40.15
C ASN I 442 -23.49 47.50 39.56
N ASP I 443 -23.54 48.83 39.58
CA ASP I 443 -24.69 49.56 38.97
C ASP I 443 -25.02 48.95 37.61
N ILE I 444 -24.07 49.01 36.67
CA ILE I 444 -24.30 48.48 35.29
C ILE I 444 -25.09 47.17 35.38
N ILE I 445 -24.63 46.22 36.20
CA ILE I 445 -25.29 44.88 36.29
C ILE I 445 -26.74 45.04 36.75
N ARG I 446 -27.00 45.87 37.78
CA ARG I 446 -28.38 46.00 38.32
C ARG I 446 -29.33 46.55 37.26
N GLU I 447 -28.90 47.58 36.52
CA GLU I 447 -29.79 48.24 35.53
C GLU I 447 -30.26 47.22 34.48
N ALA I 448 -29.43 46.24 34.13
CA ALA I 448 -29.80 45.24 33.10
C ALA I 448 -30.78 44.23 33.71
N SER I 449 -30.59 43.87 34.97
CA SER I 449 -31.47 42.87 35.64
C SER I 449 -32.93 43.31 35.54
N LYS I 450 -33.18 44.63 35.62
CA LYS I 450 -34.56 45.15 35.60
C LYS I 450 -35.33 44.56 34.41
N TRP I 451 -34.74 44.53 33.23
CA TRP I 451 -35.48 44.07 32.02
C TRP I 451 -35.20 42.60 31.70
N SER I 452 -34.48 41.89 32.58
CA SER I 452 -34.14 40.47 32.30
C SER I 452 -34.44 39.59 33.52
N PRO I 453 -35.47 38.71 33.46
CA PRO I 453 -35.80 37.81 34.58
C PRO I 453 -34.73 36.74 34.83
N GLU I 454 -34.07 36.25 33.78
CA GLU I 454 -32.99 35.24 33.94
C GLU I 454 -31.79 35.91 34.61
N LEU I 455 -31.47 37.16 34.27
CA LEU I 455 -30.38 37.88 34.97
C LEU I 455 -30.77 37.97 36.44
N ALA I 456 -32.02 38.36 36.73
CA ALA I 456 -32.50 38.33 38.13
C ALA I 456 -32.55 36.86 38.54
N ALA I 457 -32.97 36.55 39.77
CA ALA I 457 -32.94 35.14 40.24
C ALA I 457 -31.47 34.73 40.43
N ALA I 458 -30.64 34.89 39.39
CA ALA I 458 -29.20 34.60 39.51
C ALA I 458 -28.58 35.59 40.51
N CYS I 459 -29.13 36.80 40.57
CA CYS I 459 -28.62 37.83 41.51
C CYS I 459 -29.19 37.58 42.91
N GLU I 460 -30.05 36.58 43.05
CA GLU I 460 -30.64 36.22 44.37
C GLU I 460 -29.96 34.96 44.89
N VAL I 461 -29.11 34.34 44.08
CA VAL I 461 -28.36 33.11 44.50
C VAL I 461 -26.90 33.51 44.73
N TRP I 462 -26.35 34.34 43.84
CA TRP I 462 -24.93 34.80 43.98
C TRP I 462 -24.92 36.25 44.46
N LYS I 463 -24.13 36.55 45.50
CA LYS I 463 -24.15 37.91 46.10
C LYS I 463 -23.13 38.83 45.41
N GLU I 464 -23.17 40.13 45.71
CA GLU I 464 -22.29 41.09 45.00
C GLU I 464 -21.13 41.55 45.89
N ILE I 465 -19.95 41.76 45.29
CA ILE I 465 -18.76 42.24 46.05
C ILE I 465 -18.84 43.76 46.12
N LYS I 466 -18.73 44.33 47.33
CA LYS I 466 -18.87 45.80 47.49
C LYS I 466 -17.82 46.30 48.50
N TYR J 24 -15.98 11.05 53.68
CA TYR J 24 -14.71 10.69 52.98
C TYR J 24 -13.72 10.10 53.99
N TYR J 25 -14.19 9.79 55.20
CA TYR J 25 -13.30 9.13 56.20
C TYR J 25 -14.05 7.99 56.89
N THR J 26 -13.88 6.76 56.38
CA THR J 26 -14.59 5.58 56.97
C THR J 26 -13.57 4.61 57.54
N PRO J 27 -13.28 4.64 58.87
CA PRO J 27 -12.27 3.76 59.46
C PRO J 27 -12.69 2.30 59.35
N ASP J 28 -13.92 1.97 59.75
CA ASP J 28 -14.41 0.60 59.70
C ASP J 28 -14.39 0.02 58.30
N TYR J 29 -14.11 0.84 57.29
CA TYR J 29 -14.06 0.35 55.92
C TYR J 29 -12.96 -0.68 55.76
N GLU J 30 -13.28 -1.79 55.09
CA GLU J 30 -12.33 -2.84 54.80
C GLU J 30 -12.11 -2.89 53.29
N THR J 31 -10.86 -2.74 52.88
CA THR J 31 -10.53 -2.70 51.45
C THR J 31 -10.70 -4.09 50.84
N LYS J 32 -11.21 -4.12 49.61
CA LYS J 32 -11.36 -5.34 48.85
C LYS J 32 -10.11 -5.59 48.01
N ASP J 33 -10.12 -6.67 47.24
CA ASP J 33 -8.96 -7.10 46.47
C ASP J 33 -8.88 -6.45 45.10
N THR J 34 -9.79 -5.54 44.77
CA THR J 34 -9.76 -4.87 43.48
C THR J 34 -9.74 -3.35 43.65
N ASP J 35 -8.90 -2.86 44.56
CA ASP J 35 -8.81 -1.44 44.86
C ASP J 35 -7.36 -0.98 44.75
N ILE J 36 -7.18 0.26 44.30
CA ILE J 36 -5.86 0.89 44.23
C ILE J 36 -5.68 1.77 45.46
N LEU J 37 -4.58 1.56 46.19
CA LEU J 37 -4.33 2.27 47.43
C LEU J 37 -3.12 3.18 47.28
N ALA J 38 -3.16 4.31 47.99
CA ALA J 38 -2.09 5.29 47.96
C ALA J 38 -1.87 5.84 49.36
N ALA J 39 -0.69 6.42 49.58
CA ALA J 39 -0.33 6.95 50.89
C ALA J 39 0.59 8.15 50.70
N PHE J 40 0.14 9.31 51.16
CA PHE J 40 0.94 10.54 51.11
C PHE J 40 1.12 11.09 52.51
N ARG J 41 2.18 11.88 52.68
CA ARG J 41 2.43 12.62 53.91
C ARG J 41 2.03 14.07 53.73
N MET J 42 1.56 14.70 54.80
CA MET J 42 0.95 16.01 54.73
C MET J 42 1.52 16.91 55.83
N THR J 43 1.49 18.21 55.56
CA THR J 43 1.91 19.25 56.51
C THR J 43 0.81 20.29 56.59
N PRO J 44 -0.23 20.06 57.40
CA PRO J 44 -1.34 21.01 57.46
C PRO J 44 -0.92 22.35 58.03
N GLN J 45 -1.61 23.40 57.59
CA GLN J 45 -1.37 24.72 58.12
C GLN J 45 -1.85 24.80 59.57
N PRO J 46 -1.32 25.73 60.41
CA PRO J 46 -1.81 25.88 61.78
C PRO J 46 -3.32 26.14 61.81
N GLY J 47 -4.06 25.32 62.56
CA GLY J 47 -5.52 25.47 62.64
C GLY J 47 -6.25 24.29 62.01
N VAL J 48 -5.91 23.96 60.75
CA VAL J 48 -6.59 22.86 60.04
C VAL J 48 -6.49 21.58 60.89
N PRO J 49 -7.62 21.00 61.37
CA PRO J 49 -7.56 19.74 62.11
C PRO J 49 -7.15 18.59 61.18
N PRO J 50 -6.37 17.58 61.65
CA PRO J 50 -5.88 16.51 60.78
C PRO J 50 -6.99 15.63 60.17
N GLU J 51 -7.87 15.10 61.01
CA GLU J 51 -8.96 14.20 60.52
C GLU J 51 -9.77 14.91 59.44
N GLU J 52 -9.71 16.25 59.39
CA GLU J 52 -10.49 17.03 58.39
C GLU J 52 -9.67 17.15 57.11
N ALA J 53 -8.34 17.31 57.24
CA ALA J 53 -7.45 17.46 56.07
C ALA J 53 -7.46 16.17 55.24
N GLY J 54 -7.36 15.02 55.90
CA GLY J 54 -7.40 13.74 55.16
C GLY J 54 -8.57 13.66 54.21
N ALA J 55 -9.79 13.88 54.72
CA ALA J 55 -11.02 13.77 53.90
C ALA J 55 -11.01 14.78 52.74
N ALA J 56 -10.27 15.88 52.89
CA ALA J 56 -10.25 16.92 51.82
C ALA J 56 -9.32 16.50 50.68
N VAL J 57 -8.31 15.66 50.99
CA VAL J 57 -7.38 15.16 49.94
C VAL J 57 -8.11 14.14 49.06
N ALA J 58 -8.89 13.25 49.67
CA ALA J 58 -9.67 12.25 48.91
C ALA J 58 -10.64 12.96 47.96
N ALA J 59 -11.32 14.00 48.43
CA ALA J 59 -12.33 14.71 47.61
C ALA J 59 -11.65 15.53 46.51
N GLU J 60 -10.57 16.24 46.83
CA GLU J 60 -9.86 17.10 45.85
C GLU J 60 -9.07 16.24 44.86
N SER J 61 -9.25 14.91 44.92
CA SER J 61 -8.57 13.99 43.98
C SER J 61 -9.60 13.10 43.29
N SER J 62 -10.89 13.31 43.57
CA SER J 62 -11.96 12.46 43.00
C SER J 62 -13.14 13.32 42.51
N THR J 63 -14.15 13.56 43.36
CA THR J 63 -15.37 14.28 42.91
C THR J 63 -15.21 15.80 43.10
N GLY J 64 -14.75 16.24 44.28
CA GLY J 64 -14.60 17.68 44.55
C GLY J 64 -15.67 18.19 45.49
N THR J 65 -16.41 17.28 46.13
CA THR J 65 -17.54 17.70 47.01
C THR J 65 -17.69 16.73 48.19
N TRP J 66 -18.43 17.14 49.22
CA TRP J 66 -18.68 16.26 50.40
C TRP J 66 -20.18 16.06 50.56
N THR J 67 -20.99 16.60 49.63
CA THR J 67 -22.48 16.52 49.74
C THR J 67 -23.04 15.69 48.59
N THR J 68 -24.36 15.75 48.39
CA THR J 68 -25.03 15.00 47.29
C THR J 68 -25.87 15.95 46.45
N VAL J 69 -25.73 17.26 46.66
CA VAL J 69 -26.54 18.28 45.94
C VAL J 69 -26.40 18.08 44.43
N TRP J 70 -25.33 17.43 43.97
CA TRP J 70 -25.10 17.30 42.50
C TRP J 70 -25.58 15.95 41.97
N THR J 71 -25.48 14.89 42.78
CA THR J 71 -25.93 13.55 42.35
C THR J 71 -27.46 13.55 42.20
N SER J 76 -27.04 5.72 41.11
CA SER J 76 -26.42 6.57 42.13
C SER J 76 -24.91 6.67 41.91
N LEU J 77 -24.38 7.89 42.06
CA LEU J 77 -22.95 8.12 41.92
C LEU J 77 -22.19 7.34 42.98
N ASP J 78 -22.38 7.72 44.25
CA ASP J 78 -21.87 7.04 45.44
C ASP J 78 -20.57 6.27 45.24
N ARG J 79 -20.64 5.16 44.50
CA ARG J 79 -19.50 4.24 44.39
C ARG J 79 -18.36 4.81 43.56
N TYR J 80 -18.56 5.97 42.92
CA TYR J 80 -17.50 6.51 42.02
C TYR J 80 -16.61 7.50 42.76
N LYS J 81 -16.35 7.29 44.05
CA LYS J 81 -15.58 8.31 44.84
C LYS J 81 -14.48 7.64 45.66
N GLY J 82 -13.53 8.43 46.18
CA GLY J 82 -12.44 7.90 47.02
C GLY J 82 -12.75 8.05 48.50
N ARG J 83 -11.98 7.41 49.38
CA ARG J 83 -12.28 7.45 50.83
C ARG J 83 -11.02 7.27 51.67
N CYS J 84 -10.88 8.08 52.73
CA CYS J 84 -9.73 7.90 53.66
C CYS J 84 -10.14 6.88 54.73
N TYR J 85 -9.24 5.96 55.09
CA TYR J 85 -9.63 4.88 56.04
C TYR J 85 -8.60 4.73 57.16
N ASP J 86 -7.58 5.58 57.21
CA ASP J 86 -6.55 5.43 58.23
C ASP J 86 -5.71 6.70 58.29
N ILE J 87 -5.24 7.01 59.50
CA ILE J 87 -4.38 8.16 59.74
C ILE J 87 -3.41 7.82 60.86
N GLU J 88 -2.13 8.11 60.65
CA GLU J 88 -1.10 7.86 61.65
C GLU J 88 -0.25 9.10 61.86
N PRO J 89 0.28 9.28 63.08
CA PRO J 89 1.20 10.40 63.32
C PRO J 89 2.65 9.99 63.11
N VAL J 90 3.43 10.86 62.45
CA VAL J 90 4.83 10.54 62.18
C VAL J 90 5.67 10.86 63.42
N ALA J 91 6.46 9.88 63.86
CA ALA J 91 7.31 10.06 65.02
C ALA J 91 8.49 10.97 64.69
N GLY J 92 8.88 11.80 65.65
CA GLY J 92 10.01 12.70 65.50
C GLY J 92 9.64 14.09 65.01
N GLU J 93 8.47 14.27 64.42
CA GLU J 93 8.00 15.57 63.96
C GLU J 93 6.54 15.73 64.34
N GLU J 94 6.20 16.83 65.00
CA GLU J 94 4.85 17.01 65.51
C GLU J 94 3.85 17.28 64.39
N ASN J 95 4.25 18.03 63.37
CA ASN J 95 3.36 18.41 62.27
C ASN J 95 3.66 17.52 61.06
N GLN J 96 3.20 16.28 61.15
CA GLN J 96 3.39 15.31 60.06
C GLN J 96 2.45 14.14 60.29
N TYR J 97 1.78 13.70 59.22
CA TYR J 97 0.83 12.60 59.30
C TYR J 97 0.89 11.79 58.02
N ILE J 98 0.37 10.56 58.10
CA ILE J 98 0.29 9.65 56.96
C ILE J 98 -1.17 9.31 56.73
N ALA J 99 -1.64 9.47 55.50
CA ALA J 99 -3.02 9.19 55.15
C ALA J 99 -3.11 8.04 54.16
N TYR J 100 -4.27 7.38 54.15
CA TYR J 100 -4.51 6.24 53.27
C TYR J 100 -5.80 6.46 52.50
N VAL J 101 -5.76 6.24 51.18
CA VAL J 101 -6.90 6.47 50.31
C VAL J 101 -7.10 5.23 49.44
N ALA J 102 -8.37 4.90 49.17
CA ALA J 102 -8.72 3.77 48.33
C ALA J 102 -9.56 4.26 47.15
N TYR J 103 -9.33 3.67 45.98
CA TYR J 103 -10.02 4.07 44.76
C TYR J 103 -10.69 2.87 44.11
N PRO J 104 -11.85 3.06 43.48
CA PRO J 104 -12.49 1.96 42.76
C PRO J 104 -11.73 1.58 41.51
N LEU J 105 -12.00 0.36 41.03
CA LEU J 105 -11.30 -0.16 39.86
C LEU J 105 -11.81 0.45 38.56
N ASP J 106 -13.10 0.77 38.48
CA ASP J 106 -13.72 1.23 37.24
C ASP J 106 -13.37 2.67 36.88
N LEU J 107 -12.42 3.29 37.58
CA LEU J 107 -12.05 4.67 37.31
C LEU J 107 -10.85 4.80 36.37
N PHE J 108 -10.28 3.69 35.93
CA PHE J 108 -9.05 3.71 35.14
C PHE J 108 -9.23 2.96 33.83
N GLU J 109 -8.52 3.44 32.80
CA GLU J 109 -8.54 2.81 31.49
C GLU J 109 -7.48 1.72 31.42
N GLU J 110 -7.85 0.57 30.84
CA GLU J 110 -6.96 -0.57 30.79
C GLU J 110 -5.77 -0.30 29.87
N GLY J 111 -4.58 -0.66 30.33
CA GLY J 111 -3.39 -0.57 29.52
C GLY J 111 -2.80 0.81 29.37
N SER J 112 -3.28 1.79 30.11
CA SER J 112 -2.82 3.17 30.00
C SER J 112 -2.12 3.59 31.29
N VAL J 113 -0.88 4.04 31.17
CA VAL J 113 -0.16 4.57 32.31
C VAL J 113 -0.40 6.08 32.45
N THR J 114 -0.60 6.78 31.33
CA THR J 114 -0.85 8.21 31.38
C THR J 114 -2.13 8.53 32.14
N ASN J 115 -3.16 7.70 31.97
CA ASN J 115 -4.43 7.95 32.65
C ASN J 115 -4.32 7.74 34.15
N MET J 116 -3.46 6.83 34.60
CA MET J 116 -3.32 6.57 36.03
C MET J 116 -2.74 7.79 36.75
N PHE J 117 -1.75 8.44 36.15
CA PHE J 117 -1.14 9.60 36.80
C PHE J 117 -2.05 10.81 36.75
N THR J 118 -2.73 11.02 35.63
CA THR J 118 -3.57 12.21 35.49
C THR J 118 -4.83 12.15 36.35
N SER J 119 -5.17 10.99 36.91
CA SER J 119 -6.35 10.88 37.76
C SER J 119 -6.00 10.98 39.24
N ILE J 120 -5.00 10.21 39.68
CA ILE J 120 -4.60 10.27 41.08
C ILE J 120 -4.02 11.64 41.42
N VAL J 121 -3.16 12.17 40.54
CA VAL J 121 -2.57 13.49 40.74
C VAL J 121 -2.81 14.29 39.47
N GLY J 122 -3.74 15.24 39.57
CA GLY J 122 -3.98 16.17 38.46
C GLY J 122 -4.24 17.55 39.04
N ASN J 123 -4.67 17.62 40.31
CA ASN J 123 -5.01 18.92 40.95
C ASN J 123 -4.96 18.82 42.48
N VAL J 124 -3.86 18.35 43.07
CA VAL J 124 -3.85 18.16 44.54
C VAL J 124 -2.71 18.94 45.21
N PHE J 125 -1.56 19.11 44.52
CA PHE J 125 -0.49 19.92 45.10
C PHE J 125 -0.78 21.41 45.04
N GLY J 126 -1.85 21.81 44.37
CA GLY J 126 -2.30 23.19 44.37
C GLY J 126 -3.24 23.53 45.49
N PHE J 127 -3.51 22.59 46.41
CA PHE J 127 -4.39 22.86 47.53
C PHE J 127 -3.76 23.91 48.45
N LYS J 128 -4.53 24.94 48.77
CA LYS J 128 -4.03 26.08 49.53
C LYS J 128 -4.19 25.90 51.03
N ALA J 129 -4.83 24.83 51.49
CA ALA J 129 -4.96 24.55 52.91
C ALA J 129 -3.78 23.76 53.47
N LEU J 130 -2.82 23.39 52.63
CA LEU J 130 -1.65 22.64 53.04
C LEU J 130 -0.39 23.45 52.71
N ARG J 131 0.75 22.93 53.18
CA ARG J 131 2.04 23.54 52.89
C ARG J 131 3.00 22.64 52.12
N ALA J 132 2.86 21.31 52.22
CA ALA J 132 3.74 20.39 51.53
C ALA J 132 3.06 19.04 51.45
N LEU J 133 3.27 18.35 50.32
CA LEU J 133 2.69 17.04 50.09
C LEU J 133 3.68 16.18 49.33
N ARG J 134 3.64 14.86 49.58
CA ARG J 134 4.56 13.94 48.93
C ARG J 134 3.92 12.56 48.85
N LEU J 135 3.82 12.02 47.63
CA LEU J 135 3.34 10.66 47.45
C LEU J 135 4.47 9.67 47.71
N GLU J 136 4.13 8.55 48.35
CA GLU J 136 5.14 7.59 48.80
C GLU J 136 5.04 6.23 48.13
N ASP J 137 3.85 5.64 48.07
CA ASP J 137 3.73 4.26 47.60
C ASP J 137 2.37 4.04 46.96
N LEU J 138 2.27 2.94 46.21
CA LEU J 138 1.04 2.53 45.56
C LEU J 138 0.96 1.01 45.59
N ARG J 139 -0.28 0.51 45.49
CA ARG J 139 -0.53 -0.93 45.40
C ARG J 139 -1.39 -1.18 44.18
N ILE J 140 -0.93 -2.06 43.30
CA ILE J 140 -1.63 -2.39 42.06
C ILE J 140 -2.17 -3.81 42.19
N PRO J 141 -3.49 -4.01 42.19
CA PRO J 141 -4.03 -5.35 42.34
C PRO J 141 -3.73 -6.20 41.12
N PRO J 142 -3.68 -7.53 41.28
CA PRO J 142 -3.43 -8.39 40.11
C PRO J 142 -4.51 -8.32 39.05
N ALA J 143 -5.73 -7.90 39.40
CA ALA J 143 -6.79 -7.76 38.41
C ALA J 143 -6.55 -6.59 37.46
N TYR J 144 -5.60 -5.71 37.76
CA TYR J 144 -5.29 -4.58 36.90
C TYR J 144 -3.95 -4.72 36.20
N SER J 145 -3.02 -5.51 36.74
CA SER J 145 -1.71 -5.68 36.13
C SER J 145 -1.76 -6.59 34.91
N LYS J 146 -2.79 -7.42 34.78
CA LYS J 146 -2.85 -8.39 33.69
C LYS J 146 -3.15 -7.75 32.35
N THR J 147 -3.52 -6.47 32.31
CA THR J 147 -3.82 -5.79 31.06
C THR J 147 -2.59 -5.10 30.45
N PHE J 148 -1.44 -5.20 31.10
CA PHE J 148 -0.21 -4.61 30.60
C PHE J 148 0.69 -5.69 30.02
N GLN J 149 1.60 -5.27 29.15
CA GLN J 149 2.53 -6.22 28.52
C GLN J 149 3.74 -6.49 29.40
N GLY J 150 4.35 -5.45 29.96
CA GLY J 150 5.48 -5.60 30.83
C GLY J 150 6.80 -5.48 30.09
N PRO J 151 7.88 -5.96 30.71
CA PRO J 151 9.18 -5.89 30.06
C PRO J 151 9.19 -6.74 28.80
N PRO J 152 9.97 -6.35 27.79
CA PRO J 152 10.00 -7.14 26.54
C PRO J 152 10.48 -8.57 26.73
N HIS J 153 11.65 -8.75 27.33
CA HIS J 153 12.24 -10.08 27.51
C HIS J 153 12.33 -10.50 28.96
N GLY J 154 13.01 -9.70 29.80
CA GLY J 154 13.17 -10.02 31.20
C GLY J 154 14.63 -10.24 31.55
N ILE J 155 14.86 -11.11 32.53
CA ILE J 155 16.20 -11.41 33.03
C ILE J 155 16.69 -12.77 32.55
N GLN J 156 15.89 -13.81 32.75
CA GLN J 156 16.29 -15.16 32.36
C GLN J 156 16.45 -15.28 30.84
N VAL J 157 15.54 -14.66 30.08
CA VAL J 157 15.61 -14.74 28.63
C VAL J 157 16.82 -13.99 28.10
N GLU J 158 17.13 -12.84 28.71
CA GLU J 158 18.24 -12.02 28.22
C GLU J 158 19.57 -12.73 28.39
N ARG J 159 19.76 -13.41 29.51
CA ARG J 159 21.03 -14.10 29.76
C ARG J 159 21.26 -15.24 28.77
N ASP J 160 20.19 -15.86 28.29
CA ASP J 160 20.33 -16.93 27.31
C ASP J 160 20.73 -16.40 25.94
N LYS J 161 20.30 -15.18 25.60
CA LYS J 161 20.67 -14.60 24.30
C LYS J 161 22.14 -14.21 24.25
N LEU J 162 22.74 -13.88 25.40
CA LEU J 162 24.12 -13.45 25.45
C LEU J 162 25.10 -14.56 25.83
N ASN J 163 24.61 -15.65 26.43
CA ASN J 163 25.43 -16.79 26.83
C ASN J 163 26.50 -16.36 27.85
N LYS J 164 26.03 -15.75 28.93
CA LYS J 164 26.91 -15.28 30.01
C LYS J 164 26.27 -15.66 31.34
N TYR J 165 26.99 -16.42 32.15
CA TYR J 165 26.48 -16.91 33.42
C TYR J 165 27.53 -16.75 34.51
N GLY J 166 27.07 -16.49 35.73
CA GLY J 166 27.88 -16.62 36.92
C GLY J 166 28.57 -15.36 37.41
N ARG J 167 28.58 -14.29 36.64
CA ARG J 167 29.29 -13.07 37.05
C ARG J 167 28.54 -11.86 36.52
N PRO J 168 28.69 -10.71 37.19
CA PRO J 168 28.06 -9.48 36.66
C PRO J 168 28.70 -9.05 35.35
N LEU J 169 27.92 -8.30 34.57
CA LEU J 169 28.40 -7.79 33.30
C LEU J 169 29.15 -6.47 33.51
N LEU J 170 29.94 -6.10 32.51
CA LEU J 170 30.76 -4.91 32.56
C LEU J 170 30.42 -3.98 31.40
N GLY J 171 30.71 -2.70 31.59
CA GLY J 171 30.45 -1.71 30.54
C GLY J 171 31.24 -0.45 30.79
N CYS J 172 31.19 0.44 29.80
CA CYS J 172 31.89 1.71 29.88
C CYS J 172 31.16 2.73 29.00
N THR J 173 31.45 4.01 29.22
CA THR J 173 30.81 5.06 28.43
C THR J 173 31.78 6.15 27.99
N ILE J 174 31.77 6.48 26.71
CA ILE J 174 32.61 7.57 26.23
C ILE J 174 31.98 8.85 26.71
N LYS J 175 32.42 9.35 27.86
CA LYS J 175 31.77 10.54 28.46
C LYS J 175 32.20 11.91 27.93
N PRO J 176 33.49 12.28 28.07
CA PRO J 176 33.87 13.65 27.66
C PRO J 176 33.97 13.85 26.15
N LYS J 177 35.19 13.97 25.64
CA LYS J 177 35.39 14.12 24.21
C LYS J 177 34.57 15.25 23.60
N LEU J 178 33.54 14.91 22.82
CA LEU J 178 32.71 15.89 22.12
C LEU J 178 33.48 16.58 21.00
N GLY J 179 32.82 16.78 19.87
CA GLY J 179 33.45 17.36 18.70
C GLY J 179 34.25 16.37 17.86
N LEU J 180 34.32 15.11 18.27
CA LEU J 180 35.06 14.11 17.52
C LEU J 180 34.31 13.73 16.25
N SER J 181 35.09 13.37 15.22
CA SER J 181 34.50 12.94 13.97
C SER J 181 33.93 11.52 14.11
N ALA J 182 33.12 11.14 13.13
CA ALA J 182 32.53 9.81 13.14
C ALA J 182 33.60 8.73 13.03
N LYS J 183 34.60 8.96 12.21
CA LYS J 183 35.67 7.98 12.08
C LYS J 183 36.38 7.81 13.42
N ASN J 184 36.74 8.93 14.03
CA ASN J 184 37.47 8.86 15.30
C ASN J 184 36.60 8.34 16.44
N TYR J 185 35.29 8.58 16.38
CA TYR J 185 34.40 8.08 17.41
C TYR J 185 34.40 6.55 17.44
N GLY J 186 34.40 5.91 16.27
CA GLY J 186 34.44 4.47 16.20
C GLY J 186 35.78 3.86 16.53
N ARG J 187 36.85 4.66 16.57
CA ARG J 187 38.15 4.14 16.96
C ARG J 187 38.19 3.76 18.43
N ALA J 188 37.65 4.63 19.29
CA ALA J 188 37.67 4.34 20.73
C ALA J 188 36.76 3.18 21.09
N VAL J 189 35.67 2.99 20.34
CA VAL J 189 34.77 1.87 20.60
C VAL J 189 35.47 0.54 20.37
N TYR J 190 36.25 0.44 19.29
CA TYR J 190 36.94 -0.81 18.96
C TYR J 190 37.99 -1.16 20.01
N GLU J 191 38.71 -0.16 20.53
CA GLU J 191 39.76 -0.42 21.50
C GLU J 191 39.20 -0.98 22.80
N CYS J 192 38.12 -0.37 23.31
CA CYS J 192 37.57 -0.79 24.59
C CYS J 192 36.97 -2.19 24.51
N LEU J 193 36.26 -2.49 23.42
CA LEU J 193 35.61 -3.79 23.31
C LEU J 193 36.60 -4.93 23.19
N ARG J 194 37.74 -4.69 22.53
CA ARG J 194 38.77 -5.71 22.38
C ARG J 194 39.46 -6.04 23.69
N GLY J 195 39.50 -5.11 24.65
CA GLY J 195 40.18 -5.34 25.90
C GLY J 195 39.50 -6.36 26.81
N GLY J 196 38.19 -6.53 26.66
CA GLY J 196 37.49 -7.51 27.47
C GLY J 196 36.15 -7.05 28.01
N LEU J 197 35.76 -5.81 27.69
CA LEU J 197 34.49 -5.30 28.15
C LEU J 197 33.33 -5.94 27.38
N ASP J 198 32.12 -5.76 27.90
CA ASP J 198 30.92 -6.36 27.32
C ASP J 198 30.08 -5.35 26.54
N PHE J 199 29.86 -4.17 27.09
CA PHE J 199 29.00 -3.16 26.48
C PHE J 199 29.73 -1.84 26.37
N THR J 200 29.17 -0.94 25.57
CA THR J 200 29.75 0.39 25.43
C THR J 200 28.59 1.34 25.27
N ASP J 202 26.73 5.45 25.04
CA ASP J 202 26.88 6.67 24.28
C ASP J 202 26.74 7.82 25.26
N ASP J 203 26.46 9.02 24.76
CA ASP J 203 26.23 10.13 25.67
C ASP J 203 24.77 10.57 25.57
N GLU J 204 24.21 11.01 26.71
CA GLU J 204 22.79 11.30 26.75
C GLU J 204 22.42 12.44 25.80
N ASN J 205 23.22 13.50 25.76
CA ASN J 205 22.92 14.65 24.91
C ASN J 205 23.61 14.56 23.55
N VAL J 206 23.44 13.41 22.88
CA VAL J 206 23.96 13.23 21.53
C VAL J 206 22.89 12.53 20.70
N ASN J 207 22.14 13.29 19.90
CA ASN J 207 21.15 12.73 19.00
C ASN J 207 21.49 12.99 17.54
N SER J 208 21.60 14.25 17.14
CA SER J 208 21.99 14.63 15.79
C SER J 208 22.42 16.09 15.77
N GLN J 209 23.67 16.36 15.47
CA GLN J 209 24.24 17.68 15.56
C GLN J 209 25.11 17.96 14.34
N PRO J 210 25.38 19.23 14.04
CA PRO J 210 26.17 19.53 12.83
C PRO J 210 27.53 18.87 12.79
N PHE J 211 28.18 18.65 13.94
CA PHE J 211 29.49 18.03 13.94
C PHE J 211 29.43 16.52 13.77
N MET J 212 28.27 15.90 13.93
CA MET J 212 28.14 14.45 13.73
C MET J 212 26.67 14.11 13.53
N ARG J 213 26.32 13.61 12.35
CA ARG J 213 24.96 13.21 12.06
C ARG J 213 24.73 11.76 12.50
N TRP J 214 23.45 11.38 12.60
CA TRP J 214 23.12 10.10 13.21
C TRP J 214 23.32 8.92 12.26
N ARG J 215 23.13 9.10 10.95
CA ARG J 215 23.16 7.94 10.06
C ARG J 215 24.58 7.41 9.87
N ASP J 216 25.56 8.29 9.70
CA ASP J 216 26.93 7.85 9.49
C ASP J 216 27.64 7.47 10.78
N ARG J 217 27.08 7.84 11.93
CA ARG J 217 27.60 7.33 13.20
C ARG J 217 27.18 5.89 13.45
N PHE J 218 25.97 5.52 13.02
CA PHE J 218 25.53 4.13 13.12
C PHE J 218 26.40 3.22 12.26
N LEU J 219 26.76 3.67 11.06
CA LEU J 219 27.52 2.84 10.14
C LEU J 219 28.90 2.51 10.68
N PHE J 220 29.59 3.49 11.27
CA PHE J 220 30.95 3.26 11.75
C PHE J 220 30.96 2.45 13.05
N VAL J 221 29.91 2.56 13.87
CA VAL J 221 29.86 1.79 15.11
C VAL J 221 29.66 0.31 14.80
N ALA J 222 28.76 0.00 13.87
CA ALA J 222 28.48 -1.40 13.55
C ALA J 222 29.69 -2.10 12.94
N GLU J 223 30.54 -1.35 12.24
CA GLU J 223 31.74 -1.95 11.65
C GLU J 223 32.72 -2.42 12.71
N ALA J 224 32.86 -1.66 13.80
CA ALA J 224 33.80 -2.04 14.86
C ALA J 224 33.32 -3.22 15.68
N ILE J 225 32.01 -3.42 15.80
CA ILE J 225 31.49 -4.54 16.57
C ILE J 225 31.86 -5.86 15.91
N PHE J 226 31.72 -5.94 14.59
CA PHE J 226 32.01 -7.19 13.88
C PHE J 226 33.48 -7.56 13.98
N LYS J 227 34.37 -6.57 13.91
CA LYS J 227 35.80 -6.86 13.97
C LYS J 227 36.20 -7.40 15.33
N SER J 228 35.69 -6.82 16.42
CA SER J 228 36.05 -7.28 17.74
C SER J 228 35.44 -8.63 18.09
N GLN J 229 34.43 -9.07 17.33
CA GLN J 229 33.81 -10.37 17.58
C GLN J 229 34.56 -11.52 16.96
N ALA J 230 35.52 -11.26 16.07
CA ALA J 230 36.26 -12.32 15.41
C ALA J 230 37.57 -12.67 16.11
N GLU J 231 38.06 -11.81 16.99
CA GLU J 231 39.29 -12.07 17.73
C GLU J 231 39.05 -12.79 19.05
N THR J 232 37.91 -12.51 19.71
CA THR J 232 37.63 -13.09 21.02
C THR J 232 36.57 -14.18 20.99
N GLY J 233 35.70 -14.18 19.98
CA GLY J 233 34.63 -15.16 19.92
C GLY J 233 33.59 -15.00 21.01
N GLU J 234 33.24 -13.75 21.34
CA GLU J 234 32.23 -13.47 22.35
C GLU J 234 31.29 -12.40 21.82
N ILE J 235 30.06 -12.40 22.34
CA ILE J 235 29.03 -11.47 21.88
C ILE J 235 29.27 -10.11 22.51
N LYS J 236 29.28 -9.07 21.67
CA LYS J 236 29.48 -7.70 22.13
C LYS J 236 28.35 -6.82 21.62
N GLY J 237 28.14 -5.69 22.29
CA GLY J 237 27.06 -4.80 21.93
C GLY J 237 27.40 -3.37 22.26
N HIS J 238 26.46 -2.48 21.91
CA HIS J 238 26.64 -1.04 22.12
C HIS J 238 25.27 -0.39 22.09
N TYR J 239 25.01 0.49 23.06
CA TYR J 239 23.72 1.17 23.16
C TYR J 239 23.67 2.33 22.18
N LEU J 240 22.67 2.33 21.30
CA LEU J 240 22.48 3.39 20.32
C LEU J 240 21.28 4.23 20.73
N ASN J 241 21.50 5.55 20.83
CA ASN J 241 20.45 6.47 21.26
C ASN J 241 19.40 6.60 20.17
N ALA J 242 18.13 6.52 20.57
CA ALA J 242 17.01 6.58 19.62
C ALA J 242 16.02 7.68 19.96
N THR J 243 16.36 8.60 20.85
CA THR J 243 15.46 9.71 21.17
C THR J 243 15.35 10.66 19.99
N ALA J 244 14.16 11.20 19.78
CA ALA J 244 13.91 12.10 18.67
C ALA J 244 12.83 13.10 19.07
N GLY J 245 12.63 14.10 18.21
CA GLY J 245 11.66 15.14 18.48
C GLY J 245 10.25 14.80 18.01
N THR J 246 10.14 13.82 17.11
CA THR J 246 8.85 13.37 16.61
C THR J 246 8.81 11.86 16.57
N CYS J 247 7.60 11.31 16.62
CA CYS J 247 7.45 9.86 16.64
C CYS J 247 7.77 9.25 15.28
N GLU J 248 7.54 9.99 14.19
CA GLU J 248 7.92 9.49 12.88
C GLU J 248 9.43 9.34 12.74
N GLU J 249 10.20 10.28 13.31
CA GLU J 249 11.65 10.21 13.27
C GLU J 249 12.23 9.18 14.22
N MET J 250 11.59 8.97 15.37
CA MET J 250 12.11 8.01 16.34
C MET J 250 12.02 6.58 15.81
N MET J 251 10.92 6.25 15.13
CA MET J 251 10.76 4.90 14.58
C MET J 251 11.67 4.64 13.39
N LYS J 252 12.08 5.69 12.68
CA LYS J 252 13.00 5.50 11.56
C LYS J 252 14.37 5.02 12.04
N ARG J 253 14.85 5.57 13.15
CA ARG J 253 16.15 5.17 13.68
C ARG J 253 16.15 3.79 14.29
N ALA J 254 14.99 3.29 14.74
CA ALA J 254 14.91 1.95 15.29
C ALA J 254 14.92 0.88 14.23
N GLN J 255 14.35 1.15 13.05
CA GLN J 255 14.34 0.16 11.98
C GLN J 255 15.71 0.01 11.32
N PHE J 256 16.49 1.08 11.27
CA PHE J 256 17.82 0.99 10.68
C PHE J 256 18.76 0.18 11.56
N ALA J 257 18.51 0.13 12.87
CA ALA J 257 19.32 -0.67 13.76
C ALA J 257 19.01 -2.16 13.63
N ARG J 258 17.87 -2.52 13.06
CA ARG J 258 17.54 -3.93 12.86
C ARG J 258 18.16 -4.46 11.57
N GLU J 259 18.28 -3.62 10.55
CA GLU J 259 18.89 -4.06 9.30
C GLU J 259 20.35 -4.43 9.49
N LEU J 260 21.07 -3.72 10.34
CA LEU J 260 22.47 -4.02 10.64
C LEU J 260 22.63 -5.11 11.68
N GLY J 261 21.52 -5.62 12.24
CA GLY J 261 21.60 -6.65 13.26
C GLY J 261 22.16 -6.21 14.59
N MET J 262 21.86 -4.99 15.02
CA MET J 262 22.28 -4.55 16.35
C MET J 262 21.36 -5.14 17.42
N PRO J 263 21.91 -5.46 18.59
CA PRO J 263 21.13 -6.15 19.62
C PRO J 263 20.39 -5.27 20.63
N ILE J 264 20.70 -3.99 20.73
CA ILE J 264 20.18 -3.18 21.85
C ILE J 264 20.07 -1.73 21.40
N VAL J 265 19.11 -1.02 22.00
CA VAL J 265 18.87 0.40 21.76
C VAL J 265 18.74 1.10 23.11
N MET J 266 18.47 2.40 23.07
CA MET J 266 18.41 3.23 24.27
C MET J 266 17.34 4.31 24.10
N HIS J 267 16.72 4.68 25.23
CA HIS J 267 15.69 5.71 25.22
C HIS J 267 15.72 6.47 26.54
N ASP J 268 15.17 7.68 26.51
CA ASP J 268 15.01 8.53 27.69
C ASP J 268 13.51 8.71 27.93
N TYR J 269 13.02 8.18 29.04
CA TYR J 269 11.58 8.05 29.27
C TYR J 269 10.99 9.17 30.13
N LEU J 270 11.80 10.11 30.60
CA LEU J 270 11.28 11.20 31.42
C LEU J 270 11.15 12.52 30.67
N THR J 271 11.94 12.72 29.62
CA THR J 271 11.80 13.91 28.77
C THR J 271 11.08 13.62 27.47
N GLY J 272 10.95 12.35 27.08
CA GLY J 272 10.23 11.99 25.88
C GLY J 272 8.75 11.77 26.11
N GLY J 273 8.40 11.29 27.30
CA GLY J 273 7.02 11.07 27.68
C GLY J 273 6.69 9.59 27.82
N PHE J 274 5.54 9.35 28.45
CA PHE J 274 5.08 7.98 28.66
C PHE J 274 4.40 7.41 27.41
N THR J 275 3.72 8.25 26.63
CA THR J 275 3.04 7.76 25.44
C THR J 275 4.04 7.24 24.41
N ALA J 276 5.14 7.96 24.20
CA ALA J 276 6.13 7.52 23.23
C ALA J 276 6.89 6.29 23.71
N ASN J 277 7.09 6.15 25.03
CA ASN J 277 7.83 5.01 25.54
C ASN J 277 7.07 3.70 25.35
N THR J 278 5.75 3.72 25.51
CA THR J 278 4.96 2.50 25.32
C THR J 278 4.98 2.04 23.88
N THR J 279 4.99 2.97 22.92
CA THR J 279 5.04 2.58 21.51
C THR J 279 6.36 1.88 21.18
N LEU J 280 7.47 2.36 21.74
CA LEU J 280 8.76 1.74 21.47
C LEU J 280 8.87 0.35 22.09
N ALA J 281 8.24 0.14 23.25
CA ALA J 281 8.31 -1.16 23.90
C ALA J 281 7.61 -2.23 23.07
N HIS J 282 6.48 -1.90 22.46
CA HIS J 282 5.76 -2.86 21.64
C HIS J 282 6.56 -3.27 20.42
N TYR J 283 7.26 -2.33 19.80
CA TYR J 283 8.06 -2.62 18.62
C TYR J 283 9.20 -3.59 18.94
N CYS J 284 9.85 -3.39 20.09
CA CYS J 284 10.98 -4.24 20.45
C CYS J 284 10.55 -5.69 20.67
N ARG J 285 9.37 -5.90 21.27
CA ARG J 285 8.90 -7.25 21.52
C ARG J 285 8.63 -8.01 20.21
N ASP J 286 8.14 -7.31 19.18
CA ASP J 286 7.79 -7.94 17.92
C ASP J 286 8.98 -8.14 16.99
N ASN J 287 10.16 -7.64 17.35
CA ASN J 287 11.33 -7.75 16.49
C ASN J 287 12.57 -8.32 17.17
N GLY J 288 12.54 -8.52 18.48
CA GLY J 288 13.68 -9.10 19.17
C GLY J 288 14.81 -8.13 19.44
N LEU J 289 14.53 -7.08 20.20
CA LEU J 289 15.53 -6.09 20.57
C LEU J 289 15.48 -5.85 22.07
N LEU J 290 16.61 -5.42 22.61
CA LEU J 290 16.73 -5.10 24.03
C LEU J 290 16.63 -3.60 24.24
N LEU J 291 16.03 -3.20 25.36
CA LEU J 291 15.77 -1.80 25.66
C LEU J 291 16.56 -1.38 26.89
N HIS J 292 17.23 -0.22 26.79
CA HIS J 292 17.97 0.37 27.90
C HIS J 292 17.34 1.72 28.22
N ILE J 293 17.14 1.98 29.51
CA ILE J 293 16.42 3.16 29.96
C ILE J 293 17.35 4.04 30.77
N HIS J 294 17.36 5.34 30.47
CA HIS J 294 18.16 6.32 31.24
C HIS J 294 17.21 7.29 31.95
N ARG J 295 17.54 7.72 33.17
CA ARG J 295 16.62 8.59 33.95
C ARG J 295 17.16 10.03 34.01
N ALA J 296 16.75 10.88 33.07
CA ALA J 296 17.27 12.27 33.02
C ALA J 296 16.19 13.24 33.51
N MET J 297 16.60 14.32 34.18
CA MET J 297 15.68 15.34 34.69
C MET J 297 14.98 14.89 35.96
N HIS J 298 15.20 13.64 36.41
CA HIS J 298 14.50 13.11 37.57
C HIS J 298 14.76 13.91 38.84
N ALA J 299 15.91 14.57 38.95
CA ALA J 299 16.27 15.26 40.19
C ALA J 299 15.37 16.44 40.50
N VAL J 300 14.60 16.93 39.52
CA VAL J 300 13.68 18.05 39.77
C VAL J 300 12.45 17.63 40.54
N ILE J 301 12.19 16.34 40.67
CA ILE J 301 10.95 15.84 41.25
C ILE J 301 11.17 15.20 42.62
N ASP J 302 12.24 14.42 42.77
CA ASP J 302 12.40 13.56 43.94
C ASP J 302 13.71 13.80 44.69
N ARG J 303 14.02 15.08 44.97
CA ARG J 303 15.19 15.38 45.77
C ARG J 303 14.85 15.91 47.16
N GLN J 304 13.84 16.76 47.27
CA GLN J 304 13.45 17.29 48.57
C GLN J 304 12.66 16.26 49.36
N ARG J 305 12.63 16.43 50.67
CA ARG J 305 12.03 15.47 51.58
C ARG J 305 10.56 15.76 51.89
N ASN J 306 9.99 16.85 51.36
CA ASN J 306 8.63 17.22 51.71
C ASN J 306 7.76 17.59 50.50
N HIS J 307 8.28 17.49 49.28
CA HIS J 307 7.50 17.86 48.11
C HIS J 307 8.01 17.10 46.90
N GLY J 308 7.09 16.45 46.17
CA GLY J 308 7.39 15.73 44.96
C GLY J 308 6.83 14.32 45.02
N ILE J 309 7.40 13.46 44.19
CA ILE J 309 7.00 12.05 44.12
C ILE J 309 8.25 11.21 44.31
N HIS J 310 8.19 10.24 45.22
CA HIS J 310 9.35 9.41 45.51
C HIS J 310 9.72 8.55 44.31
N PHE J 311 11.01 8.24 44.20
CA PHE J 311 11.50 7.50 43.04
C PHE J 311 10.96 6.07 42.99
N ARG J 312 10.65 5.49 44.15
CA ARG J 312 10.15 4.13 44.18
C ARG J 312 8.79 3.99 43.49
N VAL J 313 8.06 5.10 43.34
CA VAL J 313 6.80 5.05 42.61
C VAL J 313 7.06 5.05 41.11
N LEU J 314 7.99 5.88 40.64
CA LEU J 314 8.32 5.92 39.22
C LEU J 314 8.98 4.63 38.75
N ALA J 315 9.60 3.87 39.65
CA ALA J 315 10.18 2.59 39.27
C ALA J 315 9.10 1.56 38.97
N LYS J 316 8.00 1.58 39.74
CA LYS J 316 6.90 0.66 39.47
C LYS J 316 6.23 0.95 38.14
N ALA J 317 6.06 2.23 37.79
CA ALA J 317 5.44 2.57 36.52
C ALA J 317 6.30 2.15 35.33
N LEU J 318 7.63 2.14 35.50
CA LEU J 318 8.51 1.73 34.41
C LEU J 318 8.41 0.23 34.14
N ARG J 319 8.24 -0.57 35.18
CA ARG J 319 8.13 -2.02 34.99
C ARG J 319 6.91 -2.38 34.15
N MET J 320 5.77 -1.72 34.41
CA MET J 320 4.56 -2.01 33.65
C MET J 320 4.67 -1.51 32.22
N SER J 321 5.24 -0.32 32.03
CA SER J 321 5.35 0.25 30.69
C SER J 321 6.27 -0.58 29.80
N GLY J 322 7.42 -0.99 30.32
CA GLY J 322 8.35 -1.80 29.56
C GLY J 322 9.79 -1.35 29.68
N GLY J 323 10.71 -2.31 29.82
CA GLY J 323 12.12 -2.00 29.93
C GLY J 323 12.94 -3.15 30.45
N ASP J 324 14.23 -3.17 30.12
CA ASP J 324 15.13 -4.24 30.58
C ASP J 324 16.19 -3.76 31.56
N HIS J 325 16.77 -2.58 31.33
CA HIS J 325 17.75 -2.00 32.24
C HIS J 325 17.22 -0.68 32.77
N ILE J 326 17.81 -0.22 33.88
CA ILE J 326 17.45 1.06 34.48
C ILE J 326 18.56 1.48 35.41
N HIS J 327 18.76 2.80 35.54
CA HIS J 327 19.81 3.34 36.43
C HIS J 327 19.27 3.42 37.86
N SER J 328 20.11 3.17 38.86
CA SER J 328 19.64 3.15 40.27
C SER J 328 20.62 3.88 41.19
N GLY J 329 21.90 3.92 40.84
CA GLY J 329 22.91 4.61 41.67
C GLY J 329 23.61 3.69 42.65
N THR J 330 24.86 3.99 43.01
CA THR J 330 25.65 3.15 43.96
C THR J 330 25.28 3.51 45.41
N VAL J 331 25.60 2.63 46.36
CA VAL J 331 25.24 2.86 47.79
C VAL J 331 26.45 2.61 48.69
N VAL J 332 27.58 2.19 48.10
CA VAL J 332 28.80 1.95 48.86
C VAL J 332 29.26 3.20 49.60
N GLY J 333 28.73 4.37 49.25
CA GLY J 333 29.08 5.60 49.93
C GLY J 333 28.00 6.09 50.87
N LYS J 334 27.24 5.16 51.43
CA LYS J 334 26.13 5.47 52.32
C LYS J 334 26.37 4.83 53.69
N LEU J 335 25.43 5.07 54.61
CA LEU J 335 25.53 4.59 55.99
C LEU J 335 24.19 4.00 56.40
N GLU J 336 24.10 3.63 57.69
CA GLU J 336 22.88 3.03 58.21
C GLU J 336 21.74 4.06 58.24
N GLY J 337 20.51 3.54 58.24
CA GLY J 337 19.35 4.37 57.99
C GLY J 337 19.12 4.46 56.50
N GLU J 338 20.13 4.95 55.77
CA GLU J 338 20.19 4.78 54.34
C GLU J 338 20.67 3.36 54.02
N ARG J 339 20.87 3.08 52.74
CA ARG J 339 21.30 1.77 52.25
C ARG J 339 20.23 0.71 52.48
N GLU J 340 19.13 1.11 53.12
CA GLU J 340 17.95 0.26 53.29
C GLU J 340 16.81 0.70 52.38
N VAL J 341 16.64 2.01 52.19
CA VAL J 341 15.64 2.51 51.25
C VAL J 341 15.99 2.07 49.84
N THR J 342 17.27 2.20 49.47
CA THR J 342 17.68 1.78 48.13
C THR J 342 17.65 0.27 47.99
N LEU J 343 18.09 -0.45 49.02
CA LEU J 343 17.98 -1.91 49.00
C LEU J 343 16.52 -2.35 49.02
N GLY J 344 15.63 -1.49 49.50
CA GLY J 344 14.21 -1.85 49.54
C GLY J 344 13.60 -1.93 48.16
N PHE J 345 13.82 -0.92 47.32
CA PHE J 345 13.17 -0.90 46.02
C PHE J 345 13.97 -1.65 44.95
N VAL J 346 15.17 -2.13 45.27
CA VAL J 346 15.86 -3.04 44.37
C VAL J 346 15.12 -4.38 44.33
N ASP J 347 14.58 -4.81 45.48
CA ASP J 347 13.80 -6.05 45.52
C ASP J 347 12.51 -5.92 44.73
N LEU J 348 11.95 -4.71 44.68
CA LEU J 348 10.71 -4.50 43.92
C LEU J 348 10.93 -4.68 42.43
N LEU J 349 12.16 -4.51 41.95
CA LEU J 349 12.44 -4.61 40.53
C LEU J 349 12.85 -6.02 40.09
N ARG J 350 13.13 -6.92 41.03
CA ARG J 350 13.63 -8.25 40.70
C ARG J 350 12.81 -9.39 41.26
N ASP J 351 12.17 -9.22 42.42
CA ASP J 351 11.49 -10.30 43.09
C ASP J 351 10.08 -10.50 42.49
N ASP J 352 9.36 -11.48 43.05
CA ASP J 352 8.00 -11.78 42.63
C ASP J 352 6.98 -11.63 43.75
N TYR J 353 7.41 -11.61 45.01
CA TYR J 353 6.50 -11.43 46.14
C TYR J 353 7.24 -10.71 47.24
N ILE J 354 6.81 -9.49 47.55
CA ILE J 354 7.47 -8.65 48.54
C ILE J 354 6.51 -8.40 49.68
N GLU J 355 6.98 -8.63 50.91
CA GLU J 355 6.17 -8.46 52.10
C GLU J 355 6.34 -7.06 52.69
N LYS J 356 5.41 -6.69 53.56
CA LYS J 356 5.43 -5.37 54.16
C LYS J 356 6.60 -5.23 55.12
N ASP J 357 7.28 -4.08 55.05
CA ASP J 357 8.40 -3.79 55.93
C ASP J 357 8.55 -2.27 56.01
N ARG J 358 8.17 -1.68 57.14
CA ARG J 358 8.23 -0.23 57.28
C ARG J 358 9.65 0.30 57.46
N SER J 359 10.56 -0.50 58.02
CA SER J 359 11.93 -0.06 58.20
C SER J 359 12.68 0.12 56.90
N ARG J 360 12.21 -0.48 55.81
CA ARG J 360 12.81 -0.33 54.50
C ARG J 360 11.98 0.51 53.54
N GLY J 361 10.94 1.19 54.04
CA GLY J 361 10.13 2.05 53.20
C GLY J 361 9.11 1.34 52.33
N ILE J 362 8.56 0.22 52.80
CA ILE J 362 7.53 -0.51 52.08
C ILE J 362 6.26 -0.48 52.91
N TYR J 363 5.20 0.12 52.36
CA TYR J 363 3.94 0.28 53.07
C TYR J 363 2.88 -0.74 52.66
N PHE J 364 3.06 -1.45 51.56
CA PHE J 364 2.05 -2.37 51.06
C PHE J 364 2.71 -3.66 50.61
N THR J 365 1.93 -4.74 50.65
CA THR J 365 2.38 -6.03 50.14
C THR J 365 2.01 -6.14 48.67
N GLN J 366 3.00 -6.44 47.83
CA GLN J 366 2.84 -6.42 46.39
C GLN J 366 3.08 -7.80 45.81
N ASP J 367 2.21 -8.21 44.87
CA ASP J 367 2.34 -9.47 44.15
C ASP J 367 2.32 -9.18 42.66
N TRP J 368 3.31 -9.70 41.94
CA TRP J 368 3.48 -9.39 40.52
C TRP J 368 2.96 -10.49 39.60
N VAL J 369 2.32 -11.52 40.16
CA VAL J 369 1.74 -12.66 39.43
C VAL J 369 2.56 -13.04 38.20
N SER J 370 3.81 -13.44 38.42
CA SER J 370 4.69 -13.96 37.36
C SER J 370 4.95 -12.93 36.27
N MET J 371 5.57 -11.81 36.65
CA MET J 371 6.04 -10.82 35.70
C MET J 371 7.56 -10.80 35.64
N PRO J 372 8.16 -10.59 34.47
CA PRO J 372 9.62 -10.59 34.39
C PRO J 372 10.24 -9.41 35.15
N GLY J 373 11.49 -9.62 35.55
CA GLY J 373 12.21 -8.62 36.32
C GLY J 373 13.01 -7.66 35.47
N VAL J 374 13.70 -6.75 36.15
CA VAL J 374 14.50 -5.70 35.51
C VAL J 374 15.88 -5.69 36.13
N LEU J 375 16.92 -5.58 35.28
CA LEU J 375 18.30 -5.55 35.73
C LEU J 375 18.70 -4.14 36.13
N PRO J 376 19.20 -3.93 37.35
CA PRO J 376 19.64 -2.59 37.76
C PRO J 376 21.07 -2.29 37.32
N VAL J 377 21.35 -1.00 37.18
CA VAL J 377 22.64 -0.51 36.72
C VAL J 377 23.20 0.47 37.74
N ALA J 378 24.48 0.31 38.08
CA ALA J 378 25.17 1.23 39.01
C ALA J 378 26.26 2.00 38.27
N SER J 379 26.52 3.25 38.66
CA SER J 379 27.50 4.10 37.93
C SER J 379 28.01 5.23 38.83
N GLY J 380 28.95 6.05 38.33
CA GLY J 380 29.46 7.20 39.10
C GLY J 380 30.86 6.96 39.66
N GLY J 381 31.82 7.83 39.35
CA GLY J 381 33.20 7.72 39.86
C GLY J 381 33.50 6.44 40.63
N ILE J 382 33.91 5.38 39.94
CA ILE J 382 34.30 4.10 40.62
C ILE J 382 35.61 3.60 40.01
N HIS J 383 36.35 2.72 40.71
CA HIS J 383 37.66 2.25 40.21
C HIS J 383 37.93 0.81 40.65
N VAL J 384 39.20 0.38 40.61
CA VAL J 384 39.56 -1.04 40.91
C VAL J 384 39.35 -1.36 42.40
N TRP J 385 39.68 -0.44 43.30
CA TRP J 385 39.61 -0.75 44.76
C TRP J 385 38.15 -0.89 45.23
N HIS J 386 37.18 -0.72 44.32
CA HIS J 386 35.75 -0.80 44.69
C HIS J 386 35.17 -2.17 44.30
N MET J 387 35.98 -3.05 43.72
CA MET J 387 35.49 -4.35 43.25
C MET J 387 34.83 -5.17 44.35
N PRO J 388 35.47 -5.43 45.51
CA PRO J 388 34.81 -6.30 46.51
C PRO J 388 33.51 -5.73 47.05
N ALA J 389 33.40 -4.40 47.15
CA ALA J 389 32.21 -3.81 47.76
C ALA J 389 30.98 -4.01 46.89
N LEU J 390 31.09 -3.71 45.59
CA LEU J 390 29.93 -3.81 44.72
C LEU J 390 29.45 -5.25 44.54
N THR J 391 30.41 -6.19 44.46
CA THR J 391 30.03 -7.58 44.21
C THR J 391 29.23 -8.16 45.37
N GLU J 392 29.62 -7.84 46.61
CA GLU J 392 28.96 -8.43 47.77
C GLU J 392 27.54 -7.90 47.94
N ILE J 393 27.31 -6.62 47.62
CA ILE J 393 26.01 -6.02 47.88
C ILE J 393 25.00 -6.40 46.80
N PHE J 394 25.31 -6.07 45.55
CA PHE J 394 24.35 -6.29 44.48
C PHE J 394 24.22 -7.77 44.12
N GLY J 395 25.32 -8.51 44.17
CA GLY J 395 25.33 -9.87 43.68
C GLY J 395 25.63 -9.91 42.20
N ASP J 396 25.55 -11.11 41.64
CA ASP J 396 25.85 -11.33 40.22
C ASP J 396 24.56 -11.18 39.42
N ASP J 397 23.85 -10.07 39.65
CA ASP J 397 22.64 -9.78 38.90
C ASP J 397 22.52 -8.30 38.58
N SER J 398 23.62 -7.69 38.14
CA SER J 398 23.62 -6.25 37.87
C SER J 398 24.67 -5.95 36.81
N VAL J 399 24.72 -4.68 36.39
CA VAL J 399 25.67 -4.19 35.40
C VAL J 399 26.46 -3.06 36.03
N LEU J 400 27.78 -3.09 35.87
CA LEU J 400 28.66 -2.07 36.41
C LEU J 400 29.24 -1.23 35.27
N GLN J 401 29.11 0.08 35.37
CA GLN J 401 29.55 1.00 34.33
C GLN J 401 30.69 1.86 34.88
N PHE J 402 31.68 2.13 34.03
CA PHE J 402 32.85 2.93 34.39
C PHE J 402 32.99 4.13 33.47
N GLY J 403 33.40 5.25 34.04
CA GLY J 403 33.65 6.46 33.28
C GLY J 403 35.13 6.74 33.12
N GLY J 404 35.66 7.63 33.95
CA GLY J 404 37.07 7.97 33.92
C GLY J 404 38.00 6.89 34.43
N GLY J 405 37.45 5.79 34.95
CA GLY J 405 38.25 4.69 35.44
C GLY J 405 38.73 3.73 34.38
N THR J 406 38.41 3.98 33.12
CA THR J 406 38.87 3.16 32.01
C THR J 406 39.70 3.93 31.00
N LEU J 407 39.32 5.17 30.67
CA LEU J 407 40.03 5.99 29.71
C LEU J 407 41.21 6.74 30.34
N GLY J 408 41.39 6.63 31.65
CA GLY J 408 42.46 7.39 32.34
C GLY J 408 43.71 6.57 32.60
N HIS J 409 43.84 5.40 31.97
CA HIS J 409 45.01 4.52 32.22
C HIS J 409 46.27 5.15 31.63
N PRO J 410 47.45 5.05 32.29
CA PRO J 410 48.68 5.68 31.81
C PRO J 410 49.24 5.07 30.51
N TRP J 411 48.62 4.00 30.01
CA TRP J 411 49.17 3.30 28.82
C TRP J 411 48.19 3.37 27.66
N GLY J 412 46.92 3.70 27.92
CA GLY J 412 45.95 3.86 26.82
C GLY J 412 44.59 3.24 27.11
N ASN J 413 43.80 2.97 26.07
CA ASN J 413 42.44 2.46 26.27
C ASN J 413 42.42 0.95 26.40
N ALA J 414 42.99 0.23 25.43
CA ALA J 414 42.90 -1.24 25.44
C ALA J 414 43.44 -1.84 26.76
N PRO J 415 44.62 -1.41 27.30
CA PRO J 415 45.11 -1.93 28.58
C PRO J 415 44.19 -1.60 29.77
N GLY J 416 43.51 -0.46 29.73
CA GLY J 416 42.58 -0.07 30.82
C GLY J 416 41.46 -1.07 31.02
N ALA J 417 40.99 -1.70 29.95
CA ALA J 417 39.87 -2.66 30.04
C ALA J 417 40.39 -4.01 30.57
N VAL J 418 41.68 -4.29 30.40
CA VAL J 418 42.28 -5.56 30.90
C VAL J 418 42.27 -5.54 32.43
N ALA J 419 42.81 -4.47 33.03
CA ALA J 419 42.85 -4.35 34.51
C ALA J 419 41.49 -4.71 35.12
N ASN J 420 40.42 -4.01 34.73
CA ASN J 420 39.08 -4.24 35.32
C ASN J 420 38.68 -5.72 35.21
N ARG J 421 38.74 -6.30 34.01
CA ARG J 421 38.37 -7.72 33.81
C ARG J 421 39.13 -8.59 34.82
N VAL J 422 40.46 -8.45 34.88
CA VAL J 422 41.30 -9.22 35.84
C VAL J 422 40.73 -9.06 37.25
N ALA J 423 40.66 -7.82 37.75
CA ALA J 423 40.20 -7.58 39.14
C ALA J 423 38.84 -8.25 39.39
N LEU J 424 37.93 -8.26 38.41
CA LEU J 424 36.62 -8.81 38.67
C LEU J 424 36.67 -10.32 38.88
N GLU J 425 37.47 -11.03 38.07
CA GLU J 425 37.55 -12.48 38.19
C GLU J 425 38.15 -12.90 39.52
N ALA J 426 39.02 -12.08 40.11
CA ALA J 426 39.60 -12.42 41.39
C ALA J 426 38.55 -12.46 42.50
N CYS J 427 37.63 -11.50 42.49
CA CYS J 427 36.59 -11.46 43.51
C CYS J 427 35.63 -12.63 43.38
N VAL J 428 35.23 -12.97 42.16
CA VAL J 428 34.24 -14.07 41.98
C VAL J 428 34.83 -15.35 42.56
N GLN J 429 36.07 -15.69 42.19
CA GLN J 429 36.71 -16.95 42.66
C GLN J 429 36.75 -16.99 44.19
N ALA J 430 37.26 -15.93 44.84
CA ALA J 430 37.40 -15.92 46.31
C ALA J 430 36.08 -16.32 46.97
N ARG J 431 34.97 -15.70 46.57
CA ARG J 431 33.65 -16.00 47.18
C ARG J 431 33.33 -17.48 47.03
N ASN J 432 33.79 -18.10 45.94
CA ASN J 432 33.53 -19.54 45.71
C ASN J 432 34.57 -20.37 46.48
N GLU J 433 35.07 -19.86 47.60
CA GLU J 433 36.10 -20.57 48.39
C GLU J 433 35.82 -20.37 49.88
N GLY J 434 34.92 -19.44 50.22
CA GLY J 434 34.58 -19.19 51.62
C GLY J 434 35.21 -17.92 52.16
N ARG J 435 36.12 -17.32 51.38
CA ARG J 435 36.81 -16.08 51.82
C ARG J 435 35.79 -14.94 51.91
N ASP J 436 35.90 -14.09 52.94
CA ASP J 436 34.95 -12.96 53.12
C ASP J 436 35.40 -11.77 52.27
N LEU J 437 34.46 -11.09 51.60
CA LEU J 437 34.82 -9.98 50.70
C LEU J 437 34.68 -8.65 51.45
N ALA J 438 34.23 -8.71 52.70
CA ALA J 438 34.05 -7.48 53.50
C ALA J 438 35.32 -7.20 54.31
N ARG J 439 36.26 -8.15 54.33
CA ARG J 439 37.54 -7.94 55.06
C ARG J 439 38.71 -8.09 54.07
N GLU J 440 38.99 -9.32 53.63
CA GLU J 440 40.12 -9.57 52.71
C GLU J 440 40.26 -8.42 51.71
N GLY J 441 39.30 -8.26 50.80
CA GLY J 441 39.31 -7.14 49.84
C GLY J 441 40.71 -6.69 49.46
N ASN J 442 41.22 -5.62 50.08
CA ASN J 442 42.54 -5.05 49.71
C ASN J 442 43.57 -6.16 49.49
N ASP J 443 43.54 -7.20 50.33
CA ASP J 443 44.48 -8.34 50.16
C ASP J 443 44.29 -8.96 48.77
N ILE J 444 43.10 -9.49 48.49
CA ILE J 444 42.85 -10.17 47.19
C ILE J 444 43.44 -9.31 46.05
N ILE J 445 43.08 -8.02 46.00
CA ILE J 445 43.56 -7.14 44.89
C ILE J 445 45.09 -7.16 44.83
N ARG J 446 45.77 -6.91 45.95
CA ARG J 446 47.25 -6.85 45.96
C ARG J 446 47.85 -8.12 45.36
N GLU J 447 47.51 -9.29 45.91
CA GLU J 447 48.09 -10.56 45.42
C GLU J 447 47.87 -10.69 43.91
N ALA J 448 46.73 -10.20 43.41
CA ALA J 448 46.41 -10.31 41.97
C ALA J 448 47.35 -9.41 41.16
N SER J 449 47.75 -8.26 41.72
CA SER J 449 48.68 -7.32 41.02
C SER J 449 50.12 -7.84 41.13
N LYS J 450 50.28 -9.15 41.33
CA LYS J 450 51.64 -9.76 41.44
C LYS J 450 51.86 -10.71 40.26
N TRP J 451 51.01 -10.60 39.24
CA TRP J 451 51.17 -11.43 38.02
C TRP J 451 50.50 -10.72 36.83
N SER J 452 50.19 -9.43 37.00
CA SER J 452 49.59 -8.64 35.90
C SER J 452 50.19 -7.22 35.90
N PRO J 453 51.03 -6.86 34.91
CA PRO J 453 51.66 -5.54 34.87
C PRO J 453 50.64 -4.40 34.76
N GLU J 454 49.58 -4.61 33.99
CA GLU J 454 48.54 -3.55 33.78
C GLU J 454 47.88 -3.19 35.12
N LEU J 455 47.39 -4.20 35.85
CA LEU J 455 46.76 -3.94 37.18
C LEU J 455 47.75 -3.19 38.07
N ALA J 456 49.02 -3.60 38.07
CA ALA J 456 50.06 -2.93 38.88
C ALA J 456 50.04 -1.42 38.61
N ALA J 457 50.23 -1.02 37.34
CA ALA J 457 50.25 0.41 36.98
C ALA J 457 48.97 1.11 37.47
N ALA J 458 47.82 0.49 37.28
CA ALA J 458 46.52 1.08 37.71
C ALA J 458 46.51 1.26 39.23
N CYS J 459 47.11 0.31 39.96
CA CYS J 459 47.10 0.36 41.44
C CYS J 459 48.06 1.45 41.94
N GLU J 460 48.70 2.18 41.02
CA GLU J 460 49.64 3.26 41.41
C GLU J 460 48.99 4.64 41.14
N VAL J 461 47.97 4.68 40.28
CA VAL J 461 47.30 5.97 39.95
C VAL J 461 46.19 6.23 40.98
N TRP J 462 45.44 5.20 41.36
CA TRP J 462 44.31 5.36 42.31
C TRP J 462 44.76 4.92 43.71
N LYS J 463 44.18 5.52 44.76
CA LYS J 463 44.63 5.23 46.15
C LYS J 463 43.88 4.01 46.72
N GLU J 464 44.44 3.38 47.74
CA GLU J 464 43.82 2.17 48.34
C GLU J 464 42.59 2.56 49.14
N ILE J 465 41.75 1.58 49.47
CA ILE J 465 40.52 1.85 50.28
C ILE J 465 40.82 1.46 51.72
N LYS J 466 40.59 2.38 52.67
CA LYS J 466 40.87 2.10 54.11
C LYS J 466 40.28 0.74 54.49
N LEU K 22 0.48 -37.51 44.53
CA LEU K 22 0.27 -37.66 46.00
C LEU K 22 -0.80 -36.66 46.46
N THR K 23 -0.85 -35.49 45.83
CA THR K 23 -1.83 -34.44 46.23
C THR K 23 -2.97 -34.37 45.21
N TYR K 24 -2.93 -35.24 44.19
CA TYR K 24 -4.00 -35.24 43.16
C TYR K 24 -5.35 -35.31 43.88
N TYR K 25 -5.43 -36.05 44.99
CA TYR K 25 -6.67 -36.02 45.79
C TYR K 25 -6.38 -35.33 47.13
N THR K 26 -6.62 -34.02 47.20
CA THR K 26 -6.31 -33.24 48.43
C THR K 26 -7.62 -32.83 49.10
N PRO K 27 -8.29 -33.72 49.88
CA PRO K 27 -9.59 -33.40 50.47
C PRO K 27 -9.53 -32.24 51.47
N ASP K 28 -8.36 -31.62 51.64
CA ASP K 28 -8.23 -30.54 52.66
C ASP K 28 -7.66 -29.27 52.00
N TYR K 29 -7.44 -29.30 50.69
CA TYR K 29 -6.85 -28.14 49.97
C TYR K 29 -7.86 -27.00 49.90
N GLU K 30 -7.41 -25.76 50.08
CA GLU K 30 -8.30 -24.58 49.93
C GLU K 30 -7.93 -23.87 48.62
N THR K 31 -8.92 -23.46 47.83
CA THR K 31 -8.64 -22.86 46.51
C THR K 31 -8.17 -21.40 46.67
N LYS K 32 -7.47 -20.87 45.66
CA LYS K 32 -7.01 -19.45 45.70
C LYS K 32 -7.98 -18.59 44.88
N ASP K 33 -7.71 -17.30 44.74
CA ASP K 33 -8.66 -16.38 44.04
C ASP K 33 -8.30 -16.25 42.57
N THR K 34 -7.30 -16.99 42.10
CA THR K 34 -6.84 -16.88 40.69
C THR K 34 -6.79 -18.27 40.06
N ASP K 35 -7.71 -19.15 40.46
CA ASP K 35 -7.71 -20.55 39.95
C ASP K 35 -8.96 -20.79 39.10
N ILE K 36 -8.91 -21.71 38.15
CA ILE K 36 -10.11 -22.05 37.33
C ILE K 36 -10.66 -23.39 37.86
N LEU K 37 -11.93 -23.43 38.25
CA LEU K 37 -12.53 -24.63 38.81
C LEU K 37 -13.52 -25.24 37.82
N ALA K 38 -13.67 -26.56 37.89
CA ALA K 38 -14.58 -27.29 37.02
C ALA K 38 -15.26 -28.39 37.83
N ALA K 39 -16.32 -28.94 37.25
CA ALA K 39 -17.10 -29.99 37.89
C ALA K 39 -17.73 -30.88 36.84
N PHE K 40 -17.43 -32.18 36.89
CA PHE K 40 -18.01 -33.15 35.98
C PHE K 40 -18.64 -34.28 36.77
N ARG K 41 -19.61 -34.94 36.15
CA ARG K 41 -20.22 -36.15 36.71
C ARG K 41 -19.63 -37.37 36.03
N MET K 42 -19.48 -38.44 36.80
CA MET K 42 -18.74 -39.62 36.35
C MET K 42 -19.57 -40.88 36.57
N THR K 43 -19.31 -41.87 35.72
CA THR K 43 -19.95 -43.19 35.79
C THR K 43 -18.86 -44.25 35.75
N PRO K 44 -18.23 -44.53 36.89
CA PRO K 44 -17.13 -45.50 36.90
C PRO K 44 -17.61 -46.91 36.59
N GLN K 45 -16.69 -47.70 36.03
CA GLN K 45 -16.97 -49.10 35.77
C GLN K 45 -17.10 -49.88 37.08
N PRO K 46 -17.82 -51.00 37.07
CA PRO K 46 -18.01 -51.77 38.31
C PRO K 46 -16.68 -52.22 38.90
N GLY K 47 -16.41 -51.81 40.13
CA GLY K 47 -15.17 -52.27 40.81
C GLY K 47 -14.22 -51.13 41.14
N VAL K 48 -14.24 -50.05 40.34
CA VAL K 48 -13.29 -48.91 40.56
C VAL K 48 -13.80 -48.05 41.72
N PRO K 49 -12.99 -47.78 42.77
CA PRO K 49 -13.41 -46.88 43.84
C PRO K 49 -13.51 -45.44 43.32
N PRO K 50 -14.53 -44.62 43.72
CA PRO K 50 -14.69 -43.28 43.14
C PRO K 50 -13.50 -42.36 43.34
N GLU K 51 -12.87 -42.43 44.52
CA GLU K 51 -11.73 -41.54 44.86
C GLU K 51 -10.60 -41.77 43.84
N GLU K 52 -10.13 -43.01 43.71
CA GLU K 52 -9.09 -43.34 42.71
C GLU K 52 -9.50 -42.73 41.36
N ALA K 53 -10.76 -42.93 40.94
CA ALA K 53 -11.21 -42.45 39.62
C ALA K 53 -11.03 -40.93 39.53
N GLY K 54 -11.53 -40.19 40.53
CA GLY K 54 -11.40 -38.72 40.56
C GLY K 54 -9.98 -38.26 40.33
N ALA K 55 -9.03 -38.81 41.09
CA ALA K 55 -7.60 -38.42 40.96
C ALA K 55 -7.08 -38.75 39.56
N ALA K 56 -7.68 -39.75 38.89
CA ALA K 56 -7.25 -40.13 37.53
C ALA K 56 -7.76 -39.11 36.52
N VAL K 57 -8.96 -38.57 36.74
CA VAL K 57 -9.50 -37.51 35.85
C VAL K 57 -8.57 -36.29 35.90
N ALA K 58 -8.22 -35.85 37.12
CA ALA K 58 -7.32 -34.69 37.27
C ALA K 58 -6.02 -34.93 36.49
N ALA K 59 -5.38 -36.09 36.71
CA ALA K 59 -4.10 -36.40 36.03
C ALA K 59 -4.30 -36.45 34.52
N GLU K 60 -5.28 -37.24 34.06
CA GLU K 60 -5.59 -37.32 32.61
C GLU K 60 -5.99 -35.94 32.10
N SER K 61 -6.39 -35.02 32.98
CA SER K 61 -6.68 -33.67 32.52
C SER K 61 -5.48 -32.76 32.63
N SER K 62 -4.51 -33.07 33.51
CA SER K 62 -3.40 -32.15 33.73
C SER K 62 -2.08 -32.67 33.16
N THR K 63 -1.57 -33.79 33.65
CA THR K 63 -0.26 -34.25 33.16
C THR K 63 -0.27 -35.69 32.68
N GLY K 64 -0.94 -36.59 33.40
CA GLY K 64 -0.99 -38.01 33.02
C GLY K 64 -0.07 -38.88 33.86
N THR K 65 0.41 -38.36 34.98
CA THR K 65 1.33 -39.13 35.87
C THR K 65 0.99 -38.85 37.35
N TRP K 66 1.32 -39.77 38.24
CA TRP K 66 1.08 -39.60 39.69
C TRP K 66 2.41 -39.66 40.43
N THR K 67 3.53 -39.81 39.71
CA THR K 67 4.86 -39.96 40.35
C THR K 67 5.78 -38.80 39.98
N THR K 68 6.79 -38.52 40.80
CA THR K 68 7.75 -37.45 40.50
C THR K 68 9.04 -38.06 39.96
N VAL K 69 8.93 -38.64 38.76
CA VAL K 69 10.10 -39.30 38.11
C VAL K 69 10.56 -38.42 36.94
N TRP K 70 9.62 -37.90 36.14
CA TRP K 70 9.97 -37.06 34.96
C TRP K 70 10.17 -35.61 35.41
N THR K 71 9.83 -35.29 36.66
CA THR K 71 10.01 -33.93 37.21
C THR K 71 11.51 -33.61 37.31
N SER K 76 11.20 -26.45 39.41
CA SER K 76 10.31 -27.46 39.96
C SER K 76 8.95 -27.45 39.27
N LEU K 77 8.55 -28.62 38.75
CA LEU K 77 7.25 -28.72 38.09
C LEU K 77 6.12 -28.43 39.08
N ASP K 78 5.98 -29.30 40.09
CA ASP K 78 5.06 -29.16 41.22
C ASP K 78 3.79 -28.38 40.93
N ARG K 79 3.91 -27.05 40.80
CA ARG K 79 2.73 -26.18 40.74
C ARG K 79 2.00 -26.26 39.41
N TYR K 80 2.55 -26.96 38.42
CA TYR K 80 1.90 -26.97 37.08
C TYR K 80 0.94 -28.15 36.94
N LYS K 81 0.28 -28.56 38.03
CA LYS K 81 -0.60 -29.78 37.98
C LYS K 81 -1.96 -29.48 38.62
N GLY K 82 -3.03 -30.11 38.13
CA GLY K 82 -4.38 -29.93 38.71
C GLY K 82 -4.63 -30.87 39.87
N ARG K 83 -5.72 -30.67 40.61
CA ARG K 83 -5.92 -31.51 41.83
C ARG K 83 -7.41 -31.62 42.19
N CYS K 84 -7.85 -32.82 42.56
CA CYS K 84 -9.25 -33.01 43.03
C CYS K 84 -9.29 -32.72 44.53
N TYR K 85 -10.28 -31.93 44.98
CA TYR K 85 -10.33 -31.51 46.40
C TYR K 85 -11.70 -31.80 47.01
N ASP K 86 -12.59 -32.48 46.27
CA ASP K 86 -13.97 -32.74 46.79
C ASP K 86 -14.69 -33.80 45.97
N ILE K 87 -15.54 -34.60 46.62
CA ILE K 87 -16.35 -35.62 45.94
C ILE K 87 -17.67 -35.75 46.68
N GLU K 88 -18.77 -35.75 45.94
CA GLU K 88 -20.10 -35.88 46.51
C GLU K 88 -20.88 -36.96 45.76
N PRO K 89 -21.74 -37.69 46.48
CA PRO K 89 -22.58 -38.69 45.80
C PRO K 89 -23.92 -38.11 45.37
N VAL K 90 -24.31 -38.41 44.12
CA VAL K 90 -25.57 -37.88 43.59
C VAL K 90 -26.73 -38.72 44.14
N ALA K 91 -27.72 -38.04 44.72
CA ALA K 91 -28.87 -38.71 45.28
C ALA K 91 -29.80 -39.22 44.18
N GLY K 92 -30.36 -40.41 44.39
CA GLY K 92 -31.28 -41.02 43.48
C GLY K 92 -30.67 -42.07 42.57
N GLU K 93 -29.35 -42.04 42.39
CA GLU K 93 -28.64 -43.02 41.58
C GLU K 93 -27.46 -43.55 42.37
N GLU K 94 -27.25 -44.87 42.31
CA GLU K 94 -26.17 -45.48 43.09
C GLU K 94 -24.81 -45.23 42.44
N ASN K 95 -24.75 -45.21 41.11
CA ASN K 95 -23.50 -45.02 40.37
C ASN K 95 -23.50 -43.62 39.77
N GLN K 96 -23.11 -42.64 40.58
CA GLN K 96 -23.02 -41.25 40.15
C GLN K 96 -22.27 -40.44 41.20
N TYR K 97 -21.34 -39.61 40.75
CA TYR K 97 -20.56 -38.78 41.66
C TYR K 97 -20.22 -37.47 40.98
N ILE K 98 -19.87 -36.48 41.79
CA ILE K 98 -19.47 -35.15 41.31
C ILE K 98 -18.05 -34.89 41.80
N ALA K 99 -17.17 -34.52 40.88
CA ALA K 99 -15.78 -34.25 41.19
C ALA K 99 -15.45 -32.79 40.95
N TYR K 100 -14.53 -32.26 41.77
CA TYR K 100 -14.12 -30.87 41.71
C TYR K 100 -12.61 -30.80 41.45
N VAL K 101 -12.21 -30.04 40.44
CA VAL K 101 -10.76 -29.93 40.08
C VAL K 101 -10.36 -28.45 40.02
N ALA K 102 -9.15 -28.12 40.49
CA ALA K 102 -8.66 -26.73 40.48
C ALA K 102 -7.42 -26.61 39.60
N TYR K 103 -7.39 -25.65 38.67
CA TYR K 103 -6.26 -25.52 37.72
C TYR K 103 -5.53 -24.19 37.95
N PRO K 104 -4.18 -24.15 37.90
CA PRO K 104 -3.42 -22.91 38.08
C PRO K 104 -3.67 -21.92 36.95
N LEU K 105 -3.37 -20.65 37.22
CA LEU K 105 -3.65 -19.59 36.27
C LEU K 105 -2.65 -19.56 35.13
N ASP K 106 -1.38 -19.94 35.38
CA ASP K 106 -0.33 -19.81 34.39
C ASP K 106 -0.38 -20.86 33.30
N LEU K 107 -1.46 -21.65 33.22
CA LEU K 107 -1.58 -22.70 32.21
C LEU K 107 -2.35 -22.26 30.97
N PHE K 108 -2.80 -21.00 30.92
CA PHE K 108 -3.67 -20.54 29.85
C PHE K 108 -3.10 -19.29 29.19
N GLU K 109 -3.40 -19.13 27.90
CA GLU K 109 -3.00 -17.96 27.15
C GLU K 109 -4.08 -16.88 27.22
N GLU K 110 -3.66 -15.64 27.44
CA GLU K 110 -4.60 -14.55 27.63
C GLU K 110 -5.36 -14.25 26.34
N GLY K 111 -6.66 -14.05 26.45
CA GLY K 111 -7.47 -13.63 25.32
C GLY K 111 -7.84 -14.70 24.34
N SER K 112 -7.57 -15.97 24.63
CA SER K 112 -7.84 -17.07 23.73
C SER K 112 -8.89 -18.00 24.34
N VAL K 113 -9.96 -18.27 23.59
CA VAL K 113 -10.96 -19.23 24.04
C VAL K 113 -10.68 -20.63 23.51
N THR K 114 -9.99 -20.76 22.39
CA THR K 114 -9.64 -22.08 21.86
C THR K 114 -8.68 -22.80 22.81
N ASN K 115 -7.72 -22.08 23.38
CA ASN K 115 -6.73 -22.69 24.25
C ASN K 115 -7.36 -23.30 25.49
N MET K 116 -8.34 -22.60 26.07
CA MET K 116 -9.00 -23.12 27.27
C MET K 116 -9.68 -24.46 27.01
N PHE K 117 -10.45 -24.53 25.91
CA PHE K 117 -11.12 -25.77 25.57
C PHE K 117 -10.13 -26.86 25.19
N THR K 118 -9.04 -26.51 24.51
CA THR K 118 -8.03 -27.51 24.17
C THR K 118 -7.36 -28.08 25.42
N SER K 119 -7.06 -27.22 26.39
CA SER K 119 -6.33 -27.67 27.57
C SER K 119 -7.23 -28.43 28.54
N ILE K 120 -8.42 -27.91 28.82
CA ILE K 120 -9.27 -28.53 29.85
C ILE K 120 -9.74 -29.91 29.40
N VAL K 121 -10.29 -30.01 28.20
CA VAL K 121 -10.77 -31.28 27.65
C VAL K 121 -10.18 -31.46 26.25
N GLY K 122 -9.03 -32.14 26.18
CA GLY K 122 -8.56 -32.59 24.89
C GLY K 122 -8.45 -34.10 24.80
N ASN K 123 -8.02 -34.74 25.90
CA ASN K 123 -8.08 -36.20 26.05
C ASN K 123 -8.62 -36.48 27.45
N VAL K 124 -9.94 -36.42 27.60
CA VAL K 124 -10.59 -36.87 28.83
C VAL K 124 -11.74 -37.82 28.59
N PHE K 125 -12.38 -37.78 27.42
CA PHE K 125 -13.53 -38.62 27.13
C PHE K 125 -13.15 -39.95 26.49
N GLY K 126 -11.88 -40.12 26.14
CA GLY K 126 -11.37 -41.39 25.66
C GLY K 126 -10.89 -42.31 26.75
N PHE K 127 -11.04 -41.93 28.02
CA PHE K 127 -10.62 -42.77 29.12
C PHE K 127 -11.48 -44.04 29.17
N LYS K 128 -10.82 -45.19 29.26
CA LYS K 128 -11.50 -46.48 29.25
C LYS K 128 -11.84 -46.99 30.64
N ALA K 129 -11.47 -46.28 31.69
CA ALA K 129 -11.81 -46.66 33.05
C ALA K 129 -13.17 -46.15 33.48
N LEU K 130 -13.84 -45.36 32.64
CA LEU K 130 -15.17 -44.83 32.92
C LEU K 130 -16.15 -45.33 31.87
N ARG K 131 -17.39 -44.88 31.96
CA ARG K 131 -18.42 -45.27 31.01
C ARG K 131 -19.08 -44.04 30.39
N ALA K 132 -19.16 -42.95 31.16
CA ALA K 132 -19.80 -41.73 30.67
C ALA K 132 -19.29 -40.56 31.49
N LEU K 133 -19.09 -39.42 30.82
CA LEU K 133 -18.60 -38.20 31.46
C LEU K 133 -19.36 -37.02 30.90
N ARG K 134 -19.51 -35.98 31.72
CA ARG K 134 -20.24 -34.78 31.31
C ARG K 134 -19.76 -33.60 32.13
N LEU K 135 -19.34 -32.54 31.45
CA LEU K 135 -18.95 -31.30 32.12
C LEU K 135 -20.19 -30.45 32.37
N GLU K 136 -20.24 -29.83 33.55
CA GLU K 136 -21.44 -29.13 34.00
C GLU K 136 -21.24 -27.64 34.18
N ASP K 137 -20.16 -27.20 34.83
CA ASP K 137 -20.01 -25.80 35.16
C ASP K 137 -18.54 -25.42 35.23
N LEU K 138 -18.29 -24.12 35.17
CA LEU K 138 -16.95 -23.56 35.27
C LEU K 138 -17.00 -22.26 36.04
N ARG K 139 -15.86 -21.89 36.62
CA ARG K 139 -15.73 -20.61 37.32
C ARG K 139 -14.52 -19.88 36.77
N ILE K 140 -14.69 -18.62 36.40
CA ILE K 140 -13.66 -17.80 35.79
C ILE K 140 -13.32 -16.67 36.76
N PRO K 141 -12.09 -16.59 37.27
CA PRO K 141 -11.73 -15.54 38.21
C PRO K 141 -11.67 -14.19 37.52
N PRO K 142 -11.86 -13.09 38.26
CA PRO K 142 -11.78 -11.76 37.64
C PRO K 142 -10.41 -11.44 37.08
N ALA K 143 -9.34 -12.08 37.56
CA ALA K 143 -8.01 -11.84 37.02
C ALA K 143 -7.85 -12.39 35.61
N TYR K 144 -8.76 -13.25 35.16
CA TYR K 144 -8.70 -13.82 33.81
C TYR K 144 -9.73 -13.20 32.86
N SER K 145 -10.83 -12.66 33.38
CA SER K 145 -11.86 -12.05 32.55
C SER K 145 -11.49 -10.68 32.04
N LYS K 146 -10.46 -10.04 32.60
CA LYS K 146 -10.11 -8.68 32.22
C LYS K 146 -9.27 -8.62 30.95
N THR K 147 -8.83 -9.75 30.42
CA THR K 147 -8.05 -9.78 29.19
C THR K 147 -8.90 -9.99 27.95
N PHE K 148 -10.22 -10.08 28.11
CA PHE K 148 -11.14 -10.23 27.00
C PHE K 148 -11.89 -8.92 26.74
N GLN K 149 -12.48 -8.83 25.55
CA GLN K 149 -13.23 -7.62 25.20
C GLN K 149 -14.69 -7.73 25.60
N GLY K 150 -15.34 -8.84 25.26
CA GLY K 150 -16.72 -9.05 25.59
C GLY K 150 -17.66 -8.63 24.48
N PRO K 151 -18.93 -8.40 24.82
CA PRO K 151 -19.88 -7.96 23.80
C PRO K 151 -19.48 -6.63 23.23
N PRO K 152 -19.76 -6.40 21.94
CA PRO K 152 -19.39 -5.10 21.34
C PRO K 152 -20.08 -3.91 21.99
N HIS K 153 -21.41 -3.95 22.13
CA HIS K 153 -22.16 -2.84 22.68
C HIS K 153 -22.88 -3.19 23.98
N GLY K 154 -23.68 -4.25 23.99
CA GLY K 154 -24.38 -4.63 25.19
C GLY K 154 -25.89 -4.45 25.10
N ILE K 155 -26.53 -4.20 26.25
CA ILE K 155 -27.98 -4.03 26.32
C ILE K 155 -28.39 -2.57 26.36
N GLN K 156 -27.84 -1.81 27.30
CA GLN K 156 -28.24 -0.41 27.47
C GLN K 156 -27.86 0.42 26.26
N VAL K 157 -26.68 0.18 25.67
CA VAL K 157 -26.23 0.99 24.55
C VAL K 157 -27.09 0.76 23.33
N GLU K 158 -27.50 -0.50 23.08
CA GLU K 158 -28.30 -0.80 21.89
C GLU K 158 -29.66 -0.15 21.96
N ARG K 159 -30.27 -0.10 23.14
CA ARG K 159 -31.57 0.55 23.30
C ARG K 159 -31.49 2.04 23.00
N ASP K 160 -30.38 2.69 23.31
CA ASP K 160 -30.19 4.08 22.92
C ASP K 160 -30.04 4.24 21.42
N LYS K 161 -29.39 3.28 20.76
CA LYS K 161 -29.25 3.33 19.30
C LYS K 161 -30.58 3.14 18.61
N LEU K 162 -31.43 2.24 19.11
CA LEU K 162 -32.71 1.96 18.47
C LEU K 162 -33.85 2.84 18.96
N ASN K 163 -33.69 3.51 20.10
CA ASN K 163 -34.69 4.42 20.65
C ASN K 163 -36.03 3.70 20.87
N LYS K 164 -35.96 2.61 21.63
CA LYS K 164 -37.14 1.82 21.98
C LYS K 164 -37.07 1.48 23.47
N TYR K 165 -38.12 1.78 24.20
CA TYR K 165 -38.13 1.60 25.64
C TYR K 165 -39.46 1.01 26.10
N GLY K 166 -39.40 0.19 27.15
CA GLY K 166 -40.58 -0.20 27.90
C GLY K 166 -41.30 -1.45 27.45
N ARG K 167 -40.93 -2.04 26.32
CA ARG K 167 -41.63 -3.22 25.82
C ARG K 167 -40.64 -4.11 25.10
N PRO K 168 -40.91 -5.42 25.02
CA PRO K 168 -40.05 -6.30 24.24
C PRO K 168 -40.15 -6.01 22.75
N LEU K 169 -39.12 -6.45 22.03
CA LEU K 169 -39.06 -6.26 20.58
C LEU K 169 -39.76 -7.41 19.87
N LEU K 170 -40.03 -7.20 18.58
CA LEU K 170 -40.72 -8.18 17.75
C LEU K 170 -39.92 -8.44 16.49
N GLY K 171 -40.11 -9.64 15.93
CA GLY K 171 -39.43 -10.00 14.70
C GLY K 171 -40.14 -11.13 14.00
N CYS K 172 -39.67 -11.43 12.79
CA CYS K 172 -40.24 -12.51 11.98
C CYS K 172 -39.14 -13.07 11.10
N THR K 173 -39.36 -14.31 10.64
CA THR K 173 -38.40 -15.01 9.80
C THR K 173 -39.11 -15.63 8.60
N ILE K 174 -38.45 -15.58 7.44
CA ILE K 174 -38.95 -16.23 6.24
C ILE K 174 -38.40 -17.65 6.22
N LYS K 175 -39.08 -18.56 6.92
CA LYS K 175 -38.56 -19.90 7.12
C LYS K 175 -38.68 -20.77 5.87
N PRO K 176 -39.88 -20.97 5.29
CA PRO K 176 -39.98 -21.89 4.16
C PRO K 176 -39.54 -21.25 2.85
N LYS K 177 -40.50 -21.03 1.94
CA LYS K 177 -40.24 -20.38 0.66
C LYS K 177 -39.21 -21.16 -0.15
N LEU K 178 -37.99 -20.61 -0.27
CA LEU K 178 -36.86 -21.23 -0.93
C LEU K 178 -37.07 -21.28 -2.44
N GLY K 179 -36.05 -20.89 -3.21
CA GLY K 179 -36.14 -20.84 -4.64
C GLY K 179 -36.73 -19.56 -5.20
N LEU K 180 -37.15 -18.64 -4.34
CA LEU K 180 -37.72 -17.38 -4.80
C LEU K 180 -36.64 -16.48 -5.38
N SER K 181 -37.04 -15.62 -6.31
CA SER K 181 -36.13 -14.64 -6.88
C SER K 181 -35.85 -13.53 -5.87
N ALA K 182 -34.83 -12.72 -6.17
CA ALA K 182 -34.44 -11.65 -5.27
C ALA K 182 -35.53 -10.60 -5.12
N LYS K 183 -36.19 -10.24 -6.24
CA LYS K 183 -37.25 -9.25 -6.18
C LYS K 183 -38.42 -9.73 -5.32
N ASN K 184 -38.84 -10.98 -5.50
CA ASN K 184 -39.91 -11.52 -4.68
C ASN K 184 -39.48 -11.65 -3.22
N TYR K 185 -38.20 -11.96 -2.98
CA TYR K 185 -37.69 -12.02 -1.62
C TYR K 185 -37.77 -10.65 -0.94
N GLY K 186 -37.40 -9.59 -1.67
CA GLY K 186 -37.48 -8.26 -1.10
C GLY K 186 -38.89 -7.76 -0.91
N ARG K 187 -39.81 -8.17 -1.79
CA ARG K 187 -41.20 -7.74 -1.67
C ARG K 187 -41.81 -8.21 -0.36
N ALA K 188 -41.56 -9.47 0.02
CA ALA K 188 -42.11 -9.99 1.27
C ALA K 188 -41.53 -9.25 2.47
N VAL K 189 -40.23 -8.94 2.44
CA VAL K 189 -39.61 -8.21 3.53
C VAL K 189 -40.22 -6.82 3.66
N TYR K 190 -40.42 -6.14 2.53
CA TYR K 190 -41.03 -4.82 2.57
C TYR K 190 -42.46 -4.88 3.10
N GLU K 191 -43.23 -5.88 2.69
CA GLU K 191 -44.60 -6.01 3.16
C GLU K 191 -44.64 -6.28 4.66
N CYS K 192 -43.73 -7.13 5.15
CA CYS K 192 -43.75 -7.48 6.58
C CYS K 192 -43.28 -6.31 7.44
N LEU K 193 -42.26 -5.58 6.98
CA LEU K 193 -41.69 -4.52 7.81
C LEU K 193 -42.64 -3.34 8.01
N ARG K 194 -43.54 -3.08 7.06
CA ARG K 194 -44.44 -1.95 7.16
C ARG K 194 -45.64 -2.23 8.06
N GLY K 195 -45.89 -3.48 8.43
CA GLY K 195 -47.02 -3.80 9.28
C GLY K 195 -46.88 -3.37 10.73
N GLY K 196 -45.65 -3.25 11.21
CA GLY K 196 -45.43 -2.84 12.58
C GLY K 196 -44.31 -3.60 13.28
N LEU K 197 -43.72 -4.57 12.59
CA LEU K 197 -42.63 -5.34 13.17
C LEU K 197 -41.34 -4.52 13.18
N ASP K 198 -40.34 -5.03 13.90
CA ASP K 198 -39.07 -4.35 14.08
C ASP K 198 -37.94 -4.97 13.27
N PHE K 199 -37.74 -6.28 13.40
CA PHE K 199 -36.63 -6.98 12.75
C PHE K 199 -37.16 -7.97 11.73
N THR K 200 -36.24 -8.61 11.01
CA THR K 200 -36.61 -9.62 10.01
C THR K 200 -35.38 -10.51 9.87
N ASP K 202 -33.15 -14.14 8.28
CA ASP K 202 -32.91 -14.92 7.07
C ASP K 202 -32.70 -16.39 7.42
N ASP K 203 -32.92 -17.28 6.46
CA ASP K 203 -32.80 -18.70 6.70
C ASP K 203 -31.34 -19.05 6.99
N GLU K 204 -31.13 -20.02 7.88
CA GLU K 204 -29.76 -20.35 8.29
C GLU K 204 -28.95 -20.92 7.13
N ASN K 205 -29.56 -21.79 6.32
CA ASN K 205 -28.85 -22.44 5.22
C ASN K 205 -29.02 -21.69 3.90
N VAL K 206 -28.76 -20.38 3.92
CA VAL K 206 -28.80 -19.57 2.71
C VAL K 206 -27.60 -18.63 2.71
N ASN K 207 -26.55 -19.00 1.97
CA ASN K 207 -25.37 -18.15 1.83
C ASN K 207 -25.18 -17.65 0.41
N SER K 208 -25.01 -18.56 -0.54
CA SER K 208 -24.88 -18.20 -1.95
C SER K 208 -25.14 -19.44 -2.78
N GLN K 209 -26.19 -19.42 -3.59
CA GLN K 209 -26.63 -20.59 -4.33
C GLN K 209 -26.97 -20.17 -5.76
N PRO K 210 -26.98 -21.12 -6.69
CA PRO K 210 -27.27 -20.76 -8.09
C PRO K 210 -28.59 -20.06 -8.31
N PHE K 211 -29.62 -20.37 -7.51
CA PHE K 211 -30.91 -19.72 -7.70
C PHE K 211 -30.94 -18.29 -7.16
N MET K 212 -30.02 -17.93 -6.28
CA MET K 212 -29.98 -16.57 -5.75
C MET K 212 -28.60 -16.31 -5.15
N ARG K 213 -27.89 -15.32 -5.69
CA ARG K 213 -26.61 -14.91 -5.14
C ARG K 213 -26.84 -13.86 -4.04
N TRP K 214 -25.75 -13.36 -3.47
CA TRP K 214 -25.87 -12.52 -2.29
C TRP K 214 -25.76 -11.03 -2.60
N ARG K 215 -24.98 -10.65 -3.60
CA ARG K 215 -24.72 -9.22 -3.83
C ARG K 215 -25.96 -8.49 -4.33
N ASP K 216 -26.91 -9.20 -4.91
CA ASP K 216 -28.16 -8.58 -5.33
C ASP K 216 -29.26 -8.69 -4.27
N ARG K 217 -29.25 -9.77 -3.49
CA ARG K 217 -30.16 -9.85 -2.35
C ARG K 217 -29.89 -8.75 -1.35
N PHE K 218 -28.61 -8.45 -1.10
CA PHE K 218 -28.26 -7.33 -0.23
C PHE K 218 -28.82 -6.02 -0.77
N LEU K 219 -28.66 -5.80 -2.08
CA LEU K 219 -29.14 -4.56 -2.69
C LEU K 219 -30.65 -4.42 -2.56
N PHE K 220 -31.38 -5.50 -2.83
CA PHE K 220 -32.84 -5.43 -2.75
C PHE K 220 -33.32 -5.24 -1.32
N VAL K 221 -32.68 -5.91 -0.36
CA VAL K 221 -33.06 -5.72 1.04
C VAL K 221 -32.80 -4.28 1.47
N ALA K 222 -31.65 -3.72 1.08
CA ALA K 222 -31.36 -2.32 1.41
C ALA K 222 -32.35 -1.38 0.77
N GLU K 223 -32.76 -1.65 -0.49
CA GLU K 223 -33.75 -0.82 -1.14
C GLU K 223 -35.08 -0.87 -0.42
N ALA K 224 -35.51 -2.05 0.02
CA ALA K 224 -36.77 -2.19 0.74
C ALA K 224 -36.75 -1.53 2.11
N ILE K 225 -35.62 -1.59 2.81
CA ILE K 225 -35.55 -1.07 4.18
C ILE K 225 -35.81 0.44 4.18
N PHE K 226 -35.19 1.17 3.26
CA PHE K 226 -35.35 2.63 3.24
C PHE K 226 -36.80 3.01 2.93
N LYS K 227 -37.43 2.33 1.96
CA LYS K 227 -38.82 2.62 1.64
C LYS K 227 -39.73 2.33 2.82
N SER K 228 -39.49 1.23 3.53
CA SER K 228 -40.29 0.94 4.71
C SER K 228 -40.09 1.98 5.79
N GLN K 229 -38.85 2.45 5.97
CA GLN K 229 -38.55 3.41 7.04
C GLN K 229 -39.13 4.78 6.74
N ALA K 230 -39.16 5.19 5.48
CA ALA K 230 -39.55 6.55 5.12
C ALA K 230 -41.00 6.88 5.41
N GLU K 231 -41.85 5.88 5.68
CA GLU K 231 -43.27 6.10 5.87
C GLU K 231 -43.68 6.17 7.34
N THR K 232 -43.36 5.14 8.12
CA THR K 232 -43.79 5.06 9.51
C THR K 232 -42.93 5.88 10.46
N GLY K 233 -41.76 6.34 10.01
CA GLY K 233 -40.89 7.13 10.86
C GLY K 233 -40.31 6.38 12.04
N GLU K 234 -39.91 5.13 11.85
CA GLU K 234 -39.28 4.33 12.90
C GLU K 234 -38.10 3.57 12.30
N ILE K 235 -37.13 3.26 13.16
CA ILE K 235 -35.92 2.58 12.72
C ILE K 235 -36.19 1.09 12.59
N LYS K 236 -35.82 0.52 11.43
CA LYS K 236 -36.00 -0.89 11.15
C LYS K 236 -34.67 -1.54 10.83
N GLY K 237 -34.67 -2.86 10.73
CA GLY K 237 -33.44 -3.59 10.46
C GLY K 237 -33.74 -4.95 9.88
N HIS K 238 -32.66 -5.67 9.57
CA HIS K 238 -32.76 -6.99 8.96
C HIS K 238 -31.43 -7.70 9.12
N TYR K 239 -31.46 -8.94 9.63
CA TYR K 239 -30.26 -9.72 9.85
C TYR K 239 -29.73 -10.24 8.52
N LEU K 240 -28.48 -9.92 8.20
CA LEU K 240 -27.85 -10.38 6.97
C LEU K 240 -26.82 -11.45 7.30
N ASN K 241 -26.93 -12.60 6.65
CA ASN K 241 -26.04 -13.72 6.91
C ASN K 241 -24.65 -13.42 6.35
N ALA K 242 -23.62 -13.68 7.16
CA ALA K 242 -22.24 -13.41 6.78
C ALA K 242 -21.35 -14.64 6.84
N THR K 243 -21.91 -15.83 7.06
CA THR K 243 -21.12 -17.04 7.10
C THR K 243 -20.58 -17.37 5.72
N ALA K 244 -19.31 -17.76 5.66
CA ALA K 244 -18.65 -18.07 4.39
C ALA K 244 -17.71 -19.24 4.60
N GLY K 245 -17.10 -19.68 3.50
CA GLY K 245 -16.20 -20.82 3.55
C GLY K 245 -14.77 -20.46 3.90
N THR K 246 -14.39 -19.20 3.71
CA THR K 246 -13.06 -18.73 4.03
C THR K 246 -13.15 -17.37 4.71
N CYS K 247 -12.10 -17.03 5.46
CA CYS K 247 -12.08 -15.76 6.17
C CYS K 247 -11.94 -14.57 5.24
N GLU K 248 -11.30 -14.74 4.08
CA GLU K 248 -11.22 -13.66 3.10
C GLU K 248 -12.61 -13.33 2.56
N GLU K 249 -13.42 -14.35 2.29
CA GLU K 249 -14.77 -14.12 1.79
C GLU K 249 -15.70 -13.60 2.88
N MET K 250 -15.50 -14.03 4.13
CA MET K 250 -16.37 -13.58 5.22
C MET K 250 -16.24 -12.08 5.44
N MET K 251 -15.01 -11.56 5.39
CA MET K 251 -14.80 -10.13 5.62
C MET K 251 -15.26 -9.27 4.45
N LYS K 252 -15.40 -9.85 3.25
CA LYS K 252 -15.87 -9.08 2.11
C LYS K 252 -17.35 -8.75 2.23
N ARG K 253 -18.14 -9.67 2.79
CA ARG K 253 -19.58 -9.45 2.93
C ARG K 253 -19.93 -8.54 4.11
N ALA K 254 -18.98 -8.27 5.00
CA ALA K 254 -19.24 -7.38 6.12
C ALA K 254 -19.01 -5.91 5.77
N GLN K 255 -18.04 -5.62 4.89
CA GLN K 255 -17.81 -4.23 4.50
C GLN K 255 -18.89 -3.72 3.57
N PHE K 256 -19.45 -4.58 2.72
CA PHE K 256 -20.53 -4.16 1.84
C PHE K 256 -21.76 -3.75 2.64
N ALA K 257 -22.08 -4.48 3.71
CA ALA K 257 -23.18 -4.08 4.58
C ALA K 257 -22.91 -2.75 5.28
N ARG K 258 -21.64 -2.44 5.56
CA ARG K 258 -21.30 -1.16 6.14
C ARG K 258 -21.41 -0.02 5.12
N GLU K 259 -21.10 -0.30 3.85
CA GLU K 259 -21.22 0.72 2.81
C GLU K 259 -22.66 1.16 2.63
N LEU K 260 -23.61 0.23 2.68
CA LEU K 260 -25.02 0.55 2.52
C LEU K 260 -25.65 1.10 3.80
N GLY K 261 -24.91 1.13 4.90
CA GLY K 261 -25.44 1.63 6.16
C GLY K 261 -26.42 0.72 6.84
N MET K 262 -26.19 -0.62 6.79
CA MET K 262 -27.06 -1.53 7.51
C MET K 262 -26.60 -1.65 8.97
N PRO K 263 -27.52 -1.87 9.91
CA PRO K 263 -27.17 -1.82 11.33
C PRO K 263 -26.81 -3.15 11.99
N ILE K 264 -27.01 -4.29 11.33
CA ILE K 264 -26.88 -5.58 12.01
C ILE K 264 -26.48 -6.65 11.01
N VAL K 265 -25.74 -7.66 11.50
CA VAL K 265 -25.34 -8.83 10.73
C VAL K 265 -25.61 -10.08 11.57
N MET K 266 -25.25 -11.24 11.02
CA MET K 266 -25.55 -12.52 11.67
C MET K 266 -24.47 -13.52 11.34
N HIS K 267 -24.16 -14.39 12.31
CA HIS K 267 -23.12 -15.40 12.14
C HIS K 267 -23.47 -16.64 12.96
N ASP K 268 -22.97 -17.78 12.52
CA ASP K 268 -23.08 -19.05 13.25
C ASP K 268 -21.71 -19.36 13.86
N TYR K 269 -21.69 -19.58 15.18
CA TYR K 269 -20.44 -19.69 15.92
C TYR K 269 -20.07 -21.13 16.27
N LEU K 270 -20.87 -22.11 15.88
CA LEU K 270 -20.54 -23.50 16.19
C LEU K 270 -20.01 -24.29 14.99
N THR K 271 -20.52 -24.04 13.80
CA THR K 271 -19.97 -24.66 12.59
C THR K 271 -18.86 -23.83 11.95
N GLY K 272 -18.68 -22.59 12.39
CA GLY K 272 -17.64 -21.73 11.86
C GLY K 272 -16.38 -21.73 12.69
N GLY K 273 -16.54 -21.80 14.01
CA GLY K 273 -15.42 -21.83 14.93
C GLY K 273 -15.28 -20.54 15.70
N PHE K 274 -14.52 -20.63 16.80
CA PHE K 274 -14.30 -19.47 17.66
C PHE K 274 -13.30 -18.49 17.05
N THR K 275 -12.31 -18.99 16.30
CA THR K 275 -11.30 -18.14 15.71
C THR K 275 -11.92 -17.14 14.73
N ALA K 276 -12.84 -17.62 13.89
CA ALA K 276 -13.51 -16.73 12.95
C ALA K 276 -14.51 -15.81 13.64
N ASN K 277 -15.07 -16.23 14.76
CA ASN K 277 -16.03 -15.40 15.48
C ASN K 277 -15.37 -14.24 16.21
N THR K 278 -14.19 -14.48 16.80
CA THR K 278 -13.49 -13.41 17.50
C THR K 278 -13.09 -12.28 16.56
N THR K 279 -12.61 -12.61 15.36
CA THR K 279 -12.25 -11.57 14.40
C THR K 279 -13.47 -10.76 13.98
N LEU K 280 -14.60 -11.42 13.76
CA LEU K 280 -15.83 -10.71 13.41
C LEU K 280 -16.28 -9.78 14.53
N ALA K 281 -16.18 -10.24 15.78
CA ALA K 281 -16.54 -9.38 16.91
C ALA K 281 -15.61 -8.18 16.99
N HIS K 282 -14.31 -8.40 16.80
CA HIS K 282 -13.36 -7.29 16.83
C HIS K 282 -13.66 -6.27 15.73
N TYR K 283 -13.99 -6.75 14.52
CA TYR K 283 -14.34 -5.83 13.44
C TYR K 283 -15.63 -5.07 13.75
N CYS K 284 -16.63 -5.76 14.33
CA CYS K 284 -17.90 -5.12 14.62
C CYS K 284 -17.76 -4.05 15.69
N ARG K 285 -16.86 -4.25 16.66
CA ARG K 285 -16.65 -3.23 17.68
C ARG K 285 -16.13 -1.93 17.08
N ASP K 286 -15.23 -2.03 16.09
CA ASP K 286 -14.54 -0.87 15.56
C ASP K 286 -15.36 -0.08 14.54
N ASN K 287 -16.53 -0.56 14.15
CA ASN K 287 -17.32 0.11 13.12
C ASN K 287 -18.77 0.35 13.50
N GLY K 288 -19.19 -0.01 14.71
CA GLY K 288 -20.53 0.29 15.16
C GLY K 288 -21.62 -0.56 14.54
N LEU K 289 -21.43 -1.87 14.54
CA LEU K 289 -22.43 -2.80 14.05
C LEU K 289 -22.92 -3.68 15.19
N LEU K 290 -24.06 -4.34 14.97
CA LEU K 290 -24.66 -5.25 15.92
C LEU K 290 -24.55 -6.68 15.42
N LEU K 291 -24.27 -7.60 16.33
CA LEU K 291 -24.01 -9.00 15.99
C LEU K 291 -25.14 -9.87 16.52
N HIS K 292 -25.67 -10.73 15.67
CA HIS K 292 -26.70 -11.69 16.03
C HIS K 292 -26.12 -13.10 15.90
N ILE K 293 -26.29 -13.91 16.94
CA ILE K 293 -25.68 -15.23 17.01
C ILE K 293 -26.78 -16.28 16.90
N HIS K 294 -26.57 -17.26 16.02
CA HIS K 294 -27.55 -18.37 15.84
C HIS K 294 -26.86 -19.69 16.18
N ARG K 295 -27.39 -20.44 17.15
CA ARG K 295 -26.74 -21.71 17.60
C ARG K 295 -27.24 -22.87 16.73
N ALA K 296 -26.31 -23.61 16.12
CA ALA K 296 -26.70 -24.73 15.24
C ALA K 296 -25.83 -25.95 15.55
N MET K 297 -26.32 -27.15 15.22
CA MET K 297 -25.59 -28.39 15.45
C MET K 297 -25.45 -28.69 16.95
N HIS K 298 -25.88 -27.78 17.82
CA HIS K 298 -25.72 -27.96 19.27
C HIS K 298 -26.40 -29.22 19.80
N ALA K 299 -27.40 -29.74 19.09
CA ALA K 299 -28.12 -30.92 19.56
C ALA K 299 -27.25 -32.17 19.61
N VAL K 300 -26.11 -32.17 18.91
CA VAL K 300 -25.22 -33.33 18.92
C VAL K 300 -24.39 -33.41 20.20
N ILE K 301 -24.34 -32.34 20.98
CA ILE K 301 -23.47 -32.25 22.15
C ILE K 301 -24.24 -32.30 23.45
N ASP K 302 -25.30 -31.50 23.58
CA ASP K 302 -25.98 -31.30 24.86
C ASP K 302 -27.39 -31.89 24.90
N ARG K 303 -27.59 -33.05 24.27
CA ARG K 303 -28.91 -33.68 24.32
C ARG K 303 -29.00 -34.75 25.39
N GLN K 304 -28.02 -35.65 25.46
CA GLN K 304 -28.08 -36.75 26.41
C GLN K 304 -27.75 -36.27 27.82
N ARG K 305 -28.13 -37.09 28.80
CA ARG K 305 -27.99 -36.74 30.22
C ARG K 305 -26.70 -37.26 30.84
N ASN K 306 -25.86 -37.97 30.08
CA ASN K 306 -24.65 -38.56 30.65
C ASN K 306 -23.41 -38.38 29.79
N HIS K 307 -23.52 -37.76 28.62
CA HIS K 307 -22.36 -37.58 27.76
C HIS K 307 -22.51 -36.28 26.98
N GLY K 308 -21.46 -35.45 26.99
CA GLY K 308 -21.43 -34.21 26.27
C GLY K 308 -21.06 -33.06 27.18
N ILE K 309 -21.43 -31.85 26.75
CA ILE K 309 -21.17 -30.63 27.49
C ILE K 309 -22.48 -29.87 27.63
N HIS K 310 -22.78 -29.41 28.84
CA HIS K 310 -24.02 -28.67 29.06
C HIS K 310 -23.98 -27.33 28.33
N PHE K 311 -25.18 -26.85 27.97
CA PHE K 311 -25.28 -25.63 27.18
C PHE K 311 -24.86 -24.39 27.96
N ARG K 312 -24.97 -24.43 29.29
CA ARG K 312 -24.63 -23.25 30.09
C ARG K 312 -23.14 -22.93 30.05
N VAL K 313 -22.29 -23.86 29.64
CA VAL K 313 -20.87 -23.57 29.48
C VAL K 313 -20.63 -22.88 28.14
N LEU K 314 -21.26 -23.38 27.07
CA LEU K 314 -21.19 -22.70 25.78
C LEU K 314 -21.82 -21.32 25.83
N ALA K 315 -22.78 -21.10 26.74
CA ALA K 315 -23.34 -19.76 26.89
C ALA K 315 -22.34 -18.81 27.54
N LYS K 316 -21.60 -19.28 28.55
CA LYS K 316 -20.57 -18.45 29.16
C LYS K 316 -19.42 -18.18 28.19
N ALA K 317 -19.11 -19.15 27.33
CA ALA K 317 -18.03 -18.96 26.36
C ALA K 317 -18.34 -17.83 25.40
N LEU K 318 -19.59 -17.73 24.93
CA LEU K 318 -19.94 -16.70 23.96
C LEU K 318 -19.83 -15.30 24.54
N ARG K 319 -20.19 -15.14 25.82
CA ARG K 319 -20.12 -13.82 26.44
C ARG K 319 -18.68 -13.31 26.45
N MET K 320 -17.72 -14.19 26.71
CA MET K 320 -16.32 -13.80 26.64
C MET K 320 -15.87 -13.59 25.19
N SER K 321 -16.34 -14.44 24.28
CA SER K 321 -15.94 -14.30 22.88
C SER K 321 -16.53 -13.04 22.26
N GLY K 322 -17.83 -12.81 22.45
CA GLY K 322 -18.47 -11.62 21.92
C GLY K 322 -19.80 -11.88 21.23
N GLY K 323 -20.80 -11.06 21.53
CA GLY K 323 -22.10 -11.19 20.90
C GLY K 323 -23.16 -10.31 21.54
N ASP K 324 -24.26 -10.09 20.85
CA ASP K 324 -25.36 -9.27 21.37
C ASP K 324 -26.65 -10.04 21.54
N HIS K 325 -27.03 -10.88 20.58
CA HIS K 325 -28.23 -11.71 20.68
C HIS K 325 -27.83 -13.17 20.65
N ILE K 326 -28.69 -14.01 21.23
CA ILE K 326 -28.44 -15.45 21.28
C ILE K 326 -29.78 -16.16 21.43
N HIS K 327 -29.87 -17.37 20.88
CA HIS K 327 -31.07 -18.20 21.00
C HIS K 327 -31.00 -19.01 22.27
N SER K 328 -32.09 -19.02 23.04
CA SER K 328 -32.10 -19.72 24.35
C SER K 328 -33.12 -20.87 24.32
N GLY K 329 -34.39 -20.55 24.03
CA GLY K 329 -35.45 -21.56 24.02
C GLY K 329 -36.63 -21.14 24.87
N THR K 330 -37.85 -21.27 24.36
CA THR K 330 -39.08 -20.91 25.13
C THR K 330 -39.18 -21.80 26.37
N VAL K 331 -40.00 -21.41 27.35
CA VAL K 331 -40.07 -22.17 28.63
C VAL K 331 -41.53 -22.49 28.98
N VAL K 332 -42.49 -21.81 28.36
CA VAL K 332 -43.89 -22.02 28.71
C VAL K 332 -44.32 -23.48 28.49
N GLY K 333 -43.57 -24.25 27.73
CA GLY K 333 -43.91 -25.64 27.50
C GLY K 333 -43.24 -26.59 28.49
N LYS K 334 -42.59 -26.03 29.50
CA LYS K 334 -41.89 -26.81 30.52
C LYS K 334 -42.71 -26.91 31.78
N LEU K 335 -42.43 -27.94 32.57
CA LEU K 335 -43.16 -28.19 33.82
C LEU K 335 -42.23 -28.09 35.02
N GLU K 336 -42.75 -28.42 36.20
CA GLU K 336 -41.96 -28.33 37.42
C GLU K 336 -40.78 -29.30 37.38
N GLY K 337 -39.68 -28.88 37.98
CA GLY K 337 -38.41 -29.57 37.82
C GLY K 337 -37.59 -28.95 36.70
N GLU K 338 -38.24 -28.72 35.56
CA GLU K 338 -37.65 -27.91 34.51
C GLU K 338 -38.03 -26.44 34.72
N ARG K 339 -37.69 -25.59 33.75
CA ARG K 339 -37.98 -24.17 33.77
C ARG K 339 -37.11 -23.45 34.81
N GLU K 340 -36.39 -24.23 35.62
CA GLU K 340 -35.48 -23.69 36.61
C GLU K 340 -34.07 -23.48 36.06
N VAL K 341 -33.55 -24.47 35.33
CA VAL K 341 -32.23 -24.33 34.74
C VAL K 341 -32.22 -23.25 33.67
N THR K 342 -33.34 -23.11 32.93
CA THR K 342 -33.43 -22.05 31.94
C THR K 342 -33.42 -20.68 32.59
N LEU K 343 -34.22 -20.51 33.65
CA LEU K 343 -34.21 -19.25 34.39
C LEU K 343 -32.87 -19.01 35.06
N GLY K 344 -32.10 -20.07 35.31
CA GLY K 344 -30.78 -19.89 35.88
C GLY K 344 -29.77 -19.39 34.88
N PHE K 345 -29.69 -20.03 33.71
CA PHE K 345 -28.71 -19.57 32.75
C PHE K 345 -29.14 -18.29 32.05
N VAL K 346 -30.43 -17.95 32.06
CA VAL K 346 -30.84 -16.61 31.61
C VAL K 346 -30.28 -15.56 32.54
N ASP K 347 -30.36 -15.79 33.86
CA ASP K 347 -29.74 -14.88 34.82
C ASP K 347 -28.23 -14.83 34.63
N LEU K 348 -27.60 -15.97 34.37
CA LEU K 348 -26.17 -15.98 34.09
C LEU K 348 -25.83 -15.13 32.88
N LEU K 349 -26.69 -15.16 31.85
CA LEU K 349 -26.46 -14.37 30.66
C LEU K 349 -26.67 -12.88 30.90
N ARG K 350 -27.68 -12.51 31.69
CA ARG K 350 -28.07 -11.10 31.80
C ARG K 350 -27.54 -10.39 33.03
N ASP K 351 -27.46 -11.05 34.18
CA ASP K 351 -27.17 -10.36 35.42
C ASP K 351 -25.67 -10.04 35.54
N ASP K 352 -25.29 -9.43 36.66
CA ASP K 352 -23.91 -9.06 36.95
C ASP K 352 -23.30 -9.80 38.12
N TYR K 353 -24.12 -10.28 39.05
CA TYR K 353 -23.64 -11.04 40.20
C TYR K 353 -24.65 -12.12 40.53
N ILE K 354 -24.21 -13.37 40.49
CA ILE K 354 -25.09 -14.52 40.68
C ILE K 354 -24.55 -15.34 41.84
N GLU K 355 -25.44 -15.73 42.76
CA GLU K 355 -25.08 -16.51 43.92
C GLU K 355 -25.25 -18.00 43.65
N LYS K 356 -24.67 -18.81 44.54
CA LYS K 356 -24.75 -20.26 44.39
C LYS K 356 -26.15 -20.75 44.73
N ASP K 357 -26.67 -21.65 43.89
CA ASP K 357 -28.00 -22.22 44.12
C ASP K 357 -28.03 -23.59 43.44
N ARG K 358 -27.97 -24.66 44.24
CA ARG K 358 -27.94 -26.01 43.70
C ARG K 358 -29.27 -26.43 43.08
N SER K 359 -30.37 -25.78 43.46
CA SER K 359 -31.67 -26.13 42.92
C SER K 359 -31.89 -25.62 41.50
N ARG K 360 -31.04 -24.70 41.02
CA ARG K 360 -31.15 -24.15 39.68
C ARG K 360 -29.97 -24.53 38.79
N GLY K 361 -29.18 -25.52 39.18
CA GLY K 361 -28.05 -25.95 38.39
C GLY K 361 -26.84 -25.04 38.43
N ILE K 362 -26.65 -24.30 39.52
CA ILE K 362 -25.51 -23.40 39.68
C ILE K 362 -24.64 -23.95 40.79
N TYR K 363 -23.37 -24.18 40.49
CA TYR K 363 -22.43 -24.77 41.44
C TYR K 363 -21.39 -23.79 41.97
N PHE K 364 -21.27 -22.60 41.37
CA PHE K 364 -20.22 -21.67 41.75
C PHE K 364 -20.79 -20.25 41.79
N THR K 365 -20.12 -19.40 42.54
CA THR K 365 -20.45 -17.97 42.59
C THR K 365 -19.66 -17.25 41.52
N GLN K 366 -20.36 -16.44 40.71
CA GLN K 366 -19.77 -15.80 39.55
C GLN K 366 -19.86 -14.28 39.67
N ASP K 367 -18.78 -13.59 39.34
CA ASP K 367 -18.72 -12.14 39.32
C ASP K 367 -18.15 -11.69 37.99
N TRP K 368 -18.83 -10.75 37.33
CA TRP K 368 -18.48 -10.34 35.98
C TRP K 368 -17.79 -8.99 35.91
N VAL K 369 -17.52 -8.35 37.05
CA VAL K 369 -16.86 -7.05 37.19
C VAL K 369 -17.21 -6.10 36.03
N SER K 370 -18.49 -5.74 35.92
CA SER K 370 -18.96 -4.73 34.98
C SER K 370 -18.80 -5.16 33.52
N MET K 371 -19.24 -6.38 33.21
CA MET K 371 -19.28 -6.72 31.78
C MET K 371 -20.70 -6.59 31.25
N PRO K 372 -20.88 -6.15 30.01
CA PRO K 372 -22.22 -6.00 29.46
C PRO K 372 -22.94 -7.33 29.31
N GLY K 373 -24.28 -7.24 29.22
CA GLY K 373 -25.11 -8.43 29.13
C GLY K 373 -25.48 -8.79 27.69
N VAL K 374 -26.26 -9.85 27.58
CA VAL K 374 -26.67 -10.40 26.29
C VAL K 374 -28.19 -10.59 26.30
N LEU K 375 -28.85 -10.20 25.20
CA LEU K 375 -30.29 -10.30 25.06
C LEU K 375 -30.68 -11.72 24.62
N PRO K 376 -31.59 -12.38 25.33
CA PRO K 376 -32.05 -13.70 24.90
C PRO K 376 -33.21 -13.63 23.91
N VAL K 377 -33.27 -14.64 23.05
CA VAL K 377 -34.26 -14.71 21.97
C VAL K 377 -35.06 -15.99 22.12
N ALA K 378 -36.38 -15.87 22.04
CA ALA K 378 -37.28 -17.04 22.13
C ALA K 378 -37.89 -17.31 20.76
N SER K 379 -38.15 -18.57 20.43
CA SER K 379 -38.66 -18.92 19.07
C SER K 379 -39.50 -20.20 19.12
N GLY K 380 -39.73 -20.82 17.96
CA GLY K 380 -40.55 -22.05 17.89
C GLY K 380 -41.88 -21.78 17.21
N GLY K 381 -42.90 -22.57 17.51
CA GLY K 381 -44.25 -22.32 16.95
C GLY K 381 -45.11 -21.58 17.95
N ILE K 382 -45.25 -20.26 17.80
CA ILE K 382 -46.00 -19.48 18.83
C ILE K 382 -47.04 -18.59 18.12
N HIS K 383 -48.11 -18.21 18.83
CA HIS K 383 -49.18 -17.36 18.22
C HIS K 383 -49.64 -16.28 19.21
N VAL K 384 -50.79 -15.66 18.95
CA VAL K 384 -51.28 -14.51 19.78
C VAL K 384 -51.70 -14.96 21.18
N TRP K 385 -52.20 -16.20 21.33
CA TRP K 385 -52.73 -16.64 22.65
C TRP K 385 -51.57 -16.94 23.61
N HIS K 386 -50.32 -16.85 23.16
CA HIS K 386 -49.15 -17.15 24.02
C HIS K 386 -48.51 -15.85 24.53
N MET K 387 -48.95 -14.69 24.02
CA MET K 387 -48.31 -13.40 24.40
C MET K 387 -48.43 -13.14 25.91
N PRO K 388 -49.63 -13.20 26.53
CA PRO K 388 -49.77 -12.87 27.96
C PRO K 388 -48.75 -13.59 28.85
N ALA K 389 -48.37 -14.82 28.49
CA ALA K 389 -47.42 -15.62 29.30
C ALA K 389 -45.97 -15.19 28.99
N LEU K 390 -45.57 -15.25 27.71
CA LEU K 390 -44.21 -14.85 27.35
C LEU K 390 -43.83 -13.53 28.01
N THR K 391 -44.77 -12.57 28.04
CA THR K 391 -44.48 -11.27 28.65
C THR K 391 -44.24 -11.41 30.15
N GLU K 392 -45.03 -12.25 30.81
CA GLU K 392 -44.91 -12.39 32.27
C GLU K 392 -43.58 -12.99 32.66
N ILE K 393 -43.08 -13.96 31.90
CA ILE K 393 -41.91 -14.73 32.33
C ILE K 393 -40.62 -13.99 32.00
N PHE K 394 -40.42 -13.65 30.73
CA PHE K 394 -39.14 -13.09 30.31
C PHE K 394 -38.98 -11.64 30.75
N GLY K 395 -40.07 -10.88 30.80
CA GLY K 395 -39.98 -9.46 31.04
C GLY K 395 -39.74 -8.71 29.74
N ASP K 396 -39.55 -7.39 29.87
CA ASP K 396 -39.36 -6.52 28.72
C ASP K 396 -37.88 -6.41 28.41
N ASP K 397 -37.20 -7.55 28.36
CA ASP K 397 -35.78 -7.58 28.01
C ASP K 397 -35.46 -8.76 27.09
N SER K 398 -36.31 -9.00 26.09
CA SER K 398 -36.11 -10.14 25.20
C SER K 398 -36.69 -9.81 23.84
N VAL K 399 -36.45 -10.70 22.89
CA VAL K 399 -36.94 -10.58 21.52
C VAL K 399 -37.80 -11.79 21.22
N LEU K 400 -39.00 -11.56 20.70
CA LEU K 400 -39.93 -12.63 20.35
C LEU K 400 -39.96 -12.79 18.83
N GLN K 401 -39.73 -14.00 18.36
CA GLN K 401 -39.68 -14.31 16.93
C GLN K 401 -40.86 -15.20 16.56
N PHE K 402 -41.60 -14.81 15.53
CA PHE K 402 -42.75 -15.56 15.05
C PHE K 402 -42.41 -16.21 13.71
N GLY K 403 -42.82 -17.46 13.55
CA GLY K 403 -42.60 -18.18 12.32
C GLY K 403 -43.83 -18.23 11.44
N GLY K 404 -44.56 -19.35 11.48
CA GLY K 404 -45.77 -19.48 10.69
C GLY K 404 -46.96 -18.70 11.23
N GLY K 405 -46.79 -18.01 12.36
CA GLY K 405 -47.86 -17.23 12.96
C GLY K 405 -48.04 -15.84 12.39
N THR K 406 -47.29 -15.48 11.37
CA THR K 406 -47.40 -14.17 10.74
C THR K 406 -47.74 -14.25 9.26
N LEU K 407 -47.17 -15.21 8.54
CA LEU K 407 -47.42 -15.38 7.11
C LEU K 407 -48.60 -16.31 6.83
N GLY K 408 -49.29 -16.76 7.88
CA GLY K 408 -50.46 -17.63 7.71
C GLY K 408 -51.78 -16.87 7.73
N HIS K 409 -51.76 -15.59 8.12
CA HIS K 409 -53.02 -14.81 8.25
C HIS K 409 -53.85 -14.96 6.97
N PRO K 410 -55.19 -15.13 7.05
CA PRO K 410 -56.01 -15.37 5.87
C PRO K 410 -56.12 -14.16 4.93
N TRP K 411 -55.49 -13.03 5.28
CA TRP K 411 -55.63 -11.80 4.45
C TRP K 411 -54.28 -11.36 3.90
N GLY K 412 -53.17 -11.78 4.52
CA GLY K 412 -51.83 -11.45 4.01
C GLY K 412 -50.80 -11.24 5.10
N ASN K 413 -49.72 -10.50 4.81
CA ASN K 413 -48.64 -10.28 5.76
C ASN K 413 -48.81 -8.99 6.54
N ALA K 414 -49.05 -7.90 5.82
CA ALA K 414 -49.27 -6.60 6.50
C ALA K 414 -50.38 -6.76 7.55
N PRO K 415 -51.58 -7.31 7.23
CA PRO K 415 -52.60 -7.55 8.25
C PRO K 415 -52.09 -8.53 9.30
N GLY K 416 -51.30 -9.52 8.88
CA GLY K 416 -50.78 -10.55 9.80
C GLY K 416 -49.86 -9.96 10.85
N ALA K 417 -49.19 -8.85 10.54
CA ALA K 417 -48.26 -8.20 11.49
C ALA K 417 -49.04 -7.22 12.38
N VAL K 418 -50.09 -6.61 11.84
CA VAL K 418 -50.93 -5.64 12.62
C VAL K 418 -51.53 -6.37 13.83
N ALA K 419 -51.89 -7.64 13.67
CA ALA K 419 -52.52 -8.41 14.77
C ALA K 419 -51.54 -8.60 15.94
N ASN K 420 -50.30 -8.99 15.66
CA ASN K 420 -49.30 -9.28 16.73
C ASN K 420 -48.96 -8.01 17.49
N ARG K 421 -48.93 -6.87 16.81
CA ARG K 421 -48.62 -5.58 17.41
C ARG K 421 -49.70 -5.17 18.41
N VAL K 422 -50.97 -5.29 18.01
CA VAL K 422 -52.07 -4.90 18.88
C VAL K 422 -52.11 -5.77 20.12
N ALA K 423 -51.90 -7.07 19.96
CA ALA K 423 -51.90 -7.97 21.12
C ALA K 423 -50.80 -7.61 22.10
N LEU K 424 -49.59 -7.32 21.60
CA LEU K 424 -48.49 -6.97 22.49
C LEU K 424 -48.77 -5.66 23.22
N GLU K 425 -49.27 -4.65 22.52
CA GLU K 425 -49.47 -3.33 23.18
C GLU K 425 -50.55 -3.45 24.26
N ALA K 426 -51.39 -4.48 24.18
CA ALA K 426 -52.49 -4.66 25.16
C ALA K 426 -51.94 -5.26 26.46
N CYS K 427 -51.26 -6.41 26.37
CA CYS K 427 -50.72 -7.09 27.58
C CYS K 427 -49.95 -6.08 28.43
N VAL K 428 -49.04 -5.32 27.82
CA VAL K 428 -48.20 -4.34 28.57
C VAL K 428 -49.11 -3.41 29.38
N GLN K 429 -50.06 -2.75 28.72
CA GLN K 429 -50.95 -1.78 29.41
C GLN K 429 -51.58 -2.41 30.65
N ALA K 430 -52.32 -3.51 30.47
CA ALA K 430 -52.94 -4.21 31.62
C ALA K 430 -51.89 -4.41 32.71
N ARG K 431 -50.73 -4.98 32.36
CA ARG K 431 -49.66 -5.23 33.35
C ARG K 431 -49.38 -3.94 34.13
N ASN K 432 -49.14 -2.84 33.42
CA ASN K 432 -48.78 -1.56 34.09
C ASN K 432 -50.00 -1.02 34.84
N GLU K 433 -51.09 -1.80 34.94
CA GLU K 433 -52.23 -1.31 35.70
C GLU K 433 -52.44 -2.02 37.03
N GLY K 434 -51.81 -3.17 37.22
CA GLY K 434 -52.00 -3.95 38.45
C GLY K 434 -52.82 -5.21 38.23
N ARG K 435 -53.17 -5.51 36.98
CA ARG K 435 -53.93 -6.74 36.65
C ARG K 435 -52.96 -7.92 36.59
N ASP K 436 -53.44 -9.14 36.86
CA ASP K 436 -52.58 -10.34 36.76
C ASP K 436 -52.54 -10.81 35.31
N LEU K 437 -51.37 -11.17 34.80
CA LEU K 437 -51.25 -11.58 33.38
C LEU K 437 -51.27 -13.11 33.30
N ALA K 438 -51.07 -13.78 34.43
CA ALA K 438 -51.13 -15.27 34.46
C ALA K 438 -52.58 -15.72 34.28
N ARG K 439 -53.39 -15.63 35.35
CA ARG K 439 -54.82 -16.02 35.27
C ARG K 439 -55.52 -15.18 34.20
N GLU K 440 -55.89 -13.93 34.53
CA GLU K 440 -56.62 -13.07 33.58
C GLU K 440 -55.72 -12.78 32.37
N GLY K 441 -55.83 -13.58 31.31
CA GLY K 441 -55.02 -13.37 30.09
C GLY K 441 -55.85 -13.59 28.85
N ASN K 442 -56.70 -14.62 28.85
CA ASN K 442 -57.60 -14.89 27.69
C ASN K 442 -58.57 -13.71 27.58
N ASP K 443 -59.23 -13.36 28.69
CA ASP K 443 -60.15 -12.20 28.69
C ASP K 443 -59.47 -11.00 28.01
N ILE K 444 -58.34 -10.55 28.55
CA ILE K 444 -57.62 -9.37 27.98
C ILE K 444 -57.62 -9.45 26.45
N ILE K 445 -57.19 -10.58 25.89
CA ILE K 445 -57.08 -10.73 24.41
C ILE K 445 -58.45 -10.53 23.76
N ARG K 446 -59.52 -11.09 24.33
CA ARG K 446 -60.86 -10.99 23.70
C ARG K 446 -61.34 -9.55 23.69
N GLU K 447 -61.15 -8.81 24.78
CA GLU K 447 -61.67 -7.42 24.87
C GLU K 447 -61.06 -6.55 23.77
N ALA K 448 -59.82 -6.84 23.36
CA ALA K 448 -59.15 -6.04 22.30
C ALA K 448 -59.68 -6.45 20.93
N SER K 449 -59.94 -7.75 20.72
CA SER K 449 -60.44 -8.25 19.42
C SER K 449 -61.70 -7.48 19.01
N LYS K 450 -62.53 -7.10 19.99
CA LYS K 450 -63.81 -6.40 19.68
C LYS K 450 -63.56 -5.20 18.76
N TRP K 451 -62.54 -4.39 19.05
CA TRP K 451 -62.33 -3.15 18.26
C TRP K 451 -61.27 -3.34 17.17
N SER K 452 -60.82 -4.57 16.95
CA SER K 452 -59.75 -4.82 15.93
C SER K 452 -60.14 -5.99 15.03
N PRO K 453 -60.46 -5.76 13.74
CA PRO K 453 -60.81 -6.83 12.80
C PRO K 453 -59.63 -7.75 12.44
N GLU K 454 -58.41 -7.20 12.41
CA GLU K 454 -57.21 -8.03 12.14
C GLU K 454 -56.93 -8.94 13.34
N LEU K 455 -57.14 -8.44 14.57
CA LEU K 455 -56.99 -9.30 15.77
C LEU K 455 -58.01 -10.42 15.64
N ALA K 456 -59.26 -10.10 15.29
CA ALA K 456 -60.25 -11.15 15.01
C ALA K 456 -59.79 -11.87 13.74
N ALA K 457 -60.53 -12.86 13.24
CA ALA K 457 -60.06 -13.65 12.08
C ALA K 457 -58.86 -14.50 12.53
N ALA K 458 -57.82 -13.86 13.09
CA ALA K 458 -56.67 -14.61 13.63
C ALA K 458 -57.15 -15.49 14.79
N CYS K 459 -58.14 -15.01 15.54
CA CYS K 459 -58.69 -15.78 16.69
C CYS K 459 -59.66 -16.84 16.16
N GLU K 460 -59.91 -16.87 14.86
CA GLU K 460 -60.81 -17.87 14.25
C GLU K 460 -59.96 -18.91 13.50
N VAL K 461 -58.64 -18.76 13.52
CA VAL K 461 -57.72 -19.73 12.87
C VAL K 461 -56.90 -20.42 13.97
N TRP K 462 -56.47 -19.65 14.98
CA TRP K 462 -55.67 -20.22 16.09
C TRP K 462 -56.55 -20.35 17.34
N LYS K 463 -56.57 -21.53 17.97
CA LYS K 463 -57.47 -21.77 19.13
C LYS K 463 -56.87 -21.17 20.40
N GLU K 464 -57.59 -21.29 21.53
CA GLU K 464 -57.14 -20.63 22.79
C GLU K 464 -56.87 -21.67 23.87
N ILE K 465 -55.78 -21.51 24.61
CA ILE K 465 -55.42 -22.46 25.72
C ILE K 465 -56.33 -22.17 26.90
N LYS K 466 -56.96 -23.20 27.46
CA LYS K 466 -57.91 -23.01 28.59
C LYS K 466 -57.57 -23.98 29.72
N TYR L 24 -42.72 -38.65 0.98
CA TYR L 24 -41.26 -38.67 0.73
C TYR L 24 -40.83 -40.07 0.29
N TYR L 25 -41.07 -41.07 1.14
CA TYR L 25 -40.59 -42.45 0.81
C TYR L 25 -40.98 -42.82 -0.63
N THR L 26 -39.99 -42.89 -1.53
CA THR L 26 -40.25 -43.24 -2.95
C THR L 26 -39.35 -44.42 -3.35
N PRO L 27 -39.72 -45.68 -3.07
CA PRO L 27 -38.86 -46.81 -3.37
C PRO L 27 -38.57 -46.91 -4.88
N ASP L 28 -39.55 -46.54 -5.70
CA ASP L 28 -39.41 -46.62 -7.18
C ASP L 28 -38.42 -45.56 -7.67
N TYR L 29 -37.81 -44.80 -6.76
CA TYR L 29 -36.90 -43.73 -7.14
C TYR L 29 -35.51 -44.30 -7.43
N GLU L 30 -34.92 -43.85 -8.53
CA GLU L 30 -33.57 -44.24 -8.92
C GLU L 30 -32.68 -43.00 -8.84
N THR L 31 -31.62 -43.09 -8.05
CA THR L 31 -30.73 -41.96 -7.85
C THR L 31 -29.92 -41.70 -9.11
N LYS L 32 -29.70 -40.41 -9.40
CA LYS L 32 -28.88 -40.00 -10.52
C LYS L 32 -27.44 -39.82 -10.06
N ASP L 33 -26.57 -39.40 -11.00
CA ASP L 33 -25.15 -39.29 -10.73
C ASP L 33 -24.75 -37.94 -10.15
N THR L 34 -25.70 -37.06 -9.86
CA THR L 34 -25.38 -35.77 -9.27
C THR L 34 -26.18 -35.55 -7.98
N ASP L 35 -26.20 -36.55 -7.12
CA ASP L 35 -26.96 -36.50 -5.87
C ASP L 35 -26.05 -36.85 -4.71
N ILE L 36 -26.28 -36.21 -3.56
CA ILE L 36 -25.55 -36.52 -2.34
C ILE L 36 -26.41 -37.46 -1.48
N LEU L 37 -25.84 -38.58 -1.08
CA LEU L 37 -26.56 -39.61 -0.33
C LEU L 37 -26.02 -39.71 1.09
N ALA L 38 -26.91 -40.04 2.02
CA ALA L 38 -26.57 -40.19 3.43
C ALA L 38 -27.32 -41.38 4.01
N ALA L 39 -26.81 -41.89 5.12
CA ALA L 39 -27.41 -43.06 5.77
C ALA L 39 -27.20 -42.94 7.26
N PHE L 40 -28.30 -42.89 8.02
CA PHE L 40 -28.26 -42.85 9.48
C PHE L 40 -29.04 -44.01 10.05
N ARG L 41 -28.71 -44.39 11.28
CA ARG L 41 -29.44 -45.38 12.03
C ARG L 41 -30.34 -44.70 13.06
N MET L 42 -31.49 -45.30 13.32
CA MET L 42 -32.53 -44.67 14.11
C MET L 42 -33.05 -45.63 15.18
N THR L 43 -33.56 -45.06 16.26
CA THR L 43 -34.18 -45.80 17.35
C THR L 43 -35.53 -45.17 17.65
N PRO L 44 -36.56 -45.54 16.91
CA PRO L 44 -37.88 -44.92 17.11
C PRO L 44 -38.46 -45.25 18.47
N GLN L 45 -39.27 -44.33 18.99
CA GLN L 45 -39.97 -44.55 20.24
C GLN L 45 -41.05 -45.62 20.04
N PRO L 46 -41.43 -46.31 21.12
CA PRO L 46 -42.47 -47.35 21.00
C PRO L 46 -43.76 -46.78 20.46
N GLY L 47 -44.31 -47.44 19.44
CA GLY L 47 -45.55 -47.01 18.84
C GLY L 47 -45.40 -46.47 17.42
N VAL L 48 -44.29 -45.78 17.17
CA VAL L 48 -44.04 -45.16 15.87
C VAL L 48 -43.68 -46.24 14.85
N PRO L 49 -44.39 -46.34 13.73
CA PRO L 49 -44.02 -47.31 12.71
C PRO L 49 -42.71 -46.92 12.05
N PRO L 50 -41.93 -47.84 11.43
CA PRO L 50 -40.62 -47.47 10.89
C PRO L 50 -40.69 -46.62 9.60
N GLU L 51 -41.59 -46.94 8.68
CA GLU L 51 -41.67 -46.22 7.37
C GLU L 51 -41.97 -44.73 7.61
N GLU L 52 -42.84 -44.41 8.56
CA GLU L 52 -43.23 -43.00 8.82
C GLU L 52 -42.02 -42.24 9.33
N ALA L 53 -41.24 -42.83 10.25
CA ALA L 53 -40.07 -42.16 10.84
C ALA L 53 -39.08 -41.74 9.74
N GLY L 54 -38.78 -42.63 8.80
CA GLY L 54 -37.86 -42.30 7.71
C GLY L 54 -38.26 -41.01 7.00
N ALA L 55 -39.53 -40.89 6.58
CA ALA L 55 -40.01 -39.71 5.84
C ALA L 55 -39.86 -38.45 6.69
N ALA L 56 -40.04 -38.55 8.01
CA ALA L 56 -39.95 -37.36 8.89
C ALA L 56 -38.51 -36.86 8.95
N VAL L 57 -37.53 -37.77 8.89
CA VAL L 57 -36.09 -37.38 8.93
C VAL L 57 -35.72 -36.62 7.65
N ALA L 58 -36.28 -37.03 6.51
CA ALA L 58 -35.96 -36.38 5.22
C ALA L 58 -36.66 -35.02 5.13
N ALA L 59 -37.65 -34.77 5.97
CA ALA L 59 -38.40 -33.49 5.94
C ALA L 59 -37.84 -32.53 6.99
N GLU L 60 -37.49 -33.05 8.17
CA GLU L 60 -36.92 -32.21 9.26
C GLU L 60 -35.45 -31.91 8.95
N SER L 61 -35.00 -32.19 7.73
CA SER L 61 -33.61 -31.89 7.31
C SER L 61 -33.62 -31.12 5.99
N SER L 62 -34.81 -30.77 5.49
CA SER L 62 -34.94 -30.06 4.20
C SER L 62 -36.02 -28.98 4.26
N THR L 63 -37.27 -29.30 3.92
CA THR L 63 -38.34 -28.26 3.85
C THR L 63 -39.03 -28.08 5.22
N GLY L 64 -39.45 -29.17 5.85
CA GLY L 64 -40.14 -29.08 7.15
C GLY L 64 -41.61 -29.38 7.03
N THR L 65 -42.05 -29.86 5.85
CA THR L 65 -43.50 -30.12 5.61
C THR L 65 -43.69 -31.35 4.73
N TRP L 66 -44.91 -31.87 4.65
CA TRP L 66 -45.23 -33.05 3.82
C TRP L 66 -46.34 -32.69 2.82
N THR L 67 -46.76 -31.42 2.80
CA THR L 67 -47.90 -31.00 1.94
C THR L 67 -47.47 -29.87 1.00
N THR L 68 -48.26 -29.62 -0.05
CA THR L 68 -47.97 -28.52 -0.96
C THR L 68 -48.92 -27.35 -0.72
N VAL L 69 -48.80 -26.76 0.48
CA VAL L 69 -49.72 -25.64 0.86
C VAL L 69 -48.92 -24.33 0.91
N TRP L 70 -47.60 -24.42 1.09
CA TRP L 70 -46.76 -23.20 1.21
C TRP L 70 -46.18 -22.83 -0.14
N THR L 71 -46.18 -23.77 -1.10
CA THR L 71 -45.66 -23.49 -2.46
C THR L 71 -46.77 -22.85 -3.31
N SER L 76 -42.18 -24.18 -9.58
CA SER L 76 -42.59 -25.11 -8.54
C SER L 76 -41.42 -25.48 -7.64
N LEU L 77 -41.67 -25.52 -6.34
CA LEU L 77 -40.65 -25.90 -5.37
C LEU L 77 -40.20 -27.34 -5.62
N ASP L 78 -41.12 -28.29 -5.41
CA ASP L 78 -40.97 -29.71 -5.70
C ASP L 78 -39.54 -30.24 -5.65
N ARG L 79 -38.72 -29.84 -6.62
CA ARG L 79 -37.40 -30.42 -6.78
C ARG L 79 -36.42 -29.99 -5.70
N TYR L 80 -36.81 -29.05 -4.84
CA TYR L 80 -35.85 -28.54 -3.82
C TYR L 80 -36.00 -29.29 -2.50
N LYS L 81 -36.32 -30.59 -2.54
CA LYS L 81 -36.59 -31.32 -1.27
C LYS L 81 -35.84 -32.67 -1.25
N GLY L 82 -35.74 -33.30 -0.06
CA GLY L 82 -35.07 -34.61 0.07
C GLY L 82 -36.07 -35.75 0.06
N ARG L 83 -35.59 -36.99 -0.10
CA ARG L 83 -36.52 -38.14 -0.22
C ARG L 83 -35.90 -39.43 0.33
N CYS L 84 -36.67 -40.23 1.07
CA CYS L 84 -36.18 -41.56 1.54
C CYS L 84 -36.50 -42.60 0.48
N TYR L 85 -35.55 -43.48 0.15
CA TYR L 85 -35.79 -44.45 -0.96
C TYR L 85 -35.48 -45.89 -0.53
N ASP L 86 -35.14 -46.12 0.74
CA ASP L 86 -34.78 -47.46 1.17
C ASP L 86 -34.77 -47.53 2.69
N ILE L 87 -35.13 -48.71 3.21
CA ILE L 87 -35.16 -48.97 4.65
C ILE L 87 -34.79 -50.43 4.87
N GLU L 88 -33.88 -50.67 5.80
CA GLU L 88 -33.46 -52.03 6.14
C GLU L 88 -33.51 -52.24 7.65
N PRO L 89 -33.77 -53.47 8.09
CA PRO L 89 -33.72 -53.77 9.52
C PRO L 89 -32.34 -54.26 9.96
N VAL L 90 -31.86 -53.76 11.09
CA VAL L 90 -30.54 -54.17 11.58
C VAL L 90 -30.65 -55.50 12.30
N ALA L 91 -29.81 -56.46 11.90
CA ALA L 91 -29.80 -57.78 12.52
C ALA L 91 -29.19 -57.72 13.91
N GLY L 92 -29.74 -58.51 14.82
CA GLY L 92 -29.26 -58.59 16.18
C GLY L 92 -29.96 -57.67 17.16
N GLU L 93 -30.65 -56.64 16.68
CA GLU L 93 -31.39 -55.72 17.53
C GLU L 93 -32.73 -55.44 16.87
N GLU L 94 -33.82 -55.61 17.64
CA GLU L 94 -35.14 -55.49 17.06
C GLU L 94 -35.49 -54.03 16.76
N ASN L 95 -35.07 -53.10 17.61
CA ASN L 95 -35.39 -51.68 17.44
C ASN L 95 -34.19 -50.95 16.85
N GLN L 96 -33.98 -51.16 15.55
CA GLN L 96 -32.88 -50.51 14.84
C GLN L 96 -33.14 -50.65 13.34
N TYR L 97 -32.93 -49.55 12.61
CA TYR L 97 -33.15 -49.53 11.18
C TYR L 97 -32.12 -48.62 10.51
N ILE L 98 -31.97 -48.79 9.21
CA ILE L 98 -31.07 -47.98 8.40
C ILE L 98 -31.89 -47.29 7.32
N ALA L 99 -31.73 -45.97 7.19
CA ALA L 99 -32.48 -45.18 6.23
C ALA L 99 -31.52 -44.57 5.21
N TYR L 100 -32.07 -44.27 4.03
CA TYR L 100 -31.30 -43.69 2.94
C TYR L 100 -32.01 -42.44 2.43
N VAL L 101 -31.27 -41.36 2.26
CA VAL L 101 -31.81 -40.08 1.84
C VAL L 101 -30.97 -39.54 0.69
N ALA L 102 -31.63 -38.88 -0.27
CA ALA L 102 -30.97 -38.28 -1.41
C ALA L 102 -31.28 -36.78 -1.45
N TYR L 103 -30.28 -35.98 -1.83
CA TYR L 103 -30.41 -34.54 -1.86
C TYR L 103 -30.03 -34.00 -3.24
N PRO L 104 -30.69 -32.94 -3.70
CA PRO L 104 -30.33 -32.33 -4.98
C PRO L 104 -28.99 -31.61 -4.89
N LEU L 105 -28.38 -31.40 -6.06
CA LEU L 105 -27.07 -30.76 -6.13
C LEU L 105 -27.13 -29.26 -5.89
N ASP L 106 -28.21 -28.60 -6.31
CA ASP L 106 -28.31 -27.15 -6.26
C ASP L 106 -28.55 -26.60 -4.85
N LEU L 107 -28.47 -27.44 -3.82
CA LEU L 107 -28.72 -27.00 -2.46
C LEU L 107 -27.45 -26.61 -1.72
N PHE L 108 -26.27 -26.73 -2.33
CA PHE L 108 -25.01 -26.52 -1.66
C PHE L 108 -24.17 -25.49 -2.39
N GLU L 109 -23.38 -24.73 -1.61
CA GLU L 109 -22.48 -23.72 -2.17
C GLU L 109 -21.14 -24.35 -2.51
N GLU L 110 -20.62 -23.98 -3.67
CA GLU L 110 -19.38 -24.58 -4.18
C GLU L 110 -18.20 -24.17 -3.30
N GLY L 111 -17.35 -25.13 -2.97
CA GLY L 111 -16.12 -24.87 -2.26
C GLY L 111 -16.26 -24.61 -0.78
N SER L 112 -17.44 -24.84 -0.20
CA SER L 112 -17.69 -24.57 1.22
C SER L 112 -17.98 -25.88 1.94
N VAL L 113 -17.19 -26.16 2.98
CA VAL L 113 -17.45 -27.32 3.82
C VAL L 113 -18.40 -26.96 4.97
N THR L 114 -18.35 -25.71 5.44
CA THR L 114 -19.25 -25.30 6.53
C THR L 114 -20.70 -25.39 6.10
N ASN L 115 -21.01 -25.03 4.85
CA ASN L 115 -22.39 -25.07 4.38
C ASN L 115 -22.91 -26.50 4.28
N MET L 116 -22.04 -27.46 3.96
CA MET L 116 -22.50 -28.84 3.83
C MET L 116 -22.97 -29.40 5.16
N PHE L 117 -22.26 -29.10 6.25
CA PHE L 117 -22.65 -29.62 7.54
C PHE L 117 -23.89 -28.92 8.09
N THR L 118 -23.97 -27.60 7.90
CA THR L 118 -25.09 -26.84 8.44
C THR L 118 -26.41 -27.13 7.73
N SER L 119 -26.38 -27.77 6.57
CA SER L 119 -27.61 -28.08 5.85
C SER L 119 -28.08 -29.51 6.11
N ILE L 120 -27.19 -30.49 6.00
CA ILE L 120 -27.56 -31.87 6.27
C ILE L 120 -27.94 -32.05 7.74
N VAL L 121 -27.14 -31.49 8.64
CA VAL L 121 -27.40 -31.57 10.08
C VAL L 121 -27.37 -30.13 10.63
N GLY L 122 -28.53 -29.49 10.68
CA GLY L 122 -28.65 -28.25 11.42
C GLY L 122 -29.63 -28.40 12.57
N ASN L 123 -30.70 -29.16 12.34
CA ASN L 123 -31.60 -29.58 13.41
C ASN L 123 -32.23 -30.92 12.99
N VAL L 124 -31.57 -32.01 13.36
CA VAL L 124 -32.15 -33.34 13.22
C VAL L 124 -32.03 -34.18 14.48
N PHE L 125 -31.09 -33.88 15.37
CA PHE L 125 -30.94 -34.61 16.62
C PHE L 125 -31.83 -34.07 17.73
N GLY L 126 -32.57 -32.99 17.44
CA GLY L 126 -33.51 -32.45 18.43
C GLY L 126 -34.91 -33.03 18.24
N PHE L 127 -35.10 -33.81 17.17
CA PHE L 127 -36.43 -34.44 16.90
C PHE L 127 -36.80 -35.31 18.10
N LYS L 128 -37.93 -35.03 18.73
CA LYS L 128 -38.31 -35.77 19.97
C LYS L 128 -38.88 -37.14 19.64
N ALA L 129 -39.49 -37.29 18.46
CA ALA L 129 -40.12 -38.56 18.15
C ALA L 129 -39.13 -39.73 18.12
N LEU L 130 -37.85 -39.46 18.32
CA LEU L 130 -36.81 -40.48 18.32
C LEU L 130 -36.10 -40.48 19.67
N ARG L 131 -35.22 -41.47 19.85
CA ARG L 131 -34.41 -41.57 21.05
C ARG L 131 -32.91 -41.51 20.80
N ALA L 132 -32.43 -41.87 19.61
CA ALA L 132 -31.02 -41.85 19.30
C ALA L 132 -30.84 -41.84 17.80
N LEU L 133 -29.84 -41.10 17.33
CA LEU L 133 -29.54 -41.00 15.91
C LEU L 133 -28.03 -40.94 15.70
N ARG L 134 -27.57 -41.47 14.58
CA ARG L 134 -26.13 -41.50 14.28
C ARG L 134 -25.93 -41.52 12.78
N LEU L 135 -25.18 -40.55 12.26
CA LEU L 135 -24.80 -40.53 10.86
C LEU L 135 -23.62 -41.46 10.62
N GLU L 136 -23.64 -42.17 9.50
CA GLU L 136 -22.65 -43.21 9.24
C GLU L 136 -21.77 -42.92 8.03
N ASP L 137 -22.35 -42.55 6.89
CA ASP L 137 -21.57 -42.43 5.67
C ASP L 137 -22.18 -41.38 4.75
N LEU L 138 -21.38 -40.96 3.77
CA LEU L 138 -21.80 -40.00 2.76
C LEU L 138 -21.16 -40.38 1.43
N ARG L 139 -21.80 -39.93 0.34
CA ARG L 139 -21.26 -40.11 -1.00
C ARG L 139 -21.22 -38.75 -1.69
N ILE L 140 -20.04 -38.38 -2.18
CA ILE L 140 -19.82 -37.10 -2.84
C ILE L 140 -19.62 -37.36 -4.33
N PRO L 141 -20.52 -36.88 -5.19
CA PRO L 141 -20.35 -37.15 -6.63
C PRO L 141 -19.16 -36.39 -7.19
N PRO L 142 -18.57 -36.89 -8.27
CA PRO L 142 -17.42 -36.17 -8.87
C PRO L 142 -17.77 -34.79 -9.39
N ALA L 143 -19.04 -34.51 -9.69
CA ALA L 143 -19.44 -33.19 -10.14
C ALA L 143 -19.36 -32.14 -9.03
N TYR L 144 -19.21 -32.57 -7.78
CA TYR L 144 -19.10 -31.65 -6.64
C TYR L 144 -17.71 -31.59 -6.05
N SER L 145 -16.91 -32.65 -6.21
CA SER L 145 -15.55 -32.66 -5.66
C SER L 145 -14.59 -31.78 -6.47
N LYS L 146 -14.91 -31.48 -7.72
CA LYS L 146 -13.98 -30.74 -8.57
C LYS L 146 -13.88 -29.26 -8.19
N THR L 147 -14.74 -28.77 -7.31
CA THR L 147 -14.69 -27.38 -6.89
C THR L 147 -13.83 -27.15 -5.66
N PHE L 148 -13.23 -28.20 -5.12
CA PHE L 148 -12.35 -28.10 -3.96
C PHE L 148 -10.90 -28.21 -4.40
N GLN L 149 -10.00 -27.69 -3.55
CA GLN L 149 -8.58 -27.76 -3.87
C GLN L 149 -7.95 -29.08 -3.45
N GLY L 150 -8.26 -29.55 -2.24
CA GLY L 150 -7.73 -30.80 -1.76
C GLY L 150 -6.47 -30.64 -0.95
N PRO L 151 -5.73 -31.73 -0.77
CA PRO L 151 -4.47 -31.65 -0.03
C PRO L 151 -3.48 -30.76 -0.74
N PRO L 152 -2.61 -30.07 0.01
CA PRO L 152 -1.64 -29.19 -0.64
C PRO L 152 -0.69 -29.90 -1.59
N HIS L 153 -0.01 -30.94 -1.13
CA HIS L 153 0.98 -31.66 -1.93
C HIS L 153 0.56 -33.10 -2.22
N GLY L 154 0.29 -33.89 -1.19
CA GLY L 154 -0.09 -35.28 -1.37
C GLY L 154 0.94 -36.23 -0.77
N ILE L 155 1.07 -37.40 -1.39
CA ILE L 155 1.97 -38.44 -0.92
C ILE L 155 3.20 -38.55 -1.81
N GLN L 156 3.00 -38.68 -3.12
CA GLN L 156 4.13 -38.83 -4.04
C GLN L 156 5.01 -37.59 -4.06
N VAL L 157 4.40 -36.39 -4.03
CA VAL L 157 5.17 -35.17 -4.06
C VAL L 157 5.96 -34.98 -2.77
N GLU L 158 5.37 -35.35 -1.63
CA GLU L 158 6.03 -35.15 -0.35
C GLU L 158 7.29 -36.01 -0.24
N ARG L 159 7.23 -37.25 -0.71
CA ARG L 159 8.38 -38.14 -0.61
C ARG L 159 9.55 -37.64 -1.45
N ASP L 160 9.27 -36.96 -2.56
CA ASP L 160 10.34 -36.41 -3.39
C ASP L 160 11.04 -35.22 -2.71
N LYS L 161 10.30 -34.45 -1.92
CA LYS L 161 10.91 -33.30 -1.24
C LYS L 161 11.84 -33.74 -0.13
N LEU L 162 11.60 -34.91 0.47
CA LEU L 162 12.42 -35.39 1.59
C LEU L 162 13.47 -36.39 1.16
N ASN L 163 13.35 -37.00 -0.02
CA ASN L 163 14.31 -37.97 -0.53
C ASN L 163 14.43 -39.18 0.40
N LYS L 164 13.29 -39.80 0.68
CA LYS L 164 13.21 -40.98 1.53
C LYS L 164 12.29 -41.99 0.87
N TYR L 165 12.82 -43.20 0.61
CA TYR L 165 12.06 -44.24 -0.06
C TYR L 165 12.26 -45.58 0.64
N GLY L 166 11.22 -46.41 0.60
CA GLY L 166 11.32 -47.81 0.94
C GLY L 166 11.02 -48.20 2.36
N ARG L 167 10.87 -47.25 3.29
CA ARG L 167 10.65 -47.59 4.68
C ARG L 167 9.76 -46.52 5.30
N PRO L 168 9.02 -46.86 6.35
CA PRO L 168 8.22 -45.85 7.05
C PRO L 168 9.09 -44.84 7.76
N LEU L 169 8.53 -43.65 7.97
CA LEU L 169 9.24 -42.58 8.67
C LEU L 169 9.07 -42.73 10.18
N LEU L 170 9.97 -42.06 10.91
CA LEU L 170 10.00 -42.14 12.37
C LEU L 170 9.85 -40.74 12.96
N GLY L 171 9.36 -40.69 14.20
CA GLY L 171 9.19 -39.43 14.89
C GLY L 171 9.07 -39.64 16.38
N CYS L 172 9.08 -38.52 17.10
CA CYS L 172 8.97 -38.54 18.55
C CYS L 172 8.36 -37.22 19.02
N THR L 173 7.86 -37.21 20.25
CA THR L 173 7.25 -36.00 20.80
C THR L 173 7.68 -35.73 22.23
N ILE L 174 8.11 -34.50 22.52
CA ILE L 174 8.45 -34.13 23.89
C ILE L 174 7.14 -33.99 24.63
N LYS L 175 6.67 -35.03 25.32
CA LYS L 175 5.34 -34.94 25.98
C LYS L 175 5.31 -34.32 27.36
N PRO L 176 6.01 -34.92 28.34
CA PRO L 176 5.84 -34.37 29.70
C PRO L 176 6.53 -33.02 29.91
N LYS L 177 7.61 -33.02 30.69
CA LYS L 177 8.37 -31.79 30.91
C LYS L 177 7.52 -30.64 31.42
N LEU L 178 7.28 -29.63 30.57
CA LEU L 178 6.52 -28.45 30.96
C LEU L 178 7.29 -27.59 31.95
N GLY L 179 7.24 -26.27 31.76
CA GLY L 179 7.98 -25.35 32.59
C GLY L 179 9.43 -25.17 32.18
N LEU L 180 9.89 -25.87 31.15
CA LEU L 180 11.27 -25.75 30.70
C LEU L 180 11.49 -24.43 29.98
N SER L 181 12.71 -23.92 30.10
CA SER L 181 13.07 -22.70 29.41
C SER L 181 13.24 -22.95 27.91
N ALA L 182 13.28 -21.86 27.15
CA ALA L 182 13.46 -21.97 25.70
C ALA L 182 14.82 -22.57 25.36
N LYS L 183 15.85 -22.19 26.09
CA LYS L 183 17.17 -22.75 25.84
C LYS L 183 17.15 -24.23 26.08
N ASN L 184 16.60 -24.66 27.22
CA ASN L 184 16.60 -26.07 27.55
C ASN L 184 15.65 -26.87 26.65
N TYR L 185 14.60 -26.23 26.15
CA TYR L 185 13.68 -26.93 25.25
C TYR L 185 14.38 -27.33 23.96
N GLY L 186 15.23 -26.46 23.43
CA GLY L 186 15.98 -26.78 22.22
C GLY L 186 17.12 -27.75 22.43
N ARG L 187 17.51 -28.01 23.68
CA ARG L 187 18.55 -28.99 23.94
C ARG L 187 18.07 -30.40 23.64
N ALA L 188 16.85 -30.74 24.08
CA ALA L 188 16.33 -32.08 23.86
C ALA L 188 16.02 -32.33 22.39
N VAL L 189 15.67 -31.29 21.64
CA VAL L 189 15.40 -31.44 20.22
C VAL L 189 16.66 -31.86 19.47
N TYR L 190 17.80 -31.23 19.80
CA TYR L 190 19.04 -31.54 19.11
C TYR L 190 19.50 -32.97 19.38
N GLU L 191 19.33 -33.45 20.60
CA GLU L 191 19.78 -34.79 20.95
C GLU L 191 19.01 -35.86 20.18
N CYS L 192 17.68 -35.73 20.12
CA CYS L 192 16.87 -36.75 19.48
C CYS L 192 17.12 -36.79 17.97
N LEU L 193 17.25 -35.63 17.33
CA LEU L 193 17.42 -35.60 15.89
C LEU L 193 18.76 -36.18 15.46
N ARG L 194 19.80 -35.99 16.27
CA ARG L 194 21.13 -36.51 15.96
C ARG L 194 21.19 -38.03 16.05
N GLY L 195 20.32 -38.65 16.84
CA GLY L 195 20.34 -40.09 17.03
C GLY L 195 19.90 -40.87 15.81
N GLY L 196 19.07 -40.28 14.96
CA GLY L 196 18.63 -40.95 13.76
C GLY L 196 17.16 -40.78 13.44
N LEU L 197 16.43 -40.05 14.27
CA LEU L 197 15.02 -39.82 14.02
C LEU L 197 14.83 -38.85 12.85
N ASP L 198 13.59 -38.77 12.37
CA ASP L 198 13.26 -37.94 11.21
C ASP L 198 12.51 -36.67 11.61
N PHE L 199 11.53 -36.77 12.50
CA PHE L 199 10.71 -35.63 12.88
C PHE L 199 10.68 -35.49 14.40
N THR L 200 10.21 -34.34 14.85
CA THR L 200 10.08 -34.10 16.28
C THR L 200 8.83 -33.27 16.47
N ASP L 202 5.62 -31.29 18.94
CA ASP L 202 5.52 -30.37 20.06
C ASP L 202 4.41 -30.90 20.95
N ASP L 203 3.86 -30.04 21.81
CA ASP L 203 2.74 -30.46 22.63
C ASP L 203 1.49 -29.70 22.21
N GLU L 204 0.34 -30.36 22.29
CA GLU L 204 -0.89 -29.77 21.79
C GLU L 204 -1.27 -28.51 22.55
N ASN L 205 -1.15 -28.51 23.87
CA ASN L 205 -1.52 -27.36 24.68
C ASN L 205 -0.32 -26.45 24.96
N VAL L 206 0.42 -26.08 23.91
CA VAL L 206 1.52 -25.14 24.02
C VAL L 206 1.45 -24.16 22.86
N ASN L 207 0.90 -22.96 23.10
CA ASN L 207 0.85 -21.92 22.10
C ASN L 207 1.67 -20.70 22.49
N SER L 208 1.33 -20.07 23.63
CA SER L 208 2.08 -18.93 24.14
C SER L 208 1.71 -18.72 25.60
N GLN L 209 2.67 -18.88 26.50
CA GLN L 209 2.42 -18.85 27.94
C GLN L 209 3.52 -18.05 28.62
N PRO L 210 3.26 -17.57 29.83
CA PRO L 210 4.27 -16.73 30.51
C PRO L 210 5.62 -17.40 30.68
N PHE L 211 5.67 -18.73 30.85
CA PHE L 211 6.95 -19.40 31.03
C PHE L 211 7.70 -19.61 29.71
N MET L 212 7.04 -19.45 28.56
CA MET L 212 7.71 -19.59 27.28
C MET L 212 6.87 -18.91 26.21
N ARG L 213 7.40 -17.86 25.60
CA ARG L 213 6.72 -17.17 24.52
C ARG L 213 7.03 -17.83 23.18
N TRP L 214 6.21 -17.52 22.18
CA TRP L 214 6.27 -18.24 20.91
C TRP L 214 7.43 -17.79 20.03
N ARG L 215 7.81 -16.51 20.08
CA ARG L 215 8.80 -16.02 19.12
C ARG L 215 10.19 -16.54 19.42
N ASP L 216 10.59 -16.56 20.68
CA ASP L 216 11.93 -17.03 21.05
C ASP L 216 12.02 -18.55 21.10
N ARG L 217 10.89 -19.25 21.12
CA ARG L 217 10.93 -20.70 20.98
C ARG L 217 11.18 -21.11 19.54
N PHE L 218 10.66 -20.35 18.58
CA PHE L 218 10.93 -20.62 17.17
C PHE L 218 12.41 -20.44 16.86
N LEU L 219 13.03 -19.40 17.44
CA LEU L 219 14.43 -19.10 17.14
C LEU L 219 15.35 -20.21 17.60
N PHE L 220 15.13 -20.74 18.79
CA PHE L 220 16.02 -21.77 19.33
C PHE L 220 15.82 -23.12 18.65
N VAL L 221 14.60 -23.41 18.19
CA VAL L 221 14.35 -24.68 17.51
C VAL L 221 15.03 -24.71 16.16
N ALA L 222 14.95 -23.61 15.40
CA ALA L 222 15.54 -23.56 14.08
C ALA L 222 17.06 -23.68 14.13
N GLU L 223 17.68 -23.21 15.21
CA GLU L 223 19.13 -23.30 15.35
C GLU L 223 19.58 -24.76 15.48
N ALA L 224 18.83 -25.59 16.20
CA ALA L 224 19.21 -26.98 16.39
C ALA L 224 19.02 -27.82 15.13
N ILE L 225 18.08 -27.45 14.25
CA ILE L 225 17.86 -28.22 13.03
C ILE L 225 19.06 -28.11 12.11
N PHE L 226 19.62 -26.90 11.97
CA PHE L 226 20.75 -26.72 11.07
C PHE L 226 21.98 -27.47 11.55
N LYS L 227 22.22 -27.50 12.87
CA LYS L 227 23.39 -28.20 13.39
C LYS L 227 23.31 -29.70 13.13
N SER L 228 22.14 -30.30 13.36
CA SER L 228 22.01 -31.75 13.16
C SER L 228 22.03 -32.14 11.70
N GLN L 229 21.85 -31.19 10.79
CA GLN L 229 21.86 -31.49 9.36
C GLN L 229 23.27 -31.53 8.77
N ALA L 230 24.27 -31.06 9.52
CA ALA L 230 25.64 -31.03 9.03
C ALA L 230 26.45 -32.26 9.42
N GLU L 231 26.00 -33.01 10.42
CA GLU L 231 26.69 -34.22 10.86
C GLU L 231 26.23 -35.47 10.11
N THR L 232 24.94 -35.54 9.75
CA THR L 232 24.40 -36.73 9.11
C THR L 232 24.13 -36.55 7.63
N GLY L 233 23.96 -35.32 7.16
CA GLY L 233 23.64 -35.09 5.75
C GLY L 233 22.28 -35.59 5.34
N GLU L 234 21.28 -35.44 6.20
CA GLU L 234 19.92 -35.85 5.90
C GLU L 234 18.96 -34.75 6.30
N ILE L 235 17.81 -34.72 5.65
CA ILE L 235 16.82 -33.67 5.87
C ILE L 235 16.04 -33.98 7.15
N LYS L 236 15.96 -32.99 8.03
CA LYS L 236 15.25 -33.13 9.30
C LYS L 236 14.22 -32.00 9.44
N GLY L 237 13.23 -32.24 10.28
CA GLY L 237 12.16 -31.27 10.46
C GLY L 237 11.58 -31.32 11.86
N HIS L 238 10.63 -30.43 12.10
CA HIS L 238 9.99 -30.32 13.40
C HIS L 238 8.67 -29.58 13.23
N TYR L 239 7.60 -30.12 13.83
CA TYR L 239 6.27 -29.52 13.71
C TYR L 239 6.15 -28.35 14.66
N LEU L 240 5.81 -27.17 14.13
CA LEU L 240 5.62 -25.96 14.91
C LEU L 240 4.14 -25.64 14.99
N ASN L 241 3.64 -25.49 16.22
CA ASN L 241 2.22 -25.22 16.44
C ASN L 241 1.88 -23.80 15.98
N ALA L 242 0.78 -23.67 15.23
CA ALA L 242 0.37 -22.38 14.68
C ALA L 242 -1.05 -22.00 15.08
N THR L 243 -1.64 -22.70 16.05
CA THR L 243 -2.99 -22.35 16.50
C THR L 243 -2.97 -21.03 17.25
N ALA L 244 -4.01 -20.23 17.06
CA ALA L 244 -4.11 -18.92 17.69
C ALA L 244 -5.57 -18.60 17.95
N GLY L 245 -5.79 -17.51 18.69
CA GLY L 245 -7.14 -17.10 19.04
C GLY L 245 -7.80 -16.22 18.01
N THR L 246 -7.01 -15.62 17.11
CA THR L 246 -7.52 -14.78 16.05
C THR L 246 -6.82 -15.12 14.75
N CYS L 247 -7.49 -14.83 13.63
CA CYS L 247 -6.92 -15.14 12.33
C CYS L 247 -5.75 -14.22 11.98
N GLU L 248 -5.76 -12.99 12.49
CA GLU L 248 -4.63 -12.10 12.27
C GLU L 248 -3.37 -12.62 12.95
N GLU L 249 -3.51 -13.18 14.15
CA GLU L 249 -2.37 -13.73 14.87
C GLU L 249 -1.90 -15.06 14.31
N MET L 250 -2.82 -15.88 13.79
CA MET L 250 -2.43 -17.18 13.26
C MET L 250 -1.57 -17.04 12.00
N MET L 251 -1.92 -16.09 11.13
CA MET L 251 -1.14 -15.88 9.92
C MET L 251 0.22 -15.26 10.18
N LYS L 252 0.36 -14.52 11.29
CA LYS L 252 1.67 -13.95 11.61
C LYS L 252 2.69 -15.04 11.94
N ARG L 253 2.26 -16.07 12.66
CA ARG L 253 3.17 -17.15 13.03
C ARG L 253 3.54 -18.04 11.85
N ALA L 254 2.70 -18.10 10.83
CA ALA L 254 3.01 -18.89 9.64
C ALA L 254 4.03 -18.23 8.74
N GLN L 255 4.02 -16.89 8.66
CA GLN L 255 4.99 -16.19 7.82
C GLN L 255 6.38 -16.19 8.43
N PHE L 256 6.49 -16.18 9.75
CA PHE L 256 7.81 -16.21 10.38
C PHE L 256 8.48 -17.57 10.20
N ALA L 257 7.69 -18.64 10.03
CA ALA L 257 8.26 -19.95 9.79
C ALA L 257 8.80 -20.08 8.37
N ARG L 258 8.39 -19.22 7.45
CA ARG L 258 8.90 -19.26 6.08
C ARG L 258 10.21 -18.51 5.96
N GLU L 259 10.38 -17.45 6.74
CA GLU L 259 11.64 -16.69 6.69
C GLU L 259 12.82 -17.53 7.15
N LEU L 260 12.61 -18.39 8.14
CA LEU L 260 13.65 -19.27 8.63
C LEU L 260 13.80 -20.53 7.80
N GLY L 261 12.96 -20.72 6.79
CA GLY L 261 13.03 -21.91 5.95
C GLY L 261 12.62 -23.19 6.64
N MET L 262 11.61 -23.15 7.50
CA MET L 262 11.10 -24.38 8.09
C MET L 262 10.18 -25.11 7.11
N PRO L 263 10.19 -26.45 7.14
CA PRO L 263 9.45 -27.22 6.14
C PRO L 263 8.02 -27.60 6.49
N ILE L 264 7.59 -27.49 7.74
CA ILE L 264 6.31 -28.05 8.15
C ILE L 264 5.74 -27.26 9.31
N VAL L 265 4.41 -27.22 9.40
CA VAL L 265 3.68 -26.57 10.46
C VAL L 265 2.61 -27.53 10.99
N MET L 266 1.81 -27.06 11.94
CA MET L 266 0.82 -27.89 12.61
C MET L 266 -0.41 -27.05 12.95
N HIS L 267 -1.58 -27.69 12.94
CA HIS L 267 -2.83 -27.02 13.25
C HIS L 267 -3.79 -28.01 13.91
N ASP L 268 -4.75 -27.46 14.64
CA ASP L 268 -5.83 -28.23 15.26
C ASP L 268 -7.14 -27.80 14.63
N TYR L 269 -7.79 -28.72 13.92
CA TYR L 269 -8.90 -28.38 13.04
C TYR L 269 -10.27 -28.63 13.66
N LEU L 270 -10.34 -29.13 14.90
CA LEU L 270 -11.62 -29.37 15.53
C LEU L 270 -11.99 -28.33 16.58
N THR L 271 -11.00 -27.66 17.18
CA THR L 271 -11.27 -26.56 18.10
C THR L 271 -11.07 -25.19 17.47
N GLY L 272 -10.39 -25.12 16.33
CA GLY L 272 -10.18 -23.87 15.64
C GLY L 272 -11.29 -23.54 14.66
N GLY L 273 -11.89 -24.57 14.07
CA GLY L 273 -12.99 -24.42 13.14
C GLY L 273 -12.61 -24.79 11.72
N PHE L 274 -13.63 -24.95 10.89
CA PHE L 274 -13.43 -25.30 9.49
C PHE L 274 -13.08 -24.07 8.65
N THR L 275 -13.64 -22.91 8.99
CA THR L 275 -13.34 -21.70 8.22
C THR L 275 -11.87 -21.32 8.31
N ALA L 276 -11.29 -21.38 9.50
CA ALA L 276 -9.89 -21.03 9.66
C ALA L 276 -8.96 -22.07 9.03
N ASN L 277 -9.37 -23.34 9.02
CA ASN L 277 -8.52 -24.38 8.46
C ASN L 277 -8.38 -24.23 6.94
N THR L 278 -9.44 -23.85 6.25
CA THR L 278 -9.37 -23.68 4.80
C THR L 278 -8.46 -22.53 4.42
N THR L 279 -8.44 -21.45 5.21
CA THR L 279 -7.57 -20.33 4.91
C THR L 279 -6.09 -20.73 5.02
N LEU L 280 -5.75 -21.54 6.02
CA LEU L 280 -4.37 -21.97 6.19
C LEU L 280 -3.92 -22.91 5.07
N ALA L 281 -4.84 -23.74 4.55
CA ALA L 281 -4.47 -24.67 3.49
C ALA L 281 -4.10 -23.94 2.21
N HIS L 282 -4.83 -22.86 1.89
CA HIS L 282 -4.52 -22.10 0.68
C HIS L 282 -3.15 -21.44 0.77
N TYR L 283 -2.80 -20.93 1.95
CA TYR L 283 -1.50 -20.28 2.11
C TYR L 283 -0.34 -21.26 1.91
N CYS L 284 -0.49 -22.49 2.42
CA CYS L 284 0.59 -23.46 2.32
C CYS L 284 0.85 -23.85 0.87
N ARG L 285 -0.21 -23.96 0.06
CA ARG L 285 -0.04 -24.34 -1.34
C ARG L 285 0.72 -23.27 -2.12
N ASP L 286 0.52 -21.99 -1.79
CA ASP L 286 1.14 -20.89 -2.52
C ASP L 286 2.56 -20.60 -2.05
N ASN L 287 3.04 -21.25 -1.00
CA ASN L 287 4.37 -20.98 -0.46
C ASN L 287 5.23 -22.21 -0.28
N GLY L 288 4.70 -23.42 -0.45
CA GLY L 288 5.50 -24.62 -0.34
C GLY L 288 5.76 -25.06 1.08
N LEU L 289 4.69 -25.35 1.83
CA LEU L 289 4.80 -25.83 3.19
C LEU L 289 3.94 -27.07 3.37
N LEU L 290 4.34 -27.89 4.34
CA LEU L 290 3.60 -29.11 4.68
C LEU L 290 2.73 -28.88 5.89
N LEU L 291 1.57 -29.53 5.91
CA LEU L 291 0.56 -29.34 6.95
C LEU L 291 0.39 -30.62 7.73
N HIS L 292 0.39 -30.52 9.06
CA HIS L 292 0.14 -31.63 9.97
C HIS L 292 -1.11 -31.33 10.77
N ILE L 293 -2.00 -32.33 10.88
CA ILE L 293 -3.31 -32.14 11.50
C ILE L 293 -3.40 -33.01 12.74
N HIS L 294 -3.87 -32.41 13.84
CA HIS L 294 -4.08 -33.16 15.11
C HIS L 294 -5.59 -33.18 15.42
N ARG L 295 -6.12 -34.28 15.96
CA ARG L 295 -7.59 -34.37 16.20
C ARG L 295 -7.88 -34.28 17.71
N ALA L 296 -8.15 -33.08 18.20
CA ALA L 296 -8.41 -32.89 19.65
C ALA L 296 -9.90 -32.64 19.90
N MET L 297 -10.42 -33.12 21.02
CA MET L 297 -11.82 -32.95 21.41
C MET L 297 -12.74 -33.92 20.64
N HIS L 298 -12.19 -34.71 19.71
CA HIS L 298 -13.01 -35.59 18.88
C HIS L 298 -13.78 -36.63 19.70
N ALA L 299 -13.28 -37.01 20.87
CA ALA L 299 -13.92 -38.07 21.66
C ALA L 299 -15.31 -37.69 22.16
N VAL L 300 -15.65 -36.40 22.17
CA VAL L 300 -16.97 -35.96 22.63
C VAL L 300 -18.07 -36.26 21.61
N ILE L 301 -17.70 -36.61 20.38
CA ILE L 301 -18.67 -36.76 19.30
C ILE L 301 -18.85 -38.22 18.89
N ASP L 302 -17.75 -38.97 18.80
CA ASP L 302 -17.77 -40.28 18.15
C ASP L 302 -17.26 -41.38 19.06
N ARG L 303 -17.76 -41.45 20.30
CA ARG L 303 -17.40 -42.53 21.19
C ARG L 303 -18.55 -43.50 21.45
N GLN L 304 -19.77 -42.99 21.64
CA GLN L 304 -20.91 -43.85 21.87
C GLN L 304 -21.39 -44.49 20.58
N ARG L 305 -22.11 -45.60 20.72
CA ARG L 305 -22.53 -46.40 19.58
C ARG L 305 -23.91 -46.02 19.04
N ASN L 306 -24.60 -45.06 19.65
CA ASN L 306 -25.95 -44.72 19.24
C ASN L 306 -26.21 -43.23 19.09
N HIS L 307 -25.20 -42.38 19.28
CA HIS L 307 -25.41 -40.94 19.17
C HIS L 307 -24.11 -40.26 18.79
N GLY L 308 -24.16 -39.43 17.76
CA GLY L 308 -23.01 -38.66 17.31
C GLY L 308 -22.79 -38.84 15.82
N ILE L 309 -21.57 -38.55 15.39
CA ILE L 309 -21.17 -38.69 14.00
C ILE L 309 -19.92 -39.56 13.94
N HIS L 310 -19.94 -40.58 13.10
CA HIS L 310 -18.82 -41.51 13.02
C HIS L 310 -17.57 -40.81 12.48
N PHE L 311 -16.41 -41.31 12.92
CA PHE L 311 -15.15 -40.66 12.56
C PHE L 311 -14.86 -40.76 11.06
N ARG L 312 -15.36 -41.81 10.40
CA ARG L 312 -15.11 -41.98 8.98
C ARG L 312 -15.73 -40.87 8.14
N VAL L 313 -16.73 -40.17 8.68
CA VAL L 313 -17.31 -39.03 7.97
C VAL L 313 -16.41 -37.82 8.10
N LEU L 314 -15.89 -37.56 9.30
CA LEU L 314 -14.99 -36.43 9.51
C LEU L 314 -13.67 -36.59 8.78
N ALA L 315 -13.28 -37.83 8.46
CA ALA L 315 -12.06 -38.05 7.69
C ALA L 315 -12.24 -37.62 6.24
N LYS L 316 -13.43 -37.85 5.67
CA LYS L 316 -13.69 -37.41 4.30
C LYS L 316 -13.71 -35.90 4.18
N ALA L 317 -14.26 -35.21 5.18
CA ALA L 317 -14.29 -33.75 5.13
C ALA L 317 -12.89 -33.15 5.24
N LEU L 318 -11.98 -33.82 5.94
CA LEU L 318 -10.62 -33.31 6.07
C LEU L 318 -9.85 -33.41 4.75
N ARG L 319 -10.09 -34.46 3.97
CA ARG L 319 -9.40 -34.62 2.70
C ARG L 319 -9.75 -33.48 1.74
N MET L 320 -11.03 -33.10 1.68
CA MET L 320 -11.44 -32.03 0.78
C MET L 320 -10.93 -30.67 1.27
N SER L 321 -10.97 -30.43 2.58
CA SER L 321 -10.54 -29.14 3.10
C SER L 321 -9.04 -28.93 2.90
N GLY L 322 -8.23 -29.95 3.18
CA GLY L 322 -6.80 -29.85 2.99
C GLY L 322 -5.99 -30.41 4.14
N GLY L 323 -4.93 -31.14 3.83
CA GLY L 323 -4.07 -31.72 4.84
C GLY L 323 -3.15 -32.79 4.30
N ASP L 324 -2.02 -33.02 4.97
CA ASP L 324 -1.07 -34.04 4.56
C ASP L 324 -0.95 -35.20 5.53
N HIS L 325 -0.98 -34.94 6.83
CA HIS L 325 -0.95 -35.98 7.85
C HIS L 325 -2.21 -35.91 8.70
N ILE L 326 -2.51 -37.01 9.39
CA ILE L 326 -3.66 -37.07 10.28
C ILE L 326 -3.47 -38.23 11.24
N HIS L 327 -3.99 -38.07 12.46
CA HIS L 327 -3.89 -39.14 13.48
C HIS L 327 -5.02 -40.14 13.28
N SER L 328 -4.71 -41.45 13.37
CA SER L 328 -5.73 -42.49 13.12
C SER L 328 -5.83 -43.44 14.31
N GLY L 329 -4.70 -43.72 14.98
CA GLY L 329 -4.70 -44.60 16.17
C GLY L 329 -4.14 -45.98 15.89
N THR L 330 -3.47 -46.59 16.88
CA THR L 330 -2.87 -47.94 16.72
C THR L 330 -3.98 -49.01 16.77
N VAL L 331 -3.92 -49.99 15.86
CA VAL L 331 -4.97 -51.06 15.79
C VAL L 331 -4.38 -52.37 16.32
N VAL L 332 -3.18 -52.31 16.90
CA VAL L 332 -2.50 -53.52 17.43
C VAL L 332 -3.42 -54.24 18.41
N GLY L 333 -3.80 -53.57 19.51
CA GLY L 333 -4.63 -54.22 20.54
C GLY L 333 -6.10 -54.30 20.15
N LYS L 334 -6.39 -54.70 18.91
CA LYS L 334 -7.81 -54.88 18.47
C LYS L 334 -8.01 -56.33 18.07
N LEU L 335 -9.27 -56.79 17.99
CA LEU L 335 -9.54 -58.22 17.69
C LEU L 335 -10.37 -58.34 16.41
N GLU L 336 -10.79 -59.55 16.05
CA GLU L 336 -11.66 -59.68 14.89
C GLU L 336 -13.01 -58.99 15.15
N GLY L 337 -13.68 -58.65 14.06
CA GLY L 337 -14.82 -57.76 14.15
C GLY L 337 -14.34 -56.32 14.09
N GLU L 338 -13.48 -55.97 15.04
CA GLU L 338 -12.67 -54.75 14.92
C GLU L 338 -11.50 -55.02 13.98
N ARG L 339 -10.62 -54.03 13.85
CA ARG L 339 -9.45 -54.11 12.98
C ARG L 339 -9.86 -54.15 11.52
N GLU L 340 -11.16 -54.19 11.25
CA GLU L 340 -11.73 -54.09 9.91
C GLU L 340 -12.36 -52.73 9.66
N VAL L 341 -13.04 -52.21 10.69
CA VAL L 341 -13.62 -50.85 10.57
C VAL L 341 -12.46 -49.86 10.43
N THR L 342 -11.37 -50.10 11.17
CA THR L 342 -10.19 -49.20 11.10
C THR L 342 -9.50 -49.37 9.74
N LEU L 343 -9.27 -50.62 9.33
CA LEU L 343 -8.63 -50.89 8.01
C LEU L 343 -9.55 -50.36 6.91
N GLY L 344 -10.86 -50.27 7.18
CA GLY L 344 -11.76 -49.83 6.12
C GLY L 344 -11.53 -48.39 5.71
N PHE L 345 -11.46 -47.48 6.69
CA PHE L 345 -11.33 -46.07 6.36
C PHE L 345 -9.89 -45.63 6.15
N VAL L 346 -8.91 -46.51 6.39
CA VAL L 346 -7.55 -46.21 5.97
C VAL L 346 -7.45 -46.22 4.45
N ASP L 347 -8.19 -47.14 3.80
CA ASP L 347 -8.20 -47.18 2.35
C ASP L 347 -8.85 -45.93 1.76
N LEU L 348 -9.83 -45.36 2.48
CA LEU L 348 -10.49 -44.15 1.99
C LEU L 348 -9.54 -42.96 1.95
N LEU L 349 -8.48 -42.99 2.76
CA LEU L 349 -7.56 -41.87 2.81
C LEU L 349 -6.39 -41.99 1.84
N ARG L 350 -6.19 -43.16 1.24
CA ARG L 350 -5.04 -43.40 0.38
C ARG L 350 -5.37 -43.86 -1.02
N ASP L 351 -6.47 -44.59 -1.21
CA ASP L 351 -6.78 -45.19 -2.50
C ASP L 351 -7.45 -44.16 -3.41
N ASP L 352 -7.79 -44.61 -4.62
CA ASP L 352 -8.48 -43.78 -5.60
C ASP L 352 -9.83 -44.32 -6.03
N TYR L 353 -10.11 -45.59 -5.78
CA TYR L 353 -11.41 -46.19 -6.12
C TYR L 353 -11.70 -47.28 -5.10
N ILE L 354 -12.74 -47.07 -4.30
CA ILE L 354 -13.12 -48.00 -3.23
C ILE L 354 -14.49 -48.56 -3.54
N GLU L 355 -14.61 -49.89 -3.48
CA GLU L 355 -15.85 -50.58 -3.77
C GLU L 355 -16.66 -50.81 -2.49
N LYS L 356 -17.94 -51.12 -2.68
CA LYS L 356 -18.83 -51.33 -1.55
C LYS L 356 -18.47 -52.60 -0.79
N ASP L 357 -18.47 -52.52 0.53
CA ASP L 357 -18.19 -53.67 1.38
C ASP L 357 -18.82 -53.42 2.74
N ARG L 358 -19.91 -54.11 3.04
CA ARG L 358 -20.63 -53.90 4.29
C ARG L 358 -19.90 -54.48 5.50
N SER L 359 -19.11 -55.53 5.31
CA SER L 359 -18.37 -56.13 6.42
C SER L 359 -17.28 -55.23 6.97
N ARG L 360 -16.85 -54.22 6.21
CA ARG L 360 -15.85 -53.27 6.66
C ARG L 360 -16.43 -51.89 6.93
N GLY L 361 -17.75 -51.75 6.94
CA GLY L 361 -18.36 -50.47 7.23
C GLY L 361 -18.39 -49.48 6.09
N ILE L 362 -18.50 -49.95 4.84
CA ILE L 362 -18.58 -49.09 3.67
C ILE L 362 -19.93 -49.32 3.02
N TYR L 363 -20.74 -48.26 2.96
CA TYR L 363 -22.09 -48.34 2.42
C TYR L 363 -22.22 -47.83 1.00
N PHE L 364 -21.23 -47.10 0.49
CA PHE L 364 -21.31 -46.49 -0.83
C PHE L 364 -20.00 -46.68 -1.57
N THR L 365 -20.08 -46.69 -2.90
CA THR L 365 -18.91 -46.74 -3.75
C THR L 365 -18.45 -45.31 -4.04
N GLN L 366 -17.17 -45.05 -3.77
CA GLN L 366 -16.63 -43.70 -3.84
C GLN L 366 -15.51 -43.63 -4.88
N ASP L 367 -15.52 -42.57 -5.69
CA ASP L 367 -14.51 -42.30 -6.69
C ASP L 367 -13.96 -40.90 -6.45
N TRP L 368 -12.64 -40.78 -6.37
CA TRP L 368 -11.98 -39.53 -6.02
C TRP L 368 -11.43 -38.78 -7.22
N VAL L 369 -11.68 -39.27 -8.44
CA VAL L 369 -11.23 -38.70 -9.70
C VAL L 369 -9.87 -38.03 -9.61
N SER L 370 -8.84 -38.82 -9.26
CA SER L 370 -7.45 -38.36 -9.23
C SER L 370 -7.23 -37.24 -8.22
N MET L 371 -7.47 -37.55 -6.95
CA MET L 371 -7.14 -36.63 -5.86
C MET L 371 -5.99 -37.18 -5.03
N PRO L 372 -5.10 -36.33 -4.53
CA PRO L 372 -3.97 -36.83 -3.74
C PRO L 372 -4.42 -37.45 -2.43
N GLY L 373 -3.58 -38.35 -1.92
CA GLY L 373 -3.86 -39.07 -0.70
C GLY L 373 -3.32 -38.39 0.54
N VAL L 374 -3.55 -39.03 1.68
CA VAL L 374 -3.16 -38.51 2.99
C VAL L 374 -2.42 -39.61 3.74
N LEU L 375 -1.31 -39.24 4.39
CA LEU L 375 -0.48 -40.18 5.16
C LEU L 375 -1.05 -40.34 6.56
N PRO L 376 -1.34 -41.55 7.01
CA PRO L 376 -1.83 -41.76 8.38
C PRO L 376 -0.71 -41.85 9.40
N VAL L 377 -1.05 -41.52 10.63
CA VAL L 377 -0.09 -41.49 11.74
C VAL L 377 -0.63 -42.38 12.87
N ALA L 378 0.25 -43.21 13.43
CA ALA L 378 -0.11 -44.09 14.55
C ALA L 378 0.68 -43.67 15.80
N SER L 379 0.11 -43.86 17.00
CA SER L 379 0.77 -43.40 18.25
C SER L 379 0.22 -44.14 19.47
N GLY L 380 0.68 -43.79 20.67
CA GLY L 380 0.18 -44.41 21.91
C GLY L 380 1.08 -45.50 22.46
N GLY L 381 1.55 -45.37 23.70
CA GLY L 381 2.41 -46.39 24.35
C GLY L 381 2.88 -47.51 23.44
N ILE L 382 4.03 -47.33 22.76
CA ILE L 382 4.61 -48.40 21.88
C ILE L 382 6.10 -48.50 22.17
N HIS L 383 6.73 -49.64 21.82
CA HIS L 383 8.17 -49.83 22.13
C HIS L 383 8.85 -50.71 21.06
N VAL L 384 10.01 -51.28 21.37
CA VAL L 384 10.81 -52.04 20.37
C VAL L 384 10.12 -53.35 19.99
N TRP L 385 9.50 -54.04 20.95
CA TRP L 385 8.92 -55.39 20.65
C TRP L 385 7.66 -55.26 19.77
N HIS L 386 7.30 -54.04 19.37
CA HIS L 386 6.09 -53.83 18.53
C HIS L 386 6.49 -53.50 17.08
N MET L 387 7.79 -53.44 16.78
CA MET L 387 8.23 -53.03 15.42
C MET L 387 7.72 -54.01 14.35
N PRO L 388 7.98 -55.33 14.44
CA PRO L 388 7.59 -56.26 13.35
C PRO L 388 6.08 -56.29 13.08
N ALA L 389 5.25 -55.89 14.05
CA ALA L 389 3.78 -55.91 13.87
C ALA L 389 3.35 -54.70 13.05
N LEU L 390 3.57 -53.49 13.57
CA LEU L 390 3.15 -52.27 12.87
C LEU L 390 3.57 -52.30 11.40
N THR L 391 4.75 -52.83 11.10
CA THR L 391 5.25 -52.82 9.74
C THR L 391 4.38 -53.67 8.82
N GLU L 392 3.94 -54.84 9.30
CA GLU L 392 3.19 -55.75 8.45
C GLU L 392 1.79 -55.21 8.14
N ILE L 393 1.17 -54.52 9.09
CA ILE L 393 -0.21 -54.07 8.91
C ILE L 393 -0.28 -52.82 8.05
N PHE L 394 0.38 -51.75 8.48
CA PHE L 394 0.27 -50.48 7.78
C PHE L 394 1.04 -50.49 6.47
N GLY L 395 2.18 -51.16 6.43
CA GLY L 395 3.07 -51.07 5.28
C GLY L 395 4.01 -49.89 5.41
N ASP L 396 4.78 -49.66 4.34
CA ASP L 396 5.76 -48.58 4.33
C ASP L 396 5.11 -47.32 3.76
N ASP L 397 3.95 -46.98 4.31
CA ASP L 397 3.25 -45.76 3.91
C ASP L 397 2.62 -45.06 5.10
N SER L 398 3.35 -44.95 6.20
CA SER L 398 2.81 -44.35 7.42
C SER L 398 3.95 -43.75 8.22
N VAL L 399 3.58 -43.08 9.32
CA VAL L 399 4.52 -42.46 10.25
C VAL L 399 4.28 -43.04 11.63
N LEU L 400 5.35 -43.43 12.31
CA LEU L 400 5.28 -43.99 13.65
C LEU L 400 5.85 -43.00 14.65
N GLN L 401 5.09 -42.71 15.70
CA GLN L 401 5.47 -41.74 16.72
C GLN L 401 5.66 -42.45 18.05
N PHE L 402 6.67 -42.02 18.80
CA PHE L 402 6.99 -42.61 20.09
C PHE L 402 6.97 -41.55 21.19
N GLY L 403 6.48 -41.94 22.36
CA GLY L 403 6.45 -41.06 23.51
C GLY L 403 7.49 -41.42 24.54
N GLY L 404 7.07 -42.14 25.58
CA GLY L 404 7.99 -42.58 26.62
C GLY L 404 8.95 -43.67 26.21
N GLY L 405 8.81 -44.20 25.00
CA GLY L 405 9.70 -45.22 24.48
C GLY L 405 11.02 -44.72 23.94
N THR L 406 11.25 -43.42 23.98
CA THR L 406 12.50 -42.82 23.52
C THR L 406 13.22 -42.07 24.62
N LEU L 407 12.51 -41.32 25.44
CA LEU L 407 13.11 -40.55 26.52
C LEU L 407 13.33 -41.38 27.79
N GLY L 408 12.91 -42.63 27.79
CA GLY L 408 13.02 -43.46 29.01
C GLY L 408 14.21 -44.39 29.00
N HIS L 409 15.17 -44.20 28.08
CA HIS L 409 16.33 -45.11 27.97
C HIS L 409 17.24 -44.93 29.18
N PRO L 410 17.86 -46.01 29.72
CA PRO L 410 18.69 -45.90 30.92
C PRO L 410 20.00 -45.14 30.70
N TRP L 411 20.28 -44.71 29.46
CA TRP L 411 21.59 -44.06 29.17
C TRP L 411 21.37 -42.62 28.69
N GLY L 412 20.15 -42.26 28.28
CA GLY L 412 19.88 -40.86 27.89
C GLY L 412 19.03 -40.75 26.64
N ASN L 413 19.05 -39.57 25.99
CA ASN L 413 18.18 -39.34 24.83
C ASN L 413 18.82 -39.83 23.54
N ALA L 414 20.04 -39.39 23.24
CA ALA L 414 20.67 -39.76 21.95
C ALA L 414 20.67 -41.29 21.77
N PRO L 415 21.14 -42.11 22.75
CA PRO L 415 21.22 -43.57 22.57
C PRO L 415 19.82 -44.19 22.37
N GLY L 416 18.79 -43.60 22.98
CA GLY L 416 17.41 -44.10 22.82
C GLY L 416 16.97 -44.09 21.38
N ALA L 417 17.31 -43.05 20.62
CA ALA L 417 16.89 -42.94 19.20
C ALA L 417 17.67 -43.94 18.35
N VAL L 418 18.85 -44.37 18.80
CA VAL L 418 19.68 -45.35 18.04
C VAL L 418 18.96 -46.70 18.05
N ALA L 419 18.56 -47.19 19.22
CA ALA L 419 17.87 -48.48 19.33
C ALA L 419 16.74 -48.60 18.30
N ASN L 420 15.76 -47.69 18.33
CA ASN L 420 14.59 -47.74 17.42
C ASN L 420 15.04 -47.86 15.96
N ARG L 421 15.91 -46.97 15.49
CA ARG L 421 16.39 -47.01 14.08
C ARG L 421 16.87 -48.43 13.76
N VAL L 422 17.76 -48.98 14.59
CA VAL L 422 18.29 -50.37 14.39
C VAL L 422 17.11 -51.34 14.21
N ALA L 423 16.27 -51.49 15.23
CA ALA L 423 15.14 -52.45 15.17
C ALA L 423 14.36 -52.31 13.86
N LEU L 424 14.13 -51.08 13.40
CA LEU L 424 13.30 -50.87 12.17
C LEU L 424 13.96 -51.54 10.97
N GLU L 425 15.20 -51.17 10.65
CA GLU L 425 15.84 -51.71 9.43
C GLU L 425 15.77 -53.23 9.41
N ALA L 426 15.94 -53.87 10.58
CA ALA L 426 15.90 -55.35 10.67
C ALA L 426 14.62 -55.88 10.02
N CYS L 427 13.46 -55.41 10.48
CA CYS L 427 12.15 -55.90 9.94
C CYS L 427 12.11 -55.75 8.43
N VAL L 428 12.46 -54.56 7.92
CA VAL L 428 12.42 -54.31 6.45
C VAL L 428 13.26 -55.36 5.73
N GLN L 429 14.52 -55.53 6.15
CA GLN L 429 15.43 -56.50 5.48
C GLN L 429 14.77 -57.89 5.43
N ALA L 430 14.27 -58.38 6.57
CA ALA L 430 13.66 -59.73 6.62
C ALA L 430 12.58 -59.86 5.54
N ARG L 431 11.65 -58.92 5.48
CA ARG L 431 10.55 -58.97 4.48
C ARG L 431 11.15 -59.11 3.09
N ASN L 432 12.28 -58.45 2.83
CA ASN L 432 12.92 -58.49 1.49
C ASN L 432 13.75 -59.78 1.36
N GLU L 433 13.36 -60.84 2.09
CA GLU L 433 14.09 -62.13 2.04
C GLU L 433 13.08 -63.28 2.03
N GLY L 434 11.83 -62.99 2.39
CA GLY L 434 10.78 -64.03 2.37
C GLY L 434 10.37 -64.44 3.77
N ARG L 435 11.09 -63.98 4.79
CA ARG L 435 10.78 -64.37 6.19
C ARG L 435 9.42 -63.76 6.59
N ASP L 436 8.62 -64.51 7.36
CA ASP L 436 7.29 -64.01 7.80
C ASP L 436 7.46 -63.17 9.07
N LEU L 437 6.68 -62.09 9.20
CA LEU L 437 6.84 -61.18 10.36
C LEU L 437 5.76 -61.48 11.41
N ALA L 438 4.74 -62.24 11.02
CA ALA L 438 3.64 -62.57 11.95
C ALA L 438 4.14 -63.63 12.95
N ARG L 439 5.06 -64.50 12.53
CA ARG L 439 5.65 -65.50 13.45
C ARG L 439 7.05 -65.05 13.84
N GLU L 440 8.04 -65.30 12.98
CA GLU L 440 9.43 -64.84 13.26
C GLU L 440 9.42 -63.34 13.55
N GLY L 441 9.46 -62.97 14.83
CA GLY L 441 9.48 -61.54 15.21
C GLY L 441 10.32 -61.36 16.47
N ASN L 442 9.94 -62.05 17.55
CA ASN L 442 10.74 -61.99 18.81
C ASN L 442 12.15 -62.50 18.51
N ASP L 443 12.28 -63.33 17.46
CA ASP L 443 13.61 -63.86 17.06
C ASP L 443 14.37 -62.79 16.29
N ILE L 444 13.79 -62.30 15.19
CA ILE L 444 14.46 -61.25 14.36
C ILE L 444 15.05 -60.17 15.27
N ILE L 445 14.36 -59.84 16.37
CA ILE L 445 14.82 -58.75 17.29
C ILE L 445 16.00 -59.25 18.13
N ARG L 446 15.87 -60.44 18.71
CA ARG L 446 16.95 -60.99 19.58
C ARG L 446 18.28 -61.01 18.83
N GLU L 447 18.34 -61.70 17.70
CA GLU L 447 19.60 -61.81 16.91
C GLU L 447 20.20 -60.41 16.69
N ALA L 448 19.35 -59.40 16.51
CA ALA L 448 19.85 -58.02 16.26
C ALA L 448 20.50 -57.46 17.52
N SER L 449 19.97 -57.81 18.70
CA SER L 449 20.55 -57.33 19.98
C SER L 449 21.84 -58.11 20.30
N LYS L 450 22.45 -58.72 19.28
CA LYS L 450 23.69 -59.51 19.49
C LYS L 450 24.86 -58.78 18.81
N TRP L 451 24.65 -57.51 18.45
CA TRP L 451 25.74 -56.70 17.84
C TRP L 451 25.46 -55.21 18.09
N SER L 452 24.53 -54.91 18.99
CA SER L 452 24.23 -53.49 19.34
C SER L 452 24.00 -53.38 20.85
N PRO L 453 24.93 -52.75 21.60
CA PRO L 453 24.80 -52.62 23.05
C PRO L 453 23.56 -51.82 23.46
N GLU L 454 23.22 -50.76 22.71
CA GLU L 454 22.06 -49.89 23.05
C GLU L 454 20.77 -50.72 22.99
N LEU L 455 20.53 -51.43 21.89
CA LEU L 455 19.32 -52.28 21.77
C LEU L 455 19.31 -53.29 22.92
N ALA L 456 20.46 -53.90 23.22
CA ALA L 456 20.54 -54.86 24.35
C ALA L 456 19.95 -54.23 25.61
N ALA L 457 20.51 -53.10 26.05
CA ALA L 457 20.02 -52.42 27.28
C ALA L 457 18.51 -52.21 27.22
N ALA L 458 18.01 -51.73 26.08
CA ALA L 458 16.55 -51.45 25.94
C ALA L 458 15.76 -52.76 26.09
N CYS L 459 16.28 -53.86 25.55
CA CYS L 459 15.55 -55.15 25.60
C CYS L 459 15.48 -55.69 27.03
N GLU L 460 16.01 -54.94 28.00
CA GLU L 460 16.02 -55.39 29.42
C GLU L 460 15.06 -54.52 30.24
N VAL L 461 14.68 -53.35 29.73
CA VAL L 461 13.72 -52.46 30.43
C VAL L 461 12.30 -52.88 30.06
N TRP L 462 12.06 -53.15 28.78
CA TRP L 462 10.70 -53.54 28.30
C TRP L 462 10.63 -55.06 28.17
N LYS L 463 9.43 -55.65 28.33
CA LYS L 463 9.31 -57.13 28.33
C LYS L 463 8.96 -57.64 26.92
N GLU L 464 9.23 -58.93 26.67
CA GLU L 464 8.99 -59.52 25.33
C GLU L 464 7.49 -59.60 25.05
N ILE L 465 7.13 -59.86 23.79
CA ILE L 465 5.70 -59.99 23.41
C ILE L 465 5.41 -61.48 23.24
N LYS L 466 4.36 -61.99 23.89
CA LYS L 466 4.02 -63.43 23.83
C LYS L 466 4.10 -63.91 22.38
N LEU M 22 -2.77 -48.95 -31.35
CA LEU M 22 -3.52 -50.22 -31.58
C LEU M 22 -5.01 -49.98 -31.36
N THR M 23 -5.35 -49.11 -30.40
CA THR M 23 -6.78 -48.84 -30.09
C THR M 23 -7.15 -47.44 -30.58
N TYR M 24 -6.25 -46.77 -31.30
CA TYR M 24 -6.57 -45.44 -31.86
C TYR M 24 -7.88 -45.55 -32.63
N TYR M 25 -8.09 -46.67 -33.33
CA TYR M 25 -9.41 -46.88 -33.97
C TYR M 25 -10.14 -48.01 -33.22
N THR M 26 -11.00 -47.64 -32.27
CA THR M 26 -11.72 -48.64 -31.44
C THR M 26 -13.21 -48.64 -31.80
N PRO M 27 -13.62 -49.27 -32.93
CA PRO M 27 -15.03 -49.23 -33.36
C PRO M 27 -16.02 -49.78 -32.34
N ASP M 28 -15.53 -50.25 -31.18
CA ASP M 28 -16.44 -50.87 -30.19
C ASP M 28 -16.33 -50.15 -28.84
N TYR M 29 -15.34 -49.26 -28.69
CA TYR M 29 -15.12 -48.56 -27.40
C TYR M 29 -16.41 -47.83 -26.98
N GLU M 30 -16.69 -47.80 -25.68
CA GLU M 30 -17.87 -47.05 -25.17
C GLU M 30 -17.39 -45.87 -24.32
N THR M 31 -18.03 -44.72 -24.45
CA THR M 31 -17.62 -43.52 -23.73
C THR M 31 -18.22 -43.50 -22.33
N LYS M 32 -17.55 -42.80 -21.43
CA LYS M 32 -18.00 -42.61 -20.06
C LYS M 32 -18.43 -41.16 -19.85
N ASP M 33 -18.80 -40.86 -18.61
CA ASP M 33 -19.44 -39.58 -18.29
C ASP M 33 -18.46 -38.44 -18.04
N THR M 34 -17.15 -38.71 -18.12
CA THR M 34 -16.13 -37.70 -17.85
C THR M 34 -15.16 -37.60 -19.02
N ASP M 35 -15.70 -37.56 -20.24
CA ASP M 35 -14.90 -37.49 -21.45
C ASP M 35 -15.38 -36.33 -22.32
N ILE M 36 -14.44 -35.70 -23.02
CA ILE M 36 -14.76 -34.63 -23.94
C ILE M 36 -14.71 -35.19 -25.36
N LEU M 37 -15.79 -34.99 -26.11
CA LEU M 37 -15.92 -35.55 -27.45
C LEU M 37 -15.91 -34.44 -28.49
N ALA M 38 -15.43 -34.78 -29.69
CA ALA M 38 -15.35 -33.84 -30.79
C ALA M 38 -15.73 -34.55 -32.09
N ALA M 39 -15.98 -33.75 -33.13
CA ALA M 39 -16.37 -34.28 -34.43
C ALA M 39 -15.93 -33.32 -35.51
N PHE M 40 -15.11 -33.82 -36.44
CA PHE M 40 -14.66 -33.03 -37.58
C PHE M 40 -14.97 -33.77 -38.87
N ARG M 41 -15.09 -33.00 -39.96
CA ARG M 41 -15.24 -33.56 -41.29
C ARG M 41 -13.90 -33.50 -42.02
N MET M 42 -13.64 -34.51 -42.84
CA MET M 42 -12.32 -34.70 -43.44
C MET M 42 -12.44 -34.89 -44.95
N THR M 43 -11.38 -34.49 -45.65
CA THR M 43 -11.29 -34.63 -47.10
C THR M 43 -9.95 -35.30 -47.41
N PRO M 44 -9.87 -36.62 -47.30
CA PRO M 44 -8.60 -37.31 -47.54
C PRO M 44 -8.14 -37.20 -48.99
N GLN M 45 -6.83 -37.28 -49.17
CA GLN M 45 -6.25 -37.28 -50.50
C GLN M 45 -6.60 -38.58 -51.22
N PRO M 46 -6.56 -38.61 -52.57
CA PRO M 46 -6.89 -39.81 -53.35
C PRO M 46 -5.93 -40.98 -53.07
N GLY M 47 -6.43 -42.05 -52.43
CA GLY M 47 -5.59 -43.23 -52.14
C GLY M 47 -5.58 -43.56 -50.66
N VAL M 48 -5.68 -42.55 -49.80
CA VAL M 48 -5.62 -42.79 -48.33
C VAL M 48 -6.90 -43.50 -47.87
N PRO M 49 -6.82 -44.71 -47.28
CA PRO M 49 -8.01 -45.38 -46.76
C PRO M 49 -8.67 -44.52 -45.66
N PRO M 50 -10.02 -44.46 -45.57
CA PRO M 50 -10.70 -43.59 -44.61
C PRO M 50 -10.48 -44.00 -43.15
N GLU M 51 -10.58 -45.29 -42.83
CA GLU M 51 -10.42 -45.76 -41.43
C GLU M 51 -9.01 -45.44 -40.91
N GLU M 52 -8.02 -45.44 -41.79
CA GLU M 52 -6.62 -45.14 -41.40
C GLU M 52 -6.49 -43.63 -41.10
N ALA M 53 -7.03 -42.78 -41.96
CA ALA M 53 -6.90 -41.31 -41.78
C ALA M 53 -7.44 -40.91 -40.41
N GLY M 54 -8.63 -41.39 -40.05
CA GLY M 54 -9.25 -41.09 -38.74
C GLY M 54 -8.31 -41.33 -37.59
N ALA M 55 -7.63 -42.48 -37.58
CA ALA M 55 -6.71 -42.83 -36.46
C ALA M 55 -5.50 -41.90 -36.45
N ALA M 56 -5.19 -41.28 -37.59
CA ALA M 56 -4.03 -40.34 -37.66
C ALA M 56 -4.42 -38.99 -37.06
N VAL M 57 -5.67 -38.58 -37.24
CA VAL M 57 -6.16 -37.31 -36.64
C VAL M 57 -6.02 -37.40 -35.11
N ALA M 58 -6.48 -38.51 -34.52
CA ALA M 58 -6.42 -38.68 -33.05
C ALA M 58 -4.96 -38.57 -32.57
N ALA M 59 -4.03 -39.21 -33.28
CA ALA M 59 -2.61 -39.22 -32.84
C ALA M 59 -1.99 -37.82 -32.95
N GLU M 60 -2.21 -37.14 -34.08
CA GLU M 60 -1.62 -35.79 -34.30
C GLU M 60 -2.26 -34.77 -33.34
N SER M 61 -3.47 -35.04 -32.85
CA SER M 61 -4.14 -34.15 -31.86
C SER M 61 -3.75 -34.55 -30.43
N SER M 62 -2.92 -35.58 -30.28
CA SER M 62 -2.55 -36.07 -28.92
C SER M 62 -1.06 -36.40 -28.84
N THR M 63 -0.68 -37.69 -28.88
CA THR M 63 0.74 -38.10 -28.70
C THR M 63 1.56 -37.90 -29.98
N GLY M 64 1.13 -38.51 -31.09
CA GLY M 64 1.88 -38.41 -32.37
C GLY M 64 2.48 -39.75 -32.76
N THR M 65 2.12 -40.82 -32.06
CA THR M 65 2.71 -42.16 -32.33
C THR M 65 1.62 -43.23 -32.26
N TRP M 66 1.83 -44.37 -32.92
CA TRP M 66 0.87 -45.50 -32.87
C TRP M 66 1.55 -46.69 -32.17
N THR M 67 2.87 -46.60 -31.96
CA THR M 67 3.63 -47.70 -31.32
C THR M 67 3.71 -47.46 -29.80
N THR M 68 4.48 -48.30 -29.08
CA THR M 68 4.67 -48.12 -27.61
C THR M 68 6.17 -48.11 -27.30
N VAL M 69 6.98 -47.49 -28.15
CA VAL M 69 8.46 -47.46 -27.96
C VAL M 69 8.82 -46.42 -26.88
N TRP M 70 8.18 -45.25 -26.90
CA TRP M 70 8.55 -44.16 -25.95
C TRP M 70 7.76 -44.29 -24.64
N THR M 71 6.79 -45.20 -24.59
CA THR M 71 5.99 -45.41 -23.35
C THR M 71 6.88 -45.98 -22.26
N SER M 76 2.35 -45.92 -16.27
CA SER M 76 1.92 -46.32 -17.61
C SER M 76 1.23 -45.16 -18.32
N LEU M 77 1.72 -44.84 -19.52
CA LEU M 77 1.11 -43.78 -20.32
C LEU M 77 -0.34 -44.13 -20.68
N ASP M 78 -0.51 -45.18 -21.48
CA ASP M 78 -1.79 -45.78 -21.85
C ASP M 78 -2.97 -44.82 -21.87
N ARG M 79 -3.46 -44.42 -20.69
CA ARG M 79 -4.71 -43.68 -20.59
C ARG M 79 -4.59 -42.24 -21.05
N TYR M 80 -3.38 -41.75 -21.34
CA TYR M 80 -3.23 -40.31 -21.69
C TYR M 80 -3.34 -40.08 -23.20
N LYS M 81 -4.12 -40.90 -23.92
CA LYS M 81 -4.19 -40.78 -25.40
C LYS M 81 -5.65 -40.72 -25.86
N GLY M 82 -5.91 -40.09 -27.02
CA GLY M 82 -7.27 -40.01 -27.57
C GLY M 82 -7.55 -41.17 -28.50
N ARG M 83 -8.81 -41.36 -28.93
CA ARG M 83 -9.14 -42.54 -29.76
C ARG M 83 -10.37 -42.30 -30.63
N CYS M 84 -10.32 -42.75 -31.88
CA CYS M 84 -11.51 -42.66 -32.78
C CYS M 84 -12.38 -43.89 -32.54
N TYR M 85 -13.69 -43.71 -32.41
CA TYR M 85 -14.57 -44.85 -32.07
C TYR M 85 -15.75 -44.91 -33.04
N ASP M 86 -15.73 -44.12 -34.12
CA ASP M 86 -16.89 -44.08 -35.06
C ASP M 86 -16.55 -43.33 -36.34
N ILE M 87 -17.12 -43.76 -37.47
CA ILE M 87 -16.92 -43.10 -38.76
C ILE M 87 -18.21 -43.27 -39.57
N GLU M 88 -18.66 -42.17 -40.17
CA GLU M 88 -19.86 -42.18 -40.99
C GLU M 88 -19.60 -41.50 -42.32
N PRO M 89 -20.22 -41.97 -43.40
CA PRO M 89 -20.06 -41.30 -44.70
C PRO M 89 -21.12 -40.23 -44.93
N VAL M 90 -20.70 -39.05 -45.38
CA VAL M 90 -21.63 -37.96 -45.62
C VAL M 90 -22.36 -38.19 -46.93
N ALA M 91 -23.69 -38.13 -46.89
CA ALA M 91 -24.50 -38.36 -48.09
C ALA M 91 -24.44 -37.15 -49.01
N GLY M 92 -24.40 -37.41 -50.31
CA GLY M 92 -24.36 -36.38 -51.33
C GLY M 92 -22.98 -36.08 -51.88
N GLU M 93 -21.93 -36.45 -51.16
CA GLU M 93 -20.55 -36.26 -51.60
C GLU M 93 -19.79 -37.56 -51.42
N GLU M 94 -18.99 -37.93 -52.42
CA GLU M 94 -18.26 -39.18 -52.35
C GLU M 94 -17.07 -39.09 -51.41
N ASN M 95 -16.40 -37.92 -51.37
CA ASN M 95 -15.22 -37.73 -50.54
C ASN M 95 -15.59 -36.85 -49.35
N GLN M 96 -16.15 -37.47 -48.32
CA GLN M 96 -16.52 -36.77 -47.10
C GLN M 96 -16.84 -37.79 -46.02
N TYR M 97 -16.33 -37.56 -44.81
CA TYR M 97 -16.57 -38.46 -43.69
C TYR M 97 -16.62 -37.66 -42.40
N ILE M 98 -17.21 -38.26 -41.38
CA ILE M 98 -17.30 -37.67 -40.04
C ILE M 98 -16.60 -38.60 -39.06
N ALA M 99 -15.69 -38.04 -38.28
CA ALA M 99 -14.92 -38.80 -37.31
C ALA M 99 -15.25 -38.35 -35.89
N TYR M 100 -15.20 -39.30 -34.97
CA TYR M 100 -15.53 -39.05 -33.56
C TYR M 100 -14.31 -39.41 -32.71
N VAL M 101 -13.91 -38.47 -31.84
CA VAL M 101 -12.73 -38.65 -30.99
C VAL M 101 -13.13 -38.37 -29.55
N ALA M 102 -12.57 -39.14 -28.62
CA ALA M 102 -12.82 -38.98 -27.19
C ALA M 102 -11.51 -38.68 -26.48
N TYR M 103 -11.57 -37.76 -25.51
CA TYR M 103 -10.38 -37.34 -24.78
C TYR M 103 -10.56 -37.55 -23.28
N PRO M 104 -9.49 -37.93 -22.58
CA PRO M 104 -9.58 -38.07 -21.12
C PRO M 104 -9.72 -36.72 -20.43
N LEU M 105 -10.22 -36.77 -19.20
CA LEU M 105 -10.48 -35.55 -18.44
C LEU M 105 -9.21 -34.93 -17.87
N ASP M 106 -8.21 -35.74 -17.52
CA ASP M 106 -7.01 -35.26 -16.85
C ASP M 106 -6.05 -34.53 -17.77
N LEU M 107 -6.44 -34.24 -19.01
CA LEU M 107 -5.57 -33.57 -19.96
C LEU M 107 -5.77 -32.05 -20.00
N PHE M 108 -6.67 -31.51 -19.19
CA PHE M 108 -7.03 -30.11 -19.26
C PHE M 108 -6.89 -29.44 -17.90
N GLU M 109 -6.59 -28.15 -17.94
CA GLU M 109 -6.49 -27.34 -16.72
C GLU M 109 -7.83 -26.70 -16.39
N GLU M 110 -8.21 -26.75 -15.13
CA GLU M 110 -9.52 -26.26 -14.71
C GLU M 110 -9.62 -24.76 -14.85
N GLY M 111 -10.74 -24.28 -15.39
CA GLY M 111 -11.02 -22.86 -15.46
C GLY M 111 -10.31 -22.12 -16.58
N SER M 112 -9.65 -22.81 -17.50
CA SER M 112 -8.91 -22.17 -18.58
C SER M 112 -9.54 -22.54 -19.91
N VAL M 113 -9.86 -21.53 -20.71
CA VAL M 113 -10.37 -21.75 -22.06
C VAL M 113 -9.25 -21.76 -23.10
N THR M 114 -8.14 -21.07 -22.84
CA THR M 114 -7.02 -21.09 -23.76
C THR M 114 -6.40 -22.48 -23.87
N ASN M 115 -6.30 -23.18 -22.73
CA ASN M 115 -5.67 -24.49 -22.73
C ASN M 115 -6.45 -25.50 -23.57
N MET M 116 -7.77 -25.45 -23.52
CA MET M 116 -8.59 -26.38 -24.29
C MET M 116 -8.34 -26.21 -25.79
N PHE M 117 -8.36 -24.96 -26.26
CA PHE M 117 -8.11 -24.70 -27.68
C PHE M 117 -6.69 -25.03 -28.08
N THR M 118 -5.71 -24.78 -27.19
CA THR M 118 -4.34 -25.13 -27.50
C THR M 118 -4.16 -26.63 -27.62
N SER M 119 -4.78 -27.40 -26.72
CA SER M 119 -4.59 -28.84 -26.71
C SER M 119 -5.35 -29.54 -27.84
N ILE M 120 -6.62 -29.18 -28.03
CA ILE M 120 -7.45 -29.91 -29.00
C ILE M 120 -6.93 -29.68 -30.42
N VAL M 121 -6.72 -28.42 -30.81
CA VAL M 121 -6.23 -28.07 -32.14
C VAL M 121 -5.04 -27.12 -31.98
N GLY M 122 -3.84 -27.67 -31.94
CA GLY M 122 -2.67 -26.83 -32.07
C GLY M 122 -1.83 -27.18 -33.28
N ASN M 123 -1.72 -28.48 -33.60
CA ASN M 123 -1.15 -28.96 -34.85
C ASN M 123 -2.07 -30.06 -35.39
N VAL M 124 -3.16 -29.64 -36.04
CA VAL M 124 -4.01 -30.59 -36.76
C VAL M 124 -4.31 -30.16 -38.18
N PHE M 125 -4.25 -28.86 -38.50
CA PHE M 125 -4.57 -28.37 -39.82
C PHE M 125 -3.37 -28.29 -40.73
N GLY M 126 -2.17 -28.55 -40.18
CA GLY M 126 -0.95 -28.58 -41.01
C GLY M 126 -0.71 -29.96 -41.57
N PHE M 127 -1.49 -30.95 -41.13
CA PHE M 127 -1.37 -32.33 -41.67
C PHE M 127 -1.48 -32.27 -43.19
N LYS M 128 -0.62 -33.00 -43.89
CA LYS M 128 -0.58 -32.90 -45.38
C LYS M 128 -1.28 -34.13 -45.98
N ALA M 129 -1.56 -35.14 -45.17
CA ALA M 129 -2.27 -36.30 -45.68
C ALA M 129 -3.74 -36.02 -45.98
N LEU M 130 -4.21 -34.82 -45.67
CA LEU M 130 -5.59 -34.40 -45.93
C LEU M 130 -5.58 -33.21 -46.88
N ARG M 131 -6.77 -32.69 -47.15
CA ARG M 131 -6.91 -31.54 -48.04
C ARG M 131 -7.69 -30.42 -47.36
N ALA M 132 -8.63 -30.79 -46.49
CA ALA M 132 -9.45 -29.80 -45.79
C ALA M 132 -10.01 -30.42 -44.53
N LEU M 133 -10.08 -29.63 -43.46
CA LEU M 133 -10.59 -30.08 -42.18
C LEU M 133 -11.45 -28.98 -41.57
N ARG M 134 -12.44 -29.39 -40.78
CA ARG M 134 -13.36 -28.44 -40.17
C ARG M 134 -13.95 -29.05 -38.91
N LEU M 135 -13.81 -28.34 -37.79
CA LEU M 135 -14.42 -28.77 -36.53
C LEU M 135 -15.87 -28.30 -36.47
N GLU M 136 -16.74 -29.17 -35.97
CA GLU M 136 -18.18 -28.90 -36.03
C GLU M 136 -18.83 -28.77 -34.66
N ASP M 137 -18.53 -29.66 -33.72
CA ASP M 137 -19.24 -29.66 -32.45
C ASP M 137 -18.35 -30.20 -31.34
N LEU M 138 -18.75 -29.92 -30.10
CA LEU M 138 -18.05 -30.40 -28.92
C LEU M 138 -19.08 -30.74 -27.85
N ARG M 139 -18.68 -31.61 -26.91
CA ARG M 139 -19.50 -31.96 -25.76
C ARG M 139 -18.68 -31.77 -24.50
N ILE M 140 -19.25 -31.05 -23.54
CA ILE M 140 -18.58 -30.72 -22.29
C ILE M 140 -19.30 -31.41 -21.15
N PRO M 141 -18.66 -32.33 -20.43
CA PRO M 141 -19.34 -33.04 -19.34
C PRO M 141 -19.61 -32.11 -18.17
N PRO M 142 -20.62 -32.41 -17.35
CA PRO M 142 -20.89 -31.56 -16.18
C PRO M 142 -19.75 -31.52 -15.17
N ALA M 143 -18.89 -32.54 -15.14
CA ALA M 143 -17.75 -32.52 -14.23
C ALA M 143 -16.71 -31.49 -14.61
N TYR M 144 -16.76 -30.94 -15.83
CA TYR M 144 -15.84 -29.92 -16.27
C TYR M 144 -16.43 -28.52 -16.31
N SER M 145 -17.76 -28.41 -16.44
CA SER M 145 -18.42 -27.11 -16.48
C SER M 145 -18.55 -26.46 -15.11
N LYS M 146 -18.35 -27.21 -14.03
CA LYS M 146 -18.55 -26.66 -12.69
C LYS M 146 -17.36 -25.86 -12.19
N THR M 147 -16.24 -25.85 -12.91
CA THR M 147 -15.07 -25.08 -12.52
C THR M 147 -15.03 -23.69 -13.16
N PHE M 148 -16.05 -23.33 -13.93
CA PHE M 148 -16.14 -22.03 -14.57
C PHE M 148 -17.19 -21.18 -13.85
N GLN M 149 -17.13 -19.88 -14.09
CA GLN M 149 -18.08 -18.96 -13.47
C GLN M 149 -19.32 -18.76 -14.35
N GLY M 150 -19.11 -18.48 -15.64
CA GLY M 150 -20.20 -18.28 -16.55
C GLY M 150 -20.57 -16.82 -16.70
N PRO M 151 -21.79 -16.56 -17.19
CA PRO M 151 -22.23 -15.17 -17.33
C PRO M 151 -22.30 -14.49 -15.99
N PRO M 152 -22.01 -13.18 -15.94
CA PRO M 152 -22.06 -12.48 -14.65
C PRO M 152 -23.45 -12.48 -14.02
N HIS M 153 -24.48 -12.09 -14.76
CA HIS M 153 -25.83 -11.99 -14.22
C HIS M 153 -26.81 -12.95 -14.90
N GLY M 154 -26.91 -12.91 -16.22
CA GLY M 154 -27.83 -13.78 -16.93
C GLY M 154 -28.99 -13.06 -17.58
N ILE M 155 -30.12 -13.75 -17.70
CA ILE M 155 -31.31 -13.20 -18.35
C ILE M 155 -32.33 -12.71 -17.33
N GLN M 156 -32.71 -13.57 -16.38
CA GLN M 156 -33.75 -13.21 -15.42
C GLN M 156 -33.29 -12.07 -14.51
N VAL M 157 -32.03 -12.08 -14.10
CA VAL M 157 -31.55 -11.07 -13.17
C VAL M 157 -31.50 -9.69 -13.83
N GLU M 158 -31.10 -9.64 -15.10
CA GLU M 158 -31.00 -8.36 -15.79
C GLU M 158 -32.36 -7.71 -15.97
N ARG M 159 -33.39 -8.50 -16.26
CA ARG M 159 -34.73 -7.96 -16.40
C ARG M 159 -35.24 -7.35 -15.11
N ASP M 160 -34.85 -7.90 -13.95
CA ASP M 160 -35.20 -7.28 -12.67
C ASP M 160 -34.45 -5.96 -12.48
N LYS M 161 -33.20 -5.89 -12.93
CA LYS M 161 -32.44 -4.64 -12.81
C LYS M 161 -33.02 -3.55 -13.69
N LEU M 162 -33.46 -3.89 -14.90
CA LEU M 162 -33.98 -2.90 -15.83
C LEU M 162 -35.48 -2.65 -15.69
N ASN M 163 -36.21 -3.55 -15.04
CA ASN M 163 -37.65 -3.40 -14.81
C ASN M 163 -38.42 -3.26 -16.13
N LYS M 164 -38.20 -4.23 -17.02
CA LYS M 164 -38.87 -4.27 -18.31
C LYS M 164 -39.34 -5.70 -18.57
N TYR M 165 -40.63 -5.85 -18.87
CA TYR M 165 -41.23 -7.17 -19.03
C TYR M 165 -42.15 -7.20 -20.25
N GLY M 166 -42.21 -8.35 -20.90
CA GLY M 166 -43.26 -8.65 -21.85
C GLY M 166 -43.00 -8.29 -23.30
N ARG M 167 -41.91 -7.58 -23.59
CA ARG M 167 -41.64 -7.16 -24.97
C ARG M 167 -40.14 -7.13 -25.19
N PRO M 168 -39.70 -7.29 -26.44
CA PRO M 168 -38.26 -7.16 -26.73
C PRO M 168 -37.78 -5.73 -26.54
N LEU M 169 -36.47 -5.61 -26.36
CA LEU M 169 -35.84 -4.32 -26.17
C LEU M 169 -35.47 -3.69 -27.52
N LEU M 170 -35.17 -2.40 -27.48
CA LEU M 170 -34.84 -1.64 -28.68
C LEU M 170 -33.52 -0.91 -28.48
N GLY M 171 -32.84 -0.64 -29.59
CA GLY M 171 -31.58 0.08 -29.53
C GLY M 171 -31.25 0.70 -30.87
N CYS M 172 -30.19 1.50 -30.87
CA CYS M 172 -29.73 2.17 -32.08
C CYS M 172 -28.22 2.38 -31.98
N THR M 173 -27.58 2.55 -33.13
CA THR M 173 -26.14 2.73 -33.21
C THR M 173 -25.82 3.91 -34.13
N ILE M 174 -24.80 4.70 -33.72
CA ILE M 174 -24.31 5.79 -34.55
C ILE M 174 -23.22 5.24 -35.46
N LYS M 175 -23.63 4.65 -36.58
CA LYS M 175 -22.69 3.92 -37.44
C LYS M 175 -21.79 4.87 -38.23
N PRO M 176 -22.33 5.79 -39.05
CA PRO M 176 -21.43 6.61 -39.88
C PRO M 176 -20.79 7.76 -39.10
N LYS M 177 -21.17 8.99 -39.43
CA LYS M 177 -20.69 10.17 -38.75
C LYS M 177 -19.17 10.28 -38.86
N LEU M 178 -18.48 10.05 -37.75
CA LEU M 178 -17.01 10.02 -37.66
C LEU M 178 -16.44 11.43 -37.81
N GLY M 179 -15.51 11.80 -36.94
CA GLY M 179 -14.92 13.12 -36.94
C GLY M 179 -15.71 14.17 -36.18
N LEU M 180 -16.87 13.81 -35.64
CA LEU M 180 -17.67 14.75 -34.88
C LEU M 180 -17.01 15.07 -33.53
N SER M 181 -17.29 16.26 -33.03
CA SER M 181 -16.79 16.64 -31.71
C SER M 181 -17.58 15.93 -30.62
N ALA M 182 -17.06 16.01 -29.40
CA ALA M 182 -17.70 15.32 -28.28
C ALA M 182 -19.08 15.90 -27.98
N LYS M 183 -19.22 17.22 -28.04
CA LYS M 183 -20.50 17.85 -27.76
C LYS M 183 -21.56 17.43 -28.78
N ASN M 184 -21.19 17.43 -30.07
CA ASN M 184 -22.12 17.00 -31.11
C ASN M 184 -22.42 15.51 -30.97
N TYR M 185 -21.44 14.71 -30.55
CA TYR M 185 -21.67 13.29 -30.32
C TYR M 185 -22.69 13.08 -29.21
N GLY M 186 -22.57 13.84 -28.12
CA GLY M 186 -23.53 13.69 -27.03
C GLY M 186 -24.91 14.22 -27.37
N ARG M 187 -24.98 15.26 -28.22
CA ARG M 187 -26.28 15.81 -28.59
C ARG M 187 -27.14 14.78 -29.31
N ALA M 188 -26.54 14.02 -30.24
CA ALA M 188 -27.28 13.00 -30.97
C ALA M 188 -27.76 11.90 -30.04
N VAL M 189 -26.92 11.49 -29.08
CA VAL M 189 -27.31 10.46 -28.12
C VAL M 189 -28.49 10.95 -27.29
N TYR M 190 -28.43 12.20 -26.83
CA TYR M 190 -29.53 12.73 -26.03
C TYR M 190 -30.81 12.81 -26.84
N GLU M 191 -30.71 13.24 -28.10
CA GLU M 191 -31.91 13.32 -28.94
C GLU M 191 -32.51 11.94 -29.19
N CYS M 192 -31.67 10.94 -29.43
CA CYS M 192 -32.18 9.60 -29.73
C CYS M 192 -32.78 8.95 -28.50
N LEU M 193 -32.16 9.14 -27.32
CA LEU M 193 -32.62 8.45 -26.12
C LEU M 193 -33.98 8.94 -25.64
N ARG M 194 -34.33 10.20 -25.90
CA ARG M 194 -35.59 10.76 -25.43
C ARG M 194 -36.77 10.36 -26.30
N GLY M 195 -36.54 9.82 -27.50
CA GLY M 195 -37.63 9.44 -28.37
C GLY M 195 -38.39 8.22 -27.93
N GLY M 196 -37.76 7.33 -27.16
CA GLY M 196 -38.43 6.13 -26.70
C GLY M 196 -37.58 4.88 -26.75
N LEU M 197 -36.35 5.01 -27.25
CA LEU M 197 -35.44 3.88 -27.31
C LEU M 197 -34.89 3.57 -25.92
N ASP M 198 -34.24 2.40 -25.82
CA ASP M 198 -33.68 1.92 -24.56
C ASP M 198 -32.17 2.02 -24.49
N PHE M 199 -31.46 1.51 -25.49
CA PHE M 199 -30.00 1.46 -25.48
C PHE M 199 -29.45 2.33 -26.61
N THR M 200 -28.13 2.43 -26.65
CA THR M 200 -27.45 3.20 -27.70
C THR M 200 -26.05 2.62 -27.80
N ASP M 202 -21.92 2.22 -29.68
CA ASP M 202 -20.81 2.99 -30.20
C ASP M 202 -20.12 2.23 -31.33
N ASP M 203 -19.42 2.94 -32.20
CA ASP M 203 -18.76 2.31 -33.34
C ASP M 203 -17.65 1.40 -32.85
N GLU M 204 -17.45 0.29 -33.55
CA GLU M 204 -16.48 -0.70 -33.10
C GLU M 204 -15.05 -0.14 -33.16
N ASN M 205 -14.72 0.59 -34.21
CA ASN M 205 -13.36 1.12 -34.38
C ASN M 205 -13.23 2.54 -33.84
N VAL M 206 -13.65 2.75 -32.60
CA VAL M 206 -13.50 4.05 -31.94
C VAL M 206 -13.04 3.80 -30.50
N ASN M 207 -11.75 3.96 -30.25
CA ASN M 207 -11.20 3.82 -28.90
C ASN M 207 -10.63 5.12 -28.38
N SER M 208 -9.63 5.68 -29.07
CA SER M 208 -9.04 6.96 -28.68
C SER M 208 -8.25 7.47 -29.88
N GLN M 209 -8.67 8.61 -30.43
CA GLN M 209 -8.09 9.15 -31.65
C GLN M 209 -7.88 10.64 -31.48
N PRO M 210 -7.00 11.24 -32.30
CA PRO M 210 -6.73 12.67 -32.13
C PRO M 210 -7.95 13.57 -32.25
N PHE M 211 -8.94 13.19 -33.07
CA PHE M 211 -10.12 14.04 -33.21
C PHE M 211 -11.07 13.93 -32.02
N MET M 212 -10.97 12.88 -31.22
CA MET M 212 -11.83 12.74 -30.04
C MET M 212 -11.20 11.73 -29.09
N ARG M 213 -10.89 12.18 -27.87
CA ARG M 213 -10.38 11.29 -26.84
C ARG M 213 -11.56 10.67 -26.09
N TRP M 214 -11.26 9.86 -25.07
CA TRP M 214 -12.30 9.07 -24.41
C TRP M 214 -12.78 9.68 -23.10
N ARG M 215 -11.90 10.35 -22.36
CA ARG M 215 -12.27 10.81 -21.02
C ARG M 215 -13.31 11.93 -21.07
N ASP M 216 -13.42 12.64 -22.19
CA ASP M 216 -14.45 13.67 -22.33
C ASP M 216 -15.70 13.14 -23.00
N ARG M 217 -15.56 12.17 -23.91
CA ARG M 217 -16.73 11.51 -24.48
C ARG M 217 -17.52 10.79 -23.39
N PHE M 218 -16.82 10.13 -22.45
CA PHE M 218 -17.49 9.52 -21.31
C PHE M 218 -18.27 10.55 -20.52
N LEU M 219 -17.65 11.70 -20.25
CA LEU M 219 -18.31 12.74 -19.45
C LEU M 219 -19.56 13.26 -20.14
N PHE M 220 -19.47 13.52 -21.45
CA PHE M 220 -20.62 14.04 -22.17
C PHE M 220 -21.74 13.01 -22.26
N VAL M 221 -21.41 11.74 -22.48
CA VAL M 221 -22.44 10.70 -22.52
C VAL M 221 -23.12 10.58 -21.16
N ALA M 222 -22.34 10.61 -20.08
CA ALA M 222 -22.94 10.56 -18.75
C ALA M 222 -23.83 11.76 -18.48
N GLU M 223 -23.41 12.95 -18.92
CA GLU M 223 -24.24 14.14 -18.76
C GLU M 223 -25.56 14.01 -19.52
N ALA M 224 -25.52 13.50 -20.75
CA ALA M 224 -26.73 13.33 -21.54
C ALA M 224 -27.68 12.28 -20.96
N ILE M 225 -27.13 11.19 -20.41
CA ILE M 225 -27.96 10.10 -19.92
C ILE M 225 -28.88 10.56 -18.79
N PHE M 226 -28.33 11.32 -17.84
CA PHE M 226 -29.12 11.77 -16.71
C PHE M 226 -30.24 12.72 -17.15
N LYS M 227 -29.93 13.65 -18.06
CA LYS M 227 -30.95 14.56 -18.56
C LYS M 227 -32.05 13.80 -19.29
N SER M 228 -31.68 12.80 -20.10
CA SER M 228 -32.69 12.01 -20.78
C SER M 228 -33.55 11.23 -19.78
N GLN M 229 -32.92 10.69 -18.72
CA GLN M 229 -33.66 9.89 -17.75
C GLN M 229 -34.60 10.72 -16.89
N ALA M 230 -34.22 11.96 -16.57
CA ALA M 230 -34.99 12.76 -15.63
C ALA M 230 -36.36 13.16 -16.14
N GLU M 231 -36.64 13.02 -17.43
CA GLU M 231 -37.91 13.47 -18.00
C GLU M 231 -38.93 12.34 -18.16
N THR M 232 -38.57 11.27 -18.87
CA THR M 232 -39.51 10.20 -19.16
C THR M 232 -39.70 9.23 -18.00
N GLY M 233 -38.83 9.27 -17.00
CA GLY M 233 -38.95 8.37 -15.85
C GLY M 233 -38.72 6.91 -16.17
N GLU M 234 -37.75 6.61 -17.03
CA GLU M 234 -37.39 5.23 -17.35
C GLU M 234 -35.87 5.10 -17.36
N ILE M 235 -35.40 3.89 -17.11
CA ILE M 235 -33.97 3.62 -17.03
C ILE M 235 -33.40 3.47 -18.44
N LYS M 236 -32.33 4.19 -18.72
CA LYS M 236 -31.66 4.17 -20.01
C LYS M 236 -30.21 3.75 -19.83
N GLY M 237 -29.54 3.51 -20.95
CA GLY M 237 -28.15 3.08 -20.92
C GLY M 237 -27.45 3.36 -22.23
N HIS M 238 -26.16 3.02 -22.26
CA HIS M 238 -25.33 3.27 -23.43
C HIS M 238 -24.07 2.41 -23.31
N TYR M 239 -23.76 1.67 -24.38
CA TYR M 239 -22.59 0.81 -24.38
C TYR M 239 -21.32 1.65 -24.55
N LEU M 240 -20.40 1.52 -23.62
CA LEU M 240 -19.13 2.23 -23.66
C LEU M 240 -18.01 1.25 -24.01
N ASN M 241 -17.25 1.59 -25.05
CA ASN M 241 -16.17 0.72 -25.51
C ASN M 241 -15.01 0.74 -24.52
N ALA M 242 -14.51 -0.45 -24.18
CA ALA M 242 -13.42 -0.59 -23.21
C ALA M 242 -12.21 -1.32 -23.78
N THR M 243 -12.18 -1.58 -25.08
CA THR M 243 -11.03 -2.23 -25.68
C THR M 243 -9.82 -1.31 -25.67
N ALA M 244 -8.66 -1.85 -25.33
CA ALA M 244 -7.43 -1.07 -25.24
C ALA M 244 -6.27 -1.93 -25.72
N GLY M 245 -5.09 -1.32 -25.77
CA GLY M 245 -3.90 -2.00 -26.24
C GLY M 245 -3.17 -2.79 -25.17
N THR M 246 -3.41 -2.45 -23.91
CA THR M 246 -2.77 -3.14 -22.79
C THR M 246 -3.80 -3.36 -21.70
N CYS M 247 -3.54 -4.35 -20.85
CA CYS M 247 -4.45 -4.67 -19.76
C CYS M 247 -4.48 -3.59 -18.69
N GLU M 248 -3.37 -2.88 -18.48
CA GLU M 248 -3.37 -1.77 -17.53
C GLU M 248 -4.29 -0.65 -18.00
N GLU M 249 -4.30 -0.36 -19.29
CA GLU M 249 -5.18 0.68 -19.82
C GLU M 249 -6.63 0.22 -19.89
N MET M 250 -6.86 -1.07 -20.14
CA MET M 250 -8.23 -1.57 -20.23
C MET M 250 -8.95 -1.44 -18.89
N MET M 251 -8.26 -1.76 -17.79
CA MET M 251 -8.87 -1.68 -16.47
C MET M 251 -9.08 -0.25 -15.99
N LYS M 252 -8.35 0.71 -16.56
CA LYS M 252 -8.53 2.10 -16.16
C LYS M 252 -9.84 2.67 -16.68
N ARG M 253 -10.26 2.25 -17.87
CA ARG M 253 -11.51 2.75 -18.46
C ARG M 253 -12.75 2.08 -17.88
N ALA M 254 -12.58 0.99 -17.13
CA ALA M 254 -13.73 0.32 -16.51
C ALA M 254 -14.08 0.91 -15.16
N GLN M 255 -13.09 1.39 -14.40
CA GLN M 255 -13.38 1.98 -13.10
C GLN M 255 -14.00 3.37 -13.24
N PHE M 256 -13.61 4.12 -14.28
CA PHE M 256 -14.20 5.43 -14.50
C PHE M 256 -15.69 5.32 -14.82
N ALA M 257 -16.09 4.31 -15.60
CA ALA M 257 -17.51 4.08 -15.85
C ALA M 257 -18.25 3.69 -14.59
N ARG M 258 -17.59 3.02 -13.64
CA ARG M 258 -18.22 2.70 -12.37
C ARG M 258 -18.35 3.93 -11.47
N GLU M 259 -17.39 4.85 -11.55
CA GLU M 259 -17.47 6.07 -10.74
C GLU M 259 -18.67 6.93 -11.14
N LEU M 260 -18.97 7.01 -12.44
CA LEU M 260 -20.10 7.79 -12.92
C LEU M 260 -21.42 7.06 -12.80
N GLY M 261 -21.40 5.80 -12.36
CA GLY M 261 -22.62 5.02 -12.23
C GLY M 261 -23.25 4.58 -13.53
N MET M 262 -22.42 4.19 -14.53
CA MET M 262 -22.98 3.66 -15.76
C MET M 262 -23.26 2.17 -15.61
N PRO M 263 -24.29 1.66 -16.29
CA PRO M 263 -24.71 0.27 -16.06
C PRO M 263 -24.13 -0.79 -17.00
N ILE M 264 -23.42 -0.42 -18.07
CA ILE M 264 -23.04 -1.40 -19.08
C ILE M 264 -21.76 -0.94 -19.77
N VAL M 265 -20.97 -1.92 -20.24
CA VAL M 265 -19.76 -1.69 -21.01
C VAL M 265 -19.76 -2.64 -22.20
N MET M 266 -18.68 -2.59 -23.00
CA MET M 266 -18.62 -3.37 -24.23
C MET M 266 -17.17 -3.76 -24.50
N HIS M 267 -16.99 -4.95 -25.07
CA HIS M 267 -15.66 -5.48 -25.36
C HIS M 267 -15.72 -6.37 -26.60
N ASP M 268 -14.59 -6.47 -27.30
CA ASP M 268 -14.42 -7.40 -28.41
C ASP M 268 -13.55 -8.55 -27.95
N TYR M 269 -14.04 -9.78 -28.13
CA TYR M 269 -13.41 -10.95 -27.55
C TYR M 269 -12.62 -11.77 -28.56
N LEU M 270 -12.57 -11.37 -29.82
CA LEU M 270 -11.81 -12.11 -30.83
C LEU M 270 -10.49 -11.48 -31.20
N THR M 271 -10.41 -10.14 -31.26
CA THR M 271 -9.15 -9.47 -31.49
C THR M 271 -8.42 -9.12 -30.21
N GLY M 272 -9.07 -9.27 -29.06
CA GLY M 272 -8.45 -8.99 -27.78
C GLY M 272 -7.91 -10.23 -27.10
N GLY M 273 -8.61 -11.35 -27.24
CA GLY M 273 -8.18 -12.60 -26.67
C GLY M 273 -9.06 -13.03 -25.50
N PHE M 274 -8.97 -14.32 -25.16
CA PHE M 274 -9.75 -14.87 -24.07
C PHE M 274 -9.18 -14.48 -22.70
N THR M 275 -7.86 -14.34 -22.61
CA THR M 275 -7.23 -14.00 -21.33
C THR M 275 -7.69 -12.64 -20.83
N ALA M 276 -7.75 -11.65 -21.73
CA ALA M 276 -8.25 -10.33 -21.33
C ALA M 276 -9.74 -10.31 -21.08
N ASN M 277 -10.50 -11.19 -21.75
CA ASN M 277 -11.94 -11.23 -21.56
C ASN M 277 -12.33 -11.84 -20.22
N THR M 278 -11.62 -12.88 -19.80
CA THR M 278 -11.94 -13.52 -18.51
C THR M 278 -11.72 -12.56 -17.34
N THR M 279 -10.66 -11.78 -17.37
CA THR M 279 -10.43 -10.81 -16.31
C THR M 279 -11.52 -9.75 -16.27
N LEU M 280 -11.95 -9.28 -17.44
CA LEU M 280 -13.02 -8.30 -17.50
C LEU M 280 -14.32 -8.88 -16.95
N ALA M 281 -14.63 -10.14 -17.29
CA ALA M 281 -15.82 -10.77 -16.76
C ALA M 281 -15.75 -10.90 -15.23
N HIS M 282 -14.58 -11.30 -14.72
CA HIS M 282 -14.42 -11.43 -13.27
C HIS M 282 -14.60 -10.08 -12.58
N TYR M 283 -14.05 -9.02 -13.16
CA TYR M 283 -14.24 -7.69 -12.57
C TYR M 283 -15.71 -7.26 -12.63
N CYS M 284 -16.39 -7.54 -13.75
CA CYS M 284 -17.78 -7.14 -13.88
C CYS M 284 -18.69 -7.87 -12.90
N ARG M 285 -18.37 -9.13 -12.59
CA ARG M 285 -19.18 -9.86 -11.62
C ARG M 285 -19.12 -9.21 -10.24
N ASP M 286 -17.95 -8.72 -9.85
CA ASP M 286 -17.74 -8.22 -8.49
C ASP M 286 -18.23 -6.81 -8.26
N ASN M 287 -18.69 -6.11 -9.30
CA ASN M 287 -19.12 -4.72 -9.15
C ASN M 287 -20.49 -4.43 -9.73
N GLY M 288 -21.20 -5.42 -10.26
CA GLY M 288 -22.56 -5.21 -10.72
C GLY M 288 -22.68 -4.44 -12.02
N LEU M 289 -21.91 -4.85 -13.03
CA LEU M 289 -21.98 -4.26 -14.36
C LEU M 289 -22.48 -5.29 -15.36
N LEU M 290 -22.91 -4.80 -16.52
CA LEU M 290 -23.38 -5.65 -17.61
C LEU M 290 -22.38 -5.60 -18.76
N LEU M 291 -22.16 -6.76 -19.38
CA LEU M 291 -21.16 -6.91 -20.43
C LEU M 291 -21.83 -7.15 -21.77
N HIS M 292 -21.43 -6.39 -22.78
CA HIS M 292 -21.91 -6.55 -24.15
C HIS M 292 -20.76 -7.02 -25.02
N ILE M 293 -20.98 -8.09 -25.79
CA ILE M 293 -19.93 -8.72 -26.59
C ILE M 293 -20.21 -8.45 -28.06
N HIS M 294 -19.17 -8.01 -28.78
CA HIS M 294 -19.29 -7.77 -30.24
C HIS M 294 -18.29 -8.67 -30.97
N ARG M 295 -18.71 -9.34 -32.05
CA ARG M 295 -17.83 -10.30 -32.76
C ARG M 295 -17.24 -9.67 -34.03
N ALA M 296 -15.92 -9.77 -34.22
CA ALA M 296 -15.27 -9.20 -35.42
C ALA M 296 -14.15 -10.13 -35.88
N MET M 297 -13.74 -10.04 -37.14
CA MET M 297 -12.67 -10.91 -37.69
C MET M 297 -13.13 -12.37 -37.62
N HIS M 298 -14.44 -12.60 -37.55
CA HIS M 298 -14.97 -13.98 -37.43
C HIS M 298 -15.17 -14.58 -38.83
N ALA M 299 -15.38 -13.72 -39.83
CA ALA M 299 -15.59 -14.21 -41.21
C ALA M 299 -14.29 -14.79 -41.75
N VAL M 300 -13.14 -14.50 -41.12
CA VAL M 300 -11.95 -15.17 -41.62
C VAL M 300 -11.88 -16.64 -41.24
N ILE M 301 -12.73 -17.08 -40.32
CA ILE M 301 -12.65 -18.43 -39.77
C ILE M 301 -13.83 -19.29 -40.23
N ASP M 302 -15.06 -18.78 -40.12
CA ASP M 302 -16.25 -19.60 -40.30
C ASP M 302 -17.04 -19.22 -41.56
N ARG M 303 -16.35 -18.87 -42.65
CA ARG M 303 -17.06 -18.56 -43.87
C ARG M 303 -17.13 -19.75 -44.84
N GLN M 304 -16.00 -20.42 -45.08
CA GLN M 304 -15.97 -21.51 -46.04
C GLN M 304 -16.62 -22.76 -45.45
N ARG M 305 -16.98 -23.69 -46.34
CA ARG M 305 -17.70 -24.89 -45.97
C ARG M 305 -16.79 -26.09 -45.72
N ASN M 306 -15.47 -25.93 -45.87
CA ASN M 306 -14.56 -27.06 -45.72
C ASN M 306 -13.32 -26.75 -44.89
N HIS M 307 -13.13 -25.52 -44.43
CA HIS M 307 -11.95 -25.16 -43.66
C HIS M 307 -12.31 -24.10 -42.65
N GLY M 308 -11.92 -24.32 -41.39
CA GLY M 308 -12.15 -23.37 -40.33
C GLY M 308 -12.85 -24.03 -39.15
N ILE M 309 -13.49 -23.20 -38.34
CA ILE M 309 -14.22 -23.66 -37.16
C ILE M 309 -15.62 -23.06 -37.22
N HIS M 310 -16.63 -23.88 -36.99
CA HIS M 310 -18.02 -23.42 -37.03
C HIS M 310 -18.28 -22.45 -35.88
N PHE M 311 -19.23 -21.53 -36.11
CA PHE M 311 -19.49 -20.48 -35.14
C PHE M 311 -20.15 -21.02 -33.86
N ARG M 312 -20.82 -22.17 -33.95
CA ARG M 312 -21.51 -22.70 -32.77
C ARG M 312 -20.53 -23.18 -31.70
N VAL M 313 -19.27 -23.40 -32.05
CA VAL M 313 -18.27 -23.73 -31.03
C VAL M 313 -17.78 -22.48 -30.32
N LEU M 314 -17.52 -21.41 -31.08
CA LEU M 314 -17.17 -20.13 -30.47
C LEU M 314 -18.32 -19.57 -29.65
N ALA M 315 -19.56 -19.94 -29.97
CA ALA M 315 -20.70 -19.52 -29.15
C ALA M 315 -20.69 -20.24 -27.80
N LYS M 316 -20.40 -21.54 -27.80
CA LYS M 316 -20.31 -22.28 -26.55
C LYS M 316 -19.13 -21.81 -25.71
N ALA M 317 -18.03 -21.42 -26.36
CA ALA M 317 -16.86 -20.96 -25.62
C ALA M 317 -17.17 -19.69 -24.82
N LEU M 318 -17.93 -18.76 -25.42
CA LEU M 318 -18.21 -17.50 -24.75
C LEU M 318 -19.07 -17.71 -23.51
N ARG M 319 -20.02 -18.64 -23.56
CA ARG M 319 -20.88 -18.89 -22.40
C ARG M 319 -20.06 -19.34 -21.19
N MET M 320 -19.04 -20.18 -21.42
CA MET M 320 -18.15 -20.57 -20.34
C MET M 320 -17.24 -19.42 -19.93
N SER M 321 -16.75 -18.63 -20.90
CA SER M 321 -15.86 -17.52 -20.57
C SER M 321 -16.61 -16.42 -19.83
N GLY M 322 -17.78 -16.02 -20.33
CA GLY M 322 -18.57 -15.00 -19.68
C GLY M 322 -19.11 -13.93 -20.59
N GLY M 323 -20.39 -13.59 -20.45
CA GLY M 323 -21.01 -12.56 -21.25
C GLY M 323 -22.51 -12.48 -21.07
N ASP M 324 -23.11 -11.38 -21.48
CA ASP M 324 -24.56 -11.19 -21.37
C ASP M 324 -25.25 -11.03 -22.72
N HIS M 325 -24.68 -10.24 -23.62
CA HIS M 325 -25.22 -10.05 -24.96
C HIS M 325 -24.22 -10.57 -25.99
N ILE M 326 -24.74 -10.95 -27.17
CA ILE M 326 -23.90 -11.44 -28.25
C ILE M 326 -24.63 -11.23 -29.56
N HIS M 327 -23.85 -10.99 -30.62
CA HIS M 327 -24.43 -10.79 -31.97
C HIS M 327 -24.60 -12.16 -32.62
N SER M 328 -25.75 -12.43 -33.24
CA SER M 328 -26.01 -13.78 -33.79
C SER M 328 -26.24 -13.70 -35.30
N GLY M 329 -27.25 -12.92 -35.72
CA GLY M 329 -27.58 -12.80 -37.15
C GLY M 329 -29.07 -12.95 -37.39
N THR M 330 -29.68 -12.01 -38.12
CA THR M 330 -31.13 -12.11 -38.45
C THR M 330 -31.38 -13.38 -39.27
N VAL M 331 -32.64 -13.81 -39.38
CA VAL M 331 -32.93 -15.10 -40.07
C VAL M 331 -34.03 -14.90 -41.12
N VAL M 332 -34.70 -13.74 -41.13
CA VAL M 332 -35.80 -13.56 -42.06
C VAL M 332 -35.35 -13.56 -43.51
N GLY M 333 -34.03 -13.43 -43.74
CA GLY M 333 -33.51 -13.53 -45.11
C GLY M 333 -33.02 -14.94 -45.41
N LYS M 334 -33.25 -15.88 -44.48
CA LYS M 334 -32.82 -17.29 -44.67
C LYS M 334 -33.98 -18.12 -45.22
N LEU M 335 -33.70 -19.07 -46.12
CA LEU M 335 -34.76 -19.89 -46.75
C LEU M 335 -34.71 -21.32 -46.22
N GLU M 336 -35.45 -22.24 -46.83
CA GLU M 336 -35.48 -23.61 -46.34
C GLU M 336 -34.12 -24.27 -46.52
N GLY M 337 -33.78 -25.14 -45.59
CA GLY M 337 -32.43 -25.67 -45.48
C GLY M 337 -31.60 -24.85 -44.53
N GLU M 338 -31.65 -23.54 -44.67
CA GLU M 338 -31.11 -22.63 -43.68
C GLU M 338 -32.17 -22.31 -42.64
N ARG M 339 -31.86 -21.37 -41.74
CA ARG M 339 -32.76 -20.91 -40.69
C ARG M 339 -32.94 -21.99 -39.63
N GLU M 340 -32.41 -23.19 -39.90
CA GLU M 340 -32.45 -24.28 -38.94
C GLU M 340 -31.24 -24.30 -38.02
N VAL M 341 -30.04 -24.11 -38.58
CA VAL M 341 -28.84 -24.07 -37.75
C VAL M 341 -28.85 -22.87 -36.84
N THR M 342 -29.40 -21.74 -37.31
CA THR M 342 -29.50 -20.55 -36.48
C THR M 342 -30.45 -20.79 -35.32
N LEU M 343 -31.63 -21.37 -35.59
CA LEU M 343 -32.56 -21.70 -34.53
C LEU M 343 -31.99 -22.76 -33.60
N GLY M 344 -31.03 -23.55 -34.09
CA GLY M 344 -30.41 -24.54 -33.22
C GLY M 344 -29.41 -23.93 -32.26
N PHE M 345 -28.50 -23.09 -32.77
CA PHE M 345 -27.54 -22.51 -31.84
C PHE M 345 -28.14 -21.40 -30.99
N VAL M 346 -29.27 -20.81 -31.40
CA VAL M 346 -29.99 -19.92 -30.50
C VAL M 346 -30.51 -20.70 -29.29
N ASP M 347 -31.07 -21.89 -29.54
CA ASP M 347 -31.50 -22.75 -28.44
C ASP M 347 -30.31 -23.17 -27.58
N LEU M 348 -29.17 -23.47 -28.22
CA LEU M 348 -27.97 -23.80 -27.46
C LEU M 348 -27.55 -22.65 -26.56
N LEU M 349 -27.69 -21.41 -27.05
CA LEU M 349 -27.33 -20.25 -26.25
C LEU M 349 -28.30 -20.01 -25.11
N ARG M 350 -29.60 -20.21 -25.33
CA ARG M 350 -30.61 -19.79 -24.36
C ARG M 350 -31.13 -20.91 -23.47
N ASP M 351 -31.30 -22.12 -23.98
CA ASP M 351 -31.98 -23.17 -23.24
C ASP M 351 -31.08 -23.77 -22.17
N ASP M 352 -31.61 -24.76 -21.46
CA ASP M 352 -30.90 -25.46 -20.40
C ASP M 352 -30.64 -26.93 -20.69
N TYR M 353 -31.46 -27.55 -21.53
CA TYR M 353 -31.29 -28.95 -21.91
C TYR M 353 -31.68 -29.10 -23.37
N ILE M 354 -30.74 -29.56 -24.19
CA ILE M 354 -30.94 -29.67 -25.64
C ILE M 354 -30.70 -31.12 -26.04
N GLU M 355 -31.61 -31.67 -26.84
CA GLU M 355 -31.52 -33.05 -27.31
C GLU M 355 -30.81 -33.12 -28.65
N LYS M 356 -30.41 -34.32 -29.03
CA LYS M 356 -29.72 -34.53 -30.30
C LYS M 356 -30.70 -34.40 -31.46
N ASP M 357 -30.26 -33.68 -32.50
CA ASP M 357 -31.09 -33.50 -33.70
C ASP M 357 -30.14 -33.24 -34.87
N ARG M 358 -29.98 -34.24 -35.73
CA ARG M 358 -29.06 -34.11 -36.86
C ARG M 358 -29.57 -33.14 -37.92
N SER M 359 -30.88 -32.88 -37.97
CA SER M 359 -31.43 -31.97 -38.96
C SER M 359 -31.17 -30.51 -38.64
N ARG M 360 -30.74 -30.20 -37.42
CA ARG M 360 -30.44 -28.82 -37.02
C ARG M 360 -28.98 -28.60 -36.70
N GLY M 361 -28.10 -29.51 -37.11
CA GLY M 361 -26.69 -29.36 -36.88
C GLY M 361 -26.23 -29.65 -35.47
N ILE M 362 -26.95 -30.50 -34.73
CA ILE M 362 -26.60 -30.86 -33.36
C ILE M 362 -26.22 -32.34 -33.36
N TYR M 363 -25.01 -32.63 -32.87
CA TYR M 363 -24.48 -34.00 -32.87
C TYR M 363 -24.41 -34.61 -31.48
N PHE M 364 -24.60 -33.84 -30.42
CA PHE M 364 -24.44 -34.35 -29.07
C PHE M 364 -25.55 -33.80 -28.17
N THR M 365 -25.81 -34.52 -27.08
CA THR M 365 -26.75 -34.07 -26.06
C THR M 365 -25.99 -33.25 -25.03
N GLN M 366 -26.52 -32.06 -24.72
CA GLN M 366 -25.84 -31.11 -23.86
C GLN M 366 -26.69 -30.80 -22.64
N ASP M 367 -26.04 -30.75 -21.47
CA ASP M 367 -26.68 -30.39 -20.21
C ASP M 367 -25.83 -29.33 -19.54
N TRP M 368 -26.48 -28.24 -19.11
CA TRP M 368 -25.78 -27.08 -18.57
C TRP M 368 -25.87 -26.96 -17.05
N VAL M 369 -26.52 -27.92 -16.37
CA VAL M 369 -26.70 -27.96 -14.93
C VAL M 369 -26.86 -26.57 -14.31
N SER M 370 -27.93 -25.87 -14.70
CA SER M 370 -28.32 -24.59 -14.10
C SER M 370 -27.31 -23.48 -14.37
N MET M 371 -26.91 -23.34 -15.63
CA MET M 371 -26.12 -22.15 -15.94
C MET M 371 -26.98 -21.09 -16.61
N PRO M 372 -26.74 -19.81 -16.33
CA PRO M 372 -27.57 -18.75 -16.92
C PRO M 372 -27.40 -18.67 -18.43
N GLY M 373 -28.39 -18.04 -19.07
CA GLY M 373 -28.42 -17.92 -20.51
C GLY M 373 -27.84 -16.61 -21.01
N VAL M 374 -27.87 -16.46 -22.34
CA VAL M 374 -27.31 -15.30 -23.03
C VAL M 374 -28.36 -14.76 -24.00
N LEU M 375 -28.52 -13.43 -24.02
CA LEU M 375 -29.48 -12.75 -24.88
C LEU M 375 -28.90 -12.58 -26.28
N PRO M 376 -29.60 -13.01 -27.33
CA PRO M 376 -29.12 -12.78 -28.70
C PRO M 376 -29.56 -11.43 -29.25
N VAL M 377 -28.71 -10.90 -30.13
CA VAL M 377 -28.91 -9.58 -30.72
C VAL M 377 -28.97 -9.71 -32.24
N ALA M 378 -29.98 -9.11 -32.85
CA ALA M 378 -30.14 -9.09 -34.31
C ALA M 378 -29.99 -7.66 -34.80
N SER M 379 -29.25 -7.49 -35.89
CA SER M 379 -28.97 -6.15 -36.42
C SER M 379 -28.62 -6.25 -37.90
N GLY M 380 -28.67 -5.10 -38.56
CA GLY M 380 -28.23 -4.99 -39.93
C GLY M 380 -29.33 -4.73 -40.95
N GLY M 381 -29.48 -3.47 -41.34
CA GLY M 381 -30.37 -3.07 -42.42
C GLY M 381 -31.81 -3.51 -42.28
N ILE M 382 -32.53 -2.96 -41.30
CA ILE M 382 -33.93 -3.28 -41.09
C ILE M 382 -34.71 -1.99 -40.91
N HIS M 383 -36.02 -2.06 -41.17
CA HIS M 383 -36.91 -0.91 -41.06
C HIS M 383 -38.24 -1.38 -40.45
N VAL M 384 -39.25 -0.52 -40.50
CA VAL M 384 -40.55 -0.81 -39.80
C VAL M 384 -41.30 -2.01 -40.39
N TRP M 385 -41.21 -2.24 -41.70
CA TRP M 385 -42.02 -3.32 -42.33
C TRP M 385 -41.50 -4.70 -41.95
N HIS M 386 -40.40 -4.77 -41.20
CA HIS M 386 -39.79 -6.08 -40.82
C HIS M 386 -40.13 -6.44 -39.37
N MET M 387 -40.87 -5.58 -38.67
CA MET M 387 -41.14 -5.80 -37.22
C MET M 387 -41.89 -7.11 -36.98
N PRO M 388 -43.10 -7.36 -37.53
CA PRO M 388 -43.87 -8.58 -37.20
C PRO M 388 -43.09 -9.86 -37.41
N ALA M 389 -42.29 -9.95 -38.48
CA ALA M 389 -41.51 -11.16 -38.72
C ALA M 389 -40.47 -11.38 -37.65
N LEU M 390 -39.79 -10.31 -37.23
CA LEU M 390 -38.80 -10.42 -36.16
C LEU M 390 -39.45 -10.81 -34.84
N THR M 391 -40.61 -10.23 -34.53
CA THR M 391 -41.29 -10.56 -33.29
C THR M 391 -41.76 -12.01 -33.27
N GLU M 392 -42.27 -12.50 -34.41
CA GLU M 392 -42.79 -13.86 -34.47
C GLU M 392 -41.70 -14.89 -34.25
N ILE M 393 -40.50 -14.66 -34.81
CA ILE M 393 -39.47 -15.69 -34.82
C ILE M 393 -38.71 -15.73 -33.52
N PHE M 394 -38.12 -14.59 -33.12
CA PHE M 394 -37.23 -14.59 -31.97
C PHE M 394 -38.00 -14.68 -30.66
N GLY M 395 -39.20 -14.10 -30.60
CA GLY M 395 -39.92 -13.98 -29.35
C GLY M 395 -39.49 -12.75 -28.58
N ASP M 396 -40.02 -12.62 -27.37
CA ASP M 396 -39.75 -11.44 -26.54
C ASP M 396 -38.55 -11.73 -25.64
N ASP M 397 -37.48 -12.24 -26.25
CA ASP M 397 -36.25 -12.50 -25.52
C ASP M 397 -35.03 -12.12 -26.34
N SER M 398 -35.07 -10.96 -27.00
CA SER M 398 -33.98 -10.54 -27.86
C SER M 398 -33.92 -9.02 -27.89
N VAL M 399 -32.87 -8.51 -28.51
CA VAL M 399 -32.65 -7.07 -28.68
C VAL M 399 -32.57 -6.78 -30.17
N LEU M 400 -33.34 -5.77 -30.62
CA LEU M 400 -33.36 -5.37 -32.01
C LEU M 400 -32.60 -4.05 -32.15
N GLN M 401 -31.63 -4.04 -33.07
CA GLN M 401 -30.78 -2.88 -33.30
C GLN M 401 -31.06 -2.32 -34.69
N PHE M 402 -31.32 -1.01 -34.75
CA PHE M 402 -31.59 -0.32 -36.00
C PHE M 402 -30.41 0.57 -36.37
N GLY M 403 -30.05 0.56 -37.65
CA GLY M 403 -28.96 1.38 -38.15
C GLY M 403 -29.45 2.63 -38.85
N GLY M 404 -29.48 2.60 -40.18
CA GLY M 404 -29.96 3.73 -40.94
C GLY M 404 -31.46 3.93 -40.91
N GLY M 405 -32.19 3.04 -40.24
CA GLY M 405 -33.64 3.13 -40.15
C GLY M 405 -34.16 4.06 -39.08
N THR M 406 -33.29 4.75 -38.37
CA THR M 406 -33.70 5.69 -37.32
C THR M 406 -33.22 7.11 -37.58
N LEU M 407 -32.00 7.27 -38.10
CA LEU M 407 -31.44 8.59 -38.37
C LEU M 407 -31.75 9.07 -39.79
N GLY M 408 -32.51 8.29 -40.55
CA GLY M 408 -32.83 8.66 -41.91
C GLY M 408 -34.22 9.27 -42.05
N HIS M 409 -34.90 9.47 -40.93
CA HIS M 409 -36.23 10.06 -40.98
C HIS M 409 -36.15 11.50 -41.46
N PRO M 410 -37.11 11.96 -42.32
CA PRO M 410 -37.05 13.31 -42.90
C PRO M 410 -37.34 14.42 -41.89
N TRP M 411 -37.70 14.07 -40.65
CA TRP M 411 -38.08 15.10 -39.65
C TRP M 411 -37.00 15.16 -38.56
N GLY M 412 -36.24 14.08 -38.38
CA GLY M 412 -35.14 14.08 -37.39
C GLY M 412 -34.98 12.75 -36.67
N ASN M 413 -34.38 12.77 -35.48
CA ASN M 413 -34.11 11.54 -34.72
C ASN M 413 -35.22 11.25 -33.71
N ALA M 414 -35.61 12.26 -32.92
CA ALA M 414 -36.68 12.06 -31.95
C ALA M 414 -37.99 11.65 -32.61
N PRO M 415 -38.47 12.29 -33.68
CA PRO M 415 -39.63 11.72 -34.40
C PRO M 415 -39.34 10.36 -35.01
N GLY M 416 -38.07 10.08 -35.33
CA GLY M 416 -37.73 8.80 -35.91
C GLY M 416 -37.93 7.64 -34.95
N ALA M 417 -37.62 7.85 -33.68
CA ALA M 417 -37.73 6.77 -32.70
C ALA M 417 -39.19 6.44 -32.39
N VAL M 418 -40.07 7.44 -32.48
CA VAL M 418 -41.48 7.25 -32.13
C VAL M 418 -42.14 6.25 -33.07
N ALA M 419 -41.76 6.29 -34.36
CA ALA M 419 -42.35 5.36 -35.32
C ALA M 419 -42.02 3.92 -34.95
N ASN M 420 -40.75 3.65 -34.63
CA ASN M 420 -40.36 2.29 -34.24
C ASN M 420 -41.06 1.87 -32.96
N ARG M 421 -41.13 2.78 -31.97
CA ARG M 421 -41.80 2.44 -30.72
C ARG M 421 -43.26 2.10 -30.94
N VAL M 422 -43.96 2.92 -31.73
CA VAL M 422 -45.38 2.69 -31.99
C VAL M 422 -45.59 1.38 -32.74
N ALA M 423 -44.73 1.11 -33.73
CA ALA M 423 -44.85 -0.13 -34.48
C ALA M 423 -44.66 -1.35 -33.59
N LEU M 424 -43.66 -1.30 -32.70
CA LEU M 424 -43.43 -2.44 -31.81
C LEU M 424 -44.59 -2.65 -30.85
N GLU M 425 -45.11 -1.55 -30.28
CA GLU M 425 -46.24 -1.70 -29.36
C GLU M 425 -47.48 -2.24 -30.09
N ALA M 426 -47.66 -1.87 -31.36
CA ALA M 426 -48.79 -2.41 -32.15
C ALA M 426 -48.70 -3.94 -32.26
N CYS M 427 -47.61 -4.46 -32.84
CA CYS M 427 -47.48 -5.93 -33.08
C CYS M 427 -47.82 -6.73 -31.82
N VAL M 428 -47.15 -6.45 -30.70
CA VAL M 428 -47.37 -7.25 -29.45
C VAL M 428 -48.87 -7.32 -29.12
N GLN M 429 -49.55 -6.17 -29.09
CA GLN M 429 -50.99 -6.15 -28.69
C GLN M 429 -51.78 -7.15 -29.53
N ALA M 430 -51.70 -7.05 -30.85
CA ALA M 430 -52.40 -8.01 -31.74
C ALA M 430 -52.06 -9.44 -31.31
N ARG M 431 -50.77 -9.76 -31.24
CA ARG M 431 -50.33 -11.13 -30.87
C ARG M 431 -51.14 -11.64 -29.67
N ASN M 432 -51.35 -10.80 -28.66
CA ASN M 432 -52.03 -11.26 -27.42
C ASN M 432 -53.56 -11.27 -27.62
N GLU M 433 -54.03 -11.45 -28.86
CA GLU M 433 -55.49 -11.42 -29.13
C GLU M 433 -55.87 -12.58 -30.07
N GLY M 434 -54.88 -13.34 -30.55
CA GLY M 434 -55.18 -14.50 -31.39
C GLY M 434 -54.87 -14.25 -32.87
N ARG M 435 -54.60 -13.00 -33.23
CA ARG M 435 -54.30 -12.64 -34.64
C ARG M 435 -52.98 -13.31 -35.05
N ASP M 436 -52.83 -13.65 -36.33
CA ASP M 436 -51.58 -14.29 -36.82
C ASP M 436 -50.61 -13.20 -37.28
N LEU M 437 -49.37 -13.21 -36.79
CA LEU M 437 -48.40 -12.13 -37.14
C LEU M 437 -47.58 -12.57 -38.36
N ALA M 438 -47.98 -13.66 -39.01
CA ALA M 438 -47.18 -14.19 -40.15
C ALA M 438 -47.94 -14.02 -41.47
N ARG M 439 -49.11 -13.37 -41.44
CA ARG M 439 -49.90 -13.13 -42.68
C ARG M 439 -50.58 -11.75 -42.59
N GLU M 440 -51.05 -11.36 -41.41
CA GLU M 440 -51.79 -10.08 -41.29
C GLU M 440 -50.86 -8.93 -40.92
N GLY M 441 -49.55 -9.13 -41.03
CA GLY M 441 -48.58 -8.09 -40.60
C GLY M 441 -48.80 -6.77 -41.31
N ASN M 442 -48.88 -6.79 -42.64
CA ASN M 442 -49.00 -5.53 -43.42
C ASN M 442 -50.20 -4.72 -42.91
N ASP M 443 -51.40 -5.31 -42.94
CA ASP M 443 -52.61 -4.56 -42.51
C ASP M 443 -52.39 -3.99 -41.11
N ILE M 444 -51.97 -4.82 -40.16
CA ILE M 444 -51.71 -4.35 -38.76
C ILE M 444 -50.95 -3.01 -38.80
N ILE M 445 -49.83 -2.96 -39.54
CA ILE M 445 -49.00 -1.72 -39.58
C ILE M 445 -49.83 -0.55 -40.14
N ARG M 446 -50.55 -0.76 -41.24
CA ARG M 446 -51.32 0.35 -41.88
C ARG M 446 -52.35 0.91 -40.91
N GLU M 447 -53.07 0.05 -40.19
CA GLU M 447 -54.15 0.51 -39.28
C GLU M 447 -53.57 1.49 -38.24
N ALA M 448 -52.35 1.23 -37.75
CA ALA M 448 -51.73 2.10 -36.73
C ALA M 448 -51.31 3.43 -37.36
N SER M 449 -50.79 3.40 -38.59
CA SER M 449 -50.31 4.63 -39.27
C SER M 449 -51.40 5.70 -39.27
N LYS M 450 -52.66 5.29 -39.44
CA LYS M 450 -53.78 6.26 -39.53
C LYS M 450 -53.73 7.26 -38.37
N TRP M 451 -53.58 6.80 -37.14
CA TRP M 451 -53.63 7.72 -35.97
C TRP M 451 -52.24 8.22 -35.57
N SER M 452 -51.21 7.90 -36.35
CA SER M 452 -49.82 8.32 -36.02
C SER M 452 -49.16 9.03 -37.20
N PRO M 453 -48.98 10.37 -37.16
CA PRO M 453 -48.30 11.10 -38.24
C PRO M 453 -46.81 10.75 -38.35
N GLU M 454 -46.17 10.39 -37.24
CA GLU M 454 -44.75 9.97 -37.28
C GLU M 454 -44.65 8.64 -38.03
N LEU M 455 -45.52 7.66 -37.72
CA LEU M 455 -45.48 6.45 -38.51
C LEU M 455 -45.78 6.73 -39.98
N ALA M 456 -46.68 7.66 -40.27
CA ALA M 456 -46.88 8.06 -41.67
C ALA M 456 -45.60 8.80 -42.07
N ALA M 457 -45.34 9.00 -43.37
CA ALA M 457 -44.06 9.60 -43.83
C ALA M 457 -42.97 8.53 -43.78
N ALA M 458 -42.84 7.82 -42.67
CA ALA M 458 -41.86 6.71 -42.60
C ALA M 458 -42.28 5.61 -43.57
N CYS M 459 -43.59 5.52 -43.86
CA CYS M 459 -44.10 4.49 -44.81
C CYS M 459 -44.07 5.06 -46.22
N GLU M 460 -43.70 6.34 -46.36
CA GLU M 460 -43.60 6.98 -47.70
C GLU M 460 -42.12 6.98 -48.13
N VAL M 461 -41.22 6.57 -47.23
CA VAL M 461 -39.77 6.49 -47.57
C VAL M 461 -39.39 5.02 -47.70
N TRP M 462 -39.87 4.17 -46.78
CA TRP M 462 -39.55 2.71 -46.83
C TRP M 462 -40.75 1.95 -47.40
N LYS M 463 -40.52 1.13 -48.42
CA LYS M 463 -41.64 0.41 -49.10
C LYS M 463 -42.00 -0.87 -48.35
N GLU M 464 -43.10 -1.53 -48.73
CA GLU M 464 -43.59 -2.71 -47.98
C GLU M 464 -43.37 -3.99 -48.79
N ILE M 465 -43.04 -5.09 -48.09
CA ILE M 465 -42.84 -6.40 -48.77
C ILE M 465 -44.21 -7.07 -48.93
N LYS M 466 -44.55 -7.50 -50.14
CA LYS M 466 -45.89 -8.08 -50.39
C LYS M 466 -45.77 -9.29 -51.32
N TYR N 24 -13.93 6.37 -55.51
CA TYR N 24 -12.55 6.02 -55.10
C TYR N 24 -11.66 5.89 -56.34
N TYR N 25 -11.40 4.66 -56.78
CA TYR N 25 -10.49 4.42 -57.94
C TYR N 25 -9.86 5.74 -58.42
N THR N 26 -8.83 6.20 -57.74
CA THR N 26 -8.13 7.46 -58.13
C THR N 26 -6.74 7.15 -58.65
N PRO N 27 -6.56 6.84 -59.96
CA PRO N 27 -5.26 6.43 -60.48
C PRO N 27 -4.20 7.52 -60.33
N ASP N 28 -4.59 8.78 -60.57
CA ASP N 28 -3.64 9.88 -60.51
C ASP N 28 -3.23 10.21 -59.08
N TYR N 29 -3.86 9.60 -58.09
CA TYR N 29 -3.51 9.85 -56.70
C TYR N 29 -2.07 9.42 -56.43
N GLU N 30 -1.33 10.27 -55.74
CA GLU N 30 0.05 9.98 -55.34
C GLU N 30 0.09 9.87 -53.83
N THR N 31 0.55 8.71 -53.33
CA THR N 31 0.59 8.48 -51.90
C THR N 31 1.66 9.34 -51.24
N LYS N 32 1.36 9.83 -50.05
CA LYS N 32 2.30 10.60 -49.25
C LYS N 32 3.08 9.67 -48.32
N ASP N 33 3.95 10.26 -47.51
CA ASP N 33 4.84 9.49 -46.65
C ASP N 33 4.24 9.15 -45.30
N THR N 34 2.97 9.50 -45.07
CA THR N 34 2.32 9.18 -43.80
C THR N 34 1.02 8.42 -44.04
N ASP N 35 1.07 7.40 -44.91
CA ASP N 35 -0.10 6.62 -45.25
C ASP N 35 0.20 5.14 -45.07
N ILE N 36 -0.81 4.38 -44.66
CA ILE N 36 -0.70 2.93 -44.53
C ILE N 36 -1.31 2.29 -45.77
N LEU N 37 -0.54 1.41 -46.41
CA LEU N 37 -0.94 0.79 -47.66
C LEU N 37 -1.15 -0.71 -47.47
N ALA N 38 -2.10 -1.26 -48.22
CA ALA N 38 -2.43 -2.67 -48.16
C ALA N 38 -2.70 -3.19 -49.57
N ALA N 39 -2.61 -4.51 -49.72
CA ALA N 39 -2.81 -5.13 -51.02
C ALA N 39 -3.41 -6.51 -50.81
N PHE N 40 -4.61 -6.74 -51.36
CA PHE N 40 -5.28 -8.02 -51.30
C PHE N 40 -5.58 -8.52 -52.71
N ARG N 41 -5.73 -9.82 -52.83
CA ARG N 41 -6.17 -10.45 -54.08
C ARG N 41 -7.64 -10.84 -53.97
N MET N 42 -8.34 -10.76 -55.10
CA MET N 42 -9.78 -10.89 -55.13
C MET N 42 -10.22 -11.85 -56.21
N THR N 43 -11.38 -12.47 -56.00
CA THR N 43 -12.00 -13.39 -56.95
C THR N 43 -13.45 -12.95 -57.14
N PRO N 44 -13.70 -11.97 -58.01
CA PRO N 44 -15.07 -11.47 -58.19
C PRO N 44 -15.98 -12.53 -58.78
N GLN N 45 -17.27 -12.44 -58.43
CA GLN N 45 -18.27 -13.32 -59.00
C GLN N 45 -18.47 -12.98 -60.47
N PRO N 46 -18.96 -13.95 -61.30
CA PRO N 46 -19.24 -13.66 -62.71
C PRO N 46 -20.24 -12.51 -62.87
N GLY N 47 -19.87 -11.46 -63.62
CA GLY N 47 -20.77 -10.32 -63.82
C GLY N 47 -20.19 -9.03 -63.27
N VAL N 48 -19.54 -9.11 -62.11
CA VAL N 48 -18.96 -7.89 -61.46
C VAL N 48 -17.74 -7.44 -62.24
N PRO N 49 -17.71 -6.22 -62.82
CA PRO N 49 -16.52 -5.72 -63.51
C PRO N 49 -15.37 -5.52 -62.51
N PRO N 50 -14.09 -5.69 -62.88
CA PRO N 50 -13.00 -5.61 -61.90
C PRO N 50 -12.82 -4.22 -61.29
N GLU N 51 -12.96 -3.17 -62.11
CA GLU N 51 -12.69 -1.78 -61.62
C GLU N 51 -13.72 -1.34 -60.58
N GLU N 52 -14.95 -1.88 -60.63
CA GLU N 52 -16.02 -1.44 -59.69
C GLU N 52 -15.92 -2.27 -58.41
N ALA N 53 -15.36 -3.48 -58.50
CA ALA N 53 -15.21 -4.34 -57.31
C ALA N 53 -14.10 -3.76 -56.41
N GLY N 54 -13.03 -3.24 -57.01
CA GLY N 54 -11.96 -2.65 -56.20
C GLY N 54 -12.45 -1.50 -55.33
N ALA N 55 -13.23 -0.58 -55.90
CA ALA N 55 -13.74 0.60 -55.16
C ALA N 55 -14.67 0.18 -54.02
N ALA N 56 -15.30 -1.00 -54.15
CA ALA N 56 -16.27 -1.46 -53.12
C ALA N 56 -15.50 -1.99 -51.90
N VAL N 57 -14.29 -2.53 -52.10
CA VAL N 57 -13.49 -2.99 -50.98
C VAL N 57 -13.02 -1.82 -50.12
N ALA N 58 -12.57 -0.75 -50.77
CA ALA N 58 -12.05 0.43 -50.03
C ALA N 58 -13.16 1.08 -49.21
N ALA N 59 -14.41 1.00 -49.67
CA ALA N 59 -15.55 1.62 -48.97
C ALA N 59 -16.02 0.69 -47.83
N GLU N 60 -16.16 -0.60 -48.14
CA GLU N 60 -16.58 -1.59 -47.12
C GLU N 60 -15.49 -1.73 -46.07
N SER N 61 -14.40 -0.96 -46.18
CA SER N 61 -13.41 -1.05 -45.11
C SER N 61 -13.38 0.20 -44.23
N SER N 62 -13.87 1.32 -44.77
CA SER N 62 -13.82 2.61 -44.04
C SER N 62 -15.23 3.15 -43.76
N THR N 63 -15.76 4.00 -44.64
CA THR N 63 -17.07 4.66 -44.37
C THR N 63 -18.24 3.70 -44.58
N GLY N 64 -18.39 3.12 -45.77
CA GLY N 64 -19.53 2.23 -46.06
C GLY N 64 -20.45 2.84 -47.10
N THR N 65 -20.02 3.94 -47.75
CA THR N 65 -20.88 4.64 -48.74
C THR N 65 -20.03 5.17 -49.89
N TRP N 66 -20.68 5.59 -50.98
CA TRP N 66 -19.97 6.15 -52.16
C TRP N 66 -20.50 7.56 -52.43
N THR N 67 -21.37 8.08 -51.57
CA THR N 67 -22.02 9.39 -51.81
C THR N 67 -21.79 10.33 -50.64
N THR N 68 -21.98 11.65 -50.85
CA THR N 68 -21.85 12.62 -49.77
C THR N 68 -23.23 13.07 -49.29
N VAL N 69 -23.97 12.12 -48.73
CA VAL N 69 -25.31 12.37 -48.21
C VAL N 69 -25.29 12.59 -46.71
N TRP N 70 -24.60 11.72 -45.97
CA TRP N 70 -24.54 11.85 -44.52
C TRP N 70 -23.59 12.96 -44.07
N THR N 71 -22.73 13.45 -44.96
CA THR N 71 -21.79 14.51 -44.61
C THR N 71 -22.51 15.84 -44.48
N SER N 76 -15.53 19.03 -43.02
CA SER N 76 -15.89 18.04 -44.02
C SER N 76 -15.27 16.69 -43.70
N LEU N 77 -16.04 15.62 -43.86
CA LEU N 77 -15.55 14.27 -43.64
C LEU N 77 -14.42 13.95 -44.61
N ASP N 78 -14.77 13.88 -45.91
CA ASP N 78 -13.85 13.73 -47.03
C ASP N 78 -12.55 12.99 -46.72
N ARG N 79 -11.67 13.62 -45.94
CA ARG N 79 -10.33 13.09 -45.71
C ARG N 79 -10.31 11.86 -44.83
N TYR N 80 -11.46 11.49 -44.24
CA TYR N 80 -11.46 10.34 -43.30
C TYR N 80 -11.85 9.04 -44.02
N LYS N 81 -11.46 8.89 -45.29
CA LYS N 81 -11.90 7.68 -46.06
C LYS N 81 -10.72 7.02 -46.76
N GLY N 82 -10.90 5.78 -47.24
CA GLY N 82 -9.84 5.05 -47.97
C GLY N 82 -10.05 5.16 -49.48
N ARG N 83 -9.03 4.81 -50.27
CA ARG N 83 -9.14 4.99 -51.75
C ARG N 83 -8.31 3.94 -52.50
N CYS N 84 -8.85 3.41 -53.60
CA CYS N 84 -8.08 2.46 -54.45
C CYS N 84 -7.33 3.25 -55.51
N TYR N 85 -6.05 2.94 -55.75
CA TYR N 85 -5.25 3.77 -56.70
C TYR N 85 -4.54 2.90 -57.74
N ASP N 86 -4.77 1.59 -57.75
CA ASP N 86 -4.07 0.74 -58.70
C ASP N 86 -4.75 -0.63 -58.76
N ILE N 87 -4.70 -1.24 -59.93
CA ILE N 87 -5.28 -2.57 -60.17
C ILE N 87 -4.41 -3.28 -61.21
N GLU N 88 -4.06 -4.53 -60.93
CA GLU N 88 -3.25 -5.33 -61.83
C GLU N 88 -3.90 -6.70 -62.05
N PRO N 89 -3.72 -7.29 -63.22
CA PRO N 89 -4.22 -8.65 -63.44
C PRO N 89 -3.17 -9.71 -63.13
N VAL N 90 -3.57 -10.78 -62.45
CA VAL N 90 -2.63 -11.84 -62.08
C VAL N 90 -2.41 -12.76 -63.27
N ALA N 91 -1.15 -12.98 -63.62
CA ALA N 91 -0.82 -13.86 -64.72
C ALA N 91 -1.03 -15.32 -64.34
N GLY N 92 -1.49 -16.11 -65.31
CA GLY N 92 -1.74 -17.52 -65.12
C GLY N 92 -3.15 -17.88 -64.71
N GLU N 93 -3.93 -16.91 -64.22
CA GLU N 93 -5.32 -17.14 -63.84
C GLU N 93 -6.14 -15.96 -64.32
N GLU N 94 -7.23 -16.26 -65.04
CA GLU N 94 -8.02 -15.19 -65.65
C GLU N 94 -8.81 -14.40 -64.60
N ASN N 95 -9.34 -15.10 -63.59
CA ASN N 95 -10.17 -14.46 -62.57
C ASN N 95 -9.33 -14.23 -61.32
N GLN N 96 -8.47 -13.22 -61.38
CA GLN N 96 -7.62 -12.86 -60.25
C GLN N 96 -7.05 -11.47 -60.48
N TYR N 97 -7.08 -10.63 -59.45
CA TYR N 97 -6.57 -9.27 -59.56
C TYR N 97 -5.92 -8.87 -58.24
N ILE N 98 -5.11 -7.82 -58.30
CA ILE N 98 -4.44 -7.25 -57.14
C ILE N 98 -4.88 -5.79 -57.00
N ALA N 99 -5.32 -5.42 -55.81
CA ALA N 99 -5.80 -4.07 -55.53
C ALA N 99 -4.89 -3.39 -54.51
N TYR N 100 -4.90 -2.07 -54.55
CA TYR N 100 -4.08 -1.25 -53.65
C TYR N 100 -4.97 -0.21 -52.98
N VAL N 101 -4.85 -0.09 -51.66
CA VAL N 101 -5.66 0.83 -50.87
C VAL N 101 -4.74 1.65 -49.97
N ALA N 102 -5.09 2.92 -49.76
CA ALA N 102 -4.35 3.83 -48.91
C ALA N 102 -5.26 4.36 -47.81
N TYR N 103 -4.71 4.49 -46.60
CA TYR N 103 -5.49 4.94 -45.45
C TYR N 103 -4.82 6.14 -44.80
N PRO N 104 -5.59 7.08 -44.26
CA PRO N 104 -5.00 8.21 -43.54
C PRO N 104 -4.38 7.79 -42.22
N LEU N 105 -3.49 8.64 -41.72
CA LEU N 105 -2.77 8.34 -40.49
C LEU N 105 -3.64 8.53 -39.25
N ASP N 106 -4.57 9.49 -39.27
CA ASP N 106 -5.34 9.85 -38.09
C ASP N 106 -6.44 8.85 -37.76
N LEU N 107 -6.47 7.69 -38.42
CA LEU N 107 -7.50 6.70 -38.18
C LEU N 107 -7.09 5.63 -37.17
N PHE N 108 -5.87 5.70 -36.65
CA PHE N 108 -5.34 4.65 -35.78
C PHE N 108 -4.85 5.22 -34.46
N GLU N 109 -5.00 4.42 -33.41
CA GLU N 109 -4.55 4.80 -32.07
C GLU N 109 -3.08 4.42 -31.89
N GLU N 110 -2.32 5.33 -31.29
CA GLU N 110 -0.88 5.13 -31.13
C GLU N 110 -0.60 3.99 -30.15
N GLY N 111 0.34 3.12 -30.52
CA GLY N 111 0.79 2.06 -29.63
C GLY N 111 -0.13 0.88 -29.49
N SER N 112 -1.17 0.79 -30.31
CA SER N 112 -2.15 -0.29 -30.21
C SER N 112 -2.08 -1.15 -31.47
N VAL N 113 -1.86 -2.45 -31.29
CA VAL N 113 -1.89 -3.38 -32.40
C VAL N 113 -3.31 -3.92 -32.61
N THR N 114 -4.09 -4.06 -31.54
CA THR N 114 -5.46 -4.55 -31.65
C THR N 114 -6.31 -3.63 -32.51
N ASN N 115 -6.11 -2.31 -32.38
CA ASN N 115 -6.90 -1.37 -33.15
C ASN N 115 -6.58 -1.41 -34.64
N MET N 116 -5.33 -1.72 -34.99
CA MET N 116 -4.95 -1.78 -36.39
C MET N 116 -5.67 -2.91 -37.12
N PHE N 117 -5.78 -4.07 -36.48
CA PHE N 117 -6.43 -5.20 -37.14
C PHE N 117 -7.94 -5.00 -37.20
N THR N 118 -8.54 -4.47 -36.13
CA THR N 118 -9.99 -4.32 -36.09
C THR N 118 -10.51 -3.24 -37.03
N SER N 119 -9.63 -2.39 -37.57
CA SER N 119 -10.06 -1.35 -38.49
C SER N 119 -9.87 -1.75 -39.95
N ILE N 120 -8.68 -2.26 -40.29
CA ILE N 120 -8.43 -2.69 -41.66
C ILE N 120 -9.33 -3.89 -42.01
N VAL N 121 -9.42 -4.85 -41.10
CA VAL N 121 -10.26 -6.03 -41.31
C VAL N 121 -11.16 -6.17 -40.09
N GLY N 122 -12.35 -5.60 -40.17
CA GLY N 122 -13.38 -5.89 -39.19
C GLY N 122 -14.58 -6.56 -39.83
N ASN N 123 -14.91 -6.12 -41.05
CA ASN N 123 -15.88 -6.82 -41.88
C ASN N 123 -15.54 -6.54 -43.34
N VAL N 124 -14.69 -7.40 -43.92
CA VAL N 124 -14.44 -7.37 -45.36
C VAL N 124 -14.54 -8.75 -45.99
N PHE N 125 -14.39 -9.84 -45.24
CA PHE N 125 -14.52 -11.19 -45.77
C PHE N 125 -15.96 -11.68 -45.79
N GLY N 126 -16.89 -10.92 -45.20
CA GLY N 126 -18.29 -11.21 -45.29
C GLY N 126 -18.99 -10.61 -46.48
N PHE N 127 -18.24 -9.95 -47.37
CA PHE N 127 -18.83 -9.36 -48.56
C PHE N 127 -19.38 -10.46 -49.47
N LYS N 128 -20.63 -10.31 -49.88
CA LYS N 128 -21.32 -11.34 -50.65
C LYS N 128 -21.14 -11.18 -52.15
N ALA N 129 -20.50 -10.11 -52.61
CA ALA N 129 -20.22 -9.91 -54.03
C ALA N 129 -18.93 -10.56 -54.48
N LEU N 130 -18.19 -11.18 -53.56
CA LEU N 130 -16.93 -11.85 -53.86
C LEU N 130 -17.03 -13.33 -53.48
N ARG N 131 -16.00 -14.08 -53.85
CA ARG N 131 -15.91 -15.49 -53.50
C ARG N 131 -14.71 -15.84 -52.64
N ALA N 132 -13.62 -15.07 -52.70
CA ALA N 132 -12.42 -15.35 -51.92
C ALA N 132 -11.58 -14.09 -51.82
N LEU N 133 -10.96 -13.88 -50.66
CA LEU N 133 -10.13 -12.72 -50.41
C LEU N 133 -8.94 -13.13 -49.56
N ARG N 134 -7.81 -12.45 -49.75
CA ARG N 134 -6.60 -12.76 -49.01
C ARG N 134 -5.72 -11.52 -48.92
N LEU N 135 -5.38 -11.12 -47.71
CA LEU N 135 -4.45 -10.02 -47.49
C LEU N 135 -3.02 -10.52 -47.64
N GLU N 136 -2.16 -9.70 -48.25
CA GLU N 136 -0.81 -10.12 -48.60
C GLU N 136 0.27 -9.33 -47.89
N ASP N 137 0.20 -8.00 -47.88
CA ASP N 137 1.30 -7.20 -47.36
C ASP N 137 0.78 -5.89 -46.81
N LEU N 138 1.65 -5.23 -46.02
CA LEU N 138 1.35 -3.93 -45.44
C LEU N 138 2.63 -3.10 -45.43
N ARG N 139 2.45 -1.78 -45.39
CA ARG N 139 3.57 -0.85 -45.25
C ARG N 139 3.28 0.08 -44.09
N ILE N 140 4.21 0.14 -43.14
CA ILE N 140 4.08 0.96 -41.94
C ILE N 140 5.05 2.14 -42.06
N PRO N 141 4.57 3.38 -42.13
CA PRO N 141 5.48 4.50 -42.27
C PRO N 141 6.28 4.72 -41.01
N PRO N 142 7.47 5.32 -41.11
CA PRO N 142 8.26 5.58 -39.89
C PRO N 142 7.59 6.51 -38.90
N ALA N 143 6.66 7.35 -39.35
CA ALA N 143 5.95 8.24 -38.44
C ALA N 143 4.99 7.50 -37.52
N TYR N 144 4.71 6.23 -37.80
CA TYR N 144 3.83 5.42 -36.97
C TYR N 144 4.56 4.36 -36.16
N SER N 145 5.74 3.92 -36.62
CA SER N 145 6.49 2.90 -35.91
C SER N 145 7.17 3.43 -34.66
N LYS N 146 7.39 4.74 -34.58
CA LYS N 146 8.12 5.32 -33.46
C LYS N 146 7.33 5.31 -32.16
N THR N 147 6.04 5.02 -32.19
CA THR N 147 5.22 4.97 -31.00
C THR N 147 5.18 3.60 -30.33
N PHE N 148 5.87 2.61 -30.90
CA PHE N 148 5.93 1.27 -30.34
C PHE N 148 7.27 1.05 -29.65
N GLN N 149 7.31 0.08 -28.74
CA GLN N 149 8.54 -0.22 -28.03
C GLN N 149 9.43 -1.17 -28.81
N GLY N 150 8.86 -2.24 -29.37
CA GLY N 150 9.61 -3.18 -30.15
C GLY N 150 10.10 -4.36 -29.33
N PRO N 151 11.10 -5.08 -29.86
CA PRO N 151 11.64 -6.22 -29.12
C PRO N 151 12.29 -5.75 -27.83
N PRO N 152 12.27 -6.59 -26.79
CA PRO N 152 12.88 -6.17 -25.52
C PRO N 152 14.37 -5.89 -25.62
N HIS N 153 15.15 -6.84 -26.14
CA HIS N 153 16.60 -6.70 -26.21
C HIS N 153 17.11 -6.63 -27.64
N GLY N 154 16.80 -7.65 -28.46
CA GLY N 154 17.25 -7.69 -29.83
C GLY N 154 18.18 -8.85 -30.09
N ILE N 155 19.12 -8.66 -31.01
CA ILE N 155 20.07 -9.69 -31.41
C ILE N 155 21.46 -9.43 -30.84
N GLN N 156 21.99 -8.22 -31.05
CA GLN N 156 23.32 -7.90 -30.58
C GLN N 156 23.41 -7.91 -29.05
N VAL N 157 22.37 -7.40 -28.39
CA VAL N 157 22.38 -7.36 -26.93
C VAL N 157 22.28 -8.77 -26.35
N GLU N 158 21.48 -9.63 -26.97
CA GLU N 158 21.28 -10.98 -26.44
C GLU N 158 22.57 -11.79 -26.50
N ARG N 159 23.33 -11.66 -27.59
CA ARG N 159 24.57 -12.43 -27.72
C ARG N 159 25.60 -12.02 -26.67
N ASP N 160 25.58 -10.77 -26.24
CA ASP N 160 26.51 -10.32 -25.21
C ASP N 160 26.16 -10.89 -23.84
N LYS N 161 24.86 -11.10 -23.57
CA LYS N 161 24.46 -11.65 -22.29
C LYS N 161 24.84 -13.12 -22.15
N LEU N 162 24.93 -13.85 -23.26
CA LEU N 162 25.24 -15.26 -23.23
C LEU N 162 26.71 -15.57 -23.51
N ASN N 163 27.45 -14.64 -24.09
CA ASN N 163 28.87 -14.80 -24.40
C ASN N 163 29.10 -15.98 -25.35
N LYS N 164 28.41 -15.92 -26.49
CA LYS N 164 28.50 -16.95 -27.52
C LYS N 164 28.60 -16.27 -28.88
N TYR N 165 29.68 -16.54 -29.61
CA TYR N 165 29.93 -15.91 -30.89
C TYR N 165 30.38 -16.94 -31.92
N GLY N 166 30.02 -16.71 -33.17
CA GLY N 166 30.60 -17.41 -34.30
C GLY N 166 29.88 -18.64 -34.80
N ARG N 167 28.90 -19.16 -34.06
CA ARG N 167 28.23 -20.38 -34.47
C ARG N 167 26.77 -20.31 -34.05
N PRO N 168 25.90 -21.03 -34.74
CA PRO N 168 24.48 -21.08 -34.30
C PRO N 168 24.33 -21.80 -32.97
N LEU N 169 23.25 -21.46 -32.28
CA LEU N 169 22.95 -22.09 -31.00
C LEU N 169 22.19 -23.39 -31.20
N LEU N 170 22.19 -24.23 -30.17
CA LEU N 170 21.57 -25.54 -30.21
C LEU N 170 20.52 -25.65 -29.11
N GLY N 171 19.56 -26.54 -29.33
CA GLY N 171 18.50 -26.76 -28.34
C GLY N 171 17.82 -28.08 -28.59
N CYS N 172 16.95 -28.44 -27.64
CA CYS N 172 16.20 -29.68 -27.72
C CYS N 172 14.90 -29.52 -26.93
N THR N 173 13.94 -30.41 -27.18
CA THR N 173 12.66 -30.35 -26.48
C THR N 173 12.17 -31.71 -26.02
N ILE N 174 11.79 -31.82 -24.76
CA ILE N 174 11.22 -33.07 -24.26
C ILE N 174 9.83 -33.18 -24.83
N LYS N 175 9.69 -33.82 -25.99
CA LYS N 175 8.38 -33.81 -26.65
C LYS N 175 7.32 -34.78 -26.13
N PRO N 176 7.51 -36.09 -26.31
CA PRO N 176 6.43 -36.99 -25.93
C PRO N 176 6.29 -37.18 -24.41
N LYS N 177 6.81 -38.29 -23.90
CA LYS N 177 6.75 -38.59 -22.46
C LYS N 177 5.34 -38.43 -21.87
N LEU N 178 5.08 -37.38 -21.08
CA LEU N 178 3.77 -37.11 -20.48
C LEU N 178 3.48 -38.09 -19.34
N GLY N 179 2.91 -37.57 -18.26
CA GLY N 179 2.64 -38.36 -17.07
C GLY N 179 3.83 -38.53 -16.15
N LEU N 180 4.98 -37.97 -16.51
CA LEU N 180 6.17 -38.09 -15.67
C LEU N 180 6.05 -37.21 -14.44
N SER N 181 6.67 -37.66 -13.35
CA SER N 181 6.68 -36.89 -12.12
C SER N 181 7.63 -35.71 -12.24
N ALA N 182 7.51 -34.76 -11.30
CA ALA N 182 8.37 -33.59 -11.31
C ALA N 182 9.83 -33.98 -11.07
N LYS N 183 10.06 -34.95 -10.20
CA LYS N 183 11.44 -35.38 -9.98
C LYS N 183 12.01 -35.96 -11.24
N ASN N 184 11.26 -36.86 -11.88
CA ASN N 184 11.77 -37.51 -13.09
C ASN N 184 11.87 -36.53 -14.27
N TYR N 185 11.01 -35.50 -14.30
CA TYR N 185 11.08 -34.53 -15.37
C TYR N 185 12.40 -33.77 -15.34
N GLY N 186 12.88 -33.42 -14.15
CA GLY N 186 14.15 -32.74 -14.02
C GLY N 186 15.37 -33.60 -14.23
N ARG N 187 15.19 -34.93 -14.24
CA ARG N 187 16.31 -35.82 -14.51
C ARG N 187 16.75 -35.73 -15.97
N ALA N 188 15.79 -35.72 -16.90
CA ALA N 188 16.14 -35.65 -18.31
C ALA N 188 16.72 -34.30 -18.69
N VAL N 189 16.32 -33.23 -18.00
CA VAL N 189 16.86 -31.90 -18.28
C VAL N 189 18.34 -31.85 -17.96
N TYR N 190 18.74 -32.44 -16.82
CA TYR N 190 20.14 -32.39 -16.40
C TYR N 190 21.04 -33.17 -17.36
N GLU N 191 20.56 -34.31 -17.87
CA GLU N 191 21.37 -35.14 -18.76
C GLU N 191 21.66 -34.42 -20.07
N CYS N 192 20.64 -33.81 -20.68
CA CYS N 192 20.81 -33.18 -21.98
C CYS N 192 21.72 -31.96 -21.88
N LEU N 193 21.57 -31.15 -20.83
CA LEU N 193 22.36 -29.93 -20.71
C LEU N 193 23.83 -30.23 -20.49
N ARG N 194 24.14 -31.32 -19.76
CA ARG N 194 25.52 -31.69 -19.50
C ARG N 194 26.24 -32.18 -20.75
N GLY N 195 25.51 -32.70 -21.74
CA GLY N 195 26.13 -33.24 -22.93
C GLY N 195 26.74 -32.18 -23.84
N GLY N 196 26.24 -30.95 -23.78
CA GLY N 196 26.80 -29.88 -24.59
C GLY N 196 25.77 -28.98 -25.23
N LEU N 197 24.49 -29.24 -24.99
CA LEU N 197 23.44 -28.40 -25.55
C LEU N 197 23.39 -27.06 -24.84
N ASP N 198 22.67 -26.11 -25.45
CA ASP N 198 22.55 -24.75 -24.93
C ASP N 198 21.22 -24.48 -24.24
N PHE N 199 20.11 -24.90 -24.85
CA PHE N 199 18.78 -24.62 -24.34
C PHE N 199 17.99 -25.92 -24.23
N THR N 200 16.87 -25.85 -23.51
CA THR N 200 15.99 -27.00 -23.37
C THR N 200 14.58 -26.46 -23.34
N ASP N 202 10.09 -26.87 -23.38
CA ASP N 202 9.06 -27.58 -22.67
C ASP N 202 8.05 -28.07 -23.69
N ASP N 203 6.84 -28.39 -23.26
CA ASP N 203 5.82 -28.78 -24.23
C ASP N 203 4.73 -27.72 -24.25
N GLU N 204 4.14 -27.51 -25.43
CA GLU N 204 3.17 -26.41 -25.59
C GLU N 204 1.95 -26.62 -24.71
N ASN N 205 1.42 -27.84 -24.65
CA ASN N 205 0.22 -28.12 -23.87
C ASN N 205 0.55 -28.62 -22.46
N VAL N 206 1.41 -27.88 -21.76
CA VAL N 206 1.74 -28.19 -20.37
C VAL N 206 1.77 -26.88 -19.58
N ASN N 207 0.68 -26.58 -18.87
CA ASN N 207 0.62 -25.40 -18.01
C ASN N 207 0.47 -25.77 -16.55
N SER N 208 -0.60 -26.47 -16.20
CA SER N 208 -0.83 -26.94 -14.83
C SER N 208 -1.89 -28.03 -14.84
N GLN N 209 -1.52 -29.25 -14.46
CA GLN N 209 -2.39 -30.40 -14.58
C GLN N 209 -2.27 -31.23 -13.31
N PRO N 210 -3.27 -32.09 -13.04
CA PRO N 210 -3.23 -32.88 -11.79
C PRO N 210 -1.98 -33.73 -11.64
N PHE N 211 -1.40 -34.22 -12.73
CA PHE N 211 -0.21 -35.06 -12.62
C PHE N 211 1.07 -34.26 -12.40
N MET N 212 1.04 -32.94 -12.61
CA MET N 212 2.22 -32.10 -12.37
C MET N 212 1.78 -30.66 -12.26
N ARG N 213 1.95 -30.07 -11.08
CA ARG N 213 1.62 -28.67 -10.86
C ARG N 213 2.80 -27.78 -11.26
N TRP N 214 2.50 -26.48 -11.43
CA TRP N 214 3.48 -25.58 -12.01
C TRP N 214 4.55 -25.14 -11.02
N ARG N 215 4.21 -25.00 -9.73
CA ARG N 215 5.17 -24.42 -8.78
C ARG N 215 6.32 -25.38 -8.48
N ASP N 216 6.02 -26.66 -8.27
CA ASP N 216 7.07 -27.62 -7.96
C ASP N 216 7.83 -28.10 -9.18
N ARG N 217 7.32 -27.84 -10.39
CA ARG N 217 8.09 -28.10 -11.60
C ARG N 217 9.16 -27.03 -11.82
N PHE N 218 8.85 -25.78 -11.45
CA PHE N 218 9.84 -24.72 -11.53
C PHE N 218 11.01 -24.98 -10.57
N LEU N 219 10.72 -25.48 -9.38
CA LEU N 219 11.76 -25.68 -8.37
C LEU N 219 12.76 -26.75 -8.81
N PHE N 220 12.28 -27.85 -9.39
CA PHE N 220 13.18 -28.92 -9.78
C PHE N 220 13.98 -28.59 -11.03
N VAL N 221 13.42 -27.77 -11.92
CA VAL N 221 14.15 -27.39 -13.13
C VAL N 221 15.31 -26.47 -12.80
N ALA N 222 15.08 -25.50 -11.90
CA ALA N 222 16.13 -24.55 -11.55
C ALA N 222 17.29 -25.24 -10.84
N GLU N 223 17.01 -26.32 -10.11
CA GLU N 223 18.08 -27.03 -9.41
C GLU N 223 19.05 -27.69 -10.39
N ALA N 224 18.54 -28.23 -11.49
CA ALA N 224 19.39 -28.90 -12.47
C ALA N 224 20.24 -27.93 -13.28
N ILE N 225 19.76 -26.70 -13.48
CA ILE N 225 20.54 -25.72 -14.25
C ILE N 225 21.83 -25.36 -13.50
N PHE N 226 21.74 -25.15 -12.19
CA PHE N 226 22.91 -24.75 -11.42
C PHE N 226 23.97 -25.85 -11.41
N LYS N 227 23.54 -27.11 -11.31
CA LYS N 227 24.49 -28.22 -11.27
C LYS N 227 25.26 -28.34 -12.57
N SER N 228 24.58 -28.23 -13.71
CA SER N 228 25.24 -28.37 -15.00
C SER N 228 26.14 -27.19 -15.33
N GLN N 229 25.97 -26.07 -14.63
CA GLN N 229 26.79 -24.89 -14.87
C GLN N 229 28.14 -24.94 -14.15
N ALA N 230 28.33 -25.87 -13.22
CA ALA N 230 29.57 -25.97 -12.46
C ALA N 230 30.56 -26.96 -13.06
N GLU N 231 30.11 -27.86 -13.93
CA GLU N 231 30.99 -28.81 -14.58
C GLU N 231 31.58 -28.29 -15.88
N THR N 232 30.83 -27.47 -16.63
CA THR N 232 31.28 -27.00 -17.93
C THR N 232 31.69 -25.53 -17.94
N GLY N 233 31.21 -24.74 -16.98
CA GLY N 233 31.53 -23.32 -16.96
C GLY N 233 30.95 -22.54 -18.11
N GLU N 234 29.72 -22.86 -18.51
CA GLU N 234 29.04 -22.16 -19.60
C GLU N 234 27.61 -21.86 -19.18
N ILE N 235 27.04 -20.82 -19.78
CA ILE N 235 25.70 -20.37 -19.42
C ILE N 235 24.67 -21.26 -20.10
N LYS N 236 23.72 -21.76 -19.31
CA LYS N 236 22.67 -22.63 -19.79
C LYS N 236 21.31 -22.06 -19.40
N GLY N 237 20.27 -22.47 -20.12
CA GLY N 237 18.95 -21.97 -19.87
C GLY N 237 17.88 -22.98 -20.23
N HIS N 238 16.63 -22.59 -19.98
CA HIS N 238 15.49 -23.46 -20.23
C HIS N 238 14.23 -22.60 -20.32
N TYR N 239 13.41 -22.85 -21.33
CA TYR N 239 12.21 -22.06 -21.54
C TYR N 239 11.10 -22.56 -20.62
N LEU N 240 10.56 -21.65 -19.81
CA LEU N 240 9.48 -21.97 -18.89
C LEU N 240 8.17 -21.37 -19.41
N ASN N 241 7.15 -22.21 -19.54
CA ASN N 241 5.87 -21.78 -20.07
C ASN N 241 5.16 -20.89 -19.07
N ALA N 242 4.64 -19.75 -19.54
CA ALA N 242 3.97 -18.78 -18.68
C ALA N 242 2.54 -18.49 -19.12
N THR N 243 1.97 -19.27 -20.03
CA THR N 243 0.59 -19.05 -20.45
C THR N 243 -0.37 -19.39 -19.31
N ALA N 244 -1.43 -18.60 -19.20
CA ALA N 244 -2.42 -18.80 -18.15
C ALA N 244 -3.79 -18.36 -18.66
N GLY N 245 -4.81 -18.65 -17.86
CA GLY N 245 -6.17 -18.33 -18.22
C GLY N 245 -6.59 -16.92 -17.84
N THR N 246 -5.86 -16.31 -16.92
CA THR N 246 -6.16 -14.95 -16.48
C THR N 246 -4.85 -14.17 -16.40
N CYS N 247 -4.98 -12.84 -16.50
CA CYS N 247 -3.79 -11.99 -16.47
C CYS N 247 -3.19 -11.91 -15.07
N GLU N 248 -4.01 -12.05 -14.03
CA GLU N 248 -3.48 -12.08 -12.67
C GLU N 248 -2.62 -13.31 -12.44
N GLU N 249 -3.02 -14.45 -12.98
CA GLU N 249 -2.25 -15.68 -12.83
C GLU N 249 -1.01 -15.72 -13.71
N MET N 250 -1.06 -15.10 -14.90
CA MET N 250 0.10 -15.11 -15.79
C MET N 250 1.24 -14.31 -15.21
N MET N 251 0.96 -13.16 -14.59
CA MET N 251 2.00 -12.33 -14.01
C MET N 251 2.61 -12.95 -12.76
N LYS N 252 1.85 -13.80 -12.04
CA LYS N 252 2.40 -14.46 -10.86
C LYS N 252 3.51 -15.42 -11.23
N ARG N 253 3.35 -16.15 -12.34
CA ARG N 253 4.36 -17.11 -12.76
C ARG N 253 5.61 -16.44 -13.31
N ALA N 254 5.50 -15.22 -13.82
CA ALA N 254 6.65 -14.49 -14.33
C ALA N 254 7.53 -13.93 -13.21
N GLN N 255 6.93 -13.53 -12.09
CA GLN N 255 7.72 -12.99 -10.98
C GLN N 255 8.46 -14.07 -10.23
N PHE N 256 7.92 -15.29 -10.17
CA PHE N 256 8.62 -16.37 -9.49
C PHE N 256 9.84 -16.82 -10.28
N ALA N 257 9.84 -16.63 -11.60
CA ALA N 257 11.01 -16.97 -12.39
C ALA N 257 12.14 -15.97 -12.23
N ARG N 258 11.84 -14.77 -11.72
CA ARG N 258 12.89 -13.78 -11.50
C ARG N 258 13.58 -13.99 -10.15
N GLU N 259 12.84 -14.48 -9.15
CA GLU N 259 13.44 -14.74 -7.84
C GLU N 259 14.50 -15.84 -7.92
N LEU N 260 14.29 -16.85 -8.75
CA LEU N 260 15.25 -17.92 -8.94
C LEU N 260 16.34 -17.56 -9.94
N GLY N 261 16.28 -16.38 -10.55
CA GLY N 261 17.28 -15.96 -11.52
C GLY N 261 17.27 -16.73 -12.82
N MET N 262 16.09 -17.08 -13.32
CA MET N 262 16.00 -17.71 -14.63
C MET N 262 16.13 -16.67 -15.74
N PRO N 263 16.76 -17.04 -16.86
CA PRO N 263 17.04 -16.05 -17.92
C PRO N 263 15.99 -15.88 -19.00
N ILE N 264 15.03 -16.80 -19.14
CA ILE N 264 14.15 -16.80 -20.30
C ILE N 264 12.80 -17.40 -19.93
N VAL N 265 11.74 -16.93 -20.61
CA VAL N 265 10.38 -17.43 -20.45
C VAL N 265 9.81 -17.71 -21.83
N MET N 266 8.53 -18.11 -21.86
CA MET N 266 7.87 -18.53 -23.09
C MET N 266 6.40 -18.12 -23.04
N HIS N 267 5.85 -17.81 -24.21
CA HIS N 267 4.44 -17.42 -24.31
C HIS N 267 3.89 -17.88 -25.65
N ASP N 268 2.56 -18.00 -25.72
CA ASP N 268 1.83 -18.33 -26.93
C ASP N 268 0.95 -17.13 -27.27
N TYR N 269 1.24 -16.48 -28.40
CA TYR N 269 0.66 -15.18 -28.72
C TYR N 269 -0.54 -15.25 -29.66
N LEU N 270 -0.93 -16.44 -30.12
CA LEU N 270 -2.08 -16.55 -31.01
C LEU N 270 -3.34 -17.07 -30.32
N THR N 271 -3.20 -17.82 -29.22
CA THR N 271 -4.35 -18.25 -28.44
C THR N 271 -4.54 -17.43 -27.17
N GLY N 272 -3.53 -16.67 -26.74
CA GLY N 272 -3.66 -15.82 -25.58
C GLY N 272 -4.18 -14.44 -25.91
N GLY N 273 -3.85 -13.95 -27.09
CA GLY N 273 -4.31 -12.65 -27.56
C GLY N 273 -3.18 -11.64 -27.66
N PHE N 274 -3.49 -10.54 -28.35
CA PHE N 274 -2.52 -9.48 -28.53
C PHE N 274 -2.44 -8.55 -27.32
N THR N 275 -3.56 -8.35 -26.62
CA THR N 275 -3.55 -7.47 -25.45
C THR N 275 -2.67 -8.03 -24.34
N ALA N 276 -2.77 -9.34 -24.09
CA ALA N 276 -1.96 -9.95 -23.03
C ALA N 276 -0.49 -10.02 -23.42
N ASN N 277 -0.19 -10.17 -24.71
CA ASN N 277 1.21 -10.27 -25.14
C ASN N 277 1.95 -8.95 -24.93
N THR N 278 1.29 -7.82 -25.18
CA THR N 278 1.95 -6.54 -25.00
C THR N 278 2.27 -6.25 -23.54
N THR N 279 1.41 -6.69 -22.63
CA THR N 279 1.67 -6.50 -21.20
C THR N 279 2.90 -7.27 -20.76
N LEU N 280 3.08 -8.50 -21.26
CA LEU N 280 4.22 -9.30 -20.88
C LEU N 280 5.52 -8.72 -21.43
N ALA N 281 5.48 -8.12 -22.62
CA ALA N 281 6.69 -7.57 -23.22
C ALA N 281 7.22 -6.39 -22.40
N HIS N 282 6.32 -5.55 -21.89
CA HIS N 282 6.75 -4.41 -21.08
C HIS N 282 7.43 -4.86 -19.79
N TYR N 283 6.90 -5.92 -19.17
CA TYR N 283 7.48 -6.41 -17.92
C TYR N 283 8.90 -6.94 -18.13
N CYS N 284 9.13 -7.64 -19.24
CA CYS N 284 10.45 -8.22 -19.49
C CYS N 284 11.50 -7.14 -19.68
N ARG N 285 11.14 -6.04 -20.35
CA ARG N 285 12.10 -4.96 -20.57
C ARG N 285 12.53 -4.31 -19.27
N ASP N 286 11.63 -4.19 -18.30
CA ASP N 286 11.92 -3.52 -17.04
C ASP N 286 12.61 -4.42 -16.02
N ASN N 287 12.79 -5.71 -16.32
CA ASN N 287 13.40 -6.64 -15.37
C ASN N 287 14.54 -7.46 -15.96
N GLY N 288 14.79 -7.39 -17.26
CA GLY N 288 15.90 -8.11 -17.85
C GLY N 288 15.63 -9.59 -18.07
N LEU N 289 14.63 -9.89 -18.90
CA LEU N 289 14.29 -11.27 -19.23
C LEU N 289 14.16 -11.40 -20.74
N LEU N 290 14.38 -12.61 -21.23
CA LEU N 290 14.26 -12.93 -22.65
C LEU N 290 12.92 -13.60 -22.91
N LEU N 291 12.36 -13.32 -24.08
CA LEU N 291 11.03 -13.79 -24.46
C LEU N 291 11.14 -14.74 -25.65
N HIS N 292 10.46 -15.88 -25.54
CA HIS N 292 10.39 -16.86 -26.62
C HIS N 292 8.92 -17.00 -27.04
N ILE N 293 8.68 -17.01 -28.35
CA ILE N 293 7.33 -16.98 -28.90
C ILE N 293 7.08 -18.26 -29.67
N HIS N 294 5.93 -18.89 -29.43
CA HIS N 294 5.53 -20.11 -30.17
C HIS N 294 4.27 -19.80 -30.98
N ARG N 295 4.13 -20.34 -32.19
CA ARG N 295 2.97 -19.99 -33.07
C ARG N 295 2.00 -21.18 -33.14
N ALA N 296 1.00 -21.21 -32.26
CA ALA N 296 0.05 -22.35 -32.24
C ALA N 296 -1.30 -21.92 -32.82
N MET N 297 -1.99 -22.82 -33.51
CA MET N 297 -3.29 -22.56 -34.12
C MET N 297 -3.16 -21.77 -35.43
N HIS N 298 -1.94 -21.36 -35.81
CA HIS N 298 -1.74 -20.54 -36.99
C HIS N 298 -2.22 -21.21 -38.27
N ALA N 299 -2.21 -22.54 -38.34
CA ALA N 299 -2.56 -23.25 -39.57
C ALA N 299 -4.01 -23.05 -39.98
N VAL N 300 -4.88 -22.59 -39.08
CA VAL N 300 -6.28 -22.37 -39.42
C VAL N 300 -6.48 -21.11 -40.26
N ILE N 301 -5.48 -20.25 -40.36
CA ILE N 301 -5.62 -18.95 -41.00
C ILE N 301 -4.86 -18.88 -42.33
N ASP N 302 -3.65 -19.43 -42.39
CA ASP N 302 -2.74 -19.19 -43.50
C ASP N 302 -2.27 -20.48 -44.17
N ARG N 303 -3.20 -21.38 -44.47
CA ARG N 303 -2.82 -22.58 -45.21
C ARG N 303 -3.35 -22.59 -46.64
N GLN N 304 -4.59 -22.15 -46.85
CA GLN N 304 -5.16 -22.13 -48.19
C GLN N 304 -4.60 -20.95 -48.99
N ARG N 305 -4.68 -21.07 -50.31
CA ARG N 305 -4.08 -20.10 -51.22
C ARG N 305 -5.03 -18.99 -51.63
N ASN N 306 -6.28 -19.02 -51.19
CA ASN N 306 -7.26 -18.03 -51.64
C ASN N 306 -8.08 -17.42 -50.51
N HIS N 307 -7.83 -17.76 -49.26
CA HIS N 307 -8.61 -17.22 -48.15
C HIS N 307 -7.78 -17.24 -46.89
N GLY N 308 -7.72 -16.09 -46.20
CA GLY N 308 -7.01 -15.95 -44.94
C GLY N 308 -6.08 -14.77 -44.97
N ILE N 309 -5.10 -14.81 -44.08
CA ILE N 309 -4.07 -13.77 -43.98
C ILE N 309 -2.71 -14.44 -44.05
N HIS N 310 -1.85 -13.94 -44.93
CA HIS N 310 -0.54 -14.55 -45.11
C HIS N 310 0.32 -14.39 -43.85
N PHE N 311 1.21 -15.36 -43.64
CA PHE N 311 2.02 -15.38 -42.42
C PHE N 311 2.98 -14.20 -42.36
N ARG N 312 3.41 -13.69 -43.52
CA ARG N 312 4.36 -12.57 -43.52
C ARG N 312 3.76 -11.30 -42.93
N VAL N 313 2.43 -11.21 -42.87
CA VAL N 313 1.79 -10.06 -42.21
C VAL N 313 1.82 -10.23 -40.70
N LEU N 314 1.53 -11.43 -40.21
CA LEU N 314 1.57 -11.68 -38.77
C LEU N 314 2.98 -11.60 -38.20
N ALA N 315 4.01 -11.79 -39.05
CA ALA N 315 5.38 -11.64 -38.57
C ALA N 315 5.72 -10.18 -38.30
N LYS N 316 5.22 -9.27 -39.14
CA LYS N 316 5.45 -7.85 -38.92
C LYS N 316 4.78 -7.36 -37.64
N ALA N 317 3.56 -7.84 -37.35
CA ALA N 317 2.88 -7.41 -36.14
C ALA N 317 3.59 -7.91 -34.89
N LEU N 318 4.26 -9.06 -34.97
CA LEU N 318 4.97 -9.58 -33.81
C LEU N 318 6.21 -8.75 -33.47
N ARG N 319 6.90 -8.23 -34.50
CA ARG N 319 8.08 -7.42 -34.25
C ARG N 319 7.73 -6.15 -33.49
N MET N 320 6.63 -5.50 -33.86
CA MET N 320 6.24 -4.27 -33.16
C MET N 320 5.75 -4.56 -31.75
N SER N 321 4.99 -5.64 -31.56
CA SER N 321 4.45 -5.96 -30.24
C SER N 321 5.57 -6.31 -29.26
N GLY N 322 6.53 -7.13 -29.70
CA GLY N 322 7.64 -7.51 -28.84
C GLY N 322 7.96 -8.98 -28.89
N GLY N 323 9.25 -9.31 -28.93
CA GLY N 323 9.69 -10.69 -28.95
C GLY N 323 11.13 -10.85 -29.38
N ASP N 324 11.76 -11.95 -28.96
CA ASP N 324 13.16 -12.22 -29.30
C ASP N 324 13.33 -13.41 -30.23
N HIS N 325 12.58 -14.48 -30.02
CA HIS N 325 12.62 -15.66 -30.88
C HIS N 325 11.24 -15.88 -31.49
N ILE N 326 11.21 -16.66 -32.57
CA ILE N 326 9.97 -17.00 -33.25
C ILE N 326 10.21 -18.22 -34.12
N HIS N 327 9.17 -19.04 -34.28
CA HIS N 327 9.27 -20.27 -35.11
C HIS N 327 9.00 -19.90 -36.57
N SER N 328 9.79 -20.45 -37.50
CA SER N 328 9.64 -20.12 -38.94
C SER N 328 9.37 -21.41 -39.74
N GLY N 329 10.29 -22.37 -39.67
CA GLY N 329 10.09 -23.66 -40.38
C GLY N 329 11.30 -24.07 -41.19
N THR N 330 11.65 -25.36 -41.17
CA THR N 330 12.79 -25.89 -41.96
C THR N 330 12.46 -25.79 -43.46
N VAL N 331 13.28 -25.06 -44.22
CA VAL N 331 13.02 -24.86 -45.68
C VAL N 331 13.82 -25.89 -46.47
N VAL N 332 14.43 -26.86 -45.79
CA VAL N 332 15.28 -27.88 -46.47
C VAL N 332 14.45 -28.57 -47.57
N GLY N 333 13.37 -29.24 -47.20
CA GLY N 333 12.56 -29.99 -48.19
C GLY N 333 11.67 -29.07 -49.02
N LYS N 334 12.24 -28.02 -49.61
CA LYS N 334 11.45 -27.12 -50.50
C LYS N 334 12.18 -27.00 -51.85
N LEU N 335 11.47 -26.61 -52.91
CA LEU N 335 12.09 -26.58 -54.26
C LEU N 335 12.12 -25.14 -54.79
N GLU N 336 12.55 -24.96 -56.03
CA GLU N 336 12.50 -23.62 -56.62
C GLU N 336 11.06 -23.15 -56.76
N GLY N 337 10.91 -21.82 -56.83
CA GLY N 337 9.60 -21.22 -56.69
C GLY N 337 9.31 -21.00 -55.22
N GLU N 338 9.33 -22.09 -54.45
CA GLU N 338 9.41 -22.01 -53.01
C GLU N 338 10.86 -21.70 -52.60
N ARG N 339 11.11 -21.69 -51.30
CA ARG N 339 12.42 -21.40 -50.73
C ARG N 339 12.83 -19.95 -50.99
N GLU N 340 11.99 -19.21 -51.73
CA GLU N 340 12.15 -17.79 -51.94
C GLU N 340 11.15 -16.97 -51.14
N VAL N 341 9.93 -17.47 -51.05
CA VAL N 341 8.90 -16.79 -50.22
C VAL N 341 9.38 -16.87 -48.77
N THR N 342 9.94 -18.01 -48.37
CA THR N 342 10.44 -18.17 -46.97
C THR N 342 11.66 -17.29 -46.77
N LEU N 343 12.63 -17.37 -47.68
CA LEU N 343 13.84 -16.52 -47.58
C LEU N 343 13.43 -15.05 -47.64
N GLY N 344 12.28 -14.75 -48.25
CA GLY N 344 11.90 -13.35 -48.36
C GLY N 344 11.58 -12.71 -47.03
N PHE N 345 10.75 -13.38 -46.22
CA PHE N 345 10.33 -12.78 -44.96
C PHE N 345 11.30 -13.06 -43.81
N VAL N 346 12.33 -13.88 -44.03
CA VAL N 346 13.40 -13.98 -43.06
C VAL N 346 14.19 -12.67 -43.02
N ASP N 347 14.39 -12.05 -44.18
CA ASP N 347 15.08 -10.76 -44.23
C ASP N 347 14.27 -9.67 -43.53
N LEU N 348 12.94 -9.77 -43.56
CA LEU N 348 12.11 -8.78 -42.90
C LEU N 348 12.27 -8.81 -41.39
N LEU N 349 12.70 -9.95 -40.84
CA LEU N 349 12.82 -10.09 -39.39
C LEU N 349 14.22 -9.72 -38.88
N ARG N 350 15.19 -9.56 -39.76
CA ARG N 350 16.57 -9.33 -39.34
C ARG N 350 17.20 -8.07 -39.92
N ASP N 351 16.82 -7.65 -41.12
CA ASP N 351 17.46 -6.54 -41.80
C ASP N 351 16.92 -5.21 -41.29
N ASP N 352 17.44 -4.11 -41.84
CA ASP N 352 17.00 -2.77 -41.51
C ASP N 352 16.44 -2.00 -42.69
N TYR N 353 16.72 -2.43 -43.93
CA TYR N 353 16.19 -1.77 -45.12
C TYR N 353 16.01 -2.83 -46.19
N ILE N 354 14.76 -3.06 -46.58
CA ILE N 354 14.42 -4.09 -47.55
C ILE N 354 13.80 -3.42 -48.78
N GLU N 355 14.31 -3.76 -49.95
CA GLU N 355 13.85 -3.19 -51.21
C GLU N 355 12.75 -4.06 -51.83
N LYS N 356 12.04 -3.47 -52.77
CA LYS N 356 10.93 -4.16 -53.42
C LYS N 356 11.45 -5.29 -54.31
N ASP N 357 10.79 -6.44 -54.23
CA ASP N 357 11.14 -7.59 -55.06
C ASP N 357 9.91 -8.48 -55.18
N ARG N 358 9.29 -8.48 -56.35
CA ARG N 358 8.06 -9.25 -56.54
C ARG N 358 8.32 -10.76 -56.65
N SER N 359 9.49 -11.17 -57.11
CA SER N 359 9.80 -12.58 -57.23
C SER N 359 9.93 -13.28 -55.88
N ARG N 360 10.14 -12.52 -54.80
CA ARG N 360 10.22 -13.07 -53.46
C ARG N 360 9.01 -12.73 -52.60
N GLY N 361 7.96 -12.19 -53.18
CA GLY N 361 6.75 -11.88 -52.44
C GLY N 361 6.80 -10.61 -51.63
N ILE N 362 7.53 -9.59 -52.08
CA ILE N 362 7.61 -8.30 -51.39
C ILE N 362 7.01 -7.25 -52.31
N TYR N 363 5.94 -6.61 -51.86
CA TYR N 363 5.23 -5.62 -52.66
C TYR N 363 5.56 -4.17 -52.29
N PHE N 364 6.19 -3.94 -51.13
CA PHE N 364 6.46 -2.59 -50.67
C PHE N 364 7.87 -2.50 -50.12
N THR N 365 8.45 -1.30 -50.19
CA THR N 365 9.74 -1.02 -49.59
C THR N 365 9.55 -0.60 -48.14
N GLN N 366 10.25 -1.28 -47.23
CA GLN N 366 10.05 -1.09 -45.80
C GLN N 366 11.34 -0.60 -45.15
N ASP N 367 11.20 0.40 -44.27
CA ASP N 367 12.31 0.94 -43.49
C ASP N 367 11.94 0.87 -42.01
N TRP N 368 12.84 0.31 -41.21
CA TRP N 368 12.57 0.05 -39.80
C TRP N 368 13.20 1.09 -38.87
N VAL N 369 13.81 2.13 -39.43
CA VAL N 369 14.47 3.22 -38.71
C VAL N 369 15.12 2.75 -37.41
N SER N 370 16.11 1.85 -37.53
CA SER N 370 16.91 1.39 -36.40
C SER N 370 16.06 0.69 -35.32
N MET N 371 15.44 -0.41 -35.71
CA MET N 371 14.73 -1.27 -34.77
C MET N 371 15.47 -2.60 -34.62
N PRO N 372 15.50 -3.18 -33.42
CA PRO N 372 16.21 -4.45 -33.23
C PRO N 372 15.55 -5.58 -33.98
N GLY N 373 16.37 -6.59 -34.30
CA GLY N 373 15.91 -7.74 -35.07
C GLY N 373 15.42 -8.87 -34.19
N VAL N 374 15.00 -9.96 -34.86
CA VAL N 374 14.44 -11.14 -34.20
C VAL N 374 15.16 -12.37 -34.74
N LEU N 375 15.51 -13.30 -33.83
CA LEU N 375 16.20 -14.53 -34.18
C LEU N 375 15.20 -15.59 -34.61
N PRO N 376 15.34 -16.17 -35.80
CA PRO N 376 14.44 -17.24 -36.23
C PRO N 376 14.85 -18.61 -35.71
N VAL N 377 13.85 -19.48 -35.60
CA VAL N 377 14.02 -20.83 -35.07
C VAL N 377 13.52 -21.83 -36.09
N ALA N 378 14.32 -22.88 -36.34
CA ALA N 378 13.93 -23.96 -37.27
C ALA N 378 13.75 -25.25 -36.47
N SER N 379 12.78 -26.09 -36.83
CA SER N 379 12.48 -27.32 -36.05
C SER N 379 12.01 -28.45 -36.98
N GLY N 380 11.24 -29.41 -36.45
CA GLY N 380 10.77 -30.55 -37.25
C GLY N 380 11.60 -31.80 -37.00
N GLY N 381 11.50 -32.79 -37.89
CA GLY N 381 12.30 -34.03 -37.75
C GLY N 381 13.63 -33.91 -38.47
N ILE N 382 14.69 -33.56 -37.75
CA ILE N 382 16.04 -33.34 -38.37
C ILE N 382 17.05 -34.25 -37.66
N HIS N 383 18.24 -34.45 -38.26
CA HIS N 383 19.26 -35.35 -37.67
C HIS N 383 20.67 -34.90 -38.06
N VAL N 384 21.67 -35.78 -37.89
CA VAL N 384 23.09 -35.41 -38.12
C VAL N 384 23.35 -35.13 -39.61
N TRP N 385 22.78 -35.91 -40.52
CA TRP N 385 23.09 -35.74 -41.97
C TRP N 385 22.52 -34.42 -42.51
N HIS N 386 21.69 -33.74 -41.73
CA HIS N 386 21.06 -32.46 -42.19
C HIS N 386 21.86 -31.26 -41.67
N MET N 387 23.11 -31.46 -41.27
CA MET N 387 23.90 -30.36 -40.66
C MET N 387 24.47 -29.42 -41.73
N PRO N 388 25.19 -29.87 -42.79
CA PRO N 388 25.69 -28.91 -43.80
C PRO N 388 24.60 -28.08 -44.44
N ALA N 389 23.40 -28.64 -44.61
CA ALA N 389 22.34 -27.93 -45.32
C ALA N 389 21.84 -26.72 -44.53
N LEU N 390 21.56 -26.92 -43.23
CA LEU N 390 21.01 -25.83 -42.43
C LEU N 390 22.02 -24.70 -42.24
N THR N 391 23.30 -25.05 -42.05
CA THR N 391 24.30 -24.03 -41.78
C THR N 391 24.49 -23.10 -42.97
N GLU N 392 24.49 -23.64 -44.18
CA GLU N 392 24.75 -22.82 -45.36
C GLU N 392 23.60 -21.85 -45.64
N ILE N 393 22.37 -22.28 -45.39
CA ILE N 393 21.22 -21.46 -45.76
C ILE N 393 20.98 -20.36 -44.74
N PHE N 394 20.76 -20.74 -43.48
CA PHE N 394 20.40 -19.74 -42.47
C PHE N 394 21.60 -18.89 -42.06
N GLY N 395 22.79 -19.48 -42.01
CA GLY N 395 23.94 -18.80 -41.47
C GLY N 395 24.03 -18.98 -39.97
N ASP N 396 24.99 -18.28 -39.37
CA ASP N 396 25.23 -18.39 -37.93
C ASP N 396 24.41 -17.31 -37.22
N ASP N 397 23.11 -17.25 -37.54
CA ASP N 397 22.22 -16.32 -36.90
C ASP N 397 20.86 -16.94 -36.63
N SER N 398 20.83 -18.18 -36.14
CA SER N 398 19.57 -18.88 -35.93
C SER N 398 19.75 -19.89 -34.81
N VAL N 399 18.65 -20.55 -34.44
CA VAL N 399 18.63 -21.58 -33.42
C VAL N 399 18.07 -22.85 -34.03
N LEU N 400 18.74 -23.97 -33.78
CA LEU N 400 18.32 -25.27 -34.31
C LEU N 400 17.81 -26.13 -33.16
N GLN N 401 16.61 -26.68 -33.32
CA GLN N 401 15.96 -27.48 -32.29
C GLN N 401 15.81 -28.91 -32.79
N PHE N 402 16.01 -29.87 -31.89
CA PHE N 402 15.92 -31.29 -32.20
C PHE N 402 14.89 -31.98 -31.32
N GLY N 403 14.22 -33.00 -31.86
CA GLY N 403 13.28 -33.78 -31.04
C GLY N 403 13.79 -35.20 -30.86
N GLY N 404 13.51 -36.09 -31.82
CA GLY N 404 13.97 -37.49 -31.73
C GLY N 404 15.43 -37.64 -32.06
N GLY N 405 16.04 -36.60 -32.66
CA GLY N 405 17.47 -36.63 -33.01
C GLY N 405 18.36 -36.43 -31.80
N THR N 406 17.83 -36.71 -30.60
CA THR N 406 18.64 -36.60 -29.35
C THR N 406 18.22 -37.71 -28.38
N LEU N 407 16.90 -37.88 -28.15
CA LEU N 407 16.48 -38.87 -27.18
C LEU N 407 16.45 -40.28 -27.75
N GLY N 408 16.73 -40.43 -29.05
CA GLY N 408 16.64 -41.76 -29.68
C GLY N 408 17.98 -42.46 -29.81
N HIS N 409 19.03 -41.95 -29.16
CA HIS N 409 20.39 -42.52 -29.30
C HIS N 409 20.40 -43.92 -28.65
N PRO N 410 21.13 -44.93 -29.20
CA PRO N 410 21.09 -46.29 -28.65
C PRO N 410 21.83 -46.42 -27.31
N TRP N 411 22.45 -45.34 -26.83
CA TRP N 411 23.26 -45.42 -25.59
C TRP N 411 22.65 -44.55 -24.49
N GLY N 412 21.74 -43.64 -24.84
CA GLY N 412 21.05 -42.83 -23.81
C GLY N 412 20.95 -41.36 -24.17
N ASN N 413 20.71 -40.50 -23.18
CA ASN N 413 20.50 -39.08 -23.45
C ASN N 413 21.81 -38.32 -23.52
N ALA N 414 22.65 -38.42 -22.49
CA ALA N 414 23.90 -37.62 -22.46
C ALA N 414 24.75 -37.84 -23.71
N PRO N 415 25.01 -39.09 -24.19
CA PRO N 415 25.78 -39.31 -25.41
C PRO N 415 25.12 -38.72 -26.67
N GLY N 416 23.79 -38.69 -26.72
CA GLY N 416 23.07 -38.13 -27.88
C GLY N 416 23.41 -36.66 -28.13
N ALA N 417 23.65 -35.89 -27.06
CA ALA N 417 23.94 -34.45 -27.20
C ALA N 417 25.39 -34.25 -27.63
N VAL N 418 26.26 -35.22 -27.34
CA VAL N 418 27.69 -35.14 -27.75
C VAL N 418 27.77 -35.25 -29.28
N ALA N 419 27.09 -36.23 -29.85
CA ALA N 419 27.07 -36.39 -31.32
C ALA N 419 26.74 -35.05 -32.00
N ASN N 420 25.60 -34.44 -31.65
CA ASN N 420 25.19 -33.19 -32.30
C ASN N 420 26.24 -32.10 -32.13
N ARG N 421 26.84 -32.01 -30.94
CA ARG N 421 27.86 -30.98 -30.70
C ARG N 421 29.09 -31.21 -31.56
N VAL N 422 29.51 -32.46 -31.71
CA VAL N 422 30.71 -32.77 -32.50
C VAL N 422 30.47 -32.46 -33.97
N ALA N 423 29.30 -32.83 -34.49
CA ALA N 423 29.03 -32.65 -35.92
C ALA N 423 28.97 -31.17 -36.29
N LEU N 424 28.39 -30.33 -35.43
CA LEU N 424 28.24 -28.91 -35.76
C LEU N 424 29.59 -28.23 -35.90
N GLU N 425 30.54 -28.55 -35.02
CA GLU N 425 31.85 -27.89 -35.08
C GLU N 425 32.61 -28.25 -36.35
N ALA N 426 32.36 -29.45 -36.90
CA ALA N 426 33.03 -29.83 -38.14
C ALA N 426 32.61 -28.94 -39.30
N CYS N 427 31.32 -28.62 -39.41
CA CYS N 427 30.84 -27.77 -40.49
C CYS N 427 31.39 -26.36 -40.37
N VAL N 428 31.41 -25.80 -39.17
CA VAL N 428 31.85 -24.38 -39.03
C VAL N 428 33.30 -24.28 -39.52
N GLN N 429 34.18 -25.17 -39.05
CA GLN N 429 35.61 -25.12 -39.44
C GLN N 429 35.78 -25.20 -40.95
N ALA N 430 35.15 -26.19 -41.59
CA ALA N 430 35.31 -26.37 -43.07
C ALA N 430 35.05 -25.05 -43.79
N ARG N 431 33.95 -24.37 -43.49
CA ARG N 431 33.59 -23.12 -44.18
C ARG N 431 34.71 -22.09 -43.99
N ASN N 432 35.39 -22.14 -42.85
CA ASN N 432 36.51 -21.20 -42.59
C ASN N 432 37.79 -21.72 -43.24
N GLU N 433 37.66 -22.46 -44.35
CA GLU N 433 38.85 -23.02 -45.04
C GLU N 433 38.64 -22.92 -46.55
N GLY N 434 37.40 -22.63 -46.98
CA GLY N 434 37.10 -22.50 -48.41
C GLY N 434 36.36 -23.71 -48.96
N ARG N 435 36.21 -24.75 -48.15
CA ARG N 435 35.51 -25.99 -48.61
C ARG N 435 34.02 -25.67 -48.80
N ASP N 436 33.41 -26.22 -49.85
CA ASP N 436 31.98 -25.97 -50.15
C ASP N 436 31.11 -26.91 -49.31
N LEU N 437 30.01 -26.41 -48.75
CA LEU N 437 29.16 -27.25 -47.86
C LEU N 437 28.00 -27.82 -48.67
N ALA N 438 27.88 -27.42 -49.93
CA ALA N 438 26.79 -27.93 -50.80
C ALA N 438 27.22 -29.23 -51.47
N ARG N 439 28.53 -29.53 -51.45
CA ARG N 439 29.03 -30.80 -52.04
C ARG N 439 29.64 -31.66 -50.94
N GLU N 440 30.88 -31.37 -50.53
CA GLU N 440 31.58 -32.18 -49.50
C GLU N 440 30.55 -32.81 -48.55
N GLY N 441 29.89 -32.01 -47.71
CA GLY N 441 28.86 -32.53 -46.80
C GLY N 441 29.12 -33.96 -46.34
N ASN N 442 28.49 -34.95 -46.98
CA ASN N 442 28.62 -36.36 -46.55
C ASN N 442 30.07 -36.68 -46.19
N ASP N 443 31.03 -36.19 -46.97
CA ASP N 443 32.46 -36.43 -46.68
C ASP N 443 32.80 -35.85 -45.31
N ILE N 444 32.66 -34.52 -45.16
CA ILE N 444 33.01 -33.85 -43.87
C ILE N 444 32.50 -34.69 -42.70
N ILE N 445 31.28 -35.20 -42.77
CA ILE N 445 30.67 -35.98 -41.64
C ILE N 445 31.44 -37.28 -41.44
N ARG N 446 31.62 -38.06 -42.51
CA ARG N 446 32.29 -39.38 -42.39
C ARG N 446 33.64 -39.24 -41.69
N GLU N 447 34.55 -38.43 -42.26
CA GLU N 447 35.91 -38.28 -41.66
C GLU N 447 35.81 -37.95 -40.17
N ALA N 448 34.76 -37.23 -39.76
CA ALA N 448 34.61 -36.83 -38.34
C ALA N 448 34.23 -38.05 -37.49
N SER N 449 33.45 -38.98 -38.06
CA SER N 449 33.05 -40.20 -37.33
C SER N 449 34.22 -41.20 -37.32
N LYS N 450 35.45 -40.71 -37.50
CA LYS N 450 36.64 -41.59 -37.51
C LYS N 450 37.48 -41.29 -36.26
N TRP N 451 36.92 -40.54 -35.31
CA TRP N 451 37.63 -40.23 -34.04
C TRP N 451 36.61 -39.96 -32.95
N SER N 452 35.34 -40.32 -33.19
CA SER N 452 34.28 -40.15 -32.16
C SER N 452 33.37 -41.38 -32.16
N PRO N 453 33.42 -42.24 -31.11
CA PRO N 453 32.60 -43.46 -31.07
C PRO N 453 31.10 -43.16 -31.03
N GLU N 454 30.70 -42.05 -30.42
CA GLU N 454 29.26 -41.69 -30.30
C GLU N 454 28.70 -41.34 -31.69
N LEU N 455 29.35 -40.41 -32.40
CA LEU N 455 28.91 -40.05 -33.77
C LEU N 455 28.81 -41.33 -34.61
N ALA N 456 29.82 -42.20 -34.56
CA ALA N 456 29.78 -43.47 -35.33
C ALA N 456 28.44 -44.19 -35.11
N ALA N 457 28.11 -44.51 -33.85
CA ALA N 457 26.86 -45.23 -33.55
C ALA N 457 25.65 -44.49 -34.15
N ALA N 458 25.63 -43.16 -34.03
CA ALA N 458 24.49 -42.36 -34.56
C ALA N 458 24.45 -42.48 -36.08
N CYS N 459 25.60 -42.61 -36.73
CA CYS N 459 25.66 -42.69 -38.21
C CYS N 459 25.20 -44.07 -38.69
N GLU N 460 24.76 -44.93 -37.78
CA GLU N 460 24.31 -46.30 -38.16
C GLU N 460 22.79 -46.41 -37.96
N VAL N 461 22.20 -45.53 -37.15
CA VAL N 461 20.73 -45.53 -36.91
C VAL N 461 20.06 -44.74 -38.04
N TRP N 462 20.59 -43.57 -38.38
CA TRP N 462 20.00 -42.71 -39.43
C TRP N 462 20.73 -42.95 -40.76
N LYS N 463 20.05 -42.76 -41.89
CA LYS N 463 20.67 -43.10 -43.20
C LYS N 463 21.30 -41.86 -43.86
N GLU N 464 22.22 -42.08 -44.80
CA GLU N 464 22.93 -40.96 -45.47
C GLU N 464 21.97 -40.12 -46.29
N ILE N 465 22.40 -38.92 -46.69
CA ILE N 465 21.56 -38.04 -47.56
C ILE N 465 22.14 -38.14 -48.98
N LYS N 466 21.31 -38.54 -49.95
CA LYS N 466 21.80 -38.71 -51.34
C LYS N 466 22.59 -37.46 -51.76
N LEU O 22 35.41 16.01 -43.01
CA LEU O 22 35.41 16.47 -44.43
C LEU O 22 34.00 16.99 -44.77
N THR O 23 32.97 16.20 -44.51
CA THR O 23 31.57 16.64 -44.77
C THR O 23 31.38 18.01 -44.12
N TYR O 24 31.99 18.24 -42.96
CA TYR O 24 31.90 19.57 -42.31
C TYR O 24 31.98 20.62 -43.42
N TYR O 25 30.92 21.40 -43.59
CA TYR O 25 30.84 22.38 -44.72
C TYR O 25 30.64 21.59 -46.02
N THR O 26 29.46 21.00 -46.19
CA THR O 26 29.13 20.26 -47.44
C THR O 26 28.15 21.12 -48.24
N PRO O 27 28.62 22.13 -49.01
CA PRO O 27 27.71 23.04 -49.71
C PRO O 27 27.01 22.34 -50.88
N ASP O 28 26.31 21.25 -50.60
CA ASP O 28 25.66 20.47 -51.69
C ASP O 28 24.81 19.37 -51.05
N TYR O 29 25.16 18.96 -49.83
CA TYR O 29 24.41 17.89 -49.12
C TYR O 29 22.92 18.21 -49.14
N GLU O 30 22.08 17.20 -49.39
CA GLU O 30 20.61 17.40 -49.34
C GLU O 30 20.09 16.77 -48.05
N THR O 31 19.15 17.44 -47.36
CA THR O 31 18.65 16.94 -46.06
C THR O 31 17.63 15.81 -46.27
N LYS O 32 17.32 15.05 -45.22
CA LYS O 32 16.31 13.95 -45.31
C LYS O 32 15.09 14.31 -44.44
N ASP O 33 14.00 13.55 -44.59
CA ASP O 33 12.77 13.84 -43.86
C ASP O 33 12.86 13.52 -42.36
N THR O 34 13.99 13.00 -41.88
CA THR O 34 14.14 12.62 -40.48
C THR O 34 15.38 13.29 -39.89
N ASP O 35 15.52 14.60 -40.14
CA ASP O 35 16.65 15.37 -39.65
C ASP O 35 16.15 16.62 -38.94
N ILE O 36 16.89 17.02 -37.91
CA ILE O 36 16.58 18.25 -37.17
C ILE O 36 17.55 19.33 -37.62
N LEU O 37 17.00 20.47 -38.02
CA LEU O 37 17.79 21.56 -38.57
C LEU O 37 17.76 22.76 -37.63
N ALA O 38 18.84 23.54 -37.67
CA ALA O 38 18.98 24.72 -36.83
C ALA O 38 19.64 25.84 -37.63
N ALA O 39 19.57 27.05 -37.10
CA ALA O 39 20.14 28.22 -37.76
C ALA O 39 20.53 29.25 -36.71
N PHE O 40 21.81 29.63 -36.70
CA PHE O 40 22.30 30.65 -35.79
C PHE O 40 23.02 31.73 -36.59
N ARG O 41 23.08 32.93 -36.01
CA ARG O 41 23.85 34.02 -36.55
C ARG O 41 25.18 34.14 -35.78
N MET O 42 26.23 34.51 -36.51
CA MET O 42 27.58 34.47 -35.97
C MET O 42 28.28 35.81 -36.18
N THR O 43 29.21 36.11 -35.28
CA THR O 43 30.05 37.31 -35.34
C THR O 43 31.50 36.90 -35.20
N PRO O 44 32.13 36.43 -36.27
CA PRO O 44 33.52 35.96 -36.17
C PRO O 44 34.48 37.08 -35.83
N GLN O 45 35.59 36.71 -35.20
CA GLN O 45 36.64 37.66 -34.89
C GLN O 45 37.34 38.10 -36.18
N PRO O 46 38.01 39.28 -36.19
CA PRO O 46 38.66 39.79 -37.40
C PRO O 46 39.82 38.89 -37.89
N GLY O 47 39.64 38.23 -39.03
CA GLY O 47 40.70 37.36 -39.58
C GLY O 47 40.20 35.96 -39.86
N VAL O 48 39.21 35.49 -39.10
CA VAL O 48 38.71 34.09 -39.26
C VAL O 48 37.86 34.01 -40.53
N PRO O 49 38.26 33.21 -41.55
CA PRO O 49 37.43 33.02 -42.74
C PRO O 49 36.03 32.55 -42.33
N PRO O 50 34.94 33.00 -43.00
CA PRO O 50 33.58 32.66 -42.59
C PRO O 50 33.18 31.20 -42.86
N GLU O 51 33.66 30.62 -43.96
CA GLU O 51 33.29 29.23 -44.34
C GLU O 51 33.93 28.22 -43.37
N GLU O 52 34.99 28.63 -42.67
CA GLU O 52 35.70 27.71 -41.74
C GLU O 52 35.08 27.82 -40.34
N ALA O 53 34.60 29.01 -39.96
CA ALA O 53 33.96 29.20 -38.64
C ALA O 53 32.72 28.32 -38.56
N GLY O 54 31.91 28.32 -39.62
CA GLY O 54 30.69 27.50 -39.70
C GLY O 54 30.96 26.03 -39.36
N ALA O 55 31.96 25.43 -40.00
CA ALA O 55 32.29 24.00 -39.76
C ALA O 55 32.69 23.79 -38.29
N ALA O 56 33.28 24.80 -37.66
CA ALA O 56 33.72 24.68 -36.24
C ALA O 56 32.49 24.65 -35.32
N VAL O 57 31.43 25.38 -35.69
CA VAL O 57 30.17 25.38 -34.89
C VAL O 57 29.56 23.98 -34.94
N ALA O 58 29.59 23.34 -36.11
CA ALA O 58 28.98 22.00 -36.28
C ALA O 58 29.78 20.95 -35.49
N ALA O 59 31.06 21.21 -35.22
CA ALA O 59 31.91 20.22 -34.53
C ALA O 59 31.82 20.42 -33.02
N GLU O 60 31.84 21.67 -32.55
CA GLU O 60 31.75 21.98 -31.10
C GLU O 60 30.36 21.61 -30.58
N SER O 61 29.36 21.55 -31.47
CA SER O 61 27.99 21.15 -31.07
C SER O 61 27.81 19.64 -31.21
N SER O 62 28.89 18.90 -31.49
CA SER O 62 28.80 17.43 -31.70
C SER O 62 30.08 16.73 -31.26
N THR O 63 30.80 16.08 -32.19
CA THR O 63 32.02 15.30 -31.85
C THR O 63 33.11 16.20 -31.23
N GLY O 64 33.58 17.20 -31.97
CA GLY O 64 34.66 18.07 -31.48
C GLY O 64 35.94 17.86 -32.27
N THR O 65 35.87 17.12 -33.37
CA THR O 65 37.07 16.81 -34.19
C THR O 65 36.72 16.89 -35.68
N TRP O 66 37.74 17.08 -36.53
CA TRP O 66 37.53 17.13 -38.00
C TRP O 66 38.32 15.99 -38.64
N THR O 67 38.91 15.11 -37.83
CA THR O 67 39.76 14.01 -38.37
C THR O 67 39.19 12.65 -37.96
N THR O 68 39.53 11.59 -38.69
CA THR O 68 39.03 10.22 -38.38
C THR O 68 40.09 9.44 -37.57
N VAL O 69 40.65 10.05 -36.53
CA VAL O 69 41.71 9.39 -35.70
C VAL O 69 41.05 8.56 -34.61
N TRP O 70 40.05 9.09 -33.92
CA TRP O 70 39.40 8.38 -32.78
C TRP O 70 38.27 7.49 -33.29
N THR O 71 37.91 7.61 -34.57
CA THR O 71 36.83 6.77 -35.16
C THR O 71 37.27 5.30 -35.14
N SER O 76 31.08 1.85 -37.52
CA SER O 76 31.57 3.10 -38.09
C SER O 76 30.85 4.29 -37.48
N LEU O 77 31.62 5.24 -36.95
CA LEU O 77 31.04 6.45 -36.38
C LEU O 77 30.30 7.24 -37.46
N ASP O 78 31.04 7.76 -38.44
CA ASP O 78 30.54 8.45 -39.63
C ASP O 78 29.21 9.17 -39.45
N ARG O 79 28.11 8.42 -39.37
CA ARG O 79 26.78 9.01 -39.42
C ARG O 79 26.40 9.74 -38.14
N TYR O 80 27.21 9.63 -37.08
CA TYR O 80 26.80 10.24 -35.78
C TYR O 80 27.32 11.68 -35.66
N LYS O 81 27.46 12.40 -36.77
CA LYS O 81 28.05 13.77 -36.71
C LYS O 81 27.13 14.78 -37.41
N GLY O 82 27.19 16.06 -37.02
CA GLY O 82 26.40 17.11 -37.68
C GLY O 82 27.20 17.78 -38.78
N ARG O 83 26.53 18.52 -39.67
CA ARG O 83 27.26 19.09 -40.83
C ARG O 83 26.63 20.42 -41.28
N CYS O 84 27.46 21.39 -41.68
CA CYS O 84 26.94 22.67 -42.22
C CYS O 84 26.75 22.50 -43.73
N TYR O 85 25.64 22.98 -44.28
CA TYR O 85 25.35 22.76 -45.72
C TYR O 85 24.96 24.07 -46.41
N ASP O 86 25.09 25.21 -45.72
CA ASP O 86 24.66 26.50 -46.32
C ASP O 86 25.17 27.69 -45.50
N ILE O 87 25.49 28.81 -46.17
CA ILE O 87 25.93 30.03 -45.52
C ILE O 87 25.43 31.22 -46.33
N GLU O 88 24.84 32.21 -45.66
CA GLU O 88 24.35 33.40 -46.32
C GLU O 88 24.84 34.64 -45.59
N PRO O 89 25.11 35.73 -46.33
CA PRO O 89 25.52 36.98 -45.68
C PRO O 89 24.33 37.87 -45.35
N VAL O 90 24.30 38.40 -44.12
CA VAL O 90 23.20 39.26 -43.71
C VAL O 90 23.39 40.64 -44.29
N ALA O 91 22.35 41.15 -44.96
CA ALA O 91 22.41 42.47 -45.58
C ALA O 91 22.32 43.56 -44.53
N GLY O 92 23.09 44.63 -44.73
CA GLY O 92 23.10 45.77 -43.84
C GLY O 92 24.24 45.79 -42.85
N GLU O 93 24.87 44.64 -42.60
CA GLU O 93 26.01 44.54 -41.70
C GLU O 93 27.11 43.75 -42.39
N GLU O 94 28.35 44.22 -42.27
CA GLU O 94 29.46 43.56 -42.94
C GLU O 94 29.86 42.28 -42.22
N ASN O 95 29.78 42.27 -40.89
CA ASN O 95 30.19 41.12 -40.08
C ASN O 95 28.94 40.44 -39.53
N GLN O 96 28.33 39.60 -40.36
CA GLN O 96 27.14 38.85 -39.96
C GLN O 96 26.89 37.76 -41.00
N TYR O 97 26.59 36.55 -40.53
CA TYR O 97 26.32 35.43 -41.41
C TYR O 97 25.29 34.51 -40.75
N ILE O 98 24.66 33.68 -41.57
CA ILE O 98 23.67 32.70 -41.13
C ILE O 98 24.17 31.32 -41.53
N ALA O 99 24.22 30.40 -40.57
CA ALA O 99 24.70 29.04 -40.80
C ALA O 99 23.58 28.04 -40.59
N TYR O 100 23.63 26.97 -41.37
CA TYR O 100 22.62 25.92 -41.33
C TYR O 100 23.28 24.59 -40.97
N VAL O 101 22.74 23.90 -39.97
CA VAL O 101 23.30 22.64 -39.49
C VAL O 101 22.19 21.60 -39.46
N ALA O 102 22.54 20.36 -39.82
CA ALA O 102 21.61 19.24 -39.81
C ALA O 102 22.11 18.16 -38.85
N TYR O 103 21.18 17.57 -38.11
CA TYR O 103 21.52 16.56 -37.11
C TYR O 103 20.78 15.25 -37.38
N PRO O 104 21.43 14.12 -37.13
CA PRO O 104 20.74 12.83 -37.29
C PRO O 104 19.68 12.61 -36.23
N LEU O 105 18.74 11.71 -36.54
CA LEU O 105 17.63 11.46 -35.64
C LEU O 105 18.02 10.61 -34.43
N ASP O 106 18.98 9.70 -34.59
CA ASP O 106 19.32 8.75 -33.53
C ASP O 106 20.14 9.38 -32.41
N LEU O 107 20.28 10.70 -32.37
CA LEU O 107 21.06 11.36 -31.34
C LEU O 107 20.22 11.86 -30.17
N PHE O 108 18.91 11.63 -30.20
CA PHE O 108 18.00 12.20 -29.21
C PHE O 108 17.15 11.10 -28.56
N GLU O 109 16.78 11.34 -27.30
CA GLU O 109 15.91 10.44 -26.57
C GLU O 109 14.45 10.85 -26.75
N GLU O 110 13.60 9.85 -26.99
CA GLU O 110 12.19 10.12 -27.29
C GLU O 110 11.48 10.68 -26.06
N GLY O 111 10.68 11.71 -26.27
CA GLY O 111 9.83 12.25 -25.22
C GLY O 111 10.52 13.14 -24.21
N SER O 112 11.77 13.52 -24.44
CA SER O 112 12.53 14.34 -23.51
C SER O 112 12.87 15.68 -24.16
N VAL O 113 12.52 16.77 -23.48
CA VAL O 113 12.89 18.10 -23.95
C VAL O 113 14.21 18.57 -23.35
N THR O 114 14.59 18.07 -22.18
CA THR O 114 15.87 18.45 -21.58
C THR O 114 17.03 17.94 -22.43
N ASN O 115 16.92 16.72 -22.97
CA ASN O 115 18.00 16.13 -23.74
C ASN O 115 18.29 16.94 -25.01
N MET O 116 17.25 17.42 -25.68
CA MET O 116 17.45 18.20 -26.89
C MET O 116 18.26 19.46 -26.62
N PHE O 117 17.87 20.20 -25.58
CA PHE O 117 18.59 21.42 -25.24
C PHE O 117 20.00 21.12 -24.74
N THR O 118 20.19 20.02 -24.01
CA THR O 118 21.53 19.66 -23.57
C THR O 118 22.44 19.31 -24.75
N SER O 119 21.91 18.58 -25.72
CA SER O 119 22.73 18.12 -26.84
C SER O 119 23.02 19.24 -27.84
N ILE O 120 21.99 20.01 -28.22
CA ILE O 120 22.18 21.01 -29.27
C ILE O 120 23.13 22.11 -28.80
N VAL O 121 22.85 22.69 -27.63
CA VAL O 121 23.68 23.76 -27.08
C VAL O 121 24.04 23.40 -25.64
N GLY O 122 25.19 22.74 -25.46
CA GLY O 122 25.73 22.61 -24.12
C GLY O 122 27.08 23.26 -23.97
N ASN O 123 27.93 23.16 -25.01
CA ASN O 123 29.18 23.93 -25.11
C ASN O 123 29.24 24.48 -26.53
N VAL O 124 28.55 25.59 -26.76
CA VAL O 124 28.70 26.33 -28.02
C VAL O 124 28.94 27.81 -27.82
N PHE O 125 28.52 28.39 -26.70
CA PHE O 125 28.67 29.82 -26.46
C PHE O 125 29.96 30.17 -25.74
N GLY O 126 30.71 29.14 -25.32
CA GLY O 126 32.02 29.38 -24.69
C GLY O 126 33.13 29.43 -25.72
N PHE O 127 32.79 29.13 -26.98
CA PHE O 127 33.79 29.20 -28.07
C PHE O 127 34.41 30.60 -28.08
N LYS O 128 35.69 30.71 -28.42
CA LYS O 128 36.38 32.02 -28.31
C LYS O 128 36.69 32.57 -29.71
N ALA O 129 36.68 31.70 -30.73
CA ALA O 129 36.92 32.17 -32.10
C ALA O 129 35.74 33.03 -32.56
N LEU O 130 34.73 33.21 -31.72
CA LEU O 130 33.64 34.09 -32.09
C LEU O 130 33.52 35.22 -31.09
N ARG O 131 32.51 36.07 -31.29
CA ARG O 131 32.28 37.20 -30.40
C ARG O 131 30.85 37.19 -29.88
N ALA O 132 29.92 36.69 -30.68
CA ALA O 132 28.51 36.66 -30.28
C ALA O 132 27.80 35.60 -31.11
N LEU O 133 26.88 34.89 -30.47
CA LEU O 133 26.09 33.85 -31.13
C LEU O 133 24.65 33.93 -30.67
N ARG O 134 23.73 33.52 -31.53
CA ARG O 134 22.31 33.58 -31.23
C ARG O 134 21.57 32.55 -32.05
N LEU O 135 20.81 31.68 -31.38
CA LEU O 135 19.98 30.70 -32.07
C LEU O 135 18.64 31.35 -32.44
N GLU O 136 18.17 31.03 -33.65
CA GLU O 136 17.00 31.71 -34.19
C GLU O 136 15.80 30.79 -34.42
N ASP O 137 16.01 29.61 -35.01
CA ASP O 137 14.89 28.78 -35.39
C ASP O 137 15.28 27.31 -35.38
N LEU O 138 14.28 26.44 -35.35
CA LEU O 138 14.46 25.00 -35.38
C LEU O 138 13.35 24.38 -36.21
N ARG O 139 13.62 23.18 -36.73
CA ARG O 139 12.63 22.40 -37.45
C ARG O 139 12.56 21.01 -36.85
N ILE O 140 11.35 20.56 -36.55
CA ILE O 140 11.11 19.28 -35.91
C ILE O 140 10.36 18.38 -36.89
N PRO O 141 10.93 17.26 -37.32
CA PRO O 141 10.25 16.39 -38.28
C PRO O 141 9.07 15.69 -37.63
N PRO O 142 8.07 15.29 -38.43
CA PRO O 142 6.91 14.58 -37.85
C PRO O 142 7.27 13.26 -37.21
N ALA O 143 8.38 12.63 -37.60
CA ALA O 143 8.80 11.38 -36.98
C ALA O 143 9.26 11.56 -35.55
N TYR O 144 9.54 12.80 -35.13
CA TYR O 144 9.96 13.08 -33.76
C TYR O 144 8.86 13.71 -32.90
N SER O 145 7.88 14.37 -33.51
CA SER O 145 6.79 15.00 -32.78
C SER O 145 5.74 14.01 -32.30
N LYS O 146 5.74 12.78 -32.81
CA LYS O 146 4.71 11.82 -32.46
C LYS O 146 4.98 11.11 -31.14
N THR O 147 6.15 11.30 -30.54
CA THR O 147 6.47 10.69 -29.26
C THR O 147 6.15 11.59 -28.07
N PHE O 148 5.58 12.77 -28.31
CA PHE O 148 5.19 13.69 -27.26
C PHE O 148 3.68 13.69 -27.11
N GLN O 149 3.21 14.21 -25.97
CA GLN O 149 1.78 14.27 -25.71
C GLN O 149 1.17 15.58 -26.20
N GLY O 150 1.80 16.70 -25.86
CA GLY O 150 1.32 18.00 -26.28
C GLY O 150 0.43 18.65 -25.24
N PRO O 151 -0.38 19.62 -25.68
CA PRO O 151 -1.29 20.27 -24.74
C PRO O 151 -2.29 19.29 -24.20
N PRO O 152 -2.72 19.47 -22.94
CA PRO O 152 -3.70 18.53 -22.37
C PRO O 152 -5.03 18.51 -23.11
N HIS O 153 -5.64 19.67 -23.34
CA HIS O 153 -6.94 19.76 -23.99
C HIS O 153 -6.90 20.50 -25.31
N GLY O 154 -6.37 21.72 -25.33
CA GLY O 154 -6.30 22.48 -26.57
C GLY O 154 -7.22 23.69 -26.59
N ILE O 155 -7.67 24.08 -27.77
CA ILE O 155 -8.52 25.26 -27.95
C ILE O 155 -9.99 24.89 -28.07
N GLN O 156 -10.32 23.99 -29.01
CA GLN O 156 -11.71 23.65 -29.26
C GLN O 156 -12.34 22.95 -28.05
N VAL O 157 -11.58 22.07 -27.39
CA VAL O 157 -12.14 21.32 -26.26
C VAL O 157 -12.44 22.23 -25.09
N GLU O 158 -11.57 23.22 -24.83
CA GLU O 158 -11.78 24.10 -23.68
C GLU O 158 -13.02 24.96 -23.86
N ARG O 159 -13.27 25.43 -25.09
CA ARG O 159 -14.47 26.22 -25.35
C ARG O 159 -15.74 25.43 -25.11
N ASP O 160 -15.74 24.13 -25.36
CA ASP O 160 -16.88 23.29 -25.02
C ASP O 160 -17.04 23.14 -23.52
N LYS O 161 -15.93 23.08 -22.78
CA LYS O 161 -16.00 22.99 -21.33
C LYS O 161 -16.54 24.27 -20.70
N LEU O 162 -16.14 25.42 -21.23
CA LEU O 162 -16.57 26.70 -20.68
C LEU O 162 -17.87 27.23 -21.27
N ASN O 163 -18.29 26.72 -22.43
CA ASN O 163 -19.54 27.12 -23.07
C ASN O 163 -19.56 28.63 -23.36
N LYS O 164 -18.52 29.08 -24.07
CA LYS O 164 -18.40 30.48 -24.46
C LYS O 164 -17.97 30.53 -25.92
N TYR O 165 -18.70 31.27 -26.75
CA TYR O 165 -18.45 31.31 -28.18
C TYR O 165 -18.56 32.74 -28.69
N GLY O 166 -17.75 33.05 -29.71
CA GLY O 166 -17.94 34.23 -30.52
C GLY O 166 -17.24 35.50 -30.07
N ARG O 167 -16.62 35.51 -28.89
CA ARG O 167 -15.98 36.72 -28.40
C ARG O 167 -14.77 36.34 -27.57
N PRO O 168 -13.77 37.22 -27.46
CA PRO O 168 -12.63 36.94 -26.60
C PRO O 168 -13.03 36.93 -25.13
N LEU O 169 -12.20 36.29 -24.32
CA LEU O 169 -12.43 36.20 -22.89
C LEU O 169 -11.82 37.40 -22.17
N LEU O 170 -12.22 37.58 -20.91
CA LEU O 170 -11.77 38.70 -20.09
C LEU O 170 -11.23 38.19 -18.78
N GLY O 171 -10.32 38.97 -18.17
CA GLY O 171 -9.75 38.60 -16.90
C GLY O 171 -9.17 39.81 -16.21
N CYS O 172 -8.76 39.59 -14.95
CA CYS O 172 -8.16 40.65 -14.15
C CYS O 172 -7.18 40.02 -13.17
N THR O 173 -6.25 40.84 -12.68
CA THR O 173 -5.23 40.38 -11.75
C THR O 173 -5.11 41.35 -10.58
N ILE O 174 -4.91 40.80 -9.38
CA ILE O 174 -4.68 41.60 -8.19
C ILE O 174 -3.18 41.83 -8.07
N LYS O 175 -2.67 42.84 -8.79
CA LYS O 175 -1.23 43.05 -8.91
C LYS O 175 -0.63 43.62 -7.62
N PRO O 176 -1.08 44.79 -7.13
CA PRO O 176 -0.41 45.38 -5.97
C PRO O 176 -0.84 44.73 -4.66
N LYS O 177 -1.56 45.49 -3.82
CA LYS O 177 -2.08 44.99 -2.55
C LYS O 177 -0.95 44.51 -1.65
N LEU O 178 -0.84 43.20 -1.47
CA LEU O 178 0.23 42.54 -0.71
C LEU O 178 0.06 42.80 0.79
N GLY O 179 0.17 41.75 1.60
CA GLY O 179 -0.01 41.86 3.02
C GLY O 179 -1.45 41.77 3.48
N LEU O 180 -2.41 41.65 2.56
CA LEU O 180 -3.81 41.53 2.94
C LEU O 180 -4.09 40.17 3.56
N SER O 181 -5.10 40.13 4.42
CA SER O 181 -5.53 38.87 5.01
C SER O 181 -6.30 38.04 3.99
N ALA O 182 -6.52 36.77 4.32
CA ALA O 182 -7.19 35.86 3.41
C ALA O 182 -8.64 36.28 3.16
N LYS O 183 -9.33 36.73 4.20
CA LYS O 183 -10.72 37.15 4.03
C LYS O 183 -10.82 38.37 3.11
N ASN O 184 -9.96 39.36 3.31
CA ASN O 184 -9.95 40.53 2.45
C ASN O 184 -9.55 40.16 1.03
N TYR O 185 -8.63 39.19 0.89
CA TYR O 185 -8.24 38.73 -0.44
C TYR O 185 -9.42 38.09 -1.17
N GLY O 186 -10.20 37.28 -0.46
CA GLY O 186 -11.36 36.65 -1.08
C GLY O 186 -12.48 37.63 -1.38
N ARG O 187 -12.63 38.67 -0.54
CA ARG O 187 -13.68 39.65 -0.78
C ARG O 187 -13.49 40.37 -2.11
N ALA O 188 -12.25 40.76 -2.42
CA ALA O 188 -11.98 41.44 -3.69
C ALA O 188 -12.26 40.53 -4.87
N VAL O 189 -11.88 39.25 -4.77
CA VAL O 189 -12.14 38.30 -5.85
C VAL O 189 -13.64 38.15 -6.07
N TYR O 190 -14.40 38.02 -4.97
CA TYR O 190 -15.85 37.89 -5.11
C TYR O 190 -16.46 39.15 -5.74
N GLU O 191 -16.01 40.33 -5.32
CA GLU O 191 -16.54 41.56 -5.90
C GLU O 191 -16.21 41.67 -7.39
N CYS O 192 -14.99 41.29 -7.78
CA CYS O 192 -14.60 41.42 -9.19
C CYS O 192 -15.33 40.40 -10.06
N LEU O 193 -15.50 39.17 -9.57
CA LEU O 193 -16.08 38.12 -10.39
C LEU O 193 -17.56 38.35 -10.70
N ARG O 194 -18.28 39.04 -9.82
CA ARG O 194 -19.72 39.27 -10.03
C ARG O 194 -20.00 40.41 -11.00
N GLY O 195 -19.00 41.23 -11.33
CA GLY O 195 -19.23 42.33 -12.24
C GLY O 195 -19.43 41.94 -13.69
N GLY O 196 -18.90 40.80 -14.10
CA GLY O 196 -19.05 40.35 -15.46
C GLY O 196 -17.80 39.72 -16.06
N LEU O 197 -16.72 39.72 -15.29
CA LEU O 197 -15.47 39.14 -15.77
C LEU O 197 -15.55 37.61 -15.73
N ASP O 198 -14.57 36.96 -16.36
CA ASP O 198 -14.52 35.52 -16.47
C ASP O 198 -13.48 34.88 -15.57
N PHE O 199 -12.24 35.34 -15.63
CA PHE O 199 -11.12 34.76 -14.89
C PHE O 199 -10.60 35.74 -13.86
N THR O 200 -9.64 35.29 -13.05
CA THR O 200 -9.01 36.15 -12.06
C THR O 200 -7.64 35.53 -11.80
N ASP O 202 -3.50 35.46 -9.92
CA ASP O 202 -2.78 35.67 -8.67
C ASP O 202 -1.38 36.21 -8.94
N ASP O 203 -0.78 36.88 -7.97
CA ASP O 203 0.54 37.47 -8.15
C ASP O 203 1.57 36.36 -8.32
N GLU O 204 2.58 36.62 -9.16
CA GLU O 204 3.57 35.59 -9.47
C GLU O 204 4.38 35.21 -8.24
N ASN O 205 4.78 36.19 -7.43
CA ASN O 205 5.62 35.95 -6.26
C ASN O 205 4.79 35.77 -4.98
N VAL O 206 3.79 34.90 -5.03
CA VAL O 206 2.99 34.58 -3.85
C VAL O 206 2.76 33.07 -3.81
N ASN O 207 3.54 32.38 -2.99
CA ASN O 207 3.39 30.93 -2.82
C ASN O 207 2.95 30.57 -1.41
N SER O 208 3.75 30.93 -0.40
CA SER O 208 3.41 30.68 0.99
C SER O 208 4.31 31.55 1.85
N GLN O 209 3.72 32.48 2.58
CA GLN O 209 4.47 33.47 3.33
C GLN O 209 3.85 33.62 4.72
N PRO O 210 4.60 34.15 5.69
CA PRO O 210 4.06 34.26 7.05
C PRO O 210 2.77 35.08 7.15
N PHE O 211 2.60 36.09 6.30
CA PHE O 211 1.39 36.90 6.38
C PHE O 211 0.16 36.20 5.79
N MET O 212 0.36 35.18 4.95
CA MET O 212 -0.76 34.44 4.37
C MET O 212 -0.27 33.11 3.87
N ARG O 213 -0.81 32.01 4.41
CA ARG O 213 -0.51 30.68 3.92
C ARG O 213 -1.44 30.32 2.78
N TRP O 214 -1.31 29.10 2.26
CA TRP O 214 -2.02 28.74 1.03
C TRP O 214 -3.29 27.93 1.29
N ARG O 215 -3.30 27.08 2.34
CA ARG O 215 -4.41 26.17 2.52
C ARG O 215 -5.71 26.90 2.91
N ASP O 216 -5.60 28.11 3.46
CA ASP O 216 -6.78 28.91 3.77
C ASP O 216 -7.15 29.86 2.65
N ARG O 217 -6.16 30.36 1.90
CA ARG O 217 -6.45 31.16 0.72
C ARG O 217 -7.21 30.32 -0.31
N PHE O 218 -6.83 29.06 -0.48
CA PHE O 218 -7.56 28.16 -1.37
C PHE O 218 -9.01 28.03 -0.91
N LEU O 219 -9.22 27.84 0.39
CA LEU O 219 -10.57 27.65 0.92
C LEU O 219 -11.43 28.88 0.69
N PHE O 220 -10.87 30.08 0.95
CA PHE O 220 -11.64 31.30 0.78
C PHE O 220 -11.94 31.57 -0.70
N VAL O 221 -10.98 31.30 -1.59
CA VAL O 221 -11.24 31.48 -3.02
C VAL O 221 -12.33 30.53 -3.49
N ALA O 222 -12.28 29.27 -3.05
CA ALA O 222 -13.32 28.32 -3.41
C ALA O 222 -14.68 28.73 -2.86
N GLU O 223 -14.73 29.26 -1.64
CA GLU O 223 -15.98 29.75 -1.09
C GLU O 223 -16.55 30.90 -1.90
N ALA O 224 -15.69 31.85 -2.31
CA ALA O 224 -16.15 32.98 -3.11
C ALA O 224 -16.63 32.57 -4.49
N ILE O 225 -15.97 31.59 -5.12
CA ILE O 225 -16.30 31.22 -6.50
C ILE O 225 -17.73 30.70 -6.58
N PHE O 226 -18.13 29.84 -5.65
CA PHE O 226 -19.47 29.27 -5.69
C PHE O 226 -20.54 30.34 -5.49
N LYS O 227 -20.31 31.25 -4.55
CA LYS O 227 -21.27 32.33 -4.33
C LYS O 227 -21.40 33.22 -5.54
N SER O 228 -20.27 33.53 -6.19
CA SER O 228 -20.34 34.34 -7.42
C SER O 228 -21.07 33.59 -8.53
N GLN O 229 -20.85 32.27 -8.65
CA GLN O 229 -21.46 31.50 -9.72
C GLN O 229 -22.97 31.33 -9.52
N ALA O 230 -23.42 31.20 -8.27
CA ALA O 230 -24.81 30.88 -8.00
C ALA O 230 -25.79 31.98 -8.40
N GLU O 231 -25.32 33.20 -8.67
CA GLU O 231 -26.20 34.31 -8.97
C GLU O 231 -26.37 34.57 -10.47
N THR O 232 -25.26 34.78 -11.18
CA THR O 232 -25.32 35.13 -12.60
C THR O 232 -25.55 33.95 -13.51
N GLY O 233 -25.39 32.72 -13.02
CA GLY O 233 -25.59 31.54 -13.84
C GLY O 233 -24.58 31.36 -14.94
N GLU O 234 -23.30 31.65 -14.68
CA GLU O 234 -22.24 31.45 -15.64
C GLU O 234 -21.04 30.82 -14.94
N ILE O 235 -20.23 30.11 -15.72
CA ILE O 235 -19.08 29.40 -15.17
C ILE O 235 -17.92 30.38 -15.00
N LYS O 236 -17.32 30.39 -13.81
CA LYS O 236 -16.21 31.26 -13.48
C LYS O 236 -15.01 30.42 -13.04
N GLY O 237 -13.87 31.09 -12.89
CA GLY O 237 -12.66 30.39 -12.52
C GLY O 237 -11.65 31.35 -11.90
N HIS O 238 -10.52 30.79 -11.50
CA HIS O 238 -9.47 31.55 -10.85
C HIS O 238 -8.18 30.74 -10.90
N TYR O 239 -7.09 31.37 -11.35
CA TYR O 239 -5.81 30.69 -11.46
C TYR O 239 -5.18 30.55 -10.07
N LEU O 240 -4.87 29.31 -9.68
CA LEU O 240 -4.24 29.04 -8.40
C LEU O 240 -2.78 28.66 -8.62
N ASN O 241 -1.88 29.35 -7.93
CA ASN O 241 -0.46 29.12 -8.09
C ASN O 241 -0.06 27.79 -7.45
N ALA O 242 0.72 27.00 -8.18
CA ALA O 242 1.14 25.68 -7.72
C ALA O 242 2.65 25.51 -7.68
N THR O 243 3.41 26.58 -7.89
CA THR O 243 4.87 26.49 -7.82
C THR O 243 5.32 26.24 -6.40
N ALA O 244 6.28 25.33 -6.24
CA ALA O 244 6.78 24.97 -4.92
C ALA O 244 8.29 24.72 -5.02
N GLY O 245 8.90 24.45 -3.88
CA GLY O 245 10.33 24.23 -3.81
C GLY O 245 10.75 22.80 -4.08
N THR O 246 9.82 21.86 -3.93
CA THR O 246 10.09 20.45 -4.16
C THR O 246 8.91 19.83 -4.91
N CYS O 247 9.18 18.72 -5.59
CA CYS O 247 8.13 18.06 -6.35
C CYS O 247 7.11 17.38 -5.45
N GLU O 248 7.50 16.94 -4.26
CA GLU O 248 6.54 16.39 -3.32
C GLU O 248 5.53 17.44 -2.88
N GLU O 249 6.00 18.66 -2.63
CA GLU O 249 5.10 19.74 -2.23
C GLU O 249 4.26 20.25 -3.39
N MET O 250 4.82 20.24 -4.60
CA MET O 250 4.07 20.73 -5.76
C MET O 250 2.85 19.86 -6.04
N MET O 251 3.00 18.54 -5.92
CA MET O 251 1.88 17.65 -6.19
C MET O 251 0.83 17.67 -5.09
N LYS O 252 1.19 18.11 -3.89
CA LYS O 252 0.20 18.19 -2.82
C LYS O 252 -0.80 19.32 -3.04
N ARG O 253 -0.36 20.43 -3.61
CA ARG O 253 -1.24 21.56 -3.87
C ARG O 253 -2.12 21.37 -5.09
N ALA O 254 -1.84 20.37 -5.93
CA ALA O 254 -2.66 20.11 -7.10
C ALA O 254 -3.85 19.21 -6.79
N GLN O 255 -3.68 18.26 -5.86
CA GLN O 255 -4.80 17.38 -5.51
C GLN O 255 -5.84 18.10 -4.67
N PHE O 256 -5.42 19.04 -3.83
CA PHE O 256 -6.37 19.82 -3.04
C PHE O 256 -7.28 20.65 -3.94
N ALA O 257 -6.74 21.25 -4.99
CA ALA O 257 -7.57 21.97 -5.95
C ALA O 257 -8.54 21.04 -6.69
N ARG O 258 -8.16 19.78 -6.88
CA ARG O 258 -9.09 18.83 -7.49
C ARG O 258 -10.18 18.40 -6.52
N GLU O 259 -9.87 18.32 -5.23
CA GLU O 259 -10.88 17.95 -4.25
C GLU O 259 -11.99 19.00 -4.17
N LEU O 260 -11.64 20.27 -4.25
CA LEU O 260 -12.63 21.35 -4.21
C LEU O 260 -13.33 21.58 -5.54
N GLY O 261 -12.92 20.86 -6.59
CA GLY O 261 -13.53 21.03 -7.89
C GLY O 261 -13.17 22.32 -8.61
N MET O 262 -11.91 22.78 -8.49
CA MET O 262 -11.49 23.95 -9.24
C MET O 262 -11.07 23.55 -10.65
N PRO O 263 -11.27 24.43 -11.64
CA PRO O 263 -11.04 24.04 -13.03
C PRO O 263 -9.67 24.37 -13.61
N ILE O 264 -8.81 25.13 -12.93
CA ILE O 264 -7.59 25.63 -13.54
C ILE O 264 -6.53 25.85 -12.48
N VAL O 265 -5.27 25.69 -12.88
CA VAL O 265 -4.10 25.96 -12.04
C VAL O 265 -3.09 26.77 -12.84
N MET O 266 -1.94 27.06 -12.24
CA MET O 266 -0.94 27.92 -12.85
C MET O 266 0.44 27.49 -12.41
N HIS O 267 1.42 27.62 -13.32
CA HIS O 267 2.80 27.22 -13.05
C HIS O 267 3.74 28.11 -13.85
N ASP O 268 4.96 28.25 -13.32
CA ASP O 268 6.05 28.94 -14.00
C ASP O 268 7.03 27.89 -14.52
N TYR O 269 7.33 27.93 -15.82
CA TYR O 269 8.09 26.88 -16.46
C TYR O 269 9.54 27.25 -16.74
N LEU O 270 9.98 28.45 -16.37
CA LEU O 270 11.37 28.85 -16.60
C LEU O 270 12.23 28.81 -15.35
N THR O 271 11.68 29.18 -14.18
CA THR O 271 12.41 29.05 -12.94
C THR O 271 12.19 27.71 -12.26
N GLY O 272 11.23 26.92 -12.73
CA GLY O 272 10.96 25.61 -12.15
C GLY O 272 11.64 24.49 -12.91
N GLY O 273 11.71 24.61 -14.23
CA GLY O 273 12.35 23.61 -15.06
C GLY O 273 11.35 22.82 -15.88
N PHE O 274 11.87 22.17 -16.92
CA PHE O 274 11.03 21.37 -17.80
C PHE O 274 10.63 20.04 -17.17
N THR O 275 11.51 19.47 -16.34
CA THR O 275 11.22 18.18 -15.72
C THR O 275 10.00 18.27 -14.81
N ALA O 276 9.90 19.33 -14.02
CA ALA O 276 8.73 19.50 -13.16
C ALA O 276 7.48 19.89 -13.95
N ASN O 277 7.65 20.55 -15.10
CA ASN O 277 6.50 20.95 -15.91
C ASN O 277 5.87 19.76 -16.63
N THR O 278 6.70 18.83 -17.13
CA THR O 278 6.16 17.67 -17.83
C THR O 278 5.31 16.80 -16.91
N THR O 279 5.76 16.58 -15.67
CA THR O 279 4.97 15.80 -14.72
C THR O 279 3.63 16.48 -14.42
N LEU O 280 3.64 17.80 -14.26
CA LEU O 280 2.40 18.52 -14.01
C LEU O 280 1.44 18.40 -15.19
N ALA O 281 1.98 18.51 -16.41
CA ALA O 281 1.12 18.34 -17.59
C ALA O 281 0.53 16.94 -17.66
N HIS O 282 1.35 15.93 -17.37
CA HIS O 282 0.86 14.55 -17.38
C HIS O 282 -0.24 14.36 -16.35
N TYR O 283 -0.07 14.92 -15.15
CA TYR O 283 -1.11 14.81 -14.14
C TYR O 283 -2.38 15.55 -14.56
N CYS O 284 -2.23 16.72 -15.17
CA CYS O 284 -3.39 17.50 -15.56
C CYS O 284 -4.18 16.81 -16.67
N ARG O 285 -3.50 16.09 -17.56
CA ARG O 285 -4.21 15.37 -18.62
C ARG O 285 -5.13 14.29 -18.03
N ASP O 286 -4.67 13.60 -16.99
CA ASP O 286 -5.37 12.44 -16.45
C ASP O 286 -6.52 12.80 -15.52
N ASN O 287 -6.71 14.08 -15.18
CA ASN O 287 -7.75 14.47 -14.24
C ASN O 287 -8.65 15.59 -14.72
N GLY O 288 -8.46 16.09 -15.94
CA GLY O 288 -9.35 17.08 -16.50
C GLY O 288 -9.19 18.48 -15.92
N LEU O 289 -7.96 18.97 -15.85
CA LEU O 289 -7.67 20.32 -15.39
C LEU O 289 -7.08 21.13 -16.53
N LEU O 290 -7.08 22.45 -16.35
CA LEU O 290 -6.53 23.38 -17.31
C LEU O 290 -5.27 24.02 -16.75
N LEU O 291 -4.26 24.19 -17.60
CA LEU O 291 -2.95 24.67 -17.19
C LEU O 291 -2.71 26.07 -17.77
N HIS O 292 -2.28 26.99 -16.91
CA HIS O 292 -1.93 28.34 -17.31
C HIS O 292 -0.44 28.54 -17.08
N ILE O 293 0.26 29.04 -18.10
CA ILE O 293 1.71 29.17 -18.07
C ILE O 293 2.07 30.65 -18.00
N HIS O 294 2.96 30.99 -17.07
CA HIS O 294 3.43 32.40 -16.92
C HIS O 294 4.94 32.45 -17.16
N ARG O 295 5.39 33.24 -18.15
CA ARG O 295 6.83 33.30 -18.50
C ARG O 295 7.53 34.32 -17.60
N ALA O 296 8.61 33.92 -16.94
CA ALA O 296 9.34 34.83 -16.03
C ALA O 296 10.84 34.66 -16.23
N MET O 297 11.61 35.70 -15.88
CA MET O 297 13.07 35.67 -16.01
C MET O 297 13.50 35.63 -17.48
N HIS O 298 12.56 35.53 -18.42
CA HIS O 298 12.89 35.41 -19.84
C HIS O 298 13.68 36.61 -20.36
N ALA O 299 13.59 37.77 -19.71
CA ALA O 299 14.29 38.96 -20.18
C ALA O 299 15.82 38.82 -20.12
N VAL O 300 16.33 37.86 -19.35
CA VAL O 300 17.78 37.66 -19.26
C VAL O 300 18.33 36.92 -20.47
N ILE O 301 17.48 36.33 -21.30
CA ILE O 301 17.92 35.47 -22.39
C ILE O 301 17.67 36.13 -23.75
N ASP O 302 16.46 36.64 -23.98
CA ASP O 302 16.04 37.09 -25.31
C ASP O 302 15.85 38.59 -25.41
N ARG O 303 16.73 39.37 -24.76
CA ARG O 303 16.61 40.82 -24.88
C ARG O 303 17.58 41.39 -25.91
N GLN O 304 18.85 40.98 -25.88
CA GLN O 304 19.84 41.54 -26.79
C GLN O 304 19.67 40.97 -28.19
N ARG O 305 20.26 41.66 -29.16
CA ARG O 305 20.12 41.31 -30.57
C ARG O 305 21.25 40.43 -31.08
N ASN O 306 22.23 40.08 -30.25
CA ASN O 306 23.37 39.30 -30.71
C ASN O 306 23.77 38.17 -29.78
N HIS O 307 23.11 38.00 -28.64
CA HIS O 307 23.45 36.94 -27.71
C HIS O 307 22.20 36.45 -27.00
N GLY O 308 22.00 35.13 -26.98
CA GLY O 308 20.90 34.52 -26.29
C GLY O 308 20.14 33.60 -27.22
N ILE O 309 18.88 33.33 -26.87
CA ILE O 309 18.00 32.47 -27.64
C ILE O 309 16.70 33.23 -27.89
N HIS O 310 16.23 33.21 -29.13
CA HIS O 310 14.99 33.92 -29.47
C HIS O 310 13.80 33.25 -28.80
N PHE O 311 12.77 34.06 -28.52
CA PHE O 311 11.61 33.58 -27.78
C PHE O 311 10.79 32.57 -28.59
N ARG O 312 10.87 32.62 -29.92
CA ARG O 312 10.06 31.73 -30.74
C ARG O 312 10.50 30.27 -30.61
N VAL O 313 11.71 30.02 -30.12
CA VAL O 313 12.14 28.64 -29.87
C VAL O 313 11.58 28.13 -28.55
N LEU O 314 11.62 28.97 -27.51
CA LEU O 314 10.99 28.63 -26.24
C LEU O 314 9.48 28.49 -26.38
N ALA O 315 8.88 29.17 -27.36
CA ALA O 315 7.45 29.00 -27.61
C ALA O 315 7.16 27.63 -28.21
N LYS O 316 8.00 27.18 -29.16
CA LYS O 316 7.83 25.85 -29.73
C LYS O 316 8.10 24.76 -28.70
N ALA O 317 9.03 25.01 -27.78
CA ALA O 317 9.34 24.01 -26.75
C ALA O 317 8.13 23.75 -25.85
N LEU O 318 7.40 24.81 -25.48
CA LEU O 318 6.28 24.64 -24.57
C LEU O 318 5.16 23.84 -25.20
N ARG O 319 4.92 24.01 -26.50
CA ARG O 319 3.85 23.27 -27.16
C ARG O 319 4.11 21.78 -27.10
N MET O 320 5.37 21.37 -27.27
CA MET O 320 5.72 19.96 -27.11
C MET O 320 5.66 19.53 -25.65
N SER O 321 6.10 20.39 -24.73
CA SER O 321 6.09 20.03 -23.31
C SER O 321 4.66 19.94 -22.79
N GLY O 322 3.84 20.96 -23.07
CA GLY O 322 2.45 20.94 -22.65
C GLY O 322 1.98 22.24 -22.03
N GLY O 323 0.79 22.69 -22.42
CA GLY O 323 0.22 23.91 -21.88
C GLY O 323 -1.02 24.37 -22.62
N ASP O 324 -1.80 25.25 -22.02
CA ASP O 324 -3.02 25.77 -22.63
C ASP O 324 -2.97 27.26 -22.87
N HIS O 325 -2.50 28.05 -21.90
CA HIS O 325 -2.36 29.49 -22.04
C HIS O 325 -0.89 29.88 -21.94
N ILE O 326 -0.55 31.02 -22.54
CA ILE O 326 0.83 31.51 -22.52
C ILE O 326 0.79 33.02 -22.72
N HIS O 327 1.75 33.71 -22.11
CA HIS O 327 1.86 35.18 -22.24
C HIS O 327 2.69 35.48 -23.49
N SER O 328 2.20 36.34 -24.38
CA SER O 328 2.91 36.61 -25.66
C SER O 328 3.41 38.05 -25.69
N GLY O 329 2.48 39.01 -25.70
CA GLY O 329 2.86 40.43 -25.74
C GLY O 329 1.92 41.25 -26.60
N THR O 330 1.43 42.39 -26.09
CA THR O 330 0.55 43.28 -26.90
C THR O 330 1.34 43.77 -28.13
N VAL O 331 0.64 44.22 -29.18
CA VAL O 331 1.36 44.60 -30.43
C VAL O 331 0.95 46.01 -30.86
N VAL O 332 -0.10 46.58 -30.26
CA VAL O 332 -0.57 47.89 -30.70
C VAL O 332 0.45 48.98 -30.46
N GLY O 333 1.47 48.70 -29.64
CA GLY O 333 2.56 49.68 -29.45
C GLY O 333 3.72 49.39 -30.37
N LYS O 334 3.56 48.43 -31.29
CA LYS O 334 4.64 48.06 -32.25
C LYS O 334 4.43 48.81 -33.57
N LEU O 335 5.52 49.22 -34.23
CA LEU O 335 5.42 50.01 -35.48
C LEU O 335 5.89 49.16 -36.66
N GLU O 336 6.04 49.76 -37.85
CA GLU O 336 6.43 48.99 -39.01
C GLU O 336 7.84 48.45 -38.85
N GLY O 337 8.06 47.27 -39.40
CA GLY O 337 9.27 46.51 -39.12
C GLY O 337 9.07 45.54 -37.98
N GLU O 338 8.46 46.02 -36.89
CA GLU O 338 7.98 45.16 -35.83
C GLU O 338 6.55 44.74 -36.14
N ARG O 339 5.92 44.07 -35.18
CA ARG O 339 4.52 43.62 -35.27
C ARG O 339 4.41 42.47 -36.27
N GLU O 340 5.49 42.20 -37.00
CA GLU O 340 5.53 41.10 -37.96
C GLU O 340 6.01 39.80 -37.31
N VAL O 341 7.07 39.87 -36.52
CA VAL O 341 7.57 38.67 -35.84
C VAL O 341 6.56 38.17 -34.82
N THR O 342 5.84 39.10 -34.17
CA THR O 342 4.81 38.69 -33.21
C THR O 342 3.67 37.99 -33.91
N LEU O 343 3.20 38.55 -35.03
CA LEU O 343 2.15 37.89 -35.81
C LEU O 343 2.65 36.57 -36.41
N GLY O 344 3.97 36.43 -36.56
CA GLY O 344 4.50 35.17 -37.07
C GLY O 344 4.50 34.08 -36.01
N PHE O 345 5.01 34.38 -34.81
CA PHE O 345 5.03 33.33 -33.80
C PHE O 345 3.66 33.09 -33.19
N VAL O 346 2.73 34.05 -33.30
CA VAL O 346 1.34 33.77 -32.93
C VAL O 346 0.76 32.71 -33.87
N ASP O 347 1.02 32.85 -35.17
CA ASP O 347 0.60 31.83 -36.13
C ASP O 347 1.27 30.50 -35.83
N LEU O 348 2.56 30.53 -35.49
CA LEU O 348 3.25 29.30 -35.12
C LEU O 348 2.60 28.64 -33.92
N LEU O 349 2.14 29.44 -32.96
CA LEU O 349 1.49 28.89 -31.77
C LEU O 349 0.11 28.31 -32.09
N ARG O 350 -0.65 28.98 -32.95
CA ARG O 350 -2.06 28.63 -33.15
C ARG O 350 -2.34 27.75 -34.36
N ASP O 351 -1.66 27.98 -35.48
CA ASP O 351 -2.01 27.33 -36.73
C ASP O 351 -1.55 25.87 -36.76
N ASP O 352 -1.82 25.20 -37.87
CA ASP O 352 -1.46 23.81 -38.08
C ASP O 352 -0.43 23.60 -39.18
N TYR O 353 -0.35 24.51 -40.14
CA TYR O 353 0.61 24.41 -41.24
C TYR O 353 1.07 25.82 -41.58
N ILE O 354 2.38 26.07 -41.46
CA ILE O 354 2.97 27.38 -41.66
C ILE O 354 4.02 27.27 -42.76
N GLU O 355 3.98 28.20 -43.71
CA GLU O 355 4.92 28.23 -44.83
C GLU O 355 6.10 29.14 -44.50
N LYS O 356 7.14 29.00 -45.32
CA LYS O 356 8.35 29.79 -45.12
C LYS O 356 8.12 31.24 -45.54
N ASP O 357 8.59 32.17 -44.70
CA ASP O 357 8.45 33.59 -44.99
C ASP O 357 9.58 34.32 -44.26
N ARG O 358 10.58 34.76 -45.03
CA ARG O 358 11.73 35.43 -44.42
C ARG O 358 11.39 36.81 -43.88
N SER O 359 10.32 37.44 -44.36
CA SER O 359 9.94 38.76 -43.89
C SER O 359 9.30 38.75 -42.51
N ARG O 360 8.89 37.57 -42.02
CA ARG O 360 8.27 37.46 -40.71
C ARG O 360 9.11 36.65 -39.72
N GLY O 361 10.39 36.44 -40.03
CA GLY O 361 11.27 35.70 -39.13
C GLY O 361 11.08 34.21 -39.14
N ILE O 362 10.59 33.63 -40.23
CA ILE O 362 10.40 32.18 -40.35
C ILE O 362 11.38 31.66 -41.39
N TYR O 363 12.19 30.67 -41.00
CA TYR O 363 13.21 30.12 -41.86
C TYR O 363 12.91 28.72 -42.34
N PHE O 364 11.91 28.05 -41.79
CA PHE O 364 11.63 26.66 -42.13
C PHE O 364 10.12 26.45 -42.26
N THR O 365 9.76 25.41 -43.01
CA THR O 365 8.37 24.99 -43.13
C THR O 365 8.05 23.99 -42.03
N GLN O 366 6.96 24.23 -41.31
CA GLN O 366 6.61 23.44 -40.14
C GLN O 366 5.26 22.77 -40.33
N ASP O 367 5.17 21.50 -39.94
CA ASP O 367 3.94 20.73 -39.98
C ASP O 367 3.74 20.06 -38.63
N TRP O 368 2.55 20.22 -38.06
CA TRP O 368 2.27 19.76 -36.70
C TRP O 368 1.44 18.49 -36.64
N VAL O 369 1.08 17.90 -37.79
CA VAL O 369 0.29 16.68 -37.93
C VAL O 369 -0.77 16.56 -36.84
N SER O 370 -1.72 17.49 -36.82
CA SER O 370 -2.90 17.44 -35.95
C SER O 370 -2.55 17.57 -34.47
N MET O 371 -1.73 18.57 -34.14
CA MET O 371 -1.54 18.82 -32.71
C MET O 371 -2.39 20.02 -32.28
N PRO O 372 -2.93 20.00 -31.07
CA PRO O 372 -3.77 21.11 -30.62
C PRO O 372 -2.98 22.41 -30.46
N GLY O 373 -3.72 23.53 -30.47
CA GLY O 373 -3.11 24.83 -30.39
C GLY O 373 -3.07 25.39 -28.98
N VAL O 374 -2.55 26.60 -28.86
CA VAL O 374 -2.36 27.28 -27.58
C VAL O 374 -2.93 28.69 -27.69
N LEU O 375 -3.67 29.10 -26.65
CA LEU O 375 -4.30 30.42 -26.60
C LEU O 375 -3.29 31.48 -26.14
N PRO O 376 -3.12 32.57 -26.87
CA PRO O 376 -2.23 33.64 -26.44
C PRO O 376 -2.92 34.65 -25.53
N VAL O 377 -2.16 35.23 -24.60
CA VAL O 377 -2.76 36.15 -23.60
C VAL O 377 -2.09 37.54 -23.68
N ALA O 378 -2.88 38.60 -23.83
CA ALA O 378 -2.34 39.98 -23.90
C ALA O 378 -2.37 40.61 -22.51
N SER O 379 -1.47 41.56 -22.24
CA SER O 379 -1.37 42.16 -20.89
C SER O 379 -0.64 43.51 -20.94
N GLY O 380 -0.37 44.10 -19.78
CA GLY O 380 0.32 45.40 -19.71
C GLY O 380 -0.57 46.48 -19.14
N GLY O 381 -0.35 47.74 -19.53
CA GLY O 381 -1.24 48.84 -19.09
C GLY O 381 -2.25 49.17 -20.16
N ILE O 382 -3.47 48.63 -20.06
CA ILE O 382 -4.49 48.83 -21.13
C ILE O 382 -5.81 49.32 -20.50
N HIS O 383 -6.63 50.04 -21.27
CA HIS O 383 -7.93 50.57 -20.77
C HIS O 383 -9.03 50.40 -21.83
N VAL O 384 -10.16 51.10 -21.67
CA VAL O 384 -11.33 50.93 -22.58
C VAL O 384 -11.05 51.47 -23.98
N TRP O 385 -10.22 52.51 -24.11
CA TRP O 385 -9.98 53.13 -25.44
C TRP O 385 -9.10 52.24 -26.32
N HIS O 386 -8.56 51.15 -25.76
CA HIS O 386 -7.66 50.25 -26.53
C HIS O 386 -8.43 49.01 -27.00
N MET O 387 -9.72 48.91 -26.68
CA MET O 387 -10.50 47.68 -27.00
C MET O 387 -10.55 47.43 -28.51
N PRO O 388 -11.07 48.35 -29.37
CA PRO O 388 -11.22 48.03 -30.81
C PRO O 388 -9.94 47.59 -31.48
N ALA O 389 -8.80 48.20 -31.13
CA ALA O 389 -7.53 47.81 -31.73
C ALA O 389 -7.16 46.38 -31.35
N LEU O 390 -7.35 46.03 -30.08
CA LEU O 390 -7.05 44.66 -29.65
C LEU O 390 -7.97 43.65 -30.33
N THR O 391 -9.26 43.99 -30.46
CA THR O 391 -10.20 43.07 -31.10
C THR O 391 -9.87 42.88 -32.57
N GLU O 392 -9.48 43.95 -33.25
CA GLU O 392 -9.20 43.86 -34.68
C GLU O 392 -8.00 42.97 -34.97
N ILE O 393 -6.96 43.07 -34.14
CA ILE O 393 -5.69 42.42 -34.46
C ILE O 393 -5.72 40.94 -34.07
N PHE O 394 -6.01 40.64 -32.81
CA PHE O 394 -5.89 39.27 -32.31
C PHE O 394 -7.04 38.40 -32.80
N GLY O 395 -8.23 38.97 -32.96
CA GLY O 395 -9.41 38.18 -33.24
C GLY O 395 -10.03 37.64 -31.96
N ASP O 396 -11.06 36.81 -32.14
CA ASP O 396 -11.80 36.28 -31.01
C ASP O 396 -11.19 34.95 -30.60
N ASP O 397 -9.87 34.92 -30.46
CA ASP O 397 -9.17 33.72 -30.02
C ASP O 397 -8.05 34.06 -29.04
N SER O 398 -8.33 34.95 -28.08
CA SER O 398 -7.29 35.39 -27.15
C SER O 398 -7.96 35.78 -25.84
N VAL O 399 -7.13 36.04 -24.83
CA VAL O 399 -7.57 36.46 -23.51
C VAL O 399 -6.96 37.82 -23.22
N LEU O 400 -7.79 38.77 -22.79
CA LEU O 400 -7.34 40.12 -22.45
C LEU O 400 -7.32 40.28 -20.94
N GLN O 401 -6.18 40.70 -20.41
CA GLN O 401 -5.99 40.87 -18.98
C GLN O 401 -5.81 42.35 -18.65
N PHE O 402 -6.59 42.83 -17.69
CA PHE O 402 -6.53 44.22 -17.25
C PHE O 402 -5.90 44.31 -15.87
N GLY O 403 -5.03 45.30 -15.69
CA GLY O 403 -4.37 45.50 -14.42
C GLY O 403 -5.00 46.62 -13.63
N GLY O 404 -4.38 47.80 -13.67
CA GLY O 404 -4.91 48.96 -12.96
C GLY O 404 -6.14 49.58 -13.61
N GLY O 405 -6.58 49.05 -14.75
CA GLY O 405 -7.74 49.57 -15.45
C GLY O 405 -9.08 49.06 -14.95
N THR O 406 -9.09 48.27 -13.89
CA THR O 406 -10.32 47.74 -13.32
C THR O 406 -10.52 48.13 -11.87
N LEU O 407 -9.45 48.14 -11.07
CA LEU O 407 -9.52 48.50 -9.66
C LEU O 407 -9.31 49.99 -9.43
N GLY O 408 -9.15 50.78 -10.49
CA GLY O 408 -8.94 52.20 -10.35
C GLY O 408 -10.18 53.03 -10.57
N HIS O 409 -11.32 52.35 -10.79
CA HIS O 409 -12.59 53.07 -11.08
C HIS O 409 -13.00 53.91 -9.89
N PRO O 410 -13.52 55.14 -10.08
CA PRO O 410 -13.86 56.03 -8.96
C PRO O 410 -15.02 55.55 -8.09
N TRP O 411 -15.65 54.43 -8.45
CA TRP O 411 -16.86 53.96 -7.69
C TRP O 411 -16.59 52.59 -7.06
N GLY O 412 -15.66 51.81 -7.61
CA GLY O 412 -15.32 50.50 -7.01
C GLY O 412 -14.92 49.46 -8.04
N ASN O 413 -15.04 48.16 -7.70
CA ASN O 413 -14.63 47.09 -8.59
C ASN O 413 -15.79 46.56 -9.43
N ALA O 414 -16.92 46.27 -8.79
CA ALA O 414 -18.09 45.79 -9.52
C ALA O 414 -18.55 46.78 -10.58
N PRO O 415 -18.72 48.07 -10.30
CA PRO O 415 -18.97 49.02 -11.39
C PRO O 415 -17.82 49.11 -12.38
N GLY O 416 -16.60 48.82 -11.95
CA GLY O 416 -15.47 48.88 -12.86
C GLY O 416 -15.51 47.81 -13.94
N ALA O 417 -15.98 46.61 -13.59
CA ALA O 417 -16.01 45.53 -14.56
C ALA O 417 -17.10 45.74 -15.62
N VAL O 418 -18.18 46.43 -15.24
CA VAL O 418 -19.30 46.62 -16.16
C VAL O 418 -18.88 47.47 -17.35
N ALA O 419 -18.02 48.46 -17.12
CA ALA O 419 -17.56 49.31 -18.23
C ALA O 419 -16.81 48.48 -19.27
N ASN O 420 -15.88 47.63 -18.81
CA ASN O 420 -15.14 46.79 -19.75
C ASN O 420 -16.06 45.82 -20.48
N ARG O 421 -16.99 45.22 -19.74
CA ARG O 421 -17.93 44.24 -20.37
C ARG O 421 -18.77 44.97 -21.43
N VAL O 422 -19.40 46.09 -21.05
CA VAL O 422 -20.26 46.86 -22.00
C VAL O 422 -19.45 47.25 -23.22
N ALA O 423 -18.21 47.71 -23.02
CA ALA O 423 -17.35 48.15 -24.15
C ALA O 423 -17.06 46.98 -25.10
N LEU O 424 -16.62 45.82 -24.57
CA LEU O 424 -16.24 44.69 -25.45
C LEU O 424 -17.41 44.35 -26.38
N GLU O 425 -18.61 44.16 -25.83
CA GLU O 425 -19.79 43.78 -26.65
C GLU O 425 -20.01 44.82 -27.75
N ALA O 426 -19.93 46.11 -27.42
CA ALA O 426 -20.13 47.18 -28.41
C ALA O 426 -19.26 46.93 -29.64
N CYS O 427 -17.97 46.65 -29.43
CA CYS O 427 -17.03 46.45 -30.57
C CYS O 427 -17.47 45.25 -31.40
N VAL O 428 -17.70 44.10 -30.76
CA VAL O 428 -18.07 42.86 -31.50
C VAL O 428 -19.28 43.13 -32.40
N GLN O 429 -20.36 43.69 -31.85
CA GLN O 429 -21.60 43.91 -32.64
C GLN O 429 -21.29 44.71 -33.92
N ALA O 430 -20.76 45.93 -33.77
CA ALA O 430 -20.38 46.74 -34.94
C ALA O 430 -19.65 45.85 -35.95
N ARG O 431 -18.59 45.18 -35.53
CA ARG O 431 -17.78 44.33 -36.43
C ARG O 431 -18.71 43.43 -37.27
N ASN O 432 -19.76 42.88 -36.66
CA ASN O 432 -20.65 41.92 -37.38
C ASN O 432 -21.65 42.67 -38.27
N GLU O 433 -21.44 43.97 -38.50
CA GLU O 433 -22.40 44.77 -39.32
C GLU O 433 -21.65 45.40 -40.50
N GLY O 434 -20.33 45.23 -40.57
CA GLY O 434 -19.56 45.75 -41.71
C GLY O 434 -18.98 47.13 -41.44
N ARG O 435 -18.71 47.46 -40.18
CA ARG O 435 -18.09 48.76 -39.83
C ARG O 435 -16.58 48.56 -39.70
N ASP O 436 -15.79 49.62 -39.87
CA ASP O 436 -14.31 49.47 -39.84
C ASP O 436 -13.79 49.78 -38.43
N LEU O 437 -13.50 48.74 -37.64
CA LEU O 437 -13.02 48.93 -36.24
C LEU O 437 -11.67 49.67 -36.28
N ALA O 438 -11.08 49.81 -37.45
CA ALA O 438 -9.78 50.52 -37.59
C ALA O 438 -10.00 52.03 -37.58
N ARG O 439 -10.56 52.59 -38.65
CA ARG O 439 -10.72 54.04 -38.73
C ARG O 439 -11.55 54.56 -37.55
N GLU O 440 -12.70 53.94 -37.31
CA GLU O 440 -13.56 54.32 -36.20
C GLU O 440 -13.09 53.62 -34.92
N GLY O 441 -13.93 53.69 -33.90
CA GLY O 441 -13.58 53.10 -32.58
C GLY O 441 -13.87 54.12 -31.50
N ASN O 442 -13.31 55.32 -31.62
CA ASN O 442 -13.61 56.40 -30.65
C ASN O 442 -15.11 56.68 -30.71
N ASP O 443 -15.64 56.94 -31.91
CA ASP O 443 -17.09 57.17 -32.07
C ASP O 443 -17.87 56.02 -31.43
N ILE O 444 -17.63 54.79 -31.88
CA ILE O 444 -18.35 53.60 -31.35
C ILE O 444 -18.39 53.68 -29.81
N ILE O 445 -17.24 53.89 -29.18
CA ILE O 445 -17.18 53.92 -27.68
C ILE O 445 -18.09 55.04 -27.15
N ARG O 446 -18.04 56.23 -27.74
CA ARG O 446 -18.84 57.37 -27.22
C ARG O 446 -20.34 57.06 -27.29
N GLU O 447 -20.81 56.51 -28.41
CA GLU O 447 -22.26 56.24 -28.59
C GLU O 447 -22.78 55.33 -27.47
N ALA O 448 -21.96 54.40 -26.98
CA ALA O 448 -22.40 53.46 -25.91
C ALA O 448 -22.40 54.17 -24.56
N SER O 449 -21.42 55.05 -24.33
CA SER O 449 -21.33 55.78 -23.03
C SER O 449 -22.64 56.51 -22.75
N LYS O 450 -23.29 57.03 -23.79
CA LYS O 450 -24.55 57.80 -23.61
C LYS O 450 -25.53 57.02 -22.73
N TRP O 451 -25.72 55.73 -23.00
CA TRP O 451 -26.75 54.95 -22.25
C TRP O 451 -26.13 54.19 -21.07
N SER O 452 -24.84 54.37 -20.80
CA SER O 452 -24.17 53.61 -19.71
C SER O 452 -23.40 54.57 -18.79
N PRO O 453 -23.85 54.79 -17.53
CA PRO O 453 -23.17 55.66 -16.58
C PRO O 453 -21.81 55.11 -16.13
N GLU O 454 -21.69 53.78 -15.99
CA GLU O 454 -20.40 53.16 -15.59
C GLU O 454 -19.40 53.31 -16.74
N LEU O 455 -19.86 53.20 -17.99
CA LEU O 455 -18.95 53.44 -19.14
C LEU O 455 -18.47 54.89 -19.05
N ALA O 456 -19.39 55.83 -18.80
CA ALA O 456 -18.97 57.23 -18.55
C ALA O 456 -18.20 57.22 -17.23
N ALA O 457 -17.73 58.38 -16.75
CA ALA O 457 -16.89 58.40 -15.53
C ALA O 457 -15.55 57.76 -15.85
N ALA O 458 -15.55 56.54 -16.39
CA ALA O 458 -14.29 55.88 -16.82
C ALA O 458 -13.68 56.68 -17.97
N CYS O 459 -14.53 57.32 -18.78
CA CYS O 459 -14.05 58.15 -19.92
C CYS O 459 -13.64 59.53 -19.40
N GLU O 460 -13.85 59.80 -18.11
CA GLU O 460 -13.44 61.08 -17.50
C GLU O 460 -12.13 60.89 -16.74
N VAL O 461 -11.71 59.64 -16.55
CA VAL O 461 -10.43 59.32 -15.83
C VAL O 461 -9.39 58.93 -16.88
N TRP O 462 -9.77 58.13 -17.87
CA TRP O 462 -8.83 57.69 -18.93
C TRP O 462 -9.11 58.45 -20.22
N LYS O 463 -8.09 59.06 -20.82
CA LYS O 463 -8.31 59.91 -22.02
C LYS O 463 -8.29 59.06 -23.30
N GLU O 464 -8.62 59.67 -24.44
CA GLU O 464 -8.74 58.89 -25.71
C GLU O 464 -7.58 59.20 -26.66
N ILE O 465 -7.16 58.21 -27.45
CA ILE O 465 -6.05 58.41 -28.42
C ILE O 465 -6.66 58.93 -29.73
N LYS O 466 -6.05 59.97 -30.31
CA LYS O 466 -6.62 60.58 -31.54
C LYS O 466 -5.52 60.71 -32.59
N TYR P 24 12.48 56.15 -2.36
CA TYR P 24 13.19 54.89 -2.04
C TYR P 24 14.60 55.21 -1.53
N TYR P 25 15.39 55.92 -2.34
CA TYR P 25 16.81 56.18 -1.95
C TYR P 25 16.88 56.74 -0.53
N THR P 26 17.32 55.91 0.42
CA THR P 26 17.48 56.38 1.83
C THR P 26 18.97 56.31 2.18
N PRO P 27 19.79 57.33 1.84
CA PRO P 27 21.23 57.26 2.07
C PRO P 27 21.55 57.14 3.56
N ASP P 28 20.59 57.51 4.41
CA ASP P 28 20.80 57.46 5.88
C ASP P 28 20.33 56.12 6.43
N TYR P 29 19.91 55.21 5.56
CA TYR P 29 19.36 53.90 6.04
C TYR P 29 20.49 53.03 6.61
N GLU P 30 20.18 52.28 7.67
CA GLU P 30 21.18 51.33 8.23
C GLU P 30 20.61 49.91 8.11
N THR P 31 21.27 49.05 7.34
CA THR P 31 20.79 47.66 7.12
C THR P 31 20.57 46.96 8.47
N LYS P 32 19.65 46.01 8.52
CA LYS P 32 19.43 45.23 9.77
C LYS P 32 20.16 43.89 9.65
N ASP P 33 20.10 43.05 10.69
CA ASP P 33 20.83 41.77 10.70
C ASP P 33 20.02 40.69 10.00
N THR P 34 18.77 41.00 9.62
CA THR P 34 17.89 40.01 8.95
C THR P 34 17.39 40.61 7.63
N ASP P 35 18.31 41.04 6.76
CA ASP P 35 17.92 41.65 5.46
C ASP P 35 18.73 41.00 4.34
N ILE P 36 18.15 40.86 3.15
CA ILE P 36 18.91 40.33 1.98
C ILE P 36 19.39 41.52 1.14
N LEU P 37 20.69 41.58 0.84
CA LEU P 37 21.27 42.68 0.10
C LEU P 37 21.73 42.21 -1.28
N ALA P 38 21.64 43.11 -2.25
CA ALA P 38 22.03 42.82 -3.63
C ALA P 38 22.73 44.04 -4.21
N ALA P 39 23.49 43.82 -5.28
CA ALA P 39 24.26 44.89 -5.92
C ALA P 39 24.36 44.59 -7.40
N PHE P 40 23.83 45.49 -8.23
CA PHE P 40 23.91 45.37 -9.67
C PHE P 40 24.58 46.61 -10.26
N ARG P 41 25.14 46.46 -11.45
CA ARG P 41 25.70 47.56 -12.21
C ARG P 41 24.73 47.96 -13.32
N MET P 42 24.71 49.25 -13.63
CA MET P 42 23.70 49.81 -14.52
C MET P 42 24.35 50.69 -15.57
N THR P 43 23.67 50.81 -16.71
CA THR P 43 24.08 51.67 -17.81
C THR P 43 22.89 52.52 -18.22
N PRO P 44 22.65 53.63 -17.53
CA PRO P 44 21.48 54.45 -17.85
C PRO P 44 21.57 55.07 -19.24
N GLN P 45 20.41 55.29 -19.83
CA GLN P 45 20.34 55.97 -21.12
C GLN P 45 20.72 57.44 -20.96
N PRO P 46 21.21 58.07 -22.02
CA PRO P 46 21.60 59.49 -21.93
C PRO P 46 20.42 60.35 -21.51
N GLY P 47 20.63 61.15 -20.45
CA GLY P 47 19.53 62.00 -19.93
C GLY P 47 19.11 61.60 -18.53
N VAL P 48 18.90 60.31 -18.28
CA VAL P 48 18.43 59.83 -16.95
C VAL P 48 19.50 60.14 -15.90
N PRO P 49 19.20 60.92 -14.84
CA PRO P 49 20.16 61.19 -13.77
C PRO P 49 20.47 59.90 -12.99
N PRO P 50 21.68 59.68 -12.44
CA PRO P 50 21.98 58.39 -11.78
C PRO P 50 21.18 58.15 -10.52
N GLU P 51 20.97 59.18 -9.71
CA GLU P 51 20.27 59.00 -8.40
C GLU P 51 18.80 58.63 -8.62
N GLU P 52 18.23 58.99 -9.76
CA GLU P 52 16.80 58.70 -10.06
C GLU P 52 16.68 57.26 -10.55
N ALA P 53 17.63 56.83 -11.39
CA ALA P 53 17.60 55.45 -11.94
C ALA P 53 17.68 54.44 -10.79
N GLY P 54 18.54 54.69 -9.81
CA GLY P 54 18.69 53.70 -8.73
C GLY P 54 17.39 53.41 -8.03
N ALA P 55 16.63 54.45 -7.67
CA ALA P 55 15.36 54.29 -6.92
C ALA P 55 14.31 53.56 -7.78
N ALA P 56 14.43 53.61 -9.09
CA ALA P 56 13.44 52.98 -9.98
C ALA P 56 13.70 51.47 -10.06
N VAL P 57 14.94 51.03 -9.83
CA VAL P 57 15.28 49.59 -9.85
C VAL P 57 14.72 48.93 -8.58
N ALA P 58 14.80 49.62 -7.44
CA ALA P 58 14.29 49.06 -6.16
C ALA P 58 12.77 48.92 -6.21
N ALA P 59 12.08 49.83 -6.91
CA ALA P 59 10.61 49.79 -6.98
C ALA P 59 10.16 48.78 -8.02
N GLU P 60 10.81 48.78 -9.19
CA GLU P 60 10.47 47.81 -10.27
C GLU P 60 10.86 46.41 -9.82
N SER P 61 11.37 46.24 -8.59
CA SER P 61 11.63 44.88 -8.14
C SER P 61 10.66 44.41 -7.07
N SER P 62 10.02 45.37 -6.39
CA SER P 62 9.11 45.03 -5.27
C SER P 62 7.67 45.46 -5.55
N THR P 63 7.27 46.67 -5.15
CA THR P 63 5.86 47.12 -5.29
C THR P 63 5.54 47.53 -6.73
N GLY P 64 6.28 48.49 -7.30
CA GLY P 64 6.00 48.98 -8.65
C GLY P 64 5.49 50.41 -8.62
N THR P 65 5.62 51.09 -7.47
CA THR P 65 5.10 52.47 -7.32
C THR P 65 6.01 53.30 -6.41
N TRP P 66 5.82 54.62 -6.38
CA TRP P 66 6.61 55.52 -5.51
C TRP P 66 5.67 56.31 -4.61
N THR P 67 4.37 55.99 -4.62
CA THR P 67 3.36 56.77 -3.86
C THR P 67 2.60 55.88 -2.88
N THR P 68 1.82 56.47 -1.97
CA THR P 68 1.01 55.68 -1.01
C THR P 68 -0.47 55.77 -1.41
N VAL P 69 -0.76 55.59 -2.69
CA VAL P 69 -2.12 55.73 -3.19
C VAL P 69 -2.92 54.44 -3.00
N TRP P 70 -2.34 53.30 -3.35
CA TRP P 70 -3.03 52.03 -3.22
C TRP P 70 -3.06 51.54 -1.77
N THR P 71 -2.23 52.11 -0.90
CA THR P 71 -2.20 51.70 0.50
C THR P 71 -3.42 52.21 1.25
N SER P 76 -0.42 48.96 7.68
CA SER P 76 0.25 49.74 6.64
C SER P 76 1.22 48.87 5.84
N LEU P 77 1.21 49.05 4.52
CA LEU P 77 2.11 48.31 3.64
C LEU P 77 3.57 48.65 3.97
N ASP P 78 3.95 49.90 3.74
CA ASP P 78 5.23 50.50 4.10
C ASP P 78 6.41 49.52 4.16
N ARG P 79 6.40 48.65 5.18
CA ARG P 79 7.54 47.79 5.46
C ARG P 79 7.72 46.69 4.41
N TYR P 80 6.77 46.52 3.50
CA TYR P 80 6.87 45.39 2.52
C TYR P 80 7.53 45.85 1.23
N LYS P 81 8.50 46.77 1.29
CA LYS P 81 9.11 47.32 0.04
C LYS P 81 10.63 47.32 0.11
N GLY P 82 11.31 47.50 -1.04
CA GLY P 82 12.78 47.55 -1.07
C GLY P 82 13.27 49.00 -1.05
N ARG P 83 14.58 49.21 -0.91
CA ARG P 83 15.10 50.59 -0.78
C ARG P 83 16.58 50.67 -1.22
N CYS P 84 16.94 51.72 -1.96
CA CYS P 84 18.37 51.92 -2.36
C CYS P 84 19.05 52.77 -1.27
N TYR P 85 20.22 52.34 -0.79
CA TYR P 85 20.86 53.07 0.33
C TYR P 85 22.28 53.52 -0.04
N ASP P 86 22.73 53.26 -1.27
CA ASP P 86 24.13 53.59 -1.64
C ASP P 86 24.32 53.60 -3.15
N ILE P 87 25.19 54.49 -3.66
CA ILE P 87 25.51 54.58 -5.08
C ILE P 87 26.96 54.98 -5.23
N GLU P 88 27.69 54.27 -6.09
CA GLU P 88 29.09 54.56 -6.33
C GLU P 88 29.35 54.65 -7.83
N PRO P 89 30.32 55.47 -8.25
CA PRO P 89 30.70 55.52 -9.66
C PRO P 89 31.83 54.55 -9.99
N VAL P 90 31.72 53.85 -11.11
CA VAL P 90 32.75 52.89 -11.49
C VAL P 90 33.90 53.61 -12.16
N ALA P 91 35.12 53.37 -11.67
CA ALA P 91 36.31 53.99 -12.23
C ALA P 91 36.66 53.37 -13.57
N GLY P 92 37.13 54.21 -14.49
CA GLY P 92 37.52 53.77 -15.82
C GLY P 92 36.46 53.89 -16.87
N GLU P 93 35.18 54.00 -16.48
CA GLU P 93 34.08 54.16 -17.42
C GLU P 93 33.13 55.20 -16.86
N GLU P 94 32.79 56.20 -17.69
CA GLU P 94 31.99 57.32 -17.21
C GLU P 94 30.54 56.90 -16.98
N ASN P 95 29.99 56.04 -17.84
CA ASN P 95 28.59 55.63 -17.75
C ASN P 95 28.52 54.25 -17.11
N GLN P 96 28.72 54.22 -15.79
CA GLN P 96 28.64 52.98 -15.03
C GLN P 96 28.53 53.32 -13.55
N TYR P 97 27.63 52.63 -12.85
CA TYR P 97 27.41 52.87 -11.44
C TYR P 97 27.08 51.54 -10.74
N ILE P 98 27.22 51.54 -9.42
CA ILE P 98 26.91 50.39 -8.58
C ILE P 98 25.83 50.82 -7.59
N ALA P 99 24.76 50.03 -7.51
CA ALA P 99 23.64 50.32 -6.63
C ALA P 99 23.52 49.23 -5.57
N TYR P 100 22.91 49.60 -4.44
CA TYR P 100 22.70 48.70 -3.32
C TYR P 100 21.23 48.71 -2.92
N VAL P 101 20.65 47.53 -2.74
CA VAL P 101 19.23 47.39 -2.40
C VAL P 101 19.12 46.44 -1.22
N ALA P 102 18.15 46.72 -0.34
CA ALA P 102 17.87 45.89 0.82
C ALA P 102 16.43 45.42 0.79
N TYR P 103 16.21 44.17 1.19
CA TYR P 103 14.88 43.57 1.17
C TYR P 103 14.52 43.04 2.55
N PRO P 104 13.23 43.11 2.91
CA PRO P 104 12.80 42.52 4.19
C PRO P 104 12.85 41.01 4.16
N LEU P 105 12.87 40.42 5.37
CA LEU P 105 12.97 38.98 5.49
C LEU P 105 11.65 38.27 5.21
N ASP P 106 10.52 38.90 5.52
CA ASP P 106 9.21 38.26 5.40
C ASP P 106 8.71 38.14 3.97
N LEU P 107 9.54 38.44 2.98
CA LEU P 107 9.14 38.39 1.58
C LEU P 107 9.47 37.07 0.91
N PHE P 108 10.10 36.13 1.61
CA PHE P 108 10.60 34.91 1.01
C PHE P 108 10.05 33.69 1.76
N GLU P 109 9.85 32.61 1.01
CA GLU P 109 9.37 31.35 1.57
C GLU P 109 10.55 30.51 2.04
N GLU P 110 10.42 29.91 3.22
CA GLU P 110 11.50 29.16 3.82
C GLU P 110 11.80 27.89 3.01
N GLY P 111 13.08 27.63 2.78
CA GLY P 111 13.49 26.39 2.14
C GLY P 111 13.30 26.33 0.64
N SER P 112 12.96 27.45 0.00
CA SER P 112 12.69 27.47 -1.44
C SER P 112 13.74 28.34 -2.12
N VAL P 113 14.44 27.76 -3.10
CA VAL P 113 15.37 28.53 -3.91
C VAL P 113 14.67 29.13 -5.13
N THR P 114 13.65 28.46 -5.66
CA THR P 114 12.91 28.98 -6.81
C THR P 114 12.24 30.31 -6.49
N ASN P 115 11.71 30.45 -5.27
CA ASN P 115 11.03 31.68 -4.90
C ASN P 115 11.99 32.84 -4.76
N MET P 116 13.24 32.59 -4.35
CA MET P 116 14.21 33.66 -4.20
C MET P 116 14.55 34.30 -5.54
N PHE P 117 14.72 33.49 -6.58
CA PHE P 117 15.06 34.04 -7.89
C PHE P 117 13.88 34.74 -8.53
N THR P 118 12.67 34.17 -8.41
CA THR P 118 11.51 34.75 -9.06
C THR P 118 11.05 36.06 -8.42
N SER P 119 11.55 36.40 -7.24
CA SER P 119 11.17 37.64 -6.58
C SER P 119 12.20 38.75 -6.82
N ILE P 120 13.48 38.46 -6.62
CA ILE P 120 14.51 39.46 -6.86
C ILE P 120 14.58 39.82 -8.33
N VAL P 121 14.54 38.81 -9.21
CA VAL P 121 14.57 39.03 -10.66
C VAL P 121 13.39 38.27 -11.26
N GLY P 122 12.26 38.96 -11.42
CA GLY P 122 11.18 38.42 -12.21
C GLY P 122 10.90 39.29 -13.40
N ASN P 123 11.02 40.61 -13.21
CA ASN P 123 11.01 41.55 -14.34
C ASN P 123 11.83 42.79 -13.91
N VAL P 124 13.13 42.74 -14.19
CA VAL P 124 13.99 43.91 -14.03
C VAL P 124 14.86 44.16 -15.25
N PHE P 125 15.12 43.16 -16.09
CA PHE P 125 15.91 43.34 -17.29
C PHE P 125 15.08 43.81 -18.48
N GLY P 126 13.76 43.85 -18.34
CA GLY P 126 12.89 44.41 -19.34
C GLY P 126 12.64 45.89 -19.21
N PHE P 127 13.30 46.53 -18.23
CA PHE P 127 13.15 47.99 -18.03
C PHE P 127 13.77 48.71 -19.22
N LYS P 128 13.04 49.66 -19.82
CA LYS P 128 13.54 50.31 -21.07
C LYS P 128 14.49 51.46 -20.73
N ALA P 129 14.22 52.21 -19.67
CA ALA P 129 15.05 53.39 -19.34
C ALA P 129 16.52 52.97 -19.14
N LEU P 130 16.84 51.68 -19.27
CA LEU P 130 18.23 51.28 -19.16
C LEU P 130 18.68 50.61 -20.46
N ARG P 131 19.97 50.33 -20.54
CA ARG P 131 20.55 49.63 -21.68
C ARG P 131 21.21 48.31 -21.32
N ALA P 132 21.68 48.13 -20.10
CA ALA P 132 22.34 46.89 -19.70
C ALA P 132 22.32 46.80 -18.17
N LEU P 133 22.14 45.57 -17.67
CA LEU P 133 22.10 45.32 -16.24
C LEU P 133 22.78 44.00 -15.94
N ARG P 134 23.39 43.89 -14.76
CA ARG P 134 24.10 42.67 -14.38
C ARG P 134 24.12 42.57 -12.86
N LEU P 135 23.61 41.45 -12.33
CA LEU P 135 23.69 41.18 -10.91
C LEU P 135 25.06 40.62 -10.56
N GLU P 136 25.60 41.03 -9.42
CA GLU P 136 26.96 40.69 -9.05
C GLU P 136 27.07 39.84 -7.80
N ASP P 137 26.38 40.20 -6.72
CA ASP P 137 26.59 39.51 -5.45
C ASP P 137 25.31 39.56 -4.61
N LEU P 138 25.26 38.71 -3.57
CA LEU P 138 24.09 38.69 -2.66
C LEU P 138 24.57 38.33 -1.25
N ARG P 139 23.90 38.84 -0.22
CA ARG P 139 24.26 38.46 1.17
C ARG P 139 23.08 37.73 1.81
N ILE P 140 23.29 36.50 2.26
CA ILE P 140 22.20 35.69 2.90
C ILE P 140 22.44 35.67 4.41
N PRO P 141 21.56 36.27 5.24
CA PRO P 141 21.78 36.32 6.68
C PRO P 141 21.68 34.94 7.29
N PRO P 142 22.32 34.70 8.44
CA PRO P 142 22.22 33.38 9.09
C PRO P 142 20.82 33.01 9.52
N ALA P 143 19.93 33.99 9.72
CA ALA P 143 18.56 33.70 10.09
C ALA P 143 17.77 33.08 8.95
N TYR P 144 18.28 33.11 7.73
CA TYR P 144 17.62 32.52 6.58
C TYR P 144 18.29 31.25 6.07
N SER P 145 19.59 31.08 6.33
CA SER P 145 20.30 29.90 5.88
C SER P 145 19.97 28.65 6.70
N LYS P 146 19.47 28.83 7.92
CA LYS P 146 19.23 27.69 8.81
C LYS P 146 18.02 26.86 8.38
N THR P 147 17.22 27.33 7.43
CA THR P 147 16.06 26.59 6.96
C THR P 147 16.38 25.67 5.78
N PHE P 148 17.63 25.64 5.31
CA PHE P 148 18.04 24.79 4.21
C PHE P 148 18.82 23.59 4.75
N GLN P 149 18.88 22.53 3.94
CA GLN P 149 19.60 21.34 4.36
C GLN P 149 21.08 21.44 4.03
N GLY P 150 21.42 21.89 2.83
CA GLY P 150 22.80 22.04 2.44
C GLY P 150 23.34 20.82 1.70
N PRO P 151 24.67 20.71 1.62
CA PRO P 151 25.26 19.56 0.95
C PRO P 151 24.93 18.28 1.70
N PRO P 152 24.82 17.16 0.99
CA PRO P 152 24.47 15.90 1.66
C PRO P 152 25.51 15.47 2.70
N HIS P 153 26.78 15.38 2.33
CA HIS P 153 27.82 14.90 3.22
C HIS P 153 28.84 15.99 3.54
N GLY P 154 29.48 16.57 2.52
CA GLY P 154 30.48 17.60 2.72
C GLY P 154 31.85 17.16 2.24
N ILE P 155 32.88 17.65 2.91
CA ILE P 155 34.27 17.36 2.55
C ILE P 155 34.91 16.38 3.51
N GLN P 156 34.83 16.67 4.81
CA GLN P 156 35.46 15.80 5.81
C GLN P 156 34.81 14.42 5.84
N VAL P 157 33.48 14.37 5.72
CA VAL P 157 32.78 13.09 5.76
C VAL P 157 33.10 12.26 4.52
N GLU P 158 33.21 12.91 3.36
CA GLU P 158 33.45 12.18 2.12
C GLU P 158 34.82 11.51 2.12
N ARG P 159 35.84 12.21 2.64
CA ARG P 159 37.19 11.64 2.65
C ARG P 159 37.27 10.41 3.55
N ASP P 160 36.47 10.35 4.60
CA ASP P 160 36.46 9.18 5.48
C ASP P 160 35.82 7.98 4.81
N LYS P 161 34.83 8.19 3.93
CA LYS P 161 34.18 7.08 3.26
C LYS P 161 35.10 6.43 2.22
N LEU P 162 36.04 7.20 1.66
CA LEU P 162 36.93 6.70 0.62
C LEU P 162 38.29 6.28 1.15
N ASN P 163 38.68 6.74 2.34
CA ASN P 163 39.96 6.41 2.96
C ASN P 163 41.13 6.86 2.08
N LYS P 164 41.13 8.16 1.76
CA LYS P 164 42.17 8.76 0.94
C LYS P 164 42.55 10.09 1.58
N TYR P 165 43.83 10.25 1.92
CA TYR P 165 44.32 11.44 2.57
C TYR P 165 45.64 11.90 1.95
N GLY P 166 45.91 13.21 2.02
CA GLY P 166 47.23 13.70 1.59
C GLY P 166 47.30 14.34 0.22
N ARG P 167 46.74 13.71 -0.81
CA ARG P 167 46.93 14.23 -2.19
C ARG P 167 45.61 14.47 -2.89
N PRO P 168 45.59 15.22 -4.01
CA PRO P 168 44.36 15.38 -4.81
C PRO P 168 43.92 14.08 -5.48
N LEU P 169 42.61 13.90 -5.69
CA LEU P 169 42.08 12.74 -6.37
C LEU P 169 42.23 12.89 -7.89
N LEU P 170 42.13 11.76 -8.58
CA LEU P 170 42.31 11.71 -10.03
C LEU P 170 41.07 11.13 -10.68
N GLY P 171 40.87 11.47 -11.96
CA GLY P 171 39.74 10.97 -12.70
C GLY P 171 39.96 11.12 -14.19
N CYS P 172 39.04 10.53 -14.95
CA CYS P 172 39.10 10.58 -16.41
C CYS P 172 37.69 10.45 -16.96
N THR P 173 37.51 10.81 -18.23
CA THR P 173 36.20 10.72 -18.86
C THR P 173 36.26 10.16 -20.27
N ILE P 174 35.43 9.17 -20.57
CA ILE P 174 35.37 8.64 -21.93
C ILE P 174 34.65 9.67 -22.77
N LYS P 175 35.41 10.54 -23.42
CA LYS P 175 34.79 11.65 -24.16
C LYS P 175 34.26 11.34 -25.55
N PRO P 176 35.15 10.97 -26.50
CA PRO P 176 34.68 10.79 -27.88
C PRO P 176 33.87 9.51 -28.10
N LYS P 177 34.45 8.54 -28.79
CA LYS P 177 33.77 7.27 -29.02
C LYS P 177 32.38 7.43 -29.62
N LEU P 178 31.34 7.17 -28.85
CA LEU P 178 29.96 7.22 -29.32
C LEU P 178 29.65 6.09 -30.29
N GLY P 179 28.47 5.49 -30.17
CA GLY P 179 28.10 4.35 -30.97
C GLY P 179 28.63 3.03 -30.47
N LEU P 180 29.40 3.01 -29.40
CA LEU P 180 29.94 1.79 -28.86
C LEU P 180 28.86 0.96 -28.18
N SER P 181 29.02 -0.36 -28.22
CA SER P 181 28.09 -1.25 -27.56
C SER P 181 28.30 -1.22 -26.05
N ALA P 182 27.32 -1.76 -25.33
CA ALA P 182 27.41 -1.80 -23.87
C ALA P 182 28.56 -2.68 -23.42
N LYS P 183 28.79 -3.79 -24.10
CA LYS P 183 29.91 -4.65 -23.73
C LYS P 183 31.21 -3.89 -23.92
N ASN P 184 31.38 -3.26 -25.07
CA ASN P 184 32.63 -2.56 -25.35
C ASN P 184 32.79 -1.32 -24.49
N TYR P 185 31.69 -0.69 -24.08
CA TYR P 185 31.78 0.48 -23.22
C TYR P 185 32.39 0.12 -21.87
N GLY P 186 32.02 -1.03 -21.31
CA GLY P 186 32.59 -1.47 -20.05
C GLY P 186 34.00 -1.99 -20.14
N ARG P 187 34.50 -2.25 -21.35
CA ARG P 187 35.89 -2.68 -21.51
C ARG P 187 36.86 -1.54 -21.19
N ALA P 188 36.58 -0.34 -21.70
CA ALA P 188 37.47 0.80 -21.45
C ALA P 188 37.43 1.23 -20.00
N VAL P 189 36.30 1.05 -19.31
CA VAL P 189 36.22 1.43 -17.91
C VAL P 189 37.14 0.56 -17.07
N TYR P 190 37.19 -0.74 -17.34
CA TYR P 190 38.01 -1.65 -16.55
C TYR P 190 39.50 -1.35 -16.73
N GLU P 191 39.92 -1.01 -17.96
CA GLU P 191 41.33 -0.75 -18.23
C GLU P 191 41.82 0.47 -17.46
N CYS P 192 41.05 1.56 -17.50
CA CYS P 192 41.49 2.80 -16.87
C CYS P 192 41.55 2.67 -15.35
N LEU P 193 40.57 2.01 -14.75
CA LEU P 193 40.52 1.90 -13.30
C LEU P 193 41.66 1.03 -12.77
N ARG P 194 42.06 0.01 -13.51
CA ARG P 194 43.15 -0.87 -13.08
C ARG P 194 44.51 -0.17 -13.11
N GLY P 195 44.66 0.85 -13.94
CA GLY P 195 45.94 1.54 -14.06
C GLY P 195 46.33 2.36 -12.85
N GLY P 196 45.34 2.81 -12.09
CA GLY P 196 45.62 3.57 -10.88
C GLY P 196 44.74 4.79 -10.67
N LEU P 197 43.79 5.01 -11.57
CA LEU P 197 42.88 6.14 -11.43
C LEU P 197 41.87 5.86 -10.32
N ASP P 198 41.17 6.93 -9.92
CA ASP P 198 40.20 6.84 -8.83
C ASP P 198 38.75 6.85 -9.32
N PHE P 199 38.42 7.71 -10.26
CA PHE P 199 37.05 7.86 -10.74
C PHE P 199 37.02 7.76 -12.27
N THR P 200 35.82 7.57 -12.79
CA THR P 200 35.64 7.50 -14.24
C THR P 200 34.31 8.17 -14.55
N ASP P 202 31.18 9.88 -17.30
CA ASP P 202 30.41 9.48 -18.45
C ASP P 202 30.38 10.66 -19.40
N ASP P 203 29.42 10.68 -20.31
CA ASP P 203 29.29 11.83 -21.20
C ASP P 203 27.99 12.55 -20.89
N GLU P 204 28.00 13.88 -21.03
CA GLU P 204 26.85 14.67 -20.63
C GLU P 204 25.62 14.34 -21.46
N ASN P 205 25.78 14.18 -22.76
CA ASN P 205 24.64 13.90 -23.64
C ASN P 205 24.46 12.40 -23.88
N VAL P 206 24.44 11.63 -22.80
CA VAL P 206 24.16 10.20 -22.88
C VAL P 206 23.20 9.82 -21.76
N ASN P 207 21.91 9.69 -22.08
CA ASN P 207 20.91 9.26 -21.12
C ASN P 207 20.28 7.93 -21.51
N SER P 208 19.64 7.86 -22.68
CA SER P 208 19.06 6.63 -23.20
C SER P 208 18.79 6.79 -24.69
N GLN P 209 19.47 6.00 -25.51
CA GLN P 209 19.42 6.14 -26.95
C GLN P 209 19.29 4.77 -27.59
N PRO P 210 18.84 4.71 -28.85
CA PRO P 210 18.65 3.40 -29.49
C PRO P 210 19.91 2.54 -29.54
N PHE P 211 21.10 3.16 -29.64
CA PHE P 211 22.32 2.37 -29.71
C PHE P 211 22.78 1.87 -28.35
N MET P 212 22.25 2.41 -27.25
CA MET P 212 22.61 1.94 -25.92
C MET P 212 21.54 2.38 -24.94
N ARG P 213 20.85 1.42 -24.34
CA ARG P 213 19.84 1.72 -23.33
C ARG P 213 20.48 1.83 -21.95
N TRP P 214 19.73 2.43 -21.02
CA TRP P 214 20.31 2.78 -19.73
C TRP P 214 20.43 1.58 -18.79
N ARG P 215 19.51 0.61 -18.85
CA ARG P 215 19.51 -0.45 -17.84
C ARG P 215 20.67 -1.40 -18.03
N ASP P 216 20.96 -1.80 -19.28
CA ASP P 216 22.05 -2.73 -19.52
C ASP P 216 23.42 -2.07 -19.52
N ARG P 217 23.47 -0.74 -19.58
CA ARG P 217 24.74 -0.05 -19.39
C ARG P 217 25.13 0.00 -17.91
N PHE P 218 24.15 0.11 -17.02
CA PHE P 218 24.42 0.06 -15.59
C PHE P 218 24.96 -1.31 -15.18
N LEU P 219 24.42 -2.38 -15.77
CA LEU P 219 24.82 -3.73 -15.38
C LEU P 219 26.27 -4.01 -15.73
N PHE P 220 26.70 -3.58 -16.92
CA PHE P 220 28.07 -3.88 -17.36
C PHE P 220 29.09 -3.00 -16.65
N VAL P 221 28.71 -1.79 -16.25
CA VAL P 221 29.64 -0.91 -15.55
C VAL P 221 29.91 -1.44 -14.14
N ALA P 222 28.86 -1.88 -13.44
CA ALA P 222 29.04 -2.37 -12.08
C ALA P 222 29.89 -3.63 -12.03
N GLU P 223 29.86 -4.44 -13.09
CA GLU P 223 30.67 -5.66 -13.13
C GLU P 223 32.15 -5.34 -13.16
N ALA P 224 32.54 -4.30 -13.89
CA ALA P 224 33.96 -3.94 -14.00
C ALA P 224 34.51 -3.32 -12.73
N ILE P 225 33.67 -2.65 -11.94
CA ILE P 225 34.14 -2.03 -10.70
C ILE P 225 34.58 -3.10 -9.71
N PHE P 226 33.80 -4.17 -9.57
CA PHE P 226 34.13 -5.21 -8.61
C PHE P 226 35.43 -5.92 -8.97
N LYS P 227 35.66 -6.16 -10.27
CA LYS P 227 36.88 -6.85 -10.69
C LYS P 227 38.12 -6.03 -10.38
N SER P 228 38.09 -4.74 -10.66
CA SER P 228 39.25 -3.89 -10.43
C SER P 228 39.51 -3.66 -8.95
N GLN P 229 38.54 -3.92 -8.09
CA GLN P 229 38.70 -3.74 -6.65
C GLN P 229 39.40 -4.92 -5.98
N ALA P 230 39.54 -6.05 -6.65
CA ALA P 230 40.15 -7.24 -6.08
C ALA P 230 41.64 -7.35 -6.37
N GLU P 231 42.14 -6.63 -7.38
CA GLU P 231 43.56 -6.65 -7.71
C GLU P 231 44.36 -5.59 -6.96
N THR P 232 43.77 -4.43 -6.67
CA THR P 232 44.49 -3.35 -6.03
C THR P 232 44.10 -3.13 -4.57
N GLY P 233 42.92 -3.58 -4.16
CA GLY P 233 42.48 -3.37 -2.80
C GLY P 233 42.21 -1.92 -2.45
N GLU P 234 41.63 -1.16 -3.38
CA GLU P 234 41.32 0.24 -3.15
C GLU P 234 39.91 0.51 -3.67
N ILE P 235 39.27 1.53 -3.10
CA ILE P 235 37.89 1.86 -3.43
C ILE P 235 37.86 2.62 -4.74
N LYS P 236 37.02 2.19 -5.67
CA LYS P 236 36.87 2.81 -6.98
C LYS P 236 35.41 3.15 -7.22
N GLY P 237 35.17 4.08 -8.12
CA GLY P 237 33.82 4.52 -8.40
C GLY P 237 33.67 5.00 -9.82
N HIS P 238 32.44 5.38 -10.18
CA HIS P 238 32.12 5.82 -11.52
C HIS P 238 30.82 6.62 -11.46
N TYR P 239 30.80 7.78 -12.12
CA TYR P 239 29.62 8.64 -12.11
C TYR P 239 28.60 8.13 -13.11
N LEU P 240 27.38 7.87 -12.63
CA LEU P 240 26.29 7.39 -13.48
C LEU P 240 25.29 8.52 -13.67
N ASN P 241 24.98 8.83 -14.93
CA ASN P 241 24.07 9.92 -15.25
C ASN P 241 22.65 9.54 -14.88
N ALA P 242 21.94 10.45 -14.22
CA ALA P 242 20.58 10.19 -13.75
C ALA P 242 19.58 11.22 -14.25
N THR P 243 19.96 12.04 -15.23
CA THR P 243 19.03 13.02 -15.78
C THR P 243 17.94 12.32 -16.58
N ALA P 244 16.72 12.84 -16.49
CA ALA P 244 15.57 12.25 -17.18
C ALA P 244 14.60 13.35 -17.55
N GLY P 245 13.59 12.97 -18.34
CA GLY P 245 12.59 13.92 -18.79
C GLY P 245 11.44 14.11 -17.84
N THR P 246 11.25 13.16 -16.92
CA THR P 246 10.19 13.22 -15.93
C THR P 246 10.75 12.83 -14.57
N CYS P 247 10.09 13.31 -13.52
CA CYS P 247 10.56 13.03 -12.16
C CYS P 247 10.31 11.57 -11.77
N GLU P 248 9.27 10.95 -12.33
CA GLU P 248 9.04 9.53 -12.07
C GLU P 248 10.15 8.67 -12.64
N GLU P 249 10.65 9.02 -13.83
CA GLU P 249 11.74 8.28 -14.45
C GLU P 249 13.09 8.55 -13.81
N MET P 250 13.32 9.78 -13.33
CA MET P 250 14.60 10.11 -12.71
C MET P 250 14.81 9.33 -11.41
N MET P 251 13.76 9.20 -10.60
CA MET P 251 13.89 8.48 -9.34
C MET P 251 14.03 6.97 -9.55
N LYS P 252 13.53 6.43 -10.66
CA LYS P 252 13.70 5.01 -10.92
C LYS P 252 15.16 4.65 -11.14
N ARG P 253 15.90 5.50 -11.85
CA ARG P 253 17.31 5.23 -12.12
C ARG P 253 18.18 5.40 -10.88
N ALA P 254 17.76 6.20 -9.90
CA ALA P 254 18.52 6.37 -8.67
C ALA P 254 18.38 5.18 -7.74
N GLN P 255 17.22 4.53 -7.71
CA GLN P 255 17.02 3.39 -6.83
C GLN P 255 17.74 2.15 -7.34
N PHE P 256 17.88 2.00 -8.66
CA PHE P 256 18.60 0.85 -9.20
C PHE P 256 20.09 0.95 -8.92
N ALA P 257 20.62 2.16 -8.76
CA ALA P 257 22.03 2.32 -8.43
C ALA P 257 22.32 1.98 -6.97
N ARG P 258 21.29 1.95 -6.12
CA ARG P 258 21.50 1.59 -4.72
C ARG P 258 21.48 0.07 -4.53
N GLU P 259 20.70 -0.64 -5.34
CA GLU P 259 20.65 -2.09 -5.24
C GLU P 259 21.99 -2.72 -5.59
N LEU P 260 22.71 -2.16 -6.56
CA LEU P 260 24.02 -2.65 -6.95
C LEU P 260 25.13 -2.11 -6.05
N GLY P 261 24.82 -1.25 -5.10
CA GLY P 261 25.81 -0.68 -4.21
C GLY P 261 26.78 0.28 -4.87
N MET P 262 26.30 1.11 -5.80
CA MET P 262 27.15 2.13 -6.38
C MET P 262 27.28 3.32 -5.44
N PRO P 263 28.44 3.97 -5.42
CA PRO P 263 28.69 5.04 -4.43
C PRO P 263 28.32 6.45 -4.85
N ILE P 264 28.11 6.73 -6.14
CA ILE P 264 28.00 8.11 -6.61
C ILE P 264 27.10 8.16 -7.84
N VAL P 265 26.42 9.29 -8.02
CA VAL P 265 25.55 9.56 -9.16
C VAL P 265 25.91 10.95 -9.71
N MET P 266 25.17 11.37 -10.74
CA MET P 266 25.45 12.61 -11.44
C MET P 266 24.13 13.24 -11.89
N HIS P 267 24.12 14.58 -11.93
CA HIS P 267 22.94 15.32 -12.35
C HIS P 267 23.37 16.61 -13.03
N ASP P 268 22.47 17.15 -13.84
CA ASP P 268 22.65 18.45 -14.52
C ASP P 268 21.58 19.40 -13.98
N TYR P 269 22.02 20.45 -13.28
CA TYR P 269 21.12 21.28 -12.49
C TYR P 269 20.70 22.56 -13.20
N LEU P 270 21.18 22.82 -14.41
CA LEU P 270 20.81 24.03 -15.13
C LEU P 270 19.79 23.79 -16.23
N THR P 271 19.73 22.58 -16.79
CA THR P 271 18.71 22.23 -17.77
C THR P 271 17.57 21.40 -17.18
N GLY P 272 17.77 20.82 -16.00
CA GLY P 272 16.73 20.05 -15.34
C GLY P 272 15.85 20.90 -14.45
N GLY P 273 16.41 21.94 -13.86
CA GLY P 273 15.68 22.86 -13.03
C GLY P 273 16.09 22.76 -11.57
N PHE P 274 15.67 23.77 -10.81
CA PHE P 274 15.97 23.81 -9.38
C PHE P 274 15.03 22.94 -8.56
N THR P 275 13.76 22.82 -8.98
CA THR P 275 12.80 22.01 -8.24
C THR P 275 13.21 20.54 -8.24
N ALA P 276 13.64 20.03 -9.39
CA ALA P 276 14.03 18.62 -9.47
C ALA P 276 15.33 18.36 -8.74
N ASN P 277 16.25 19.33 -8.71
CA ASN P 277 17.53 19.14 -8.05
C ASN P 277 17.37 19.00 -6.54
N THR P 278 16.47 19.76 -5.94
CA THR P 278 16.26 19.67 -4.49
C THR P 278 15.68 18.33 -4.09
N THR P 279 14.81 17.75 -4.92
CA THR P 279 14.24 16.44 -4.61
C THR P 279 15.32 15.37 -4.60
N LEU P 280 16.27 15.43 -5.54
CA LEU P 280 17.32 14.43 -5.61
C LEU P 280 18.29 14.55 -4.43
N ALA P 281 18.52 15.77 -3.94
CA ALA P 281 19.44 15.96 -2.83
C ALA P 281 18.90 15.33 -1.55
N HIS P 282 17.59 15.44 -1.31
CA HIS P 282 16.99 14.84 -0.12
C HIS P 282 17.11 13.33 -0.14
N TYR P 283 16.92 12.71 -1.32
CA TYR P 283 17.00 11.26 -1.42
C TYR P 283 18.40 10.76 -1.10
N CYS P 284 19.43 11.46 -1.58
CA CYS P 284 20.81 11.02 -1.36
C CYS P 284 21.17 11.05 0.12
N ARG P 285 20.69 12.05 0.85
CA ARG P 285 21.00 12.14 2.28
C ARG P 285 20.41 10.99 3.06
N ASP P 286 19.22 10.52 2.68
CA ASP P 286 18.53 9.46 3.41
C ASP P 286 19.00 8.06 3.02
N ASN P 287 19.87 7.93 2.02
CA ASN P 287 20.32 6.62 1.57
C ASN P 287 21.83 6.47 1.49
N GLY P 288 22.60 7.55 1.67
CA GLY P 288 24.05 7.44 1.67
C GLY P 288 24.65 7.37 0.27
N LEU P 289 24.43 8.41 -0.52
CA LEU P 289 24.98 8.51 -1.86
C LEU P 289 25.66 9.85 -2.05
N LEU P 290 26.63 9.89 -2.95
CA LEU P 290 27.35 11.11 -3.29
C LEU P 290 26.79 11.71 -4.57
N LEU P 291 26.79 13.03 -4.64
CA LEU P 291 26.20 13.77 -5.76
C LEU P 291 27.28 14.53 -6.49
N HIS P 292 27.28 14.42 -7.83
CA HIS P 292 28.19 15.16 -8.70
C HIS P 292 27.36 16.06 -9.60
N ILE P 293 27.80 17.32 -9.73
CA ILE P 293 27.03 18.34 -10.44
C ILE P 293 27.82 18.80 -11.66
N HIS P 294 27.14 18.88 -12.81
CA HIS P 294 27.78 19.38 -14.05
C HIS P 294 27.06 20.68 -14.47
N ARG P 295 27.79 21.66 -14.99
CA ARG P 295 27.17 22.98 -15.34
C ARG P 295 27.04 23.12 -16.85
N ALA P 296 25.89 22.75 -17.42
CA ALA P 296 25.71 22.81 -18.88
C ALA P 296 24.77 23.97 -19.24
N MET P 297 25.01 24.63 -20.37
CA MET P 297 24.20 25.74 -20.85
C MET P 297 24.54 27.05 -20.12
N HIS P 298 25.43 27.01 -19.11
CA HIS P 298 25.75 28.18 -18.31
C HIS P 298 26.31 29.33 -19.14
N ALA P 299 26.97 29.05 -20.27
CA ALA P 299 27.63 30.09 -21.05
C ALA P 299 26.65 31.08 -21.66
N VAL P 300 25.36 30.74 -21.74
CA VAL P 300 24.37 31.65 -22.30
C VAL P 300 24.02 32.80 -21.35
N ILE P 301 24.41 32.70 -20.09
CA ILE P 301 24.00 33.65 -19.06
C ILE P 301 25.14 34.55 -18.60
N ASP P 302 26.33 33.98 -18.42
CA ASP P 302 27.42 34.66 -17.72
C ASP P 302 28.69 34.74 -18.56
N ARG P 303 28.58 35.15 -19.82
CA ARG P 303 29.76 35.34 -20.65
C ARG P 303 30.05 36.81 -20.94
N GLN P 304 29.02 37.60 -21.22
CA GLN P 304 29.22 39.02 -21.51
C GLN P 304 29.45 39.80 -20.22
N ARG P 305 30.07 40.97 -20.37
CA ARG P 305 30.49 41.77 -19.23
C ARG P 305 29.44 42.80 -18.80
N ASN P 306 28.31 42.90 -19.49
CA ASN P 306 27.32 43.92 -19.19
C ASN P 306 25.89 43.41 -19.10
N HIS P 307 25.66 42.11 -19.26
CA HIS P 307 24.30 41.58 -19.22
C HIS P 307 24.34 40.13 -18.79
N GLY P 308 23.51 39.80 -17.79
CA GLY P 308 23.38 38.44 -17.29
C GLY P 308 23.54 38.40 -15.79
N ILE P 309 23.86 37.22 -15.28
CA ILE P 309 24.09 36.98 -13.86
C ILE P 309 25.46 36.34 -13.70
N HIS P 310 26.28 36.90 -12.81
CA HIS P 310 27.62 36.38 -12.62
C HIS P 310 27.60 34.98 -12.04
N PHE P 311 28.63 34.19 -12.37
CA PHE P 311 28.67 32.79 -11.95
C PHE P 311 28.80 32.66 -10.44
N ARG P 312 29.42 33.63 -9.78
CA ARG P 312 29.59 33.55 -8.33
C ARG P 312 28.27 33.58 -7.59
N VAL P 313 27.21 34.08 -8.21
CA VAL P 313 25.89 34.04 -7.59
C VAL P 313 25.28 32.65 -7.70
N LEU P 314 25.40 32.03 -8.88
CA LEU P 314 24.87 30.68 -9.07
C LEU P 314 25.61 29.64 -8.24
N ALA P 315 26.85 29.93 -7.85
CA ALA P 315 27.60 29.00 -6.99
C ALA P 315 27.03 29.00 -5.58
N LYS P 316 26.62 30.18 -5.09
CA LYS P 316 26.02 30.25 -3.75
C LYS P 316 24.69 29.51 -3.70
N ALA P 317 23.88 29.61 -4.75
CA ALA P 317 22.59 28.92 -4.76
C ALA P 317 22.77 27.41 -4.79
N LEU P 318 23.86 26.92 -5.40
CA LEU P 318 24.09 25.48 -5.46
C LEU P 318 24.46 24.91 -4.10
N ARG P 319 25.21 25.68 -3.30
CA ARG P 319 25.59 25.19 -1.97
C ARG P 319 24.37 24.99 -1.08
N MET P 320 23.41 25.90 -1.13
CA MET P 320 22.22 25.76 -0.31
C MET P 320 21.33 24.63 -0.81
N SER P 321 21.18 24.49 -2.12
CA SER P 321 20.31 23.45 -2.68
C SER P 321 20.85 22.06 -2.38
N GLY P 322 22.15 21.86 -2.55
CA GLY P 322 22.76 20.57 -2.28
C GLY P 322 23.71 20.10 -3.35
N GLY P 323 24.85 19.54 -2.93
CA GLY P 323 25.84 19.05 -3.87
C GLY P 323 27.19 18.81 -3.23
N ASP P 324 27.99 17.91 -3.81
CA ASP P 324 29.32 17.60 -3.30
C ASP P 324 30.45 18.05 -4.21
N HIS P 325 30.29 17.89 -5.53
CA HIS P 325 31.28 18.34 -6.50
C HIS P 325 30.65 19.37 -7.42
N ILE P 326 31.51 20.14 -8.10
CA ILE P 326 31.05 21.14 -9.05
C ILE P 326 32.22 21.50 -9.95
N HIS P 327 31.91 21.85 -11.20
CA HIS P 327 32.96 22.23 -12.18
C HIS P 327 33.28 23.72 -12.01
N SER P 328 34.55 24.11 -12.15
CA SER P 328 34.95 25.51 -11.90
C SER P 328 35.90 26.00 -13.00
N GLY P 329 36.53 25.08 -13.75
CA GLY P 329 37.44 25.48 -14.85
C GLY P 329 38.88 25.64 -14.40
N THR P 330 39.83 25.51 -15.33
CA THR P 330 41.27 25.65 -15.01
C THR P 330 41.70 27.12 -15.11
N VAL P 331 42.74 27.51 -14.37
CA VAL P 331 43.26 28.92 -14.43
C VAL P 331 44.76 28.88 -14.78
N VAL P 332 45.27 27.70 -15.15
CA VAL P 332 46.71 27.52 -15.48
C VAL P 332 46.98 28.23 -16.82
N GLY P 333 46.08 29.10 -17.25
CA GLY P 333 46.23 29.82 -18.50
C GLY P 333 45.72 31.25 -18.42
N LYS P 334 45.83 31.86 -17.25
CA LYS P 334 45.35 33.21 -17.01
C LYS P 334 46.52 34.09 -16.55
N LEU P 335 46.22 35.36 -16.32
CA LEU P 335 47.22 36.35 -15.94
C LEU P 335 46.67 37.20 -14.79
N GLU P 336 47.44 38.23 -14.42
CA GLU P 336 47.05 39.09 -13.32
C GLU P 336 45.80 39.91 -13.69
N GLY P 337 45.10 40.37 -12.65
CA GLY P 337 43.77 40.92 -12.85
C GLY P 337 42.76 39.78 -12.82
N GLU P 338 42.94 38.83 -13.72
CA GLU P 338 42.28 37.54 -13.60
C GLU P 338 43.03 36.69 -12.57
N ARG P 339 42.59 35.44 -12.43
CA ARG P 339 43.18 34.49 -11.48
C ARG P 339 42.90 34.93 -10.04
N GLU P 340 42.29 36.09 -9.86
CA GLU P 340 41.83 36.57 -8.57
C GLU P 340 40.32 36.46 -8.41
N VAL P 341 39.57 36.72 -9.50
CA VAL P 341 38.12 36.52 -9.47
C VAL P 341 37.80 35.05 -9.24
N THR P 342 38.50 34.16 -9.97
CA THR P 342 38.26 32.74 -9.79
C THR P 342 38.75 32.25 -8.44
N LEU P 343 39.93 32.73 -8.01
CA LEU P 343 40.41 32.40 -6.67
C LEU P 343 39.49 32.98 -5.60
N GLY P 344 38.75 34.04 -5.93
CA GLY P 344 37.86 34.65 -4.95
C GLY P 344 36.69 33.75 -4.59
N PHE P 345 36.01 33.20 -5.59
CA PHE P 345 34.82 32.40 -5.31
C PHE P 345 35.14 30.94 -5.03
N VAL P 346 36.40 30.52 -5.16
CA VAL P 346 36.79 29.20 -4.67
C VAL P 346 36.74 29.18 -3.14
N ASP P 347 37.13 30.30 -2.52
CA ASP P 347 37.06 30.39 -1.06
C ASP P 347 35.63 30.37 -0.57
N LEU P 348 34.70 30.89 -1.37
CA LEU P 348 33.29 30.89 -0.98
C LEU P 348 32.71 29.48 -0.91
N LEU P 349 33.32 28.55 -1.65
CA LEU P 349 32.80 27.18 -1.68
C LEU P 349 33.42 26.27 -0.64
N ARG P 350 34.50 26.70 0.02
CA ARG P 350 35.21 25.85 0.95
C ARG P 350 35.36 26.43 2.35
N ASP P 351 35.44 27.74 2.50
CA ASP P 351 35.70 28.36 3.79
C ASP P 351 34.42 28.48 4.62
N ASP P 352 34.56 29.03 5.82
CA ASP P 352 33.45 29.25 6.72
C ASP P 352 33.22 30.72 7.07
N TYR P 353 34.21 31.59 6.85
CA TYR P 353 34.06 33.01 7.13
C TYR P 353 34.93 33.77 6.13
N ILE P 354 34.30 34.54 5.27
CA ILE P 354 34.98 35.27 4.21
C ILE P 354 34.78 36.77 4.45
N GLU P 355 35.87 37.52 4.43
CA GLU P 355 35.85 38.96 4.66
C GLU P 355 35.74 39.71 3.35
N LYS P 356 35.36 40.98 3.46
CA LYS P 356 35.18 41.82 2.27
C LYS P 356 36.51 42.10 1.60
N ASP P 357 36.52 42.02 0.27
CA ASP P 357 37.72 42.32 -0.51
C ASP P 357 37.27 42.68 -1.91
N ARG P 358 37.37 43.96 -2.27
CA ARG P 358 36.91 44.42 -3.57
C ARG P 358 37.85 44.04 -4.70
N SER P 359 39.14 43.88 -4.42
CA SER P 359 40.10 43.49 -5.46
C SER P 359 39.89 42.08 -5.96
N ARG P 360 39.18 41.23 -5.21
CA ARG P 360 38.87 39.88 -5.63
C ARG P 360 37.41 39.68 -5.99
N GLY P 361 36.64 40.76 -6.10
CA GLY P 361 35.24 40.66 -6.48
C GLY P 361 34.30 40.23 -5.38
N ILE P 362 34.57 40.60 -4.14
CA ILE P 362 33.70 40.29 -3.00
C ILE P 362 33.19 41.60 -2.43
N TYR P 363 31.86 41.79 -2.46
CA TYR P 363 31.24 43.02 -2.02
C TYR P 363 30.64 42.93 -0.62
N PHE P 364 30.45 41.73 -0.08
CA PHE P 364 29.81 41.55 1.21
C PHE P 364 30.56 40.53 2.04
N THR P 365 30.45 40.67 3.36
CA THR P 365 31.00 39.70 4.30
C THR P 365 29.98 38.60 4.54
N GLN P 366 30.39 37.35 4.36
CA GLN P 366 29.49 36.21 4.41
C GLN P 366 29.90 35.26 5.52
N ASP P 367 28.92 34.79 6.28
CA ASP P 367 29.13 33.80 7.33
C ASP P 367 28.19 32.62 7.08
N TRP P 368 28.75 31.42 7.08
CA TRP P 368 28.00 30.21 6.73
C TRP P 368 27.55 29.40 7.93
N VAL P 369 27.77 29.91 9.15
CA VAL P 369 27.41 29.29 10.43
C VAL P 369 27.51 27.77 10.39
N SER P 370 28.72 27.26 10.15
CA SER P 370 29.02 25.82 10.19
C SER P 370 28.20 25.04 9.15
N MET P 371 28.44 25.35 7.88
CA MET P 371 27.88 24.58 6.78
C MET P 371 28.98 23.81 6.06
N PRO P 372 28.72 22.59 5.59
CA PRO P 372 29.77 21.82 4.90
C PRO P 372 30.16 22.47 3.58
N GLY P 373 31.40 22.17 3.17
CA GLY P 373 31.96 22.74 1.95
C GLY P 373 31.71 21.87 0.73
N VAL P 374 32.23 22.35 -0.40
CA VAL P 374 32.07 21.69 -1.70
C VAL P 374 33.44 21.57 -2.37
N LEU P 375 33.71 20.39 -2.94
CA LEU P 375 34.97 20.11 -3.62
C LEU P 375 34.92 20.63 -5.06
N PRO P 376 35.87 21.48 -5.46
CA PRO P 376 35.89 21.94 -6.85
C PRO P 376 36.60 20.98 -7.79
N VAL P 377 36.23 21.05 -9.06
CA VAL P 377 36.74 20.17 -10.10
C VAL P 377 37.32 21.02 -11.22
N ALA P 378 38.54 20.67 -11.66
CA ALA P 378 39.20 21.38 -12.79
C ALA P 378 39.31 20.43 -13.98
N SER P 379 39.14 20.95 -15.20
CA SER P 379 39.15 20.08 -16.42
C SER P 379 39.70 20.84 -17.62
N GLY P 380 39.47 20.31 -18.83
CA GLY P 380 40.00 20.95 -20.06
C GLY P 380 41.05 20.09 -20.73
N GLY P 381 41.89 20.68 -21.58
CA GLY P 381 42.99 19.93 -22.23
C GLY P 381 44.28 20.03 -21.42
N ILE P 382 44.54 19.08 -20.53
CA ILE P 382 45.74 19.14 -19.65
C ILE P 382 46.59 17.88 -19.86
N HIS P 383 47.85 17.89 -19.40
CA HIS P 383 48.75 16.73 -19.61
C HIS P 383 49.76 16.61 -18.46
N VAL P 384 50.83 15.83 -18.67
CA VAL P 384 51.81 15.56 -17.57
C VAL P 384 52.60 16.82 -17.19
N TRP P 385 52.94 17.67 -18.15
CA TRP P 385 53.81 18.84 -17.85
C TRP P 385 53.04 19.91 -17.07
N HIS P 386 51.77 19.65 -16.72
CA HIS P 386 50.93 20.63 -15.98
C HIS P 386 50.82 20.23 -14.50
N MET P 387 51.46 19.13 -14.10
CA MET P 387 51.35 18.65 -12.73
C MET P 387 51.78 19.67 -11.69
N PRO P 388 52.97 20.29 -11.76
CA PRO P 388 53.36 21.22 -10.69
C PRO P 388 52.46 22.44 -10.57
N ALA P 389 51.91 22.91 -11.68
CA ALA P 389 51.12 24.14 -11.66
C ALA P 389 49.81 23.94 -10.91
N LEU P 390 49.07 22.87 -11.22
CA LEU P 390 47.77 22.65 -10.59
C LEU P 390 47.91 22.36 -9.10
N THR P 391 48.93 21.60 -8.71
CA THR P 391 49.07 21.22 -7.31
C THR P 391 49.32 22.43 -6.42
N GLU P 392 50.14 23.37 -6.89
CA GLU P 392 50.51 24.51 -6.05
C GLU P 392 49.34 25.47 -5.85
N ILE P 393 48.50 25.62 -6.88
CA ILE P 393 47.42 26.62 -6.80
C ILE P 393 46.24 26.09 -5.99
N PHE P 394 45.67 24.97 -6.43
CA PHE P 394 44.46 24.46 -5.78
C PHE P 394 44.76 23.84 -4.42
N GLY P 395 45.90 23.18 -4.28
CA GLY P 395 46.19 22.42 -3.08
C GLY P 395 45.63 21.02 -3.19
N ASP P 396 45.74 20.27 -2.09
CA ASP P 396 45.28 18.89 -2.05
C ASP P 396 43.83 18.86 -1.58
N ASP P 397 43.00 19.67 -2.22
CA ASP P 397 41.58 19.69 -1.91
C ASP P 397 40.73 19.84 -3.16
N SER P 398 41.07 19.10 -4.22
CA SER P 398 40.36 19.23 -5.49
C SER P 398 40.46 17.91 -6.24
N VAL P 399 39.77 17.86 -7.39
CA VAL P 399 39.76 16.70 -8.26
C VAL P 399 40.22 17.15 -9.64
N LEU P 400 41.14 16.39 -10.23
CA LEU P 400 41.69 16.68 -11.55
C LEU P 400 41.18 15.64 -12.55
N GLN P 401 40.61 16.12 -13.66
CA GLN P 401 40.03 15.28 -14.68
C GLN P 401 40.82 15.41 -15.97
N PHE P 402 41.00 14.29 -16.68
CA PHE P 402 41.76 14.26 -17.92
C PHE P 402 40.90 13.70 -19.05
N GLY P 403 41.07 14.27 -20.23
CA GLY P 403 40.37 13.82 -21.42
C GLY P 403 41.28 13.05 -22.36
N GLY P 404 41.76 13.74 -23.40
CA GLY P 404 42.66 13.12 -24.36
C GLY P 404 44.06 12.84 -23.84
N GLY P 405 44.36 13.26 -22.61
CA GLY P 405 45.65 13.02 -22.01
C GLY P 405 45.82 11.65 -21.39
N THR P 406 44.81 10.80 -21.47
CA THR P 406 44.88 9.44 -20.96
C THR P 406 44.66 8.39 -22.03
N LEU P 407 43.71 8.61 -22.93
CA LEU P 407 43.41 7.67 -24.00
C LEU P 407 44.32 7.83 -25.21
N GLY P 408 45.19 8.84 -25.21
CA GLY P 408 46.08 9.09 -26.31
C GLY P 408 47.47 8.49 -26.20
N HIS P 409 47.71 7.66 -25.19
CA HIS P 409 49.03 7.05 -25.04
C HIS P 409 49.29 6.07 -26.18
N PRO P 410 50.51 6.06 -26.73
CA PRO P 410 50.80 5.16 -27.85
C PRO P 410 50.71 3.68 -27.50
N TRP P 411 50.79 3.31 -26.22
CA TRP P 411 50.79 1.92 -25.82
C TRP P 411 49.41 1.38 -25.46
N GLY P 412 48.45 2.25 -25.15
CA GLY P 412 47.10 1.82 -24.84
C GLY P 412 46.53 2.60 -23.67
N ASN P 413 45.45 2.05 -23.10
CA ASN P 413 44.75 2.74 -22.02
C ASN P 413 45.40 2.48 -20.67
N ALA P 414 45.62 1.20 -20.34
CA ALA P 414 46.16 0.86 -19.02
C ALA P 414 47.54 1.46 -18.78
N PRO P 415 48.52 1.37 -19.70
CA PRO P 415 49.79 2.06 -19.46
C PRO P 415 49.65 3.57 -19.40
N GLY P 416 48.62 4.13 -20.02
CA GLY P 416 48.43 5.57 -20.00
C GLY P 416 48.11 6.10 -18.61
N ALA P 417 47.34 5.34 -17.83
CA ALA P 417 46.98 5.78 -16.50
C ALA P 417 48.16 5.68 -15.53
N VAL P 418 49.14 4.84 -15.85
CA VAL P 418 50.31 4.70 -14.97
C VAL P 418 51.14 5.98 -15.00
N ALA P 419 51.25 6.62 -16.16
CA ALA P 419 52.06 7.82 -16.27
C ALA P 419 51.52 8.95 -15.39
N ASN P 420 50.21 9.14 -15.38
CA ASN P 420 49.63 10.27 -14.60
C ASN P 420 49.89 10.08 -13.11
N ARG P 421 49.60 8.89 -12.57
CA ARG P 421 49.81 8.61 -11.12
C ARG P 421 51.26 8.94 -10.74
N VAL P 422 52.24 8.29 -11.38
CA VAL P 422 53.68 8.57 -11.11
C VAL P 422 53.92 10.07 -10.95
N ALA P 423 53.72 10.85 -12.02
CA ALA P 423 53.98 12.31 -11.98
C ALA P 423 53.39 12.94 -10.72
N LEU P 424 52.12 12.68 -10.42
CA LEU P 424 51.45 13.32 -9.26
C LEU P 424 52.27 13.05 -7.98
N GLU P 425 52.52 11.78 -7.67
CA GLU P 425 53.23 11.44 -6.41
C GLU P 425 54.54 12.25 -6.32
N ALA P 426 55.27 12.36 -7.44
CA ALA P 426 56.55 13.10 -7.45
C ALA P 426 56.34 14.51 -6.88
N CYS P 427 55.39 15.27 -7.43
CA CYS P 427 55.15 16.66 -6.98
C CYS P 427 54.85 16.68 -5.48
N VAL P 428 53.93 15.84 -5.02
CA VAL P 428 53.54 15.82 -3.57
C VAL P 428 54.80 15.61 -2.72
N GLN P 429 55.66 14.65 -3.09
CA GLN P 429 56.87 14.35 -2.30
C GLN P 429 57.79 15.57 -2.25
N ALA P 430 58.14 16.12 -3.42
CA ALA P 430 59.05 17.29 -3.48
C ALA P 430 58.54 18.38 -2.54
N ARG P 431 57.25 18.69 -2.62
CA ARG P 431 56.66 19.76 -1.77
C ARG P 431 57.00 19.48 -0.30
N ASN P 432 57.00 18.20 0.11
CA ASN P 432 57.24 17.95 1.56
C ASN P 432 58.75 17.83 1.80
N GLU P 433 59.55 18.63 1.08
CA GLU P 433 61.03 18.63 1.30
C GLU P 433 61.53 20.06 1.15
N GLY P 434 60.62 21.01 0.95
CA GLY P 434 61.02 22.42 0.75
C GLY P 434 61.62 22.63 -0.62
N ARG P 435 60.86 22.32 -1.68
CA ARG P 435 61.34 22.55 -3.07
C ARG P 435 60.27 23.35 -3.83
N ASP P 436 60.60 24.58 -4.24
CA ASP P 436 59.63 25.44 -4.96
C ASP P 436 59.09 24.70 -6.19
N LEU P 437 57.77 24.62 -6.31
CA LEU P 437 57.14 23.91 -7.47
C LEU P 437 56.93 24.92 -8.60
N ALA P 438 57.06 26.22 -8.29
CA ALA P 438 56.88 27.26 -9.32
C ALA P 438 58.11 27.28 -10.23
N ARG P 439 59.30 27.15 -9.64
CA ARG P 439 60.55 27.08 -10.46
C ARG P 439 60.87 25.61 -10.75
N GLU P 440 61.50 24.91 -9.81
CA GLU P 440 61.80 23.46 -9.99
C GLU P 440 60.51 22.72 -10.37
N GLY P 441 60.34 22.42 -11.65
CA GLY P 441 59.15 21.68 -12.12
C GLY P 441 59.51 20.76 -13.26
N ASN P 442 59.96 21.33 -14.38
CA ASN P 442 60.42 20.50 -15.53
C ASN P 442 61.49 19.53 -15.02
N ASP P 443 62.30 19.98 -14.06
CA ASP P 443 63.37 19.12 -13.50
C ASP P 443 62.75 17.90 -12.81
N ILE P 444 61.84 18.15 -11.86
CA ILE P 444 61.20 17.03 -11.10
C ILE P 444 60.67 16.00 -12.12
N ILE P 445 59.92 16.46 -13.13
CA ILE P 445 59.31 15.52 -14.12
C ILE P 445 60.43 14.73 -14.82
N ARG P 446 61.47 15.42 -15.29
CA ARG P 446 62.55 14.75 -16.05
C ARG P 446 63.21 13.65 -15.20
N GLU P 447 63.75 14.00 -14.04
CA GLU P 447 64.47 13.01 -13.19
C GLU P 447 63.54 11.83 -12.86
N ALA P 448 62.23 12.01 -13.03
CA ALA P 448 61.26 10.93 -12.71
C ALA P 448 61.12 10.00 -13.93
N SER P 449 61.28 10.55 -15.13
CA SER P 449 61.22 9.74 -16.37
C SER P 449 62.54 8.99 -16.55
N LYS P 450 63.30 8.81 -15.46
CA LYS P 450 64.61 8.11 -15.54
C LYS P 450 64.50 6.76 -14.82
N TRP P 451 63.27 6.35 -14.51
CA TRP P 451 63.06 5.02 -13.86
C TRP P 451 61.64 4.53 -14.18
N SER P 452 60.99 5.15 -15.16
CA SER P 452 59.63 4.71 -15.59
C SER P 452 59.52 4.79 -17.11
N PRO P 453 59.50 3.65 -17.83
CA PRO P 453 59.42 3.65 -19.29
C PRO P 453 58.13 4.30 -19.80
N GLU P 454 57.00 4.09 -19.13
CA GLU P 454 55.70 4.66 -19.57
C GLU P 454 55.78 6.18 -19.58
N LEU P 455 56.20 6.80 -18.47
CA LEU P 455 56.34 8.28 -18.40
C LEU P 455 57.26 8.74 -19.53
N ALA P 456 58.39 8.06 -19.73
CA ALA P 456 59.33 8.43 -20.81
C ALA P 456 58.58 8.60 -22.13
N ALA P 457 57.88 7.55 -22.58
CA ALA P 457 57.14 7.61 -23.87
C ALA P 457 56.20 8.82 -23.89
N ALA P 458 55.42 9.01 -22.82
CA ALA P 458 54.47 10.15 -22.75
C ALA P 458 55.21 11.47 -22.89
N CYS P 459 56.41 11.58 -22.30
CA CYS P 459 57.19 12.84 -22.35
C CYS P 459 57.71 13.11 -23.76
N GLU P 460 57.47 12.19 -24.69
CA GLU P 460 57.94 12.36 -26.10
C GLU P 460 56.76 12.77 -27.00
N VAL P 461 55.53 12.53 -26.56
CA VAL P 461 54.32 12.90 -27.36
C VAL P 461 53.97 14.36 -27.06
N TRP P 462 54.04 14.77 -25.79
CA TRP P 462 53.66 16.16 -25.41
C TRP P 462 54.93 16.98 -25.18
N LYS P 463 54.85 18.30 -25.35
CA LYS P 463 56.06 19.16 -25.25
C LYS P 463 56.19 19.78 -23.86
N GLU P 464 57.35 20.35 -23.53
CA GLU P 464 57.59 20.90 -22.18
C GLU P 464 56.90 22.26 -22.02
N ILE P 465 56.91 22.80 -20.80
CA ILE P 465 56.30 24.13 -20.52
C ILE P 465 57.43 25.13 -20.27
N LYS P 466 57.58 26.11 -21.16
CA LYS P 466 58.65 27.14 -21.02
C LYS P 466 59.06 27.24 -19.54
#